data_2YT1
#
_entry.id   2YT1
#
_entity_poly.entity_id   1
_entity_poly.type   'polypeptide(L)'
_entity_poly.pdbx_seq_one_letter_code
;GSSGSSGDAAVTPEERHLSKMQQNGYENPTYKFFEQMQNSGPSSGIEGRGSSGSSGSSGSSGPTPKTELVQKFRVQYLGM
LPVDRPVGMDTLNSAIENLMTSSSKEDWPSVNMNVADATVTVISEKNEEEVLVECRVRFLSFMGVGKDVHTFAFIMDTGN
QRFECHVFWCEPNAANVSEAVQAAC
;
_entity_poly.pdbx_strand_id   A
#
# COMPACT_ATOMS: atom_id res chain seq x y z
N GLY A 1 -3.27 -20.93 -9.81
CA GLY A 1 -3.70 -20.24 -11.01
C GLY A 1 -2.58 -20.10 -12.03
N SER A 2 -2.77 -20.70 -13.20
CA SER A 2 -1.77 -20.64 -14.26
C SER A 2 -2.08 -19.52 -15.24
N SER A 3 -1.27 -18.46 -15.20
CA SER A 3 -1.47 -17.32 -16.09
C SER A 3 -0.47 -17.35 -17.24
N GLY A 4 -0.94 -16.95 -18.42
CA GLY A 4 -0.08 -16.94 -19.59
C GLY A 4 -0.87 -16.97 -20.88
N SER A 5 -0.54 -16.06 -21.80
CA SER A 5 -1.23 -15.98 -23.08
C SER A 5 -0.39 -16.62 -24.19
N SER A 6 -1.06 -17.12 -25.21
CA SER A 6 -0.39 -17.76 -26.33
C SER A 6 0.42 -16.75 -27.13
N GLY A 7 -0.23 -15.66 -27.53
CA GLY A 7 0.44 -14.63 -28.30
C GLY A 7 -0.23 -13.28 -28.17
N ASP A 8 0.22 -12.32 -28.98
CA ASP A 8 -0.35 -10.97 -28.95
C ASP A 8 0.20 -10.13 -30.10
N ALA A 9 -0.64 -9.25 -30.62
CA ALA A 9 -0.24 -8.38 -31.73
C ALA A 9 0.32 -7.06 -31.21
N ALA A 10 -0.50 -6.31 -30.49
CA ALA A 10 -0.07 -5.03 -29.94
C ALA A 10 -0.31 -4.98 -28.43
N VAL A 11 0.45 -4.13 -27.75
CA VAL A 11 0.33 -3.98 -26.30
C VAL A 11 -0.50 -2.77 -25.94
N THR A 12 -1.34 -2.91 -24.93
CA THR A 12 -2.19 -1.82 -24.47
C THR A 12 -1.44 -0.87 -23.55
N PRO A 13 -1.86 0.41 -23.53
CA PRO A 13 -1.24 1.43 -22.70
C PRO A 13 -1.52 1.22 -21.21
N GLU A 14 -2.48 0.36 -20.91
CA GLU A 14 -2.85 0.07 -19.53
C GLU A 14 -1.95 -1.03 -18.96
N GLU A 15 -1.63 -2.01 -19.78
CA GLU A 15 -0.79 -3.12 -19.36
C GLU A 15 0.64 -2.66 -19.10
N ARG A 16 1.21 -1.95 -20.07
CA ARG A 16 2.58 -1.45 -19.94
C ARG A 16 2.81 -0.85 -18.55
N HIS A 17 1.91 0.03 -18.14
CA HIS A 17 2.01 0.68 -16.83
C HIS A 17 1.95 -0.36 -15.71
N LEU A 18 1.19 -1.43 -15.95
CA LEU A 18 1.05 -2.50 -14.95
C LEU A 18 2.32 -3.34 -14.88
N SER A 19 2.96 -3.54 -16.02
CA SER A 19 4.18 -4.33 -16.09
C SER A 19 5.20 -3.84 -15.07
N LYS A 20 5.40 -2.53 -15.03
CA LYS A 20 6.35 -1.92 -14.11
C LYS A 20 6.08 -2.39 -12.68
N MET A 21 4.82 -2.32 -12.26
CA MET A 21 4.44 -2.74 -10.91
C MET A 21 4.75 -4.21 -10.70
N GLN A 22 4.82 -4.97 -11.78
CA GLN A 22 5.11 -6.40 -11.70
C GLN A 22 6.62 -6.64 -11.62
N GLN A 23 7.40 -5.74 -12.21
CA GLN A 23 8.84 -5.87 -12.19
C GLN A 23 9.38 -5.84 -10.77
N ASN A 24 9.40 -4.65 -10.17
CA ASN A 24 9.89 -4.49 -8.81
C ASN A 24 8.78 -3.99 -7.89
N GLY A 25 8.03 -2.99 -8.35
CA GLY A 25 6.94 -2.45 -7.56
C GLY A 25 7.11 -0.96 -7.29
N TYR A 26 6.49 -0.49 -6.22
CA TYR A 26 6.58 0.92 -5.84
C TYR A 26 6.94 1.07 -4.37
N GLU A 27 8.08 1.70 -4.12
CA GLU A 27 8.55 1.92 -2.76
C GLU A 27 8.29 3.36 -2.31
N ASN A 28 7.73 3.51 -1.11
CA ASN A 28 7.43 4.83 -0.57
C ASN A 28 8.67 5.47 0.03
N PRO A 29 8.97 6.70 -0.41
CA PRO A 29 10.15 7.45 0.07
C PRO A 29 9.98 7.91 1.52
N THR A 30 8.85 8.55 1.82
CA THR A 30 8.58 9.02 3.16
C THR A 30 9.06 8.02 4.21
N TYR A 31 8.50 6.82 4.18
CA TYR A 31 8.88 5.78 5.13
C TYR A 31 10.36 5.87 5.49
N LYS A 32 11.20 5.98 4.46
CA LYS A 32 12.64 6.08 4.65
C LYS A 32 13.00 7.31 5.48
N PHE A 33 12.41 8.45 5.13
CA PHE A 33 12.66 9.69 5.83
C PHE A 33 12.30 9.57 7.31
N PHE A 34 11.13 9.03 7.59
CA PHE A 34 10.66 8.85 8.96
C PHE A 34 11.74 8.17 9.81
N GLU A 35 12.52 7.30 9.17
CA GLU A 35 13.58 6.58 9.87
C GLU A 35 14.76 7.49 10.16
N GLN A 36 15.49 7.87 9.10
CA GLN A 36 16.64 8.75 9.24
C GLN A 36 16.25 10.20 9.03
N MET A 37 15.94 10.89 10.12
CA MET A 37 15.54 12.30 10.05
C MET A 37 16.74 13.21 10.34
N GLN A 38 17.14 13.98 9.33
CA GLN A 38 18.26 14.89 9.48
C GLN A 38 18.09 15.77 10.71
N ASN A 39 19.16 15.88 11.51
CA ASN A 39 19.12 16.69 12.73
C ASN A 39 20.51 17.24 13.04
N SER A 40 20.57 18.19 13.97
CA SER A 40 21.82 18.80 14.37
C SER A 40 22.68 17.82 15.14
N GLY A 41 23.99 17.84 14.89
CA GLY A 41 24.90 16.95 15.57
C GLY A 41 25.92 17.69 16.41
N PRO A 42 25.48 18.21 17.57
CA PRO A 42 26.34 18.95 18.49
C PRO A 42 27.36 18.06 19.18
N SER A 43 27.34 16.77 18.84
CA SER A 43 28.26 15.81 19.42
C SER A 43 29.66 16.41 19.56
N SER A 44 30.05 17.21 18.58
CA SER A 44 31.36 17.85 18.58
C SER A 44 31.45 18.89 19.70
N GLY A 45 32.45 18.71 20.56
CA GLY A 45 32.64 19.65 21.67
C GLY A 45 33.39 19.02 22.83
N ILE A 46 33.28 19.64 23.99
CA ILE A 46 33.95 19.14 25.19
C ILE A 46 32.96 18.49 26.15
N GLU A 47 32.07 17.67 25.59
CA GLU A 47 31.07 16.98 26.40
C GLU A 47 31.04 15.49 26.08
N GLY A 48 31.46 14.67 27.03
CA GLY A 48 31.48 13.23 26.82
C GLY A 48 31.06 12.46 28.06
N ARG A 49 30.03 12.96 28.74
CA ARG A 49 29.54 12.31 29.95
C ARG A 49 28.19 12.88 30.36
N GLY A 50 27.43 12.10 31.12
CA GLY A 50 26.12 12.54 31.57
C GLY A 50 25.01 11.66 31.02
N SER A 51 23.97 11.45 31.84
CA SER A 51 22.85 10.62 31.43
C SER A 51 21.53 11.35 31.67
N SER A 52 20.75 11.52 30.60
CA SER A 52 19.48 12.21 30.67
C SER A 52 18.48 11.62 29.68
N GLY A 53 17.21 11.95 29.86
CA GLY A 53 16.17 11.45 28.98
C GLY A 53 14.78 11.86 29.41
N SER A 54 14.03 12.50 28.51
CA SER A 54 12.68 12.95 28.81
C SER A 54 11.73 12.60 27.67
N SER A 55 10.46 12.93 27.85
CA SER A 55 9.44 12.66 26.84
C SER A 55 8.17 13.46 27.11
N GLY A 56 7.38 13.67 26.06
CA GLY A 56 6.14 14.42 26.21
C GLY A 56 5.42 14.59 24.88
N SER A 57 4.27 15.26 24.93
CA SER A 57 3.47 15.49 23.73
C SER A 57 2.56 16.70 23.91
N SER A 58 2.91 17.80 23.24
CA SER A 58 2.13 19.03 23.32
C SER A 58 1.07 19.07 22.23
N GLY A 59 -0.11 19.60 22.58
CA GLY A 59 -1.19 19.69 21.62
C GLY A 59 -1.68 21.11 21.43
N SER A 60 -2.01 21.47 20.19
CA SER A 60 -2.50 22.81 19.89
C SER A 60 -3.17 22.84 18.53
N SER A 61 -4.42 23.28 18.49
CA SER A 61 -5.18 23.37 17.25
C SER A 61 -4.96 24.71 16.57
N GLY A 62 -5.33 24.79 15.29
CA GLY A 62 -5.15 26.02 14.54
C GLY A 62 -6.19 26.17 13.45
N PRO A 63 -5.83 25.74 12.22
CA PRO A 63 -6.74 25.83 11.06
C PRO A 63 -7.92 24.87 11.18
N THR A 64 -8.86 25.01 10.25
CA THR A 64 -10.05 24.15 10.25
C THR A 64 -10.10 23.30 8.98
N PRO A 65 -10.55 22.05 9.14
CA PRO A 65 -10.66 21.10 8.03
C PRO A 65 -11.77 21.48 7.05
N LYS A 66 -11.44 21.44 5.76
CA LYS A 66 -12.40 21.79 4.72
C LYS A 66 -12.84 20.54 3.94
N THR A 67 -13.83 20.70 3.09
CA THR A 67 -14.34 19.59 2.28
C THR A 67 -13.48 19.37 1.04
N GLU A 68 -13.01 18.14 0.87
CA GLU A 68 -12.17 17.79 -0.28
C GLU A 68 -12.67 16.52 -0.94
N LEU A 69 -12.86 16.58 -2.26
CA LEU A 69 -13.33 15.42 -3.01
C LEU A 69 -12.54 14.17 -2.65
N VAL A 70 -13.00 13.02 -3.13
CA VAL A 70 -12.33 11.76 -2.87
C VAL A 70 -12.51 10.79 -4.02
N GLN A 71 -11.60 9.83 -4.13
CA GLN A 71 -11.65 8.83 -5.20
C GLN A 71 -12.09 7.47 -4.65
N LYS A 72 -13.16 6.92 -5.22
CA LYS A 72 -13.67 5.63 -4.78
C LYS A 72 -13.65 4.63 -5.93
N PHE A 73 -13.08 3.45 -5.68
CA PHE A 73 -12.99 2.41 -6.69
C PHE A 73 -13.69 1.14 -6.22
N ARG A 74 -14.13 0.32 -7.17
CA ARG A 74 -14.81 -0.93 -6.85
C ARG A 74 -13.84 -2.10 -6.86
N VAL A 75 -13.74 -2.80 -5.73
CA VAL A 75 -12.85 -3.94 -5.62
C VAL A 75 -13.30 -4.87 -4.50
N GLN A 76 -12.77 -6.09 -4.49
CA GLN A 76 -13.10 -7.07 -3.48
C GLN A 76 -12.02 -7.16 -2.41
N TYR A 77 -12.36 -7.75 -1.27
CA TYR A 77 -11.41 -7.89 -0.17
C TYR A 77 -11.13 -9.37 0.12
N LEU A 78 -10.01 -9.86 -0.38
CA LEU A 78 -9.62 -11.25 -0.18
C LEU A 78 -9.34 -11.52 1.29
N GLY A 79 -8.62 -10.60 1.94
CA GLY A 79 -8.31 -10.76 3.34
C GLY A 79 -6.93 -10.22 3.69
N MET A 80 -6.54 -10.37 4.95
CA MET A 80 -5.23 -9.88 5.40
C MET A 80 -4.25 -11.03 5.56
N LEU A 81 -3.04 -10.85 5.03
CA LEU A 81 -2.01 -11.88 5.12
C LEU A 81 -0.75 -11.32 5.78
N PRO A 82 -0.35 -11.93 6.90
CA PRO A 82 0.84 -11.52 7.65
C PRO A 82 2.13 -11.85 6.89
N VAL A 83 3.10 -10.95 6.98
CA VAL A 83 4.39 -11.14 6.32
C VAL A 83 5.54 -10.93 7.28
N ASP A 84 6.76 -11.23 6.82
CA ASP A 84 7.95 -11.07 7.64
C ASP A 84 8.82 -9.92 7.12
N ARG A 85 8.65 -9.59 5.85
CA ARG A 85 9.41 -8.52 5.23
C ARG A 85 8.51 -7.34 4.85
N PRO A 86 9.01 -6.12 5.03
CA PRO A 86 8.27 -4.90 4.72
C PRO A 86 8.08 -4.70 3.22
N VAL A 87 8.97 -5.30 2.44
CA VAL A 87 8.90 -5.19 0.98
C VAL A 87 9.33 -6.50 0.31
N GLY A 88 9.38 -6.49 -1.01
CA GLY A 88 9.79 -7.67 -1.75
C GLY A 88 8.65 -8.26 -2.56
N MET A 89 8.85 -8.36 -3.87
CA MET A 89 7.83 -8.91 -4.76
C MET A 89 7.53 -10.36 -4.41
N ASP A 90 8.50 -11.02 -3.78
CA ASP A 90 8.34 -12.42 -3.39
C ASP A 90 7.49 -12.53 -2.13
N THR A 91 7.45 -11.46 -1.34
CA THR A 91 6.67 -11.44 -0.11
C THR A 91 5.22 -11.08 -0.38
N LEU A 92 5.00 -9.99 -1.10
CA LEU A 92 3.66 -9.54 -1.42
C LEU A 92 2.90 -10.59 -2.22
N ASN A 93 3.50 -11.03 -3.33
CA ASN A 93 2.89 -12.04 -4.18
C ASN A 93 2.51 -13.28 -3.37
N SER A 94 3.50 -13.87 -2.71
CA SER A 94 3.28 -15.06 -1.91
C SER A 94 1.98 -14.93 -1.10
N ALA A 95 1.80 -13.79 -0.45
CA ALA A 95 0.61 -13.54 0.35
C ALA A 95 -0.66 -13.71 -0.49
N ILE A 96 -0.63 -13.18 -1.70
CA ILE A 96 -1.77 -13.27 -2.60
C ILE A 96 -2.26 -14.71 -2.72
N GLU A 97 -1.40 -15.58 -3.23
CA GLU A 97 -1.75 -16.99 -3.39
C GLU A 97 -2.27 -17.58 -2.09
N ASN A 98 -1.75 -17.08 -0.97
CA ASN A 98 -2.15 -17.57 0.35
C ASN A 98 -3.64 -17.27 0.59
N LEU A 99 -4.02 -16.01 0.42
CA LEU A 99 -5.41 -15.60 0.63
C LEU A 99 -6.31 -16.16 -0.47
N MET A 100 -5.76 -16.26 -1.68
CA MET A 100 -6.53 -16.79 -2.81
C MET A 100 -7.07 -18.19 -2.50
N THR A 101 -6.20 -19.05 -1.97
CA THR A 101 -6.59 -20.41 -1.64
C THR A 101 -7.45 -20.44 -0.37
N SER A 102 -7.28 -19.43 0.47
CA SER A 102 -8.05 -19.33 1.71
C SER A 102 -9.55 -19.25 1.43
N SER A 103 -9.94 -18.28 0.60
CA SER A 103 -11.34 -18.09 0.25
C SER A 103 -11.51 -18.07 -1.26
N SER A 104 -12.73 -18.38 -1.71
CA SER A 104 -13.03 -18.40 -3.13
C SER A 104 -13.18 -16.98 -3.68
N LYS A 105 -13.43 -16.87 -4.99
CA LYS A 105 -13.58 -15.58 -5.63
C LYS A 105 -14.86 -14.90 -5.18
N GLU A 106 -15.91 -15.69 -4.96
CA GLU A 106 -17.20 -15.16 -4.52
C GLU A 106 -17.20 -14.92 -3.01
N ASP A 107 -16.29 -15.61 -2.31
CA ASP A 107 -16.20 -15.47 -0.86
C ASP A 107 -15.79 -14.06 -0.47
N TRP A 108 -14.94 -13.44 -1.30
CA TRP A 108 -14.48 -12.08 -1.06
C TRP A 108 -15.62 -11.08 -1.17
N PRO A 109 -15.91 -10.38 -0.06
CA PRO A 109 -16.99 -9.39 -0.01
C PRO A 109 -16.64 -8.14 -0.82
N SER A 110 -17.59 -7.70 -1.65
CA SER A 110 -17.40 -6.51 -2.48
C SER A 110 -17.18 -5.27 -1.62
N VAL A 111 -16.00 -4.67 -1.75
CA VAL A 111 -15.67 -3.47 -0.99
C VAL A 111 -15.34 -2.31 -1.91
N ASN A 112 -14.98 -1.17 -1.32
CA ASN A 112 -14.64 0.02 -2.08
C ASN A 112 -13.39 0.68 -1.54
N MET A 113 -12.47 1.04 -2.44
CA MET A 113 -11.23 1.68 -2.05
C MET A 113 -11.40 3.19 -1.93
N ASN A 114 -11.38 3.69 -0.70
CA ASN A 114 -11.53 5.12 -0.45
C ASN A 114 -10.18 5.82 -0.41
N VAL A 115 -9.80 6.44 -1.52
CA VAL A 115 -8.53 7.14 -1.61
C VAL A 115 -8.72 8.64 -1.43
N ALA A 116 -8.34 9.15 -0.25
CA ALA A 116 -8.47 10.57 0.05
C ALA A 116 -7.34 11.04 0.95
N ASP A 117 -6.93 12.30 0.77
CA ASP A 117 -5.85 12.87 1.57
C ASP A 117 -4.74 11.86 1.79
N ALA A 118 -4.37 11.15 0.73
CA ALA A 118 -3.31 10.15 0.80
C ALA A 118 -3.63 9.09 1.86
N THR A 119 -4.88 8.64 1.88
CA THR A 119 -5.30 7.64 2.85
C THR A 119 -6.05 6.50 2.16
N VAL A 120 -5.59 5.28 2.39
CA VAL A 120 -6.21 4.10 1.79
C VAL A 120 -7.10 3.39 2.79
N THR A 121 -8.40 3.67 2.73
CA THR A 121 -9.36 3.05 3.62
C THR A 121 -10.39 2.22 2.86
N VAL A 122 -10.36 0.92 3.08
CA VAL A 122 -11.29 0.00 2.40
C VAL A 122 -12.67 0.05 3.06
N ILE A 123 -13.57 0.83 2.50
CA ILE A 123 -14.92 0.96 3.02
C ILE A 123 -15.87 -0.04 2.36
N SER A 124 -16.68 -0.71 3.17
CA SER A 124 -17.63 -1.69 2.66
C SER A 124 -18.46 -1.10 1.52
N GLU A 125 -19.06 -1.97 0.73
CA GLU A 125 -19.89 -1.54 -0.39
C GLU A 125 -21.10 -0.75 0.10
N LYS A 126 -21.96 -1.41 0.88
CA LYS A 126 -23.15 -0.76 1.41
C LYS A 126 -22.82 0.07 2.64
N ASN A 127 -22.11 -0.54 3.58
CA ASN A 127 -21.73 0.15 4.81
C ASN A 127 -20.61 1.16 4.54
N GLU A 128 -20.80 2.39 5.03
CA GLU A 128 -19.81 3.44 4.85
C GLU A 128 -19.00 3.65 6.11
N GLU A 129 -19.56 3.27 7.24
CA GLU A 129 -18.88 3.42 8.53
C GLU A 129 -18.28 2.10 8.98
N GLU A 130 -18.12 1.17 8.04
CA GLU A 130 -17.56 -0.14 8.35
C GLU A 130 -16.04 -0.07 8.47
N VAL A 131 -15.42 0.73 7.59
CA VAL A 131 -13.97 0.88 7.60
C VAL A 131 -13.27 -0.45 7.82
N LEU A 132 -13.73 -1.47 7.09
CA LEU A 132 -13.14 -2.80 7.20
C LEU A 132 -11.64 -2.72 7.45
N VAL A 133 -10.96 -1.89 6.67
CA VAL A 133 -9.52 -1.71 6.80
C VAL A 133 -9.13 -0.25 6.70
N GLU A 134 -8.13 0.16 7.46
CA GLU A 134 -7.65 1.54 7.46
C GLU A 134 -6.15 1.60 7.24
N CYS A 135 -5.74 2.09 6.08
CA CYS A 135 -4.33 2.20 5.75
C CYS A 135 -3.97 3.63 5.34
N ARG A 136 -2.77 4.07 5.71
CA ARG A 136 -2.31 5.42 5.38
C ARG A 136 -1.11 5.36 4.45
N VAL A 137 -1.26 5.98 3.28
CA VAL A 137 -0.17 6.00 2.29
C VAL A 137 1.15 6.42 2.93
N ARG A 138 1.10 7.49 3.73
CA ARG A 138 2.29 7.99 4.39
C ARG A 138 3.02 6.87 5.13
N PHE A 139 2.26 5.84 5.53
CA PHE A 139 2.83 4.71 6.24
C PHE A 139 3.19 3.59 5.27
N LEU A 140 2.42 3.48 4.19
CA LEU A 140 2.66 2.44 3.19
C LEU A 140 4.14 2.35 2.84
N SER A 141 4.71 1.15 3.04
CA SER A 141 6.12 0.94 2.75
C SER A 141 6.31 0.50 1.29
N PHE A 142 5.67 -0.60 0.92
CA PHE A 142 5.78 -1.12 -0.43
C PHE A 142 4.42 -1.61 -0.94
N MET A 143 4.24 -1.57 -2.26
CA MET A 143 2.99 -2.01 -2.87
C MET A 143 3.22 -2.54 -4.28
N GLY A 144 2.38 -3.47 -4.70
CA GLY A 144 2.52 -4.04 -6.04
C GLY A 144 1.37 -4.98 -6.37
N VAL A 145 1.38 -5.48 -7.61
CA VAL A 145 0.35 -6.40 -8.06
C VAL A 145 0.87 -7.82 -8.18
N GLY A 146 -0.04 -8.79 -8.23
CA GLY A 146 0.37 -10.18 -8.35
C GLY A 146 0.60 -10.60 -9.78
N LYS A 147 0.89 -11.88 -9.99
CA LYS A 147 1.15 -12.40 -11.33
C LYS A 147 0.12 -11.88 -12.32
N ASP A 148 -1.08 -11.60 -11.84
CA ASP A 148 -2.15 -11.08 -12.68
C ASP A 148 -2.48 -9.64 -12.32
N VAL A 149 -2.68 -8.81 -13.33
CA VAL A 149 -3.02 -7.40 -13.13
C VAL A 149 -4.31 -7.26 -12.32
N HIS A 150 -5.26 -8.15 -12.57
CA HIS A 150 -6.53 -8.12 -11.87
C HIS A 150 -6.33 -8.12 -10.36
N THR A 151 -5.23 -8.72 -9.91
CA THR A 151 -4.91 -8.78 -8.49
C THR A 151 -4.04 -7.61 -8.07
N PHE A 152 -4.49 -6.87 -7.05
CA PHE A 152 -3.76 -5.72 -6.55
C PHE A 152 -3.61 -5.78 -5.04
N ALA A 153 -2.37 -5.79 -4.57
CA ALA A 153 -2.09 -5.83 -3.14
C ALA A 153 -1.19 -4.69 -2.70
N PHE A 154 -0.97 -4.56 -1.40
CA PHE A 154 -0.13 -3.50 -0.86
C PHE A 154 0.25 -3.80 0.59
N ILE A 155 1.44 -3.37 0.97
CA ILE A 155 1.93 -3.59 2.33
C ILE A 155 1.78 -2.33 3.18
N MET A 156 1.24 -2.49 4.37
CA MET A 156 1.05 -1.37 5.28
C MET A 156 1.62 -1.67 6.66
N ASP A 157 1.92 -0.62 7.42
CA ASP A 157 2.48 -0.77 8.76
C ASP A 157 1.43 -0.50 9.82
N THR A 158 1.31 -1.42 10.78
CA THR A 158 0.34 -1.29 11.85
C THR A 158 1.00 -0.78 13.13
N GLY A 159 2.06 -1.47 13.55
CA GLY A 159 2.77 -1.08 14.76
C GLY A 159 3.74 -2.14 15.23
N ASN A 160 4.74 -1.72 16.00
CA ASN A 160 5.74 -2.65 16.51
C ASN A 160 6.46 -3.37 15.38
N GLN A 161 6.99 -2.60 14.43
CA GLN A 161 7.69 -3.17 13.29
C GLN A 161 6.88 -4.28 12.65
N ARG A 162 5.58 -4.05 12.51
CA ARG A 162 4.68 -5.04 11.91
C ARG A 162 4.30 -4.62 10.49
N PHE A 163 4.06 -5.61 9.64
CA PHE A 163 3.68 -5.36 8.25
C PHE A 163 2.56 -6.29 7.81
N GLU A 164 1.51 -5.72 7.23
CA GLU A 164 0.37 -6.50 6.76
C GLU A 164 0.20 -6.35 5.25
N CYS A 165 -0.12 -7.47 4.59
CA CYS A 165 -0.32 -7.47 3.16
C CYS A 165 -1.77 -7.78 2.80
N HIS A 166 -2.48 -6.78 2.27
CA HIS A 166 -3.87 -6.96 1.88
C HIS A 166 -4.01 -7.06 0.37
N VAL A 167 -4.90 -7.93 -0.08
CA VAL A 167 -5.14 -8.13 -1.50
C VAL A 167 -6.54 -7.66 -1.90
N PHE A 168 -6.66 -7.16 -3.12
CA PHE A 168 -7.95 -6.68 -3.62
C PHE A 168 -8.07 -6.94 -5.12
N TRP A 169 -9.26 -7.35 -5.55
CA TRP A 169 -9.51 -7.63 -6.96
C TRP A 169 -10.04 -6.40 -7.68
N CYS A 170 -9.49 -6.13 -8.85
CA CYS A 170 -9.90 -4.97 -9.63
C CYS A 170 -10.40 -5.39 -11.01
N GLU A 171 -11.40 -4.68 -11.53
CA GLU A 171 -11.96 -4.99 -12.83
C GLU A 171 -12.16 -3.72 -13.65
N PRO A 172 -11.78 -3.78 -14.94
CA PRO A 172 -11.19 -4.99 -15.53
C PRO A 172 -9.80 -5.28 -15.01
N ASN A 173 -8.95 -4.26 -14.97
CA ASN A 173 -7.59 -4.40 -14.48
C ASN A 173 -7.33 -3.49 -13.30
N ALA A 174 -6.13 -3.58 -12.72
CA ALA A 174 -5.76 -2.77 -11.57
C ALA A 174 -4.92 -1.57 -12.01
N ALA A 175 -5.10 -1.15 -13.25
CA ALA A 175 -4.34 -0.02 -13.78
C ALA A 175 -4.91 1.30 -13.27
N ASN A 176 -6.23 1.42 -13.25
CA ASN A 176 -6.89 2.62 -12.77
C ASN A 176 -6.75 2.76 -11.26
N VAL A 177 -6.46 1.65 -10.59
CA VAL A 177 -6.30 1.65 -9.14
C VAL A 177 -4.85 1.88 -8.75
N SER A 178 -3.95 1.10 -9.33
CA SER A 178 -2.53 1.23 -9.03
C SER A 178 -2.02 2.62 -9.40
N GLU A 179 -2.82 3.36 -10.16
CA GLU A 179 -2.45 4.70 -10.58
C GLU A 179 -3.03 5.75 -9.63
N ALA A 180 -4.25 5.49 -9.16
CA ALA A 180 -4.92 6.41 -8.24
C ALA A 180 -4.23 6.42 -6.88
N VAL A 181 -3.76 5.25 -6.46
CA VAL A 181 -3.08 5.13 -5.17
C VAL A 181 -1.68 5.71 -5.22
N GLN A 182 -0.98 5.45 -6.32
CA GLN A 182 0.38 5.96 -6.51
C GLN A 182 0.40 7.49 -6.47
N ALA A 183 -0.51 8.10 -7.21
CA ALA A 183 -0.59 9.56 -7.27
C ALA A 183 -0.65 10.15 -5.87
N ALA A 184 -1.29 9.44 -4.94
CA ALA A 184 -1.41 9.89 -3.57
C ALA A 184 -0.05 9.96 -2.89
N CYS A 185 0.84 9.03 -3.27
CA CYS A 185 2.18 8.98 -2.69
C CYS A 185 2.95 10.26 -3.01
N GLY A 1 4.70 -20.79 -10.05
CA GLY A 1 3.95 -20.94 -11.29
C GLY A 1 4.84 -20.83 -12.51
N SER A 2 5.53 -19.71 -12.64
CA SER A 2 6.41 -19.48 -13.79
C SER A 2 5.65 -19.63 -15.10
N SER A 3 4.45 -19.07 -15.15
CA SER A 3 3.61 -19.14 -16.35
C SER A 3 3.19 -17.74 -16.80
N GLY A 4 3.30 -17.50 -18.11
CA GLY A 4 2.93 -16.20 -18.65
C GLY A 4 2.80 -16.22 -20.16
N SER A 5 1.83 -15.47 -20.68
CA SER A 5 1.61 -15.42 -22.11
C SER A 5 0.77 -14.19 -22.49
N SER A 6 0.76 -13.85 -23.77
CA SER A 6 0.01 -12.69 -24.25
C SER A 6 -0.78 -13.05 -25.50
N GLY A 7 -1.75 -12.20 -25.83
CA GLY A 7 -2.57 -12.45 -27.01
C GLY A 7 -2.62 -11.24 -27.94
N ASP A 8 -1.45 -10.74 -28.32
CA ASP A 8 -1.37 -9.59 -29.20
C ASP A 8 0.08 -9.30 -29.58
N ALA A 9 0.27 -8.40 -30.54
CA ALA A 9 1.60 -8.03 -30.99
C ALA A 9 2.16 -6.88 -30.16
N ALA A 10 1.42 -5.78 -30.11
CA ALA A 10 1.85 -4.60 -29.35
C ALA A 10 1.08 -4.50 -28.04
N VAL A 11 1.82 -4.29 -26.94
CA VAL A 11 1.21 -4.18 -25.63
C VAL A 11 0.56 -2.82 -25.45
N THR A 12 -0.51 -2.79 -24.64
CA THR A 12 -1.23 -1.54 -24.38
C THR A 12 -0.39 -0.56 -23.58
N PRO A 13 -0.64 0.73 -23.76
CA PRO A 13 0.08 1.79 -23.06
C PRO A 13 -0.24 1.83 -21.57
N GLU A 14 -1.24 1.06 -21.16
CA GLU A 14 -1.66 1.01 -19.77
C GLU A 14 -1.01 -0.18 -19.06
N GLU A 15 -0.96 -1.32 -19.74
CA GLU A 15 -0.37 -2.52 -19.17
C GLU A 15 1.08 -2.28 -18.75
N ARG A 16 1.86 -1.69 -19.65
CA ARG A 16 3.26 -1.40 -19.37
C ARG A 16 3.45 -0.98 -17.92
N HIS A 17 2.86 0.15 -17.55
CA HIS A 17 2.96 0.67 -16.19
C HIS A 17 2.78 -0.47 -15.17
N LEU A 18 1.88 -1.39 -15.47
CA LEU A 18 1.60 -2.51 -14.58
C LEU A 18 2.71 -3.55 -14.68
N SER A 19 3.20 -3.78 -15.88
CA SER A 19 4.26 -4.75 -16.12
C SER A 19 5.44 -4.50 -15.18
N LYS A 20 5.75 -3.23 -14.97
CA LYS A 20 6.86 -2.84 -14.10
C LYS A 20 6.53 -3.15 -12.64
N MET A 21 5.29 -2.87 -12.25
CA MET A 21 4.85 -3.11 -10.88
C MET A 21 5.08 -4.56 -10.48
N GLN A 22 5.12 -5.44 -11.47
CA GLN A 22 5.33 -6.86 -11.23
C GLN A 22 6.82 -7.19 -11.16
N GLN A 23 7.60 -6.52 -12.01
CA GLN A 23 9.04 -6.74 -12.06
C GLN A 23 9.67 -6.53 -10.68
N ASN A 24 9.78 -5.26 -10.27
CA ASN A 24 10.36 -4.92 -8.99
C ASN A 24 9.32 -4.27 -8.07
N GLY A 25 8.45 -3.46 -8.66
CA GLY A 25 7.42 -2.78 -7.90
C GLY A 25 7.67 -1.30 -7.75
N TYR A 26 6.82 -0.62 -6.99
CA TYR A 26 6.95 0.81 -6.78
C TYR A 26 6.99 1.13 -5.28
N GLU A 27 8.19 1.19 -4.73
CA GLU A 27 8.37 1.49 -3.31
C GLU A 27 7.67 2.80 -2.94
N ASN A 28 7.42 2.98 -1.65
CA ASN A 28 6.75 4.19 -1.17
C ASN A 28 7.75 5.32 -0.93
N PRO A 29 7.57 6.43 -1.64
CA PRO A 29 8.45 7.60 -1.52
C PRO A 29 8.30 8.32 -0.19
N THR A 30 7.05 8.56 0.21
CA THR A 30 6.76 9.24 1.46
C THR A 30 7.57 8.63 2.61
N TYR A 31 7.58 7.30 2.68
CA TYR A 31 8.31 6.60 3.72
C TYR A 31 9.82 6.79 3.56
N LYS A 32 10.29 6.66 2.33
CA LYS A 32 11.71 6.81 2.03
C LYS A 32 12.19 8.21 2.41
N PHE A 33 11.29 9.18 2.37
CA PHE A 33 11.62 10.56 2.71
C PHE A 33 12.03 10.66 4.17
N PHE A 34 11.39 9.88 5.02
CA PHE A 34 11.68 9.90 6.44
C PHE A 34 12.09 8.51 6.93
N GLU A 35 13.28 8.07 6.52
CA GLU A 35 13.79 6.77 6.92
C GLU A 35 14.72 6.88 8.12
N GLN A 36 15.66 7.83 8.04
CA GLN A 36 16.61 8.04 9.13
C GLN A 36 16.43 9.42 9.75
N MET A 37 17.14 9.66 10.85
CA MET A 37 17.05 10.95 11.54
C MET A 37 18.28 11.80 11.24
N GLN A 38 18.05 12.93 10.56
CA GLN A 38 19.14 13.84 10.21
C GLN A 38 19.33 14.91 11.28
N ASN A 39 20.58 15.16 11.65
CA ASN A 39 20.88 16.17 12.66
C ASN A 39 22.06 17.04 12.23
N SER A 40 21.83 18.35 12.20
CA SER A 40 22.86 19.30 11.80
C SER A 40 23.80 19.61 12.97
N GLY A 41 23.21 19.91 14.12
CA GLY A 41 24.00 20.22 15.29
C GLY A 41 24.23 21.71 15.46
N PRO A 42 24.29 22.17 16.72
CA PRO A 42 24.50 23.58 17.04
C PRO A 42 25.91 24.05 16.70
N SER A 43 26.02 24.86 15.65
CA SER A 43 27.30 25.38 15.21
C SER A 43 27.15 26.77 14.59
N SER A 44 27.87 27.74 15.15
CA SER A 44 27.82 29.11 14.65
C SER A 44 29.16 29.81 14.85
N GLY A 45 29.46 30.74 13.93
CA GLY A 45 30.72 31.46 14.00
C GLY A 45 31.91 30.55 14.25
N ILE A 46 32.50 30.06 13.17
CA ILE A 46 33.65 29.17 13.27
C ILE A 46 34.53 29.54 14.46
N GLU A 47 34.49 28.71 15.50
CA GLU A 47 35.29 28.95 16.70
C GLU A 47 35.33 27.72 17.58
N GLY A 48 36.50 27.09 17.68
CA GLY A 48 36.65 25.91 18.50
C GLY A 48 35.43 25.01 18.45
N ARG A 49 34.58 25.10 19.47
CA ARG A 49 33.38 24.30 19.54
C ARG A 49 32.14 25.13 19.22
N GLY A 50 31.98 26.23 19.94
CA GLY A 50 30.83 27.10 19.72
C GLY A 50 29.53 26.35 19.71
N SER A 51 28.89 26.26 20.87
CA SER A 51 27.62 25.56 21.01
C SER A 51 26.78 26.15 22.14
N SER A 52 25.52 26.42 21.85
CA SER A 52 24.61 26.99 22.84
C SER A 52 23.18 27.05 22.30
N GLY A 53 22.21 26.82 23.18
CA GLY A 53 20.82 26.86 22.77
C GLY A 53 20.27 25.48 22.45
N SER A 54 19.20 25.10 23.13
CA SER A 54 18.58 23.80 22.93
C SER A 54 17.44 23.89 21.90
N SER A 55 16.89 22.74 21.53
CA SER A 55 15.82 22.68 20.56
C SER A 55 14.47 22.98 21.22
N GLY A 56 13.66 23.78 20.54
CA GLY A 56 12.35 24.13 21.08
C GLY A 56 11.55 25.00 20.13
N SER A 57 10.55 24.40 19.48
CA SER A 57 9.72 25.13 18.53
C SER A 57 8.36 24.44 18.38
N SER A 58 7.29 25.19 18.64
CA SER A 58 5.94 24.66 18.52
C SER A 58 5.56 24.41 17.07
N GLY A 59 5.62 25.47 16.26
CA GLY A 59 5.29 25.36 14.86
C GLY A 59 3.81 25.08 14.64
N SER A 60 3.03 26.13 14.46
CA SER A 60 1.59 25.99 14.24
C SER A 60 1.02 27.26 13.59
N SER A 61 0.03 27.06 12.73
CA SER A 61 -0.61 28.18 12.04
C SER A 61 -1.99 27.79 11.53
N GLY A 62 -2.78 28.79 11.15
CA GLY A 62 -4.11 28.52 10.64
C GLY A 62 -4.36 29.18 9.28
N PRO A 63 -3.62 28.72 8.26
CA PRO A 63 -3.75 29.25 6.90
C PRO A 63 -5.07 28.88 6.25
N THR A 64 -5.27 29.33 5.02
CA THR A 64 -6.50 29.04 4.28
C THR A 64 -6.60 27.55 3.94
N PRO A 65 -7.82 27.01 4.00
CA PRO A 65 -8.08 25.60 3.70
C PRO A 65 -7.90 25.28 2.23
N LYS A 66 -7.76 24.00 1.91
CA LYS A 66 -7.59 23.56 0.53
C LYS A 66 -8.67 22.56 0.14
N THR A 67 -8.85 22.38 -1.17
CA THR A 67 -9.86 21.45 -1.67
C THR A 67 -9.29 20.05 -1.84
N GLU A 68 -9.93 19.08 -1.20
CA GLU A 68 -9.47 17.69 -1.29
C GLU A 68 -10.61 16.78 -1.74
N LEU A 69 -10.36 16.04 -2.81
CA LEU A 69 -11.37 15.12 -3.35
C LEU A 69 -11.07 13.69 -2.92
N VAL A 70 -12.04 12.80 -3.12
CA VAL A 70 -11.89 11.40 -2.76
C VAL A 70 -12.26 10.49 -3.92
N GLN A 71 -11.49 9.42 -4.12
CA GLN A 71 -11.74 8.47 -5.19
C GLN A 71 -12.26 7.15 -4.64
N LYS A 72 -13.46 6.77 -5.06
CA LYS A 72 -14.06 5.52 -4.60
C LYS A 72 -14.09 4.49 -5.72
N PHE A 73 -13.27 3.45 -5.58
CA PHE A 73 -13.19 2.39 -6.58
C PHE A 73 -13.94 1.14 -6.11
N ARG A 74 -14.24 0.25 -7.05
CA ARG A 74 -14.94 -0.98 -6.73
C ARG A 74 -13.99 -2.18 -6.79
N VAL A 75 -13.71 -2.76 -5.63
CA VAL A 75 -12.82 -3.90 -5.54
C VAL A 75 -13.26 -4.85 -4.44
N GLN A 76 -12.67 -6.05 -4.43
CA GLN A 76 -13.01 -7.05 -3.41
C GLN A 76 -11.88 -7.18 -2.39
N TYR A 77 -12.16 -7.88 -1.30
CA TYR A 77 -11.17 -8.08 -0.24
C TYR A 77 -10.92 -9.56 -0.01
N LEU A 78 -9.73 -10.02 -0.36
CA LEU A 78 -9.35 -11.43 -0.18
C LEU A 78 -9.19 -11.76 1.30
N GLY A 79 -8.27 -11.06 1.96
CA GLY A 79 -8.03 -11.31 3.38
C GLY A 79 -6.77 -10.62 3.87
N MET A 80 -6.50 -10.78 5.16
CA MET A 80 -5.31 -10.17 5.77
C MET A 80 -4.19 -11.19 5.91
N LEU A 81 -3.19 -11.09 5.03
CA LEU A 81 -2.05 -12.01 5.05
C LEU A 81 -0.78 -11.28 5.46
N PRO A 82 -0.23 -11.64 6.64
CA PRO A 82 0.99 -11.04 7.15
C PRO A 82 2.22 -11.43 6.36
N VAL A 83 3.08 -10.46 6.09
CA VAL A 83 4.31 -10.70 5.34
C VAL A 83 5.53 -10.71 6.24
N ASP A 84 6.68 -11.11 5.69
CA ASP A 84 7.92 -11.14 6.46
C ASP A 84 8.78 -9.92 6.17
N ARG A 85 8.59 -9.34 4.98
CA ARG A 85 9.36 -8.17 4.58
C ARG A 85 8.42 -7.03 4.18
N PRO A 86 8.82 -5.79 4.50
CA PRO A 86 8.03 -4.59 4.18
C PRO A 86 7.99 -4.30 2.69
N VAL A 87 8.95 -4.87 1.96
CA VAL A 87 9.03 -4.67 0.51
C VAL A 87 9.37 -5.97 -0.20
N GLY A 88 9.31 -5.94 -1.53
CA GLY A 88 9.62 -7.12 -2.31
C GLY A 88 8.40 -7.71 -2.98
N MET A 89 8.58 -8.24 -4.19
CA MET A 89 7.48 -8.84 -4.94
C MET A 89 7.21 -10.26 -4.47
N ASP A 90 8.23 -11.12 -4.58
CA ASP A 90 8.10 -12.51 -4.17
C ASP A 90 7.32 -12.63 -2.87
N THR A 91 7.42 -11.60 -2.03
CA THR A 91 6.71 -11.58 -0.75
C THR A 91 5.27 -11.12 -0.92
N LEU A 92 5.09 -10.02 -1.62
CA LEU A 92 3.75 -9.47 -1.85
C LEU A 92 2.87 -10.49 -2.57
N ASN A 93 3.42 -11.14 -3.59
CA ASN A 93 2.69 -12.13 -4.36
C ASN A 93 2.33 -13.33 -3.48
N SER A 94 3.34 -13.95 -2.89
CA SER A 94 3.13 -15.11 -2.02
C SER A 94 1.84 -14.96 -1.23
N ALA A 95 1.66 -13.81 -0.60
CA ALA A 95 0.47 -13.54 0.19
C ALA A 95 -0.80 -13.75 -0.63
N ILE A 96 -0.81 -13.18 -1.84
CA ILE A 96 -1.96 -13.31 -2.73
C ILE A 96 -2.42 -14.75 -2.84
N GLU A 97 -1.49 -15.63 -3.22
CA GLU A 97 -1.80 -17.05 -3.37
C GLU A 97 -2.36 -17.63 -2.06
N ASN A 98 -1.76 -17.24 -0.94
CA ASN A 98 -2.20 -17.71 0.37
C ASN A 98 -3.70 -17.48 0.55
N LEU A 99 -4.09 -16.21 0.54
CA LEU A 99 -5.50 -15.85 0.71
C LEU A 99 -6.35 -16.41 -0.43
N MET A 100 -5.75 -16.49 -1.63
CA MET A 100 -6.45 -17.01 -2.79
C MET A 100 -7.05 -18.38 -2.51
N THR A 101 -6.27 -19.23 -1.85
CA THR A 101 -6.73 -20.58 -1.52
C THR A 101 -7.61 -20.57 -0.26
N SER A 102 -7.36 -19.60 0.61
CA SER A 102 -8.12 -19.47 1.85
C SER A 102 -9.58 -19.13 1.56
N SER A 103 -9.79 -18.07 0.77
CA SER A 103 -11.13 -17.64 0.42
C SER A 103 -11.36 -17.74 -1.08
N SER A 104 -12.61 -18.02 -1.47
CA SER A 104 -12.96 -18.15 -2.87
C SER A 104 -13.15 -16.78 -3.52
N LYS A 105 -13.02 -16.74 -4.84
CA LYS A 105 -13.17 -15.49 -5.58
C LYS A 105 -14.46 -14.77 -5.18
N GLU A 106 -15.52 -15.54 -4.99
CA GLU A 106 -16.81 -14.97 -4.59
C GLU A 106 -16.84 -14.68 -3.09
N ASP A 107 -16.23 -15.56 -2.31
CA ASP A 107 -16.18 -15.41 -0.86
C ASP A 107 -15.80 -13.98 -0.48
N TRP A 108 -14.90 -13.39 -1.26
CA TRP A 108 -14.44 -12.03 -1.01
C TRP A 108 -15.61 -11.05 -1.06
N PRO A 109 -15.84 -10.35 0.06
CA PRO A 109 -16.93 -9.36 0.17
C PRO A 109 -16.67 -8.11 -0.67
N SER A 110 -17.69 -7.65 -1.36
CA SER A 110 -17.57 -6.46 -2.21
C SER A 110 -17.31 -5.21 -1.36
N VAL A 111 -16.13 -4.64 -1.53
CA VAL A 111 -15.76 -3.44 -0.78
C VAL A 111 -15.36 -2.31 -1.73
N ASN A 112 -15.07 -1.14 -1.15
CA ASN A 112 -14.68 0.02 -1.94
C ASN A 112 -13.40 0.65 -1.39
N MET A 113 -12.53 1.09 -2.29
CA MET A 113 -11.27 1.71 -1.90
C MET A 113 -11.43 3.23 -1.80
N ASN A 114 -11.59 3.72 -0.59
CA ASN A 114 -11.75 5.15 -0.35
C ASN A 114 -10.39 5.84 -0.27
N VAL A 115 -9.95 6.40 -1.39
CA VAL A 115 -8.66 7.09 -1.44
C VAL A 115 -8.84 8.60 -1.29
N ALA A 116 -8.41 9.13 -0.15
CA ALA A 116 -8.53 10.56 0.13
C ALA A 116 -7.42 11.03 1.06
N ASP A 117 -6.99 12.28 0.87
CA ASP A 117 -5.93 12.86 1.70
C ASP A 117 -4.84 11.82 1.98
N ALA A 118 -4.40 11.15 0.92
CA ALA A 118 -3.35 10.14 1.05
C ALA A 118 -3.71 9.11 2.10
N THR A 119 -4.95 8.61 2.04
CA THR A 119 -5.42 7.62 3.00
C THR A 119 -6.24 6.53 2.30
N VAL A 120 -5.75 5.30 2.37
CA VAL A 120 -6.44 4.17 1.74
C VAL A 120 -7.33 3.44 2.76
N THR A 121 -8.62 3.73 2.72
CA THR A 121 -9.57 3.10 3.62
C THR A 121 -10.57 2.24 2.87
N VAL A 122 -10.61 0.95 3.20
CA VAL A 122 -11.53 0.03 2.54
C VAL A 122 -12.91 0.08 3.18
N ILE A 123 -13.81 0.84 2.57
CA ILE A 123 -15.17 0.98 3.09
C ILE A 123 -16.11 -0.02 2.41
N SER A 124 -16.92 -0.69 3.21
CA SER A 124 -17.87 -1.68 2.69
C SER A 124 -18.92 -1.00 1.81
N GLU A 125 -19.24 -1.64 0.70
CA GLU A 125 -20.24 -1.10 -0.24
C GLU A 125 -21.59 -0.94 0.45
N LYS A 126 -21.94 -1.91 1.30
CA LYS A 126 -23.20 -1.87 2.02
C LYS A 126 -23.16 -0.84 3.15
N ASN A 127 -22.17 -0.95 4.01
CA ASN A 127 -22.02 -0.03 5.13
C ASN A 127 -20.90 0.98 4.85
N GLU A 128 -21.21 2.25 5.03
CA GLU A 128 -20.24 3.32 4.82
C GLU A 128 -19.42 3.58 6.06
N GLU A 129 -20.01 3.32 7.23
CA GLU A 129 -19.33 3.52 8.50
C GLU A 129 -18.74 2.22 9.01
N GLU A 130 -18.29 1.37 8.08
CA GLU A 130 -17.71 0.09 8.46
C GLU A 130 -16.18 0.19 8.54
N VAL A 131 -15.59 0.93 7.61
CA VAL A 131 -14.15 1.11 7.58
C VAL A 131 -13.42 -0.21 7.82
N LEU A 132 -13.83 -1.24 7.09
CA LEU A 132 -13.23 -2.56 7.23
C LEU A 132 -11.72 -2.43 7.48
N VAL A 133 -11.05 -1.69 6.62
CA VAL A 133 -9.61 -1.49 6.74
C VAL A 133 -9.24 -0.01 6.68
N GLU A 134 -8.35 0.41 7.57
CA GLU A 134 -7.91 1.81 7.61
C GLU A 134 -6.41 1.91 7.40
N CYS A 135 -6.00 2.19 6.17
CA CYS A 135 -4.59 2.32 5.83
C CYS A 135 -4.27 3.73 5.35
N ARG A 136 -3.11 4.25 5.74
CA ARG A 136 -2.70 5.58 5.35
C ARG A 136 -1.41 5.54 4.55
N VAL A 137 -1.44 6.10 3.35
CA VAL A 137 -0.27 6.12 2.48
C VAL A 137 1.01 6.36 3.27
N ARG A 138 0.89 7.17 4.32
CA ARG A 138 2.04 7.49 5.17
C ARG A 138 2.65 6.22 5.76
N PHE A 139 1.79 5.35 6.27
CA PHE A 139 2.24 4.09 6.86
C PHE A 139 2.67 3.10 5.79
N LEU A 140 2.10 3.25 4.59
CA LEU A 140 2.43 2.37 3.48
C LEU A 140 3.93 2.36 3.21
N SER A 141 4.49 1.16 3.07
CA SER A 141 5.92 1.01 2.81
C SER A 141 6.17 0.62 1.36
N PHE A 142 5.44 -0.38 0.89
CA PHE A 142 5.58 -0.84 -0.49
C PHE A 142 4.25 -1.33 -1.05
N MET A 143 4.11 -1.26 -2.37
CA MET A 143 2.88 -1.68 -3.03
C MET A 143 3.18 -2.25 -4.41
N GLY A 144 2.29 -3.13 -4.87
CA GLY A 144 2.47 -3.74 -6.19
C GLY A 144 1.33 -4.66 -6.56
N VAL A 145 1.47 -5.35 -7.69
CA VAL A 145 0.45 -6.27 -8.16
C VAL A 145 0.98 -7.70 -8.26
N GLY A 146 0.09 -8.66 -8.14
CA GLY A 146 0.49 -10.06 -8.22
C GLY A 146 0.69 -10.53 -9.65
N LYS A 147 0.81 -11.84 -9.83
CA LYS A 147 1.00 -12.42 -11.16
C LYS A 147 -0.07 -11.93 -12.12
N ASP A 148 -1.23 -11.56 -11.58
CA ASP A 148 -2.34 -11.07 -12.40
C ASP A 148 -2.60 -9.60 -12.12
N VAL A 149 -2.57 -8.79 -13.18
CA VAL A 149 -2.81 -7.36 -13.05
C VAL A 149 -4.14 -7.07 -12.38
N HIS A 150 -5.00 -8.09 -12.32
CA HIS A 150 -6.31 -7.96 -11.70
C HIS A 150 -6.19 -7.90 -10.18
N THR A 151 -5.14 -8.52 -9.65
CA THR A 151 -4.90 -8.54 -8.21
C THR A 151 -4.00 -7.38 -7.79
N PHE A 152 -4.50 -6.55 -6.88
CA PHE A 152 -3.75 -5.41 -6.38
C PHE A 152 -3.57 -5.49 -4.87
N ALA A 153 -2.33 -5.65 -4.44
CA ALA A 153 -2.02 -5.74 -3.01
C ALA A 153 -0.97 -4.70 -2.61
N PHE A 154 -0.95 -4.36 -1.33
CA PHE A 154 0.00 -3.38 -0.81
C PHE A 154 0.42 -3.73 0.61
N ILE A 155 1.69 -3.46 0.93
CA ILE A 155 2.21 -3.74 2.26
C ILE A 155 2.21 -2.49 3.13
N MET A 156 1.40 -2.49 4.17
CA MET A 156 1.31 -1.36 5.08
C MET A 156 1.93 -1.69 6.43
N ASP A 157 2.28 -0.66 7.19
CA ASP A 157 2.87 -0.84 8.51
C ASP A 157 1.95 -0.36 9.61
N THR A 158 1.62 -1.25 10.54
CA THR A 158 0.74 -0.93 11.65
C THR A 158 1.52 -0.42 12.85
N GLY A 159 2.66 -1.06 13.12
CA GLY A 159 3.48 -0.66 14.25
C GLY A 159 4.40 -1.78 14.72
N ASN A 160 5.17 -1.51 15.76
CA ASN A 160 6.09 -2.49 16.31
C ASN A 160 6.90 -3.16 15.21
N GLN A 161 7.18 -2.39 14.14
CA GLN A 161 7.96 -2.91 13.02
C GLN A 161 7.22 -4.07 12.34
N ARG A 162 5.89 -3.98 12.31
CA ARG A 162 5.08 -5.01 11.68
C ARG A 162 4.75 -4.67 10.24
N PHE A 163 4.41 -5.68 9.45
CA PHE A 163 4.07 -5.47 8.04
C PHE A 163 2.85 -6.30 7.65
N GLU A 164 1.82 -5.63 7.13
CA GLU A 164 0.61 -6.30 6.72
C GLU A 164 0.35 -6.10 5.22
N CYS A 165 -0.19 -7.13 4.58
CA CYS A 165 -0.48 -7.06 3.15
C CYS A 165 -1.96 -7.36 2.88
N HIS A 166 -2.64 -6.41 2.25
CA HIS A 166 -4.06 -6.59 1.93
C HIS A 166 -4.27 -6.71 0.43
N VAL A 167 -4.79 -7.85 0.00
CA VAL A 167 -5.03 -8.10 -1.42
C VAL A 167 -6.45 -7.68 -1.81
N PHE A 168 -6.57 -7.07 -2.98
CA PHE A 168 -7.87 -6.61 -3.47
C PHE A 168 -8.01 -6.89 -4.95
N TRP A 169 -9.19 -7.37 -5.36
CA TRP A 169 -9.45 -7.68 -6.75
C TRP A 169 -10.07 -6.48 -7.46
N CYS A 170 -9.61 -6.21 -8.69
CA CYS A 170 -10.11 -5.10 -9.47
C CYS A 170 -10.61 -5.57 -10.83
N GLU A 171 -11.42 -4.74 -11.47
CA GLU A 171 -11.97 -5.08 -12.78
C GLU A 171 -12.23 -3.82 -13.61
N PRO A 172 -11.89 -3.88 -14.90
CA PRO A 172 -11.30 -5.07 -15.50
C PRO A 172 -9.87 -5.33 -15.01
N ASN A 173 -9.05 -4.29 -15.02
CA ASN A 173 -7.66 -4.41 -14.57
C ASN A 173 -7.41 -3.49 -13.37
N ALA A 174 -6.20 -3.58 -12.82
CA ALA A 174 -5.82 -2.76 -11.68
C ALA A 174 -4.93 -1.61 -12.10
N ALA A 175 -5.24 -1.01 -13.24
CA ALA A 175 -4.47 0.11 -13.76
C ALA A 175 -4.94 1.42 -13.16
N ASN A 176 -6.25 1.68 -13.23
CA ASN A 176 -6.83 2.90 -12.69
C ASN A 176 -6.67 2.96 -11.18
N VAL A 177 -6.53 1.79 -10.57
CA VAL A 177 -6.37 1.71 -9.11
C VAL A 177 -4.92 1.92 -8.71
N SER A 178 -4.00 1.30 -9.46
CA SER A 178 -2.57 1.42 -9.17
C SER A 178 -2.08 2.84 -9.45
N GLU A 179 -2.67 3.48 -10.46
CA GLU A 179 -2.29 4.84 -10.82
C GLU A 179 -2.93 5.85 -9.87
N ALA A 180 -4.17 5.60 -9.48
CA ALA A 180 -4.89 6.48 -8.57
C ALA A 180 -4.16 6.61 -7.24
N VAL A 181 -3.74 5.47 -6.69
CA VAL A 181 -3.03 5.46 -5.42
C VAL A 181 -1.64 6.07 -5.55
N GLN A 182 -1.03 5.88 -6.72
CA GLN A 182 0.30 6.41 -6.98
C GLN A 182 0.32 7.94 -6.85
N ALA A 183 -0.83 8.56 -7.10
CA ALA A 183 -0.94 10.01 -7.01
C ALA A 183 -0.97 10.46 -5.56
N ALA A 184 -1.46 9.60 -4.68
CA ALA A 184 -1.53 9.92 -3.25
C ALA A 184 -0.14 10.14 -2.67
N CYS A 185 0.79 9.26 -3.03
CA CYS A 185 2.16 9.35 -2.54
C CYS A 185 2.96 10.38 -3.34
N GLY A 1 10.15 -16.61 -10.31
CA GLY A 1 11.36 -16.40 -11.10
C GLY A 1 11.22 -16.91 -12.52
N SER A 2 12.35 -17.17 -13.16
CA SER A 2 12.35 -17.65 -14.54
C SER A 2 11.64 -16.66 -15.46
N SER A 3 11.92 -15.38 -15.26
CA SER A 3 11.30 -14.34 -16.07
C SER A 3 11.47 -14.63 -17.55
N GLY A 4 10.34 -14.91 -18.22
CA GLY A 4 10.38 -15.21 -19.64
C GLY A 4 9.03 -15.03 -20.30
N SER A 5 9.04 -14.50 -21.52
CA SER A 5 7.80 -14.27 -22.26
C SER A 5 7.72 -15.20 -23.48
N SER A 6 6.59 -15.15 -24.17
CA SER A 6 6.39 -15.99 -25.35
C SER A 6 6.19 -15.13 -26.60
N GLY A 7 5.17 -14.26 -26.55
CA GLY A 7 4.90 -13.40 -27.69
C GLY A 7 3.46 -12.89 -27.69
N ASP A 8 3.23 -11.78 -28.37
CA ASP A 8 1.90 -11.19 -28.45
C ASP A 8 1.82 -10.19 -29.60
N ALA A 9 0.87 -10.42 -30.51
CA ALA A 9 0.68 -9.54 -31.66
C ALA A 9 0.84 -8.07 -31.25
N ALA A 10 0.13 -7.67 -30.20
CA ALA A 10 0.19 -6.30 -29.72
C ALA A 10 -0.28 -6.20 -28.27
N VAL A 11 0.40 -5.39 -27.48
CA VAL A 11 0.05 -5.21 -26.07
C VAL A 11 -0.83 -3.98 -25.88
N THR A 12 -1.44 -3.88 -24.70
CA THR A 12 -2.31 -2.75 -24.39
C THR A 12 -1.54 -1.65 -23.67
N PRO A 13 -1.97 -0.40 -23.88
CA PRO A 13 -1.34 0.77 -23.25
C PRO A 13 -1.59 0.82 -21.75
N GLU A 14 -2.44 -0.07 -21.26
CA GLU A 14 -2.77 -0.12 -19.84
C GLU A 14 -1.86 -1.10 -19.10
N GLU A 15 -1.66 -2.27 -19.71
CA GLU A 15 -0.81 -3.30 -19.12
C GLU A 15 0.63 -2.81 -18.99
N ARG A 16 1.14 -2.21 -20.06
CA ARG A 16 2.51 -1.70 -20.06
C ARG A 16 2.86 -1.08 -18.72
N HIS A 17 1.98 -0.22 -18.22
CA HIS A 17 2.20 0.44 -16.94
C HIS A 17 2.19 -0.56 -15.79
N LEU A 18 1.21 -1.46 -15.81
CA LEU A 18 1.08 -2.48 -14.78
C LEU A 18 2.33 -3.34 -14.70
N SER A 19 2.96 -3.57 -15.85
CA SER A 19 4.18 -4.37 -15.91
C SER A 19 5.22 -3.86 -14.92
N LYS A 20 5.24 -2.54 -14.73
CA LYS A 20 6.18 -1.91 -13.81
C LYS A 20 6.02 -2.46 -12.40
N MET A 21 4.76 -2.59 -11.96
CA MET A 21 4.46 -3.10 -10.64
C MET A 21 4.88 -4.56 -10.50
N GLN A 22 5.22 -5.18 -11.63
CA GLN A 22 5.66 -6.57 -11.63
C GLN A 22 7.15 -6.68 -11.88
N GLN A 23 7.70 -5.74 -12.63
CA GLN A 23 9.12 -5.73 -12.93
C GLN A 23 9.94 -5.44 -11.68
N ASN A 24 9.93 -4.20 -11.24
CA ASN A 24 10.69 -3.80 -10.06
C ASN A 24 9.74 -3.43 -8.91
N GLY A 25 8.56 -2.91 -9.27
CA GLY A 25 7.59 -2.53 -8.27
C GLY A 25 7.61 -1.03 -7.98
N TYR A 26 6.84 -0.61 -6.98
CA TYR A 26 6.78 0.79 -6.61
C TYR A 26 6.85 0.96 -5.10
N GLU A 27 8.00 1.47 -4.63
CA GLU A 27 8.20 1.68 -3.20
C GLU A 27 7.74 3.08 -2.78
N ASN A 28 7.56 3.27 -1.48
CA ASN A 28 7.12 4.55 -0.95
C ASN A 28 8.30 5.34 -0.37
N PRO A 29 8.82 6.28 -1.16
CA PRO A 29 9.95 7.11 -0.75
C PRO A 29 9.58 8.10 0.35
N THR A 30 8.30 8.46 0.40
CA THR A 30 7.81 9.40 1.40
C THR A 30 8.20 8.97 2.80
N TYR A 31 8.26 7.66 3.01
CA TYR A 31 8.63 7.10 4.31
C TYR A 31 10.12 7.31 4.59
N LYS A 32 10.96 6.91 3.65
CA LYS A 32 12.41 7.05 3.80
C LYS A 32 12.85 8.44 3.38
N PHE A 33 12.04 9.44 3.70
CA PHE A 33 12.35 10.82 3.36
C PHE A 33 13.44 11.37 4.27
N PHE A 34 13.28 11.17 5.58
CA PHE A 34 14.25 11.65 6.56
C PHE A 34 15.54 10.85 6.47
N GLU A 35 15.43 9.58 6.08
CA GLU A 35 16.59 8.71 5.97
C GLU A 35 17.17 8.77 4.55
N GLN A 36 17.50 9.98 4.10
CA GLN A 36 18.06 10.17 2.77
C GLN A 36 19.56 9.85 2.76
N MET A 37 20.13 9.81 1.57
CA MET A 37 21.56 9.51 1.41
C MET A 37 22.35 10.79 1.12
N GLN A 38 23.19 11.19 2.07
CA GLN A 38 24.00 12.39 1.91
C GLN A 38 25.28 12.29 2.73
N ASN A 39 26.41 12.55 2.07
CA ASN A 39 27.71 12.48 2.73
C ASN A 39 28.15 13.87 3.19
N SER A 40 28.14 14.07 4.51
CA SER A 40 28.54 15.35 5.08
C SER A 40 29.83 15.86 4.44
N GLY A 41 30.90 15.07 4.58
CA GLY A 41 32.17 15.46 4.01
C GLY A 41 33.34 15.20 4.95
N PRO A 42 34.50 14.88 4.38
CA PRO A 42 35.70 14.59 5.16
C PRO A 42 36.28 15.84 5.83
N SER A 43 36.12 16.99 5.17
CA SER A 43 36.62 18.25 5.69
C SER A 43 35.46 19.17 6.06
N SER A 44 35.30 19.43 7.36
CA SER A 44 34.23 20.30 7.84
C SER A 44 34.64 21.76 7.75
N GLY A 45 35.72 22.11 8.45
CA GLY A 45 36.20 23.48 8.45
C GLY A 45 35.73 24.26 9.66
N ILE A 46 36.59 24.33 10.68
CA ILE A 46 36.27 25.04 11.91
C ILE A 46 37.40 25.99 12.30
N GLU A 47 38.25 26.33 11.34
CA GLU A 47 39.37 27.22 11.60
C GLU A 47 38.97 28.34 12.54
N GLY A 48 37.98 29.13 12.13
CA GLY A 48 37.51 30.23 12.95
C GLY A 48 38.62 31.21 13.29
N ARG A 49 38.80 32.22 12.46
CA ARG A 49 39.84 33.22 12.67
C ARG A 49 39.42 34.20 13.77
N GLY A 50 39.31 33.69 14.99
CA GLY A 50 38.93 34.54 16.11
C GLY A 50 37.53 34.23 16.62
N SER A 51 36.58 35.09 16.28
CA SER A 51 35.20 34.91 16.71
C SER A 51 34.71 33.50 16.37
N SER A 52 33.63 33.10 17.03
CA SER A 52 33.06 31.76 16.81
C SER A 52 31.59 31.73 17.20
N GLY A 53 30.90 30.66 16.84
CA GLY A 53 29.49 30.53 17.16
C GLY A 53 28.64 30.26 15.93
N SER A 54 27.40 29.85 16.15
CA SER A 54 26.49 29.56 15.06
C SER A 54 25.06 29.36 15.57
N SER A 55 24.11 30.01 14.91
CA SER A 55 22.70 29.91 15.30
C SER A 55 21.78 30.18 14.12
N GLY A 56 20.66 29.46 14.06
CA GLY A 56 19.72 29.64 12.98
C GLY A 56 18.45 28.84 13.18
N SER A 57 17.32 29.42 12.75
CA SER A 57 16.04 28.75 12.89
C SER A 57 15.00 29.36 11.95
N SER A 58 14.05 28.54 11.51
CA SER A 58 13.00 29.00 10.60
C SER A 58 11.63 28.59 11.11
N GLY A 59 10.80 29.58 11.42
CA GLY A 59 9.46 29.32 11.91
C GLY A 59 8.39 29.80 10.96
N SER A 60 8.13 29.02 9.91
CA SER A 60 7.12 29.38 8.92
C SER A 60 6.43 28.12 8.37
N SER A 61 5.22 28.31 7.85
CA SER A 61 4.47 27.20 7.29
C SER A 61 3.43 27.69 6.29
N GLY A 62 3.18 26.90 5.25
CA GLY A 62 2.21 27.28 4.24
C GLY A 62 1.38 26.11 3.76
N PRO A 63 0.08 26.35 3.52
CA PRO A 63 -0.84 25.32 3.06
C PRO A 63 -0.57 24.88 1.63
N THR A 64 -0.56 23.58 1.40
CA THR A 64 -0.31 23.03 0.08
C THR A 64 -1.58 22.45 -0.53
N PRO A 65 -1.73 22.63 -1.86
CA PRO A 65 -2.90 22.13 -2.59
C PRO A 65 -2.92 20.60 -2.70
N LYS A 66 -4.06 20.00 -2.38
CA LYS A 66 -4.21 18.56 -2.43
C LYS A 66 -5.60 18.17 -2.93
N THR A 67 -5.73 16.94 -3.41
CA THR A 67 -7.01 16.44 -3.90
C THR A 67 -8.17 17.01 -3.10
N GLU A 68 -9.03 17.78 -3.76
CA GLU A 68 -10.18 18.38 -3.10
C GLU A 68 -11.38 17.44 -3.15
N LEU A 69 -11.24 16.35 -3.89
CA LEU A 69 -12.32 15.37 -4.02
C LEU A 69 -11.88 14.01 -3.52
N VAL A 70 -12.82 13.06 -3.46
CA VAL A 70 -12.53 11.72 -2.99
C VAL A 70 -12.71 10.70 -4.11
N GLN A 71 -11.71 9.85 -4.31
CA GLN A 71 -11.77 8.83 -5.35
C GLN A 71 -12.20 7.48 -4.77
N LYS A 72 -13.25 6.92 -5.34
CA LYS A 72 -13.77 5.63 -4.88
C LYS A 72 -13.76 4.61 -6.01
N PHE A 73 -13.27 3.40 -5.71
CA PHE A 73 -13.22 2.34 -6.71
C PHE A 73 -13.94 1.09 -6.21
N ARG A 74 -14.44 0.29 -7.14
CA ARG A 74 -15.15 -0.94 -6.79
C ARG A 74 -14.23 -2.15 -6.92
N VAL A 75 -13.88 -2.73 -5.78
CA VAL A 75 -13.01 -3.90 -5.76
C VAL A 75 -13.43 -4.89 -4.67
N GLN A 76 -12.76 -6.03 -4.62
CA GLN A 76 -13.06 -7.05 -3.63
C GLN A 76 -11.95 -7.16 -2.59
N TYR A 77 -12.22 -7.88 -1.50
CA TYR A 77 -11.25 -8.06 -0.43
C TYR A 77 -10.99 -9.54 -0.17
N LEU A 78 -9.76 -9.98 -0.40
CA LEU A 78 -9.38 -11.37 -0.19
C LEU A 78 -9.13 -11.65 1.29
N GLY A 79 -8.39 -10.75 1.93
CA GLY A 79 -8.09 -10.91 3.34
C GLY A 79 -6.70 -10.42 3.69
N MET A 80 -6.43 -10.32 4.99
CA MET A 80 -5.12 -9.86 5.47
C MET A 80 -4.14 -11.02 5.56
N LEU A 81 -2.92 -10.80 5.10
CA LEU A 81 -1.88 -11.82 5.14
C LEU A 81 -0.58 -11.27 5.72
N PRO A 82 -0.10 -11.89 6.80
CA PRO A 82 1.15 -11.48 7.47
C PRO A 82 2.38 -11.78 6.63
N VAL A 83 3.25 -10.79 6.50
CA VAL A 83 4.48 -10.95 5.72
C VAL A 83 5.71 -10.88 6.62
N ASP A 84 6.79 -11.49 6.17
CA ASP A 84 8.04 -11.50 6.93
C ASP A 84 8.91 -10.31 6.56
N ARG A 85 8.72 -9.79 5.35
CA ARG A 85 9.48 -8.65 4.86
C ARG A 85 8.57 -7.47 4.58
N PRO A 86 9.07 -6.25 4.86
CA PRO A 86 8.31 -5.01 4.65
C PRO A 86 8.14 -4.69 3.17
N VAL A 87 9.02 -5.26 2.34
CA VAL A 87 8.96 -5.05 0.90
C VAL A 87 9.31 -6.32 0.13
N GLY A 88 9.36 -6.21 -1.20
CA GLY A 88 9.68 -7.36 -2.02
C GLY A 88 8.50 -7.83 -2.84
N MET A 89 8.77 -8.32 -4.05
CA MET A 89 7.71 -8.82 -4.92
C MET A 89 7.31 -10.23 -4.53
N ASP A 90 8.29 -11.11 -4.38
CA ASP A 90 8.03 -12.50 -4.01
C ASP A 90 7.14 -12.57 -2.78
N THR A 91 7.45 -11.78 -1.77
CA THR A 91 6.67 -11.76 -0.54
C THR A 91 5.21 -11.38 -0.82
N LEU A 92 5.02 -10.41 -1.70
CA LEU A 92 3.68 -9.96 -2.06
C LEU A 92 2.85 -11.10 -2.62
N ASN A 93 3.34 -11.72 -3.69
CA ASN A 93 2.65 -12.83 -4.32
C ASN A 93 2.37 -13.94 -3.31
N SER A 94 3.40 -14.30 -2.55
CA SER A 94 3.27 -15.37 -1.55
C SER A 94 1.95 -15.23 -0.78
N ALA A 95 1.66 -14.02 -0.34
CA ALA A 95 0.43 -13.76 0.40
C ALA A 95 -0.80 -13.89 -0.50
N ILE A 96 -0.76 -13.22 -1.64
CA ILE A 96 -1.87 -13.26 -2.59
C ILE A 96 -2.34 -14.70 -2.82
N GLU A 97 -1.42 -15.56 -3.24
CA GLU A 97 -1.74 -16.96 -3.49
C GLU A 97 -2.26 -17.63 -2.22
N ASN A 98 -1.76 -17.18 -1.08
CA ASN A 98 -2.16 -17.74 0.21
C ASN A 98 -3.65 -17.52 0.46
N LEU A 99 -4.07 -16.26 0.40
CA LEU A 99 -5.48 -15.92 0.61
C LEU A 99 -6.35 -16.46 -0.52
N MET A 100 -5.82 -16.43 -1.74
CA MET A 100 -6.55 -16.92 -2.90
C MET A 100 -7.13 -18.31 -2.62
N THR A 101 -6.30 -19.21 -2.11
CA THR A 101 -6.73 -20.57 -1.80
C THR A 101 -7.48 -20.62 -0.49
N SER A 102 -7.40 -19.54 0.29
CA SER A 102 -8.06 -19.47 1.59
C SER A 102 -9.57 -19.23 1.41
N SER A 103 -9.95 -18.74 0.23
CA SER A 103 -11.34 -18.46 -0.07
C SER A 103 -11.60 -18.49 -1.57
N SER A 104 -12.84 -18.26 -1.96
CA SER A 104 -13.22 -18.26 -3.37
C SER A 104 -13.32 -16.83 -3.91
N LYS A 105 -13.35 -16.71 -5.23
CA LYS A 105 -13.45 -15.40 -5.87
C LYS A 105 -14.76 -14.71 -5.49
N GLU A 106 -15.84 -15.46 -5.44
CA GLU A 106 -17.14 -14.92 -5.07
C GLU A 106 -17.26 -14.74 -3.56
N ASP A 107 -16.37 -15.40 -2.82
CA ASP A 107 -16.38 -15.32 -1.36
C ASP A 107 -15.88 -13.95 -0.90
N TRP A 108 -15.16 -13.25 -1.77
CA TRP A 108 -14.63 -11.93 -1.45
C TRP A 108 -15.74 -10.88 -1.44
N PRO A 109 -15.92 -10.22 -0.29
CA PRO A 109 -16.93 -9.18 -0.12
C PRO A 109 -16.62 -7.92 -0.91
N SER A 110 -17.51 -7.58 -1.84
CA SER A 110 -17.32 -6.39 -2.67
C SER A 110 -17.14 -5.14 -1.81
N VAL A 111 -15.91 -4.65 -1.74
CA VAL A 111 -15.61 -3.46 -0.94
C VAL A 111 -15.38 -2.25 -1.84
N ASN A 112 -15.06 -1.11 -1.22
CA ASN A 112 -14.81 0.11 -1.97
C ASN A 112 -13.53 0.79 -1.48
N MET A 113 -12.64 1.11 -2.42
CA MET A 113 -11.38 1.76 -2.09
C MET A 113 -11.55 3.27 -2.03
N ASN A 114 -11.60 3.81 -0.81
CA ASN A 114 -11.76 5.25 -0.62
C ASN A 114 -10.40 5.95 -0.54
N VAL A 115 -9.95 6.48 -1.67
CA VAL A 115 -8.67 7.17 -1.73
C VAL A 115 -8.84 8.67 -1.59
N ALA A 116 -8.59 9.19 -0.38
CA ALA A 116 -8.72 10.61 -0.12
C ALA A 116 -7.72 11.07 0.94
N ASP A 117 -7.31 12.33 0.85
CA ASP A 117 -6.35 12.88 1.80
C ASP A 117 -5.22 11.90 2.09
N ALA A 118 -4.64 11.36 1.03
CA ALA A 118 -3.54 10.40 1.16
C ALA A 118 -3.87 9.35 2.23
N THR A 119 -5.10 8.84 2.20
CA THR A 119 -5.54 7.84 3.17
C THR A 119 -6.34 6.75 2.48
N VAL A 120 -5.82 5.52 2.51
CA VAL A 120 -6.49 4.38 1.90
C VAL A 120 -7.47 3.74 2.88
N THR A 121 -8.76 3.96 2.65
CA THR A 121 -9.80 3.40 3.51
C THR A 121 -10.71 2.46 2.73
N VAL A 122 -10.75 1.20 3.16
CA VAL A 122 -11.59 0.20 2.51
C VAL A 122 -12.98 0.16 3.11
N ILE A 123 -13.90 0.92 2.52
CA ILE A 123 -15.28 0.97 2.99
C ILE A 123 -16.13 -0.12 2.34
N SER A 124 -16.98 -0.75 3.14
CA SER A 124 -17.85 -1.81 2.64
C SER A 124 -18.92 -1.25 1.72
N GLU A 125 -19.21 -1.98 0.65
CA GLU A 125 -20.23 -1.55 -0.31
C GLU A 125 -21.57 -1.34 0.37
N LYS A 126 -21.84 -2.15 1.39
CA LYS A 126 -23.10 -2.05 2.13
C LYS A 126 -22.89 -1.32 3.45
N ASN A 127 -22.03 -0.31 3.44
CA ASN A 127 -21.74 0.47 4.63
C ASN A 127 -20.87 1.68 4.31
N GLU A 128 -20.88 2.67 5.19
CA GLU A 128 -20.09 3.87 4.99
C GLU A 128 -19.12 4.09 6.16
N GLU A 129 -19.56 3.71 7.35
CA GLU A 129 -18.72 3.86 8.55
C GLU A 129 -18.11 2.53 8.95
N GLU A 130 -18.13 1.56 8.04
CA GLU A 130 -17.58 0.24 8.30
C GLU A 130 -16.06 0.30 8.40
N VAL A 131 -15.45 1.09 7.52
CA VAL A 131 -14.00 1.24 7.51
C VAL A 131 -13.31 -0.09 7.70
N LEU A 132 -13.76 -1.11 6.95
CA LEU A 132 -13.18 -2.44 7.04
C LEU A 132 -11.69 -2.37 7.33
N VAL A 133 -11.01 -1.47 6.65
CA VAL A 133 -9.57 -1.30 6.83
C VAL A 133 -9.17 0.18 6.70
N GLU A 134 -8.39 0.65 7.67
CA GLU A 134 -7.93 2.04 7.68
C GLU A 134 -6.42 2.11 7.49
N CYS A 135 -6.00 2.49 6.29
CA CYS A 135 -4.57 2.60 5.99
C CYS A 135 -4.23 4.01 5.53
N ARG A 136 -3.04 4.48 5.89
CA ARG A 136 -2.59 5.82 5.52
C ARG A 136 -1.29 5.74 4.73
N VAL A 137 -1.30 6.30 3.52
CA VAL A 137 -0.12 6.31 2.67
C VAL A 137 1.15 6.53 3.48
N ARG A 138 1.09 7.49 4.40
CA ARG A 138 2.25 7.81 5.24
C ARG A 138 2.86 6.53 5.82
N PHE A 139 2.00 5.65 6.31
CA PHE A 139 2.46 4.39 6.89
C PHE A 139 2.91 3.42 5.80
N LEU A 140 2.22 3.44 4.67
CA LEU A 140 2.55 2.56 3.54
C LEU A 140 4.05 2.59 3.26
N SER A 141 4.62 1.41 3.03
CA SER A 141 6.05 1.30 2.74
C SER A 141 6.27 0.88 1.29
N PHE A 142 5.62 -0.20 0.88
CA PHE A 142 5.75 -0.71 -0.48
C PHE A 142 4.42 -1.29 -0.97
N MET A 143 4.25 -1.30 -2.29
CA MET A 143 3.04 -1.84 -2.89
C MET A 143 3.31 -2.37 -4.30
N GLY A 144 2.45 -3.27 -4.76
CA GLY A 144 2.61 -3.85 -6.08
C GLY A 144 1.42 -4.69 -6.50
N VAL A 145 1.65 -5.60 -7.45
CA VAL A 145 0.59 -6.47 -7.94
C VAL A 145 1.07 -7.92 -8.04
N GLY A 146 0.11 -8.84 -8.15
CA GLY A 146 0.45 -10.24 -8.25
C GLY A 146 0.64 -10.69 -9.69
N LYS A 147 0.97 -11.97 -9.87
CA LYS A 147 1.18 -12.52 -11.20
C LYS A 147 0.16 -11.96 -12.18
N ASP A 148 -1.04 -11.66 -11.70
CA ASP A 148 -2.09 -11.10 -12.53
C ASP A 148 -2.35 -9.64 -12.19
N VAL A 149 -2.17 -8.77 -13.17
CA VAL A 149 -2.38 -7.33 -12.97
C VAL A 149 -3.67 -7.08 -12.19
N HIS A 150 -4.66 -7.93 -12.39
CA HIS A 150 -5.94 -7.80 -11.71
C HIS A 150 -5.74 -7.74 -10.19
N THR A 151 -4.86 -8.59 -9.69
CA THR A 151 -4.58 -8.64 -8.26
C THR A 151 -3.77 -7.42 -7.82
N PHE A 152 -4.22 -6.75 -6.76
CA PHE A 152 -3.53 -5.57 -6.25
C PHE A 152 -3.44 -5.63 -4.73
N ALA A 153 -2.20 -5.65 -4.22
CA ALA A 153 -1.96 -5.70 -2.79
C ALA A 153 -1.00 -4.61 -2.35
N PHE A 154 -0.83 -4.45 -1.04
CA PHE A 154 0.07 -3.44 -0.49
C PHE A 154 0.52 -3.83 0.91
N ILE A 155 1.73 -3.41 1.27
CA ILE A 155 2.29 -3.70 2.58
C ILE A 155 2.36 -2.44 3.44
N MET A 156 1.64 -2.46 4.55
CA MET A 156 1.62 -1.31 5.47
C MET A 156 2.16 -1.70 6.84
N ASP A 157 2.43 -0.71 7.67
CA ASP A 157 2.96 -0.95 9.01
C ASP A 157 1.93 -0.57 10.07
N THR A 158 1.28 -1.58 10.64
CA THR A 158 0.27 -1.36 11.67
C THR A 158 0.90 -0.85 12.96
N GLY A 159 1.87 -1.59 13.47
CA GLY A 159 2.55 -1.20 14.70
C GLY A 159 3.41 -2.30 15.27
N ASN A 160 4.22 -1.97 16.27
CA ASN A 160 5.10 -2.94 16.91
C ASN A 160 6.04 -3.57 15.88
N GLN A 161 6.39 -2.81 14.85
CA GLN A 161 7.27 -3.30 13.80
C GLN A 161 6.64 -4.44 13.02
N ARG A 162 5.30 -4.40 12.94
CA ARG A 162 4.56 -5.43 12.22
C ARG A 162 4.32 -5.02 10.78
N PHE A 163 4.10 -6.00 9.90
CA PHE A 163 3.85 -5.73 8.50
C PHE A 163 2.73 -6.61 7.96
N GLU A 164 1.67 -5.98 7.46
CA GLU A 164 0.53 -6.70 6.91
C GLU A 164 0.45 -6.54 5.40
N CYS A 165 -0.21 -7.49 4.75
CA CYS A 165 -0.36 -7.45 3.29
C CYS A 165 -1.81 -7.72 2.89
N HIS A 166 -2.51 -6.67 2.49
CA HIS A 166 -3.89 -6.79 2.08
C HIS A 166 -4.01 -6.87 0.55
N VAL A 167 -4.76 -7.86 0.08
CA VAL A 167 -4.95 -8.05 -1.35
C VAL A 167 -6.32 -7.55 -1.80
N PHE A 168 -6.41 -7.15 -3.06
CA PHE A 168 -7.67 -6.65 -3.62
C PHE A 168 -7.72 -6.88 -5.12
N TRP A 169 -8.90 -7.28 -5.60
CA TRP A 169 -9.09 -7.54 -7.03
C TRP A 169 -9.60 -6.30 -7.74
N CYS A 170 -8.93 -5.92 -8.82
CA CYS A 170 -9.32 -4.75 -9.59
C CYS A 170 -10.10 -5.14 -10.84
N GLU A 171 -10.99 -4.27 -11.29
CA GLU A 171 -11.81 -4.54 -12.48
C GLU A 171 -11.93 -3.29 -13.33
N PRO A 172 -11.54 -3.42 -14.61
CA PRO A 172 -11.04 -4.67 -15.17
C PRO A 172 -9.67 -5.03 -14.63
N ASN A 173 -8.74 -4.08 -14.68
CA ASN A 173 -7.38 -4.30 -14.20
C ASN A 173 -7.05 -3.32 -13.08
N ALA A 174 -5.88 -3.51 -12.46
CA ALA A 174 -5.44 -2.64 -11.38
C ALA A 174 -4.63 -1.46 -11.91
N ALA A 175 -4.98 -1.02 -13.11
CA ALA A 175 -4.29 0.11 -13.74
C ALA A 175 -4.73 1.44 -13.12
N ASN A 176 -6.03 1.69 -13.12
CA ASN A 176 -6.58 2.92 -12.57
C ASN A 176 -6.53 2.88 -11.05
N VAL A 177 -6.63 1.69 -10.48
CA VAL A 177 -6.59 1.52 -9.03
C VAL A 177 -5.18 1.72 -8.48
N SER A 178 -4.21 1.06 -9.10
CA SER A 178 -2.83 1.17 -8.68
C SER A 178 -2.26 2.56 -8.99
N GLU A 179 -2.88 3.24 -9.93
CA GLU A 179 -2.45 4.58 -10.32
C GLU A 179 -3.00 5.63 -9.36
N ALA A 180 -4.29 5.54 -9.06
CA ALA A 180 -4.94 6.48 -8.16
C ALA A 180 -4.27 6.47 -6.79
N VAL A 181 -3.75 5.31 -6.40
CA VAL A 181 -3.07 5.17 -5.10
C VAL A 181 -1.66 5.71 -5.17
N GLN A 182 -0.98 5.47 -6.29
CA GLN A 182 0.39 5.94 -6.47
C GLN A 182 0.47 7.46 -6.39
N ALA A 183 -0.29 8.13 -7.24
CA ALA A 183 -0.32 9.59 -7.27
C ALA A 183 -0.37 10.16 -5.85
N ALA A 184 -1.05 9.44 -4.96
CA ALA A 184 -1.18 9.86 -3.57
C ALA A 184 0.19 9.99 -2.90
N CYS A 185 1.05 9.02 -3.16
CA CYS A 185 2.40 9.01 -2.58
C CYS A 185 3.07 10.38 -2.75
N GLY A 1 -9.81 -21.67 -13.08
CA GLY A 1 -8.55 -20.95 -13.03
C GLY A 1 -8.31 -20.13 -14.28
N SER A 2 -7.21 -19.38 -14.29
CA SER A 2 -6.87 -18.54 -15.43
C SER A 2 -6.64 -19.38 -16.67
N SER A 3 -6.78 -18.76 -17.84
CA SER A 3 -6.60 -19.46 -19.11
C SER A 3 -5.20 -19.22 -19.66
N GLY A 4 -4.86 -17.95 -19.85
CA GLY A 4 -3.54 -17.61 -20.38
C GLY A 4 -3.42 -17.86 -21.86
N SER A 5 -2.22 -18.18 -22.32
CA SER A 5 -1.98 -18.43 -23.73
C SER A 5 -2.78 -17.48 -24.60
N SER A 6 -2.70 -16.19 -24.30
CA SER A 6 -3.42 -15.17 -25.06
C SER A 6 -2.83 -13.78 -24.80
N GLY A 7 -2.82 -12.96 -25.84
CA GLY A 7 -2.30 -11.61 -25.71
C GLY A 7 -2.65 -10.74 -26.89
N ASP A 8 -1.63 -10.11 -27.49
CA ASP A 8 -1.84 -9.23 -28.63
C ASP A 8 -0.51 -8.78 -29.22
N ALA A 9 -0.55 -8.26 -30.45
CA ALA A 9 0.64 -7.79 -31.12
C ALA A 9 1.26 -6.61 -30.38
N ALA A 10 0.54 -5.50 -30.35
CA ALA A 10 1.01 -4.30 -29.68
C ALA A 10 0.46 -4.21 -28.26
N VAL A 11 1.31 -3.83 -27.31
CA VAL A 11 0.90 -3.70 -25.92
C VAL A 11 0.04 -2.47 -25.71
N THR A 12 -0.78 -2.50 -24.67
CA THR A 12 -1.67 -1.38 -24.36
C THR A 12 -0.95 -0.32 -23.55
N PRO A 13 -1.39 0.94 -23.71
CA PRO A 13 -0.80 2.09 -23.00
C PRO A 13 -1.10 2.05 -21.51
N GLU A 14 -1.99 1.16 -21.10
CA GLU A 14 -2.36 1.04 -19.70
C GLU A 14 -1.53 -0.05 -19.01
N GLU A 15 -1.28 -1.14 -19.72
CA GLU A 15 -0.51 -2.25 -19.18
C GLU A 15 0.92 -1.82 -18.90
N ARG A 16 1.53 -1.13 -19.86
CA ARG A 16 2.91 -0.66 -19.72
C ARG A 16 3.18 -0.21 -18.29
N HIS A 17 2.19 0.47 -17.69
CA HIS A 17 2.33 0.97 -16.33
C HIS A 17 2.31 -0.18 -15.33
N LEU A 18 1.42 -1.13 -15.55
CA LEU A 18 1.30 -2.29 -14.66
C LEU A 18 2.52 -3.19 -14.77
N SER A 19 2.79 -3.65 -15.99
CA SER A 19 3.94 -4.53 -16.23
C SER A 19 5.13 -4.12 -15.36
N LYS A 20 5.47 -2.84 -15.42
CA LYS A 20 6.59 -2.32 -14.63
C LYS A 20 6.48 -2.74 -13.17
N MET A 21 5.29 -2.59 -12.60
CA MET A 21 5.05 -2.96 -11.21
C MET A 21 5.47 -4.41 -10.96
N GLN A 22 5.31 -5.25 -11.98
CA GLN A 22 5.66 -6.66 -11.86
C GLN A 22 7.17 -6.85 -11.97
N GLN A 23 7.83 -5.93 -12.66
CA GLN A 23 9.27 -6.00 -12.84
C GLN A 23 10.00 -5.96 -11.49
N ASN A 24 9.92 -4.80 -10.83
CA ASN A 24 10.57 -4.63 -9.52
C ASN A 24 9.56 -4.15 -8.48
N GLY A 25 8.64 -3.28 -8.91
CA GLY A 25 7.64 -2.76 -7.99
C GLY A 25 7.78 -1.27 -7.77
N TYR A 26 7.06 -0.75 -6.79
CA TYR A 26 7.10 0.67 -6.46
C TYR A 26 7.14 0.89 -4.96
N GLU A 27 8.31 1.25 -4.44
CA GLU A 27 8.48 1.49 -3.01
C GLU A 27 7.98 2.89 -2.63
N ASN A 28 7.62 3.06 -1.37
CA ASN A 28 7.13 4.34 -0.88
C ASN A 28 8.28 5.17 -0.30
N PRO A 29 8.66 6.23 -1.02
CA PRO A 29 9.74 7.13 -0.60
C PRO A 29 9.36 7.97 0.61
N THR A 30 8.11 8.42 0.63
CA THR A 30 7.61 9.25 1.74
C THR A 30 7.87 8.57 3.08
N TYR A 31 7.89 7.24 3.07
CA TYR A 31 8.12 6.48 4.29
C TYR A 31 9.55 6.65 4.78
N LYS A 32 10.51 6.48 3.87
CA LYS A 32 11.92 6.62 4.20
C LYS A 32 12.28 8.08 4.49
N PHE A 33 11.77 8.97 3.64
CA PHE A 33 12.03 10.40 3.80
C PHE A 33 11.53 10.89 5.15
N PHE A 34 10.28 10.60 5.46
CA PHE A 34 9.68 11.01 6.72
C PHE A 34 10.48 10.49 7.90
N GLU A 35 10.85 9.21 7.85
CA GLU A 35 11.62 8.59 8.92
C GLU A 35 13.11 8.85 8.73
N GLN A 36 13.45 10.09 8.37
CA GLN A 36 14.85 10.46 8.16
C GLN A 36 15.65 10.31 9.45
N MET A 37 16.43 9.25 9.52
CA MET A 37 17.26 9.00 10.71
C MET A 37 18.74 9.05 10.36
N GLN A 38 19.09 8.50 9.19
CA GLN A 38 20.48 8.49 8.74
C GLN A 38 20.91 9.86 8.23
N ASN A 39 21.56 10.64 9.10
CA ASN A 39 22.00 11.98 8.73
C ASN A 39 23.50 12.14 8.99
N SER A 40 24.31 11.82 7.99
CA SER A 40 25.76 11.91 8.11
C SER A 40 26.37 12.40 6.80
N GLY A 41 27.41 13.23 6.91
CA GLY A 41 28.08 13.75 5.74
C GLY A 41 29.33 14.53 6.08
N PRO A 42 30.05 14.98 5.04
CA PRO A 42 31.29 15.76 5.21
C PRO A 42 31.02 17.15 5.76
N SER A 43 32.10 17.88 6.04
CA SER A 43 31.98 19.24 6.58
C SER A 43 31.12 19.26 7.83
N SER A 44 31.37 18.32 8.74
CA SER A 44 30.62 18.22 9.98
C SER A 44 31.23 19.10 11.06
N GLY A 45 30.50 19.29 12.15
CA GLY A 45 30.99 20.11 13.25
C GLY A 45 30.97 19.38 14.58
N ILE A 46 32.07 19.49 15.32
CA ILE A 46 32.18 18.83 16.62
C ILE A 46 32.69 19.80 17.68
N GLU A 47 31.97 20.92 17.85
CA GLU A 47 32.35 21.92 18.83
C GLU A 47 31.56 21.74 20.12
N GLY A 48 32.16 22.15 21.24
CA GLY A 48 31.50 22.02 22.52
C GLY A 48 32.48 21.78 23.65
N ARG A 49 32.15 22.27 24.85
CA ARG A 49 33.02 22.12 26.01
C ARG A 49 32.31 21.32 27.10
N GLY A 50 31.59 20.28 26.69
CA GLY A 50 30.87 19.45 27.65
C GLY A 50 29.71 20.18 28.29
N SER A 51 28.49 19.85 27.87
CA SER A 51 27.30 20.48 28.41
C SER A 51 26.24 19.44 28.75
N SER A 52 25.58 19.63 29.90
CA SER A 52 24.55 18.70 30.35
C SER A 52 23.35 19.45 30.90
N GLY A 53 22.15 18.97 30.58
CA GLY A 53 20.94 19.61 31.06
C GLY A 53 19.68 19.00 30.46
N SER A 54 18.61 19.77 30.43
CA SER A 54 17.34 19.30 29.89
C SER A 54 16.92 20.15 28.69
N SER A 55 16.22 19.52 27.76
CA SER A 55 15.75 20.21 26.56
C SER A 55 14.59 19.46 25.91
N GLY A 56 13.59 20.21 25.44
CA GLY A 56 12.43 19.61 24.81
C GLY A 56 12.06 20.29 23.51
N SER A 57 12.30 19.61 22.40
CA SER A 57 11.98 20.15 21.08
C SER A 57 10.50 20.00 20.77
N SER A 58 10.00 20.84 19.87
CA SER A 58 8.59 20.80 19.49
C SER A 58 8.45 20.40 18.02
N GLY A 59 7.30 19.82 17.68
CA GLY A 59 7.05 19.40 16.32
C GLY A 59 6.78 20.56 15.39
N SER A 60 7.16 20.39 14.12
CA SER A 60 6.95 21.44 13.13
C SER A 60 6.06 20.95 11.99
N SER A 61 5.33 21.88 11.38
CA SER A 61 4.42 21.55 10.29
C SER A 61 4.06 22.79 9.48
N GLY A 62 4.51 22.82 8.23
CA GLY A 62 4.23 23.95 7.37
C GLY A 62 2.77 24.05 7.01
N PRO A 63 2.42 25.06 6.19
CA PRO A 63 1.04 25.29 5.75
C PRO A 63 0.56 24.22 4.78
N THR A 64 -0.73 23.87 4.88
CA THR A 64 -1.32 22.86 4.01
C THR A 64 -2.69 23.28 3.52
N PRO A 65 -3.00 22.93 2.27
CA PRO A 65 -4.29 23.26 1.65
C PRO A 65 -5.45 22.49 2.26
N LYS A 66 -6.65 22.70 1.73
CA LYS A 66 -7.83 22.01 2.22
C LYS A 66 -8.37 21.04 1.18
N THR A 67 -7.97 19.78 1.29
CA THR A 67 -8.41 18.74 0.36
C THR A 67 -9.79 18.22 0.73
N GLU A 68 -10.70 18.22 -0.24
CA GLU A 68 -12.06 17.75 -0.01
C GLU A 68 -12.48 16.75 -1.08
N LEU A 69 -11.48 16.19 -1.77
CA LEU A 69 -11.74 15.21 -2.82
C LEU A 69 -11.57 13.78 -2.31
N VAL A 70 -12.07 12.82 -3.07
CA VAL A 70 -11.96 11.42 -2.69
C VAL A 70 -12.25 10.50 -3.87
N GLN A 71 -11.44 9.45 -4.02
CA GLN A 71 -11.61 8.51 -5.11
C GLN A 71 -12.19 7.19 -4.60
N LYS A 72 -13.36 6.82 -5.15
CA LYS A 72 -14.01 5.58 -4.75
C LYS A 72 -13.98 4.56 -5.88
N PHE A 73 -13.26 3.46 -5.66
CA PHE A 73 -13.13 2.41 -6.66
C PHE A 73 -13.87 1.15 -6.20
N ARG A 74 -14.13 0.26 -7.15
CA ARG A 74 -14.82 -0.99 -6.84
C ARG A 74 -13.87 -2.18 -6.91
N VAL A 75 -13.82 -2.95 -5.83
CA VAL A 75 -12.94 -4.11 -5.76
C VAL A 75 -13.40 -5.09 -4.68
N GLN A 76 -12.69 -6.20 -4.56
CA GLN A 76 -13.03 -7.21 -3.56
C GLN A 76 -11.94 -7.31 -2.50
N TYR A 77 -12.31 -7.83 -1.33
CA TYR A 77 -11.37 -7.97 -0.23
C TYR A 77 -11.13 -9.44 0.09
N LEU A 78 -9.94 -9.93 -0.25
CA LEU A 78 -9.58 -11.32 0.00
C LEU A 78 -9.31 -11.55 1.48
N GLY A 79 -8.76 -10.54 2.15
CA GLY A 79 -8.47 -10.64 3.57
C GLY A 79 -7.11 -10.07 3.92
N MET A 80 -6.63 -10.37 5.12
CA MET A 80 -5.34 -9.88 5.57
C MET A 80 -4.34 -11.02 5.71
N LEU A 81 -3.17 -10.86 5.10
CA LEU A 81 -2.13 -11.87 5.15
C LEU A 81 -0.83 -11.29 5.69
N PRO A 82 -0.33 -11.89 6.79
CA PRO A 82 0.91 -11.44 7.43
C PRO A 82 2.14 -11.76 6.58
N VAL A 83 3.01 -10.76 6.42
CA VAL A 83 4.23 -10.93 5.63
C VAL A 83 5.46 -10.93 6.53
N ASP A 84 6.53 -11.57 6.05
CA ASP A 84 7.77 -11.66 6.81
C ASP A 84 8.62 -10.40 6.58
N ARG A 85 8.51 -9.82 5.39
CA ARG A 85 9.27 -8.63 5.04
C ARG A 85 8.34 -7.49 4.64
N PRO A 86 8.72 -6.26 5.00
CA PRO A 86 7.94 -5.06 4.68
C PRO A 86 7.95 -4.74 3.19
N VAL A 87 8.89 -5.32 2.46
CA VAL A 87 9.00 -5.10 1.03
C VAL A 87 9.38 -6.39 0.30
N GLY A 88 9.43 -6.32 -1.02
CA GLY A 88 9.78 -7.48 -1.82
C GLY A 88 8.63 -7.99 -2.65
N MET A 89 8.89 -8.30 -3.91
CA MET A 89 7.86 -8.79 -4.81
C MET A 89 7.43 -10.20 -4.41
N ASP A 90 8.38 -11.13 -4.37
CA ASP A 90 8.10 -12.51 -4.00
C ASP A 90 7.19 -12.57 -2.79
N THR A 91 7.42 -11.67 -1.83
CA THR A 91 6.62 -11.62 -0.62
C THR A 91 5.18 -11.24 -0.92
N LEU A 92 5.01 -10.20 -1.73
CA LEU A 92 3.68 -9.73 -2.10
C LEU A 92 2.81 -10.88 -2.61
N ASN A 93 3.21 -11.45 -3.74
CA ASN A 93 2.47 -12.57 -4.33
C ASN A 93 2.27 -13.68 -3.31
N SER A 94 3.37 -14.16 -2.73
CA SER A 94 3.31 -15.23 -1.75
C SER A 94 2.06 -15.11 -0.88
N ALA A 95 1.76 -13.88 -0.46
CA ALA A 95 0.59 -13.63 0.37
C ALA A 95 -0.69 -13.75 -0.44
N ILE A 96 -0.75 -13.05 -1.58
CA ILE A 96 -1.91 -13.08 -2.45
C ILE A 96 -2.49 -14.49 -2.54
N GLU A 97 -1.65 -15.43 -2.95
CA GLU A 97 -2.08 -16.82 -3.09
C GLU A 97 -2.63 -17.36 -1.76
N ASN A 98 -1.83 -17.24 -0.70
CA ASN A 98 -2.24 -17.70 0.61
C ASN A 98 -3.73 -17.48 0.84
N LEU A 99 -4.22 -16.31 0.42
CA LEU A 99 -5.63 -15.98 0.57
C LEU A 99 -6.46 -16.60 -0.54
N MET A 100 -5.98 -16.48 -1.77
CA MET A 100 -6.68 -17.04 -2.92
C MET A 100 -7.23 -18.42 -2.61
N THR A 101 -6.42 -19.24 -1.93
CA THR A 101 -6.84 -20.59 -1.56
C THR A 101 -7.72 -20.58 -0.31
N SER A 102 -7.47 -19.62 0.58
CA SER A 102 -8.24 -19.51 1.81
C SER A 102 -9.72 -19.35 1.51
N SER A 103 -10.05 -18.37 0.65
CA SER A 103 -11.44 -18.11 0.29
C SER A 103 -11.59 -18.07 -1.23
N SER A 104 -12.82 -18.31 -1.69
CA SER A 104 -13.11 -18.30 -3.12
C SER A 104 -13.32 -16.87 -3.62
N LYS A 105 -13.26 -16.70 -4.94
CA LYS A 105 -13.46 -15.39 -5.55
C LYS A 105 -14.78 -14.77 -5.10
N GLU A 106 -15.84 -15.59 -5.11
CA GLU A 106 -17.16 -15.13 -4.71
C GLU A 106 -17.23 -14.90 -3.20
N ASP A 107 -16.46 -15.70 -2.46
CA ASP A 107 -16.43 -15.59 -1.01
C ASP A 107 -15.92 -14.22 -0.57
N TRP A 108 -15.21 -13.55 -1.46
CA TRP A 108 -14.67 -12.23 -1.18
C TRP A 108 -15.77 -11.17 -1.19
N PRO A 109 -15.95 -10.50 -0.04
CA PRO A 109 -16.96 -9.45 0.12
C PRO A 109 -16.63 -8.20 -0.68
N SER A 110 -17.53 -7.83 -1.59
CA SER A 110 -17.33 -6.64 -2.42
C SER A 110 -17.12 -5.40 -1.56
N VAL A 111 -15.95 -4.78 -1.68
CA VAL A 111 -15.64 -3.58 -0.92
C VAL A 111 -15.32 -2.41 -1.84
N ASN A 112 -15.05 -1.25 -1.25
CA ASN A 112 -14.74 -0.05 -2.02
C ASN A 112 -13.46 0.60 -1.50
N MET A 113 -12.65 1.11 -2.43
CA MET A 113 -11.39 1.76 -2.07
C MET A 113 -11.58 3.27 -1.97
N ASN A 114 -11.64 3.77 -0.74
CA ASN A 114 -11.81 5.21 -0.50
C ASN A 114 -10.46 5.90 -0.33
N VAL A 115 -9.95 6.47 -1.41
CA VAL A 115 -8.67 7.17 -1.38
C VAL A 115 -8.86 8.68 -1.24
N ALA A 116 -8.68 9.18 -0.02
CA ALA A 116 -8.83 10.60 0.24
C ALA A 116 -7.73 11.11 1.15
N ASP A 117 -7.24 12.31 0.87
CA ASP A 117 -6.17 12.91 1.68
C ASP A 117 -5.00 11.95 1.83
N ALA A 118 -4.67 11.26 0.74
CA ALA A 118 -3.56 10.30 0.76
C ALA A 118 -3.78 9.23 1.82
N THR A 119 -5.00 8.70 1.88
CA THR A 119 -5.34 7.66 2.84
C THR A 119 -6.24 6.60 2.22
N VAL A 120 -5.76 5.36 2.20
CA VAL A 120 -6.52 4.26 1.64
C VAL A 120 -7.43 3.63 2.68
N THR A 121 -8.74 3.81 2.51
CA THR A 121 -9.72 3.26 3.44
C THR A 121 -10.69 2.33 2.72
N VAL A 122 -10.63 1.04 3.05
CA VAL A 122 -11.52 0.06 2.44
C VAL A 122 -12.89 0.05 3.11
N ILE A 123 -13.82 0.81 2.53
CA ILE A 123 -15.17 0.89 3.07
C ILE A 123 -16.08 -0.15 2.43
N SER A 124 -16.93 -0.76 3.25
CA SER A 124 -17.86 -1.79 2.76
C SER A 124 -18.79 -1.21 1.70
N GLU A 125 -19.28 -2.07 0.82
CA GLU A 125 -20.18 -1.65 -0.25
C GLU A 125 -21.34 -0.84 0.32
N LYS A 126 -22.09 -1.44 1.24
CA LYS A 126 -23.23 -0.76 1.86
C LYS A 126 -22.79 0.05 3.07
N ASN A 127 -22.42 -0.64 4.14
CA ASN A 127 -21.98 0.02 5.36
C ASN A 127 -20.88 1.04 5.06
N GLU A 128 -21.17 2.30 5.36
CA GLU A 128 -20.21 3.38 5.12
C GLU A 128 -19.30 3.57 6.34
N GLU A 129 -19.78 3.16 7.50
CA GLU A 129 -19.01 3.28 8.73
C GLU A 129 -18.43 1.94 9.16
N GLU A 130 -17.99 1.16 8.18
CA GLU A 130 -17.41 -0.15 8.46
C GLU A 130 -15.89 -0.07 8.53
N VAL A 131 -15.30 0.71 7.64
CA VAL A 131 -13.85 0.86 7.60
C VAL A 131 -13.14 -0.47 7.79
N LEU A 132 -13.60 -1.49 7.06
CA LEU A 132 -13.01 -2.82 7.15
C LEU A 132 -11.50 -2.73 7.35
N VAL A 133 -10.87 -1.78 6.66
CA VAL A 133 -9.43 -1.59 6.77
C VAL A 133 -9.06 -0.12 6.63
N GLU A 134 -8.26 0.38 7.57
CA GLU A 134 -7.83 1.76 7.55
C GLU A 134 -6.32 1.87 7.32
N CYS A 135 -5.94 2.24 6.12
CA CYS A 135 -4.53 2.38 5.77
C CYS A 135 -4.20 3.81 5.36
N ARG A 136 -2.99 4.25 5.68
CA ARG A 136 -2.56 5.60 5.35
C ARG A 136 -1.33 5.57 4.44
N VAL A 137 -1.45 6.20 3.27
CA VAL A 137 -0.37 6.24 2.31
C VAL A 137 0.98 6.46 3.00
N ARG A 138 1.02 7.45 3.89
CA ARG A 138 2.25 7.76 4.61
C ARG A 138 2.83 6.50 5.26
N PHE A 139 1.94 5.67 5.82
CA PHE A 139 2.36 4.43 6.47
C PHE A 139 2.79 3.39 5.45
N LEU A 140 2.16 3.45 4.27
CA LEU A 140 2.48 2.50 3.20
C LEU A 140 3.98 2.46 2.93
N SER A 141 4.56 1.27 3.03
CA SER A 141 5.98 1.09 2.80
C SER A 141 6.26 0.71 1.34
N PHE A 142 5.58 -0.34 0.87
CA PHE A 142 5.75 -0.81 -0.49
C PHE A 142 4.47 -1.44 -1.01
N MET A 143 4.26 -1.37 -2.32
CA MET A 143 3.08 -1.94 -2.95
C MET A 143 3.39 -2.47 -4.34
N GLY A 144 2.55 -3.36 -4.85
CA GLY A 144 2.75 -3.92 -6.16
C GLY A 144 1.61 -4.80 -6.61
N VAL A 145 1.81 -5.55 -7.69
CA VAL A 145 0.79 -6.44 -8.21
C VAL A 145 1.28 -7.88 -8.27
N GLY A 146 0.34 -8.82 -8.13
CA GLY A 146 0.70 -10.22 -8.17
C GLY A 146 0.91 -10.74 -9.58
N LYS A 147 0.98 -12.06 -9.73
CA LYS A 147 1.18 -12.68 -11.03
C LYS A 147 0.21 -12.10 -12.05
N ASP A 148 -0.99 -11.74 -11.60
CA ASP A 148 -2.01 -11.18 -12.47
C ASP A 148 -2.36 -9.76 -12.06
N VAL A 149 -2.00 -8.80 -12.92
CA VAL A 149 -2.27 -7.39 -12.64
C VAL A 149 -3.60 -7.21 -11.91
N HIS A 150 -4.60 -7.99 -12.33
CA HIS A 150 -5.93 -7.92 -11.71
C HIS A 150 -5.80 -7.79 -10.19
N THR A 151 -4.98 -8.64 -9.59
CA THR A 151 -4.78 -8.63 -8.15
C THR A 151 -3.90 -7.46 -7.72
N PHE A 152 -4.39 -6.67 -6.78
CA PHE A 152 -3.64 -5.51 -6.29
C PHE A 152 -3.49 -5.56 -4.78
N ALA A 153 -2.25 -5.61 -4.30
CA ALA A 153 -1.97 -5.66 -2.88
C ALA A 153 -0.95 -4.59 -2.48
N PHE A 154 -0.89 -4.30 -1.18
CA PHE A 154 0.04 -3.29 -0.67
C PHE A 154 0.43 -3.62 0.78
N ILE A 155 1.70 -3.35 1.11
CA ILE A 155 2.19 -3.60 2.45
C ILE A 155 2.17 -2.32 3.29
N MET A 156 1.65 -2.43 4.51
CA MET A 156 1.58 -1.28 5.41
C MET A 156 2.02 -1.68 6.81
N ASP A 157 2.21 -0.68 7.68
CA ASP A 157 2.63 -0.91 9.05
C ASP A 157 1.52 -0.55 10.03
N THR A 158 1.26 -1.44 10.98
CA THR A 158 0.23 -1.22 11.98
C THR A 158 0.84 -0.96 13.36
N GLY A 159 2.17 -1.02 13.44
CA GLY A 159 2.84 -0.80 14.70
C GLY A 159 3.60 -2.02 15.17
N ASN A 160 4.38 -1.85 16.24
CA ASN A 160 5.15 -2.95 16.79
C ASN A 160 6.04 -3.59 15.71
N GLN A 161 6.51 -2.78 14.77
CA GLN A 161 7.35 -3.26 13.69
C GLN A 161 6.65 -4.37 12.90
N ARG A 162 5.34 -4.25 12.78
CA ARG A 162 4.56 -5.24 12.04
C ARG A 162 4.19 -4.74 10.66
N PHE A 163 4.12 -5.64 9.69
CA PHE A 163 3.79 -5.28 8.32
C PHE A 163 2.69 -6.19 7.78
N GLU A 164 1.58 -5.60 7.35
CA GLU A 164 0.46 -6.36 6.82
C GLU A 164 0.30 -6.11 5.32
N CYS A 165 -0.18 -7.11 4.60
CA CYS A 165 -0.37 -7.00 3.16
C CYS A 165 -1.83 -7.28 2.79
N HIS A 166 -2.56 -6.22 2.45
CA HIS A 166 -3.97 -6.36 2.08
C HIS A 166 -4.12 -6.51 0.57
N VAL A 167 -4.80 -7.57 0.15
CA VAL A 167 -5.02 -7.83 -1.27
C VAL A 167 -6.43 -7.46 -1.68
N PHE A 168 -6.60 -7.13 -2.96
CA PHE A 168 -7.91 -6.76 -3.50
C PHE A 168 -7.99 -7.07 -4.99
N TRP A 169 -9.17 -7.47 -5.44
CA TRP A 169 -9.38 -7.80 -6.84
C TRP A 169 -9.98 -6.61 -7.59
N CYS A 170 -9.34 -6.22 -8.69
CA CYS A 170 -9.80 -5.10 -9.50
C CYS A 170 -10.23 -5.56 -10.88
N GLU A 171 -11.16 -4.82 -11.48
CA GLU A 171 -11.67 -5.17 -12.81
C GLU A 171 -11.93 -3.90 -13.63
N PRO A 172 -11.57 -3.95 -14.91
CA PRO A 172 -10.95 -5.13 -15.52
C PRO A 172 -9.54 -5.37 -15.02
N ASN A 173 -8.73 -4.32 -15.00
CA ASN A 173 -7.35 -4.41 -14.54
C ASN A 173 -7.08 -3.42 -13.42
N ALA A 174 -6.06 -3.70 -12.62
CA ALA A 174 -5.69 -2.84 -11.50
C ALA A 174 -4.83 -1.67 -11.98
N ALA A 175 -5.19 -1.09 -13.12
CA ALA A 175 -4.44 0.02 -13.68
C ALA A 175 -4.95 1.35 -13.12
N ASN A 176 -6.27 1.49 -13.02
CA ASN A 176 -6.87 2.71 -12.50
C ASN A 176 -6.72 2.79 -10.99
N VAL A 177 -6.59 1.63 -10.35
CA VAL A 177 -6.45 1.57 -8.90
C VAL A 177 -4.99 1.77 -8.50
N SER A 178 -4.08 1.10 -9.19
CA SER A 178 -2.66 1.21 -8.91
C SER A 178 -2.15 2.61 -9.19
N GLU A 179 -2.67 3.23 -10.25
CA GLU A 179 -2.27 4.57 -10.64
C GLU A 179 -2.85 5.61 -9.68
N ALA A 180 -4.06 5.35 -9.20
CA ALA A 180 -4.72 6.26 -8.27
C ALA A 180 -4.01 6.29 -6.92
N VAL A 181 -3.72 5.10 -6.39
CA VAL A 181 -3.05 4.98 -5.10
C VAL A 181 -1.62 5.51 -5.18
N GLN A 182 -0.94 5.21 -6.29
CA GLN A 182 0.43 5.65 -6.49
C GLN A 182 0.50 7.17 -6.62
N ALA A 183 -0.52 7.75 -7.25
CA ALA A 183 -0.59 9.19 -7.44
C ALA A 183 -0.60 9.92 -6.09
N ALA A 184 -1.31 9.35 -5.12
CA ALA A 184 -1.40 9.94 -3.79
C ALA A 184 -0.04 9.98 -3.12
N CYS A 185 0.78 8.97 -3.38
CA CYS A 185 2.11 8.89 -2.79
C CYS A 185 2.95 10.11 -3.17
N GLY A 1 11.17 -12.94 -15.21
CA GLY A 1 9.84 -12.38 -15.07
C GLY A 1 9.02 -13.08 -14.02
N SER A 2 8.92 -14.40 -14.13
CA SER A 2 8.15 -15.19 -13.19
C SER A 2 6.73 -14.64 -13.03
N SER A 3 6.10 -14.33 -14.16
CA SER A 3 4.75 -13.78 -14.16
C SER A 3 4.02 -14.15 -15.44
N GLY A 4 2.69 -14.07 -15.41
CA GLY A 4 1.89 -14.39 -16.58
C GLY A 4 1.65 -13.20 -17.47
N SER A 5 0.64 -12.40 -17.14
CA SER A 5 0.30 -11.22 -17.93
C SER A 5 0.24 -11.56 -19.42
N SER A 6 -0.36 -12.70 -19.73
CA SER A 6 -0.48 -13.15 -21.12
C SER A 6 -1.23 -12.12 -21.95
N GLY A 7 -2.40 -11.72 -21.47
CA GLY A 7 -3.21 -10.74 -22.18
C GLY A 7 -3.66 -11.24 -23.54
N ASP A 8 -3.58 -10.38 -24.54
CA ASP A 8 -3.99 -10.74 -25.90
C ASP A 8 -2.88 -10.43 -26.90
N ALA A 9 -3.14 -10.73 -28.17
CA ALA A 9 -2.17 -10.49 -29.23
C ALA A 9 -1.47 -9.14 -29.02
N ALA A 10 -2.23 -8.07 -29.21
CA ALA A 10 -1.68 -6.72 -29.05
C ALA A 10 -1.81 -6.25 -27.61
N VAL A 11 -0.69 -5.80 -27.04
CA VAL A 11 -0.67 -5.32 -25.66
C VAL A 11 -1.48 -4.03 -25.52
N THR A 12 -1.95 -3.76 -24.30
CA THR A 12 -2.74 -2.58 -24.04
C THR A 12 -1.87 -1.45 -23.51
N PRO A 13 -2.30 -0.20 -23.76
CA PRO A 13 -1.57 1.00 -23.32
C PRO A 13 -1.61 1.18 -21.81
N GLU A 14 -2.49 0.43 -21.15
CA GLU A 14 -2.63 0.51 -19.71
C GLU A 14 -1.72 -0.50 -19.01
N GLU A 15 -1.59 -1.68 -19.62
CA GLU A 15 -0.75 -2.73 -19.07
C GLU A 15 0.72 -2.30 -19.02
N ARG A 16 1.16 -1.62 -20.06
CA ARG A 16 2.53 -1.15 -20.14
C ARG A 16 3.01 -0.60 -18.79
N HIS A 17 2.08 -0.02 -18.05
CA HIS A 17 2.39 0.54 -16.74
C HIS A 17 2.35 -0.54 -15.66
N LEU A 18 1.42 -1.47 -15.80
CA LEU A 18 1.28 -2.56 -14.84
C LEU A 18 2.49 -3.49 -14.89
N SER A 19 3.00 -3.72 -16.09
CA SER A 19 4.15 -4.60 -16.29
C SER A 19 5.28 -4.23 -15.32
N LYS A 20 5.52 -2.93 -15.19
CA LYS A 20 6.58 -2.44 -14.30
C LYS A 20 6.29 -2.84 -12.85
N MET A 21 5.08 -2.54 -12.38
CA MET A 21 4.69 -2.89 -11.02
C MET A 21 5.09 -4.32 -10.68
N GLN A 22 5.28 -5.13 -11.71
CA GLN A 22 5.65 -6.53 -11.52
C GLN A 22 7.17 -6.70 -11.61
N GLN A 23 7.79 -5.93 -12.50
CA GLN A 23 9.24 -6.00 -12.68
C GLN A 23 9.97 -5.84 -11.35
N ASN A 24 9.84 -4.65 -10.76
CA ASN A 24 10.49 -4.38 -9.48
C ASN A 24 9.47 -3.97 -8.42
N GLY A 25 8.48 -3.17 -8.83
CA GLY A 25 7.45 -2.74 -7.91
C GLY A 25 7.45 -1.24 -7.70
N TYR A 26 6.79 -0.78 -6.64
CA TYR A 26 6.72 0.64 -6.34
C TYR A 26 6.75 0.88 -4.83
N GLU A 27 7.82 1.49 -4.36
CA GLU A 27 7.98 1.77 -2.94
C GLU A 27 7.59 3.21 -2.63
N ASN A 28 7.29 3.49 -1.37
CA ASN A 28 6.90 4.82 -0.95
C ASN A 28 8.12 5.68 -0.66
N PRO A 29 8.27 6.77 -1.42
CA PRO A 29 9.40 7.69 -1.27
C PRO A 29 9.32 8.51 0.02
N THR A 30 8.16 9.11 0.25
CA THR A 30 7.95 9.92 1.45
C THR A 30 8.40 9.17 2.70
N TYR A 31 8.02 7.90 2.80
CA TYR A 31 8.39 7.08 3.94
C TYR A 31 9.90 7.00 4.10
N LYS A 32 10.57 6.50 3.06
CA LYS A 32 12.03 6.37 3.07
C LYS A 32 12.68 7.70 3.41
N PHE A 33 12.34 8.74 2.65
CA PHE A 33 12.90 10.07 2.86
C PHE A 33 12.95 10.40 4.35
N PHE A 34 14.08 10.97 4.78
CA PHE A 34 14.26 11.34 6.18
C PHE A 34 13.54 10.36 7.10
N GLU A 35 13.77 9.07 6.87
CA GLU A 35 13.13 8.03 7.68
C GLU A 35 13.71 8.01 9.10
N GLN A 36 15.02 8.22 9.20
CA GLN A 36 15.69 8.23 10.50
C GLN A 36 15.15 9.35 11.38
N MET A 37 14.90 9.03 12.64
CA MET A 37 14.39 10.01 13.59
C MET A 37 15.16 9.95 14.91
N GLN A 38 15.65 11.11 15.34
CA GLN A 38 16.42 11.19 16.58
C GLN A 38 15.67 10.51 17.73
N ASN A 39 14.41 10.88 17.90
CA ASN A 39 13.58 10.30 18.96
C ASN A 39 13.72 8.78 18.98
N SER A 40 13.45 8.19 20.14
CA SER A 40 13.55 6.74 20.30
C SER A 40 14.94 6.25 19.95
N GLY A 41 15.95 6.91 20.50
CA GLY A 41 17.32 6.52 20.22
C GLY A 41 18.31 7.13 21.22
N PRO A 42 18.54 6.41 22.33
CA PRO A 42 19.46 6.86 23.38
C PRO A 42 20.91 6.83 22.92
N SER A 43 21.73 7.71 23.50
CA SER A 43 23.14 7.79 23.16
C SER A 43 23.96 6.84 24.03
N SER A 44 23.27 6.02 24.82
CA SER A 44 23.94 5.07 25.70
C SER A 44 23.28 3.70 25.62
N GLY A 45 23.91 2.79 24.90
CA GLY A 45 23.38 1.44 24.76
C GLY A 45 24.44 0.37 24.88
N ILE A 46 24.68 -0.07 26.11
CA ILE A 46 25.69 -1.11 26.36
C ILE A 46 25.14 -2.19 27.29
N GLU A 47 25.13 -3.43 26.80
CA GLU A 47 24.64 -4.55 27.58
C GLU A 47 23.44 -4.14 28.44
N GLY A 48 22.62 -3.25 27.89
CA GLY A 48 21.45 -2.78 28.62
C GLY A 48 20.17 -3.40 28.10
N ARG A 49 19.07 -3.18 28.83
CA ARG A 49 17.78 -3.73 28.44
C ARG A 49 16.72 -2.63 28.38
N GLY A 50 15.87 -2.68 27.37
CA GLY A 50 14.83 -1.68 27.21
C GLY A 50 13.44 -2.29 27.26
N SER A 51 12.48 -1.62 26.60
CA SER A 51 11.11 -2.10 26.58
C SER A 51 10.65 -2.56 27.95
N SER A 52 10.98 -1.77 28.97
CA SER A 52 10.62 -2.11 30.35
C SER A 52 9.42 -1.30 30.80
N GLY A 53 8.24 -1.92 30.75
CA GLY A 53 7.02 -1.25 31.15
C GLY A 53 6.44 -0.39 30.05
N SER A 54 7.29 0.37 29.38
CA SER A 54 6.85 1.24 28.30
C SER A 54 7.19 0.64 26.94
N SER A 55 6.40 0.99 25.93
CA SER A 55 6.61 0.47 24.58
C SER A 55 6.96 1.61 23.62
N GLY A 56 6.19 2.68 23.67
CA GLY A 56 6.43 3.82 22.80
C GLY A 56 5.43 3.92 21.67
N SER A 57 4.90 5.11 21.44
CA SER A 57 3.91 5.32 20.39
C SER A 57 3.75 6.82 20.10
N SER A 58 3.56 7.15 18.82
CA SER A 58 3.40 8.53 18.40
C SER A 58 2.19 9.17 19.08
N GLY A 59 1.09 8.43 19.14
CA GLY A 59 -0.12 8.93 19.76
C GLY A 59 -0.35 10.40 19.48
N SER A 60 -0.32 10.76 18.20
CA SER A 60 -0.52 12.15 17.79
C SER A 60 -1.28 12.21 16.46
N SER A 61 -2.47 12.81 16.50
CA SER A 61 -3.28 12.93 15.29
C SER A 61 -2.62 13.86 14.28
N GLY A 62 -2.30 15.07 14.70
CA GLY A 62 -1.67 16.03 13.82
C GLY A 62 -2.65 16.71 12.90
N PRO A 63 -2.30 17.91 12.43
CA PRO A 63 -3.14 18.69 11.52
C PRO A 63 -3.23 18.07 10.13
N THR A 64 -4.04 18.68 9.27
CA THR A 64 -4.21 18.18 7.90
C THR A 64 -4.63 19.30 6.96
N PRO A 65 -4.11 19.27 5.73
CA PRO A 65 -4.42 20.27 4.71
C PRO A 65 -5.85 20.16 4.21
N LYS A 66 -6.42 21.30 3.80
CA LYS A 66 -7.79 21.33 3.29
C LYS A 66 -8.00 20.26 2.22
N THR A 67 -9.11 19.53 2.33
CA THR A 67 -9.42 18.48 1.38
C THR A 67 -10.92 18.20 1.35
N GLU A 68 -11.52 18.30 0.17
CA GLU A 68 -12.95 18.05 0.02
C GLU A 68 -13.21 17.10 -1.16
N LEU A 69 -12.20 16.32 -1.51
CA LEU A 69 -12.32 15.37 -2.61
C LEU A 69 -12.04 13.94 -2.13
N VAL A 70 -12.43 12.96 -2.94
CA VAL A 70 -12.22 11.56 -2.61
C VAL A 70 -12.50 10.66 -3.80
N GLN A 71 -11.81 9.52 -3.85
CA GLN A 71 -11.99 8.57 -4.93
C GLN A 71 -12.49 7.22 -4.41
N LYS A 72 -13.57 6.72 -5.01
CA LYS A 72 -14.14 5.45 -4.61
C LYS A 72 -14.10 4.45 -5.76
N PHE A 73 -13.29 3.40 -5.60
CA PHE A 73 -13.17 2.38 -6.63
C PHE A 73 -13.86 1.10 -6.21
N ARG A 74 -14.14 0.23 -7.16
CA ARG A 74 -14.80 -1.04 -6.89
C ARG A 74 -13.80 -2.19 -6.84
N VAL A 75 -13.61 -2.76 -5.65
CA VAL A 75 -12.68 -3.87 -5.47
C VAL A 75 -13.15 -4.80 -4.36
N GLN A 76 -12.57 -6.00 -4.32
CA GLN A 76 -12.93 -6.99 -3.31
C GLN A 76 -11.82 -7.13 -2.27
N TYR A 77 -12.15 -7.74 -1.14
CA TYR A 77 -11.18 -7.94 -0.06
C TYR A 77 -10.94 -9.41 0.20
N LEU A 78 -9.76 -9.89 -0.18
CA LEU A 78 -9.40 -11.30 0.01
C LEU A 78 -9.26 -11.63 1.49
N GLY A 79 -8.47 -10.83 2.20
CA GLY A 79 -8.27 -11.05 3.61
C GLY A 79 -6.97 -10.46 4.12
N MET A 80 -6.66 -10.69 5.39
CA MET A 80 -5.44 -10.17 5.98
C MET A 80 -4.37 -11.26 6.07
N LEU A 81 -3.39 -11.18 5.20
CA LEU A 81 -2.30 -12.17 5.18
C LEU A 81 -0.98 -11.53 5.57
N PRO A 82 -0.38 -12.03 6.67
CA PRO A 82 0.90 -11.53 7.17
C PRO A 82 2.07 -11.88 6.25
N VAL A 83 3.03 -10.97 6.15
CA VAL A 83 4.21 -11.19 5.32
C VAL A 83 5.48 -11.30 6.16
N ASP A 84 6.54 -11.79 5.53
CA ASP A 84 7.82 -11.95 6.22
C ASP A 84 8.71 -10.74 6.00
N ARG A 85 8.51 -10.06 4.88
CA ARG A 85 9.29 -8.88 4.54
C ARG A 85 8.39 -7.68 4.27
N PRO A 86 8.87 -6.48 4.66
CA PRO A 86 8.12 -5.23 4.46
C PRO A 86 8.02 -4.84 2.99
N VAL A 87 8.91 -5.40 2.17
CA VAL A 87 8.93 -5.10 0.75
C VAL A 87 9.34 -6.32 -0.06
N GLY A 88 9.33 -6.19 -1.38
CA GLY A 88 9.70 -7.29 -2.25
C GLY A 88 8.51 -7.92 -2.94
N MET A 89 8.72 -8.39 -4.16
CA MET A 89 7.64 -9.01 -4.93
C MET A 89 7.42 -10.45 -4.46
N ASP A 90 8.49 -11.24 -4.46
CA ASP A 90 8.39 -12.64 -4.03
C ASP A 90 7.71 -12.75 -2.67
N THR A 91 7.71 -11.65 -1.93
CA THR A 91 7.09 -11.63 -0.61
C THR A 91 5.62 -11.26 -0.69
N LEU A 92 5.33 -10.20 -1.43
CA LEU A 92 3.95 -9.73 -1.59
C LEU A 92 3.10 -10.79 -2.27
N ASN A 93 3.53 -11.22 -3.46
CA ASN A 93 2.81 -12.24 -4.22
C ASN A 93 2.45 -13.42 -3.33
N SER A 94 3.45 -13.97 -2.65
CA SER A 94 3.23 -15.11 -1.76
C SER A 94 1.90 -14.98 -1.02
N ALA A 95 1.62 -13.79 -0.54
CA ALA A 95 0.39 -13.53 0.20
C ALA A 95 -0.83 -13.77 -0.69
N ILE A 96 -0.91 -13.04 -1.79
CA ILE A 96 -2.02 -13.17 -2.73
C ILE A 96 -2.49 -14.62 -2.82
N GLU A 97 -1.60 -15.49 -3.28
CA GLU A 97 -1.93 -16.91 -3.42
C GLU A 97 -2.45 -17.47 -2.10
N ASN A 98 -1.74 -17.20 -1.01
CA ASN A 98 -2.15 -17.68 0.31
C ASN A 98 -3.65 -17.53 0.51
N LEU A 99 -4.13 -16.29 0.43
CA LEU A 99 -5.55 -16.01 0.61
C LEU A 99 -6.37 -16.63 -0.52
N MET A 100 -5.88 -16.50 -1.75
CA MET A 100 -6.56 -17.05 -2.90
C MET A 100 -7.01 -18.48 -2.63
N THR A 101 -6.14 -19.28 -2.04
CA THR A 101 -6.43 -20.67 -1.73
C THR A 101 -7.26 -20.78 -0.45
N SER A 102 -7.19 -19.75 0.38
CA SER A 102 -7.92 -19.73 1.64
C SER A 102 -9.41 -19.52 1.39
N SER A 103 -9.74 -18.66 0.44
CA SER A 103 -11.13 -18.37 0.11
C SER A 103 -11.35 -18.41 -1.40
N SER A 104 -12.59 -18.17 -1.82
CA SER A 104 -12.93 -18.18 -3.23
C SER A 104 -13.11 -16.76 -3.76
N LYS A 105 -13.08 -16.61 -5.08
CA LYS A 105 -13.24 -15.30 -5.71
C LYS A 105 -14.53 -14.64 -5.26
N GLU A 106 -15.60 -15.42 -5.19
CA GLU A 106 -16.90 -14.91 -4.77
C GLU A 106 -16.93 -14.65 -3.27
N ASP A 107 -16.25 -15.51 -2.51
CA ASP A 107 -16.20 -15.38 -1.06
C ASP A 107 -15.81 -13.96 -0.66
N TRP A 108 -14.93 -13.35 -1.44
CA TRP A 108 -14.48 -11.98 -1.17
C TRP A 108 -15.65 -11.00 -1.23
N PRO A 109 -15.90 -10.32 -0.10
CA PRO A 109 -16.98 -9.33 -0.01
C PRO A 109 -16.72 -8.08 -0.84
N SER A 110 -17.73 -7.63 -1.58
CA SER A 110 -17.59 -6.45 -2.42
C SER A 110 -17.29 -5.22 -1.57
N VAL A 111 -16.10 -4.65 -1.75
CA VAL A 111 -15.69 -3.47 -1.01
C VAL A 111 -15.35 -2.31 -1.95
N ASN A 112 -15.04 -1.16 -1.38
CA ASN A 112 -14.70 0.01 -2.17
C ASN A 112 -13.44 0.69 -1.61
N MET A 113 -12.59 1.17 -2.51
CA MET A 113 -11.36 1.84 -2.12
C MET A 113 -11.57 3.34 -2.00
N ASN A 114 -11.64 3.83 -0.76
CA ASN A 114 -11.84 5.25 -0.50
C ASN A 114 -10.51 5.97 -0.35
N VAL A 115 -10.03 6.58 -1.42
CA VAL A 115 -8.76 7.30 -1.40
C VAL A 115 -9.00 8.81 -1.27
N ALA A 116 -8.58 9.37 -0.14
CA ALA A 116 -8.75 10.79 0.10
C ALA A 116 -7.65 11.33 1.01
N ASP A 117 -6.91 12.33 0.54
CA ASP A 117 -5.83 12.91 1.32
C ASP A 117 -4.73 11.89 1.61
N ALA A 118 -4.34 11.16 0.58
CA ALA A 118 -3.30 10.14 0.72
C ALA A 118 -3.68 9.11 1.78
N THR A 119 -4.95 8.74 1.81
CA THR A 119 -5.45 7.77 2.78
C THR A 119 -6.28 6.68 2.11
N VAL A 120 -5.82 5.44 2.21
CA VAL A 120 -6.52 4.31 1.62
C VAL A 120 -7.45 3.64 2.62
N THR A 121 -8.73 3.97 2.53
CA THR A 121 -9.74 3.41 3.43
C THR A 121 -10.71 2.52 2.68
N VAL A 122 -10.69 1.22 2.98
CA VAL A 122 -11.57 0.26 2.34
C VAL A 122 -12.95 0.27 2.99
N ILE A 123 -13.93 0.88 2.31
CA ILE A 123 -15.29 0.94 2.82
C ILE A 123 -16.18 -0.11 2.16
N SER A 124 -16.99 -0.79 2.97
CA SER A 124 -17.89 -1.82 2.46
C SER A 124 -18.75 -1.27 1.32
N GLU A 125 -19.25 -2.17 0.49
CA GLU A 125 -20.09 -1.78 -0.64
C GLU A 125 -21.34 -1.06 -0.16
N LYS A 126 -21.94 -1.57 0.91
CA LYS A 126 -23.14 -0.97 1.47
C LYS A 126 -22.81 -0.06 2.64
N ASN A 127 -22.36 -0.66 3.74
CA ASN A 127 -22.00 0.09 4.93
C ASN A 127 -20.94 1.13 4.63
N GLU A 128 -21.23 2.39 4.96
CA GLU A 128 -20.29 3.48 4.71
C GLU A 128 -19.41 3.73 5.93
N GLU A 129 -19.92 3.38 7.10
CA GLU A 129 -19.17 3.56 8.34
C GLU A 129 -18.58 2.24 8.81
N GLU A 130 -18.33 1.33 7.88
CA GLU A 130 -17.76 0.04 8.20
C GLU A 130 -16.24 0.10 8.26
N VAL A 131 -15.66 1.00 7.46
CA VAL A 131 -14.21 1.17 7.42
C VAL A 131 -13.49 -0.16 7.65
N LEU A 132 -13.91 -1.18 6.90
CA LEU A 132 -13.31 -2.51 7.03
C LEU A 132 -11.81 -2.40 7.29
N VAL A 133 -11.16 -1.48 6.60
CA VAL A 133 -9.72 -1.28 6.76
C VAL A 133 -9.35 0.20 6.60
N GLU A 134 -8.43 0.66 7.43
CA GLU A 134 -7.99 2.05 7.39
C GLU A 134 -6.48 2.14 7.18
N CYS A 135 -6.07 2.46 5.95
CA CYS A 135 -4.66 2.57 5.62
C CYS A 135 -4.32 3.99 5.18
N ARG A 136 -3.07 4.40 5.42
CA ARG A 136 -2.62 5.73 5.06
C ARG A 136 -1.32 5.66 4.26
N VAL A 137 -1.34 6.19 3.05
CA VAL A 137 -0.17 6.20 2.18
C VAL A 137 1.11 6.38 2.99
N ARG A 138 1.14 7.44 3.80
CA ARG A 138 2.31 7.72 4.63
C ARG A 138 2.90 6.44 5.20
N PHE A 139 2.03 5.57 5.71
CA PHE A 139 2.47 4.30 6.30
C PHE A 139 2.90 3.33 5.21
N LEU A 140 2.14 3.29 4.11
CA LEU A 140 2.43 2.40 3.00
C LEU A 140 3.93 2.34 2.74
N SER A 141 4.53 1.18 2.97
CA SER A 141 5.96 0.99 2.77
C SER A 141 6.24 0.52 1.34
N PHE A 142 5.50 -0.48 0.90
CA PHE A 142 5.67 -1.02 -0.45
C PHE A 142 4.35 -1.55 -1.00
N MET A 143 4.18 -1.43 -2.31
CA MET A 143 2.96 -1.89 -2.96
C MET A 143 3.26 -2.44 -4.35
N GLY A 144 2.50 -3.46 -4.76
CA GLY A 144 2.70 -4.06 -6.06
C GLY A 144 1.55 -4.95 -6.48
N VAL A 145 1.65 -5.54 -7.66
CA VAL A 145 0.61 -6.42 -8.17
C VAL A 145 1.12 -7.86 -8.33
N GLY A 146 0.23 -8.82 -8.18
CA GLY A 146 0.61 -10.22 -8.31
C GLY A 146 0.65 -10.67 -9.76
N LYS A 147 0.96 -11.95 -9.97
CA LYS A 147 1.03 -12.52 -11.30
C LYS A 147 -0.04 -11.90 -12.21
N ASP A 148 -1.26 -11.82 -11.71
CA ASP A 148 -2.36 -11.24 -12.47
C ASP A 148 -2.70 -9.84 -11.96
N VAL A 149 -2.46 -8.84 -12.81
CA VAL A 149 -2.73 -7.46 -12.45
C VAL A 149 -4.02 -7.34 -11.66
N HIS A 150 -5.05 -8.05 -12.11
CA HIS A 150 -6.35 -8.03 -11.44
C HIS A 150 -6.18 -7.92 -9.93
N THR A 151 -5.23 -8.68 -9.39
CA THR A 151 -4.96 -8.66 -7.95
C THR A 151 -4.07 -7.49 -7.57
N PHE A 152 -4.46 -6.78 -6.51
CA PHE A 152 -3.70 -5.64 -6.04
C PHE A 152 -3.52 -5.68 -4.53
N ALA A 153 -2.27 -5.84 -4.09
CA ALA A 153 -1.97 -5.90 -2.66
C ALA A 153 -0.89 -4.89 -2.29
N PHE A 154 -0.86 -4.51 -1.02
CA PHE A 154 0.13 -3.56 -0.53
C PHE A 154 0.53 -3.86 0.91
N ILE A 155 1.79 -3.61 1.24
CA ILE A 155 2.30 -3.86 2.58
C ILE A 155 2.36 -2.58 3.39
N MET A 156 1.67 -2.57 4.52
CA MET A 156 1.63 -1.40 5.40
C MET A 156 2.15 -1.75 6.79
N ASP A 157 2.45 -0.73 7.58
CA ASP A 157 2.96 -0.92 8.94
C ASP A 157 1.88 -0.63 9.97
N THR A 158 1.55 -1.64 10.78
CA THR A 158 0.52 -1.48 11.81
C THR A 158 1.15 -1.15 13.15
N GLY A 159 2.45 -1.42 13.29
CA GLY A 159 3.14 -1.14 14.53
C GLY A 159 3.98 -2.31 14.99
N ASN A 160 4.81 -2.08 16.00
CA ASN A 160 5.68 -3.12 16.54
C ASN A 160 6.51 -3.75 15.43
N GLN A 161 6.88 -2.95 14.44
CA GLN A 161 7.67 -3.44 13.31
C GLN A 161 6.96 -4.57 12.58
N ARG A 162 5.63 -4.50 12.56
CA ARG A 162 4.83 -5.52 11.89
C ARG A 162 4.52 -5.11 10.46
N PHE A 163 4.30 -6.10 9.60
CA PHE A 163 3.99 -5.85 8.19
C PHE A 163 2.81 -6.70 7.73
N GLU A 164 1.73 -6.04 7.33
CA GLU A 164 0.54 -6.74 6.86
C GLU A 164 0.31 -6.50 5.37
N CYS A 165 -0.23 -7.50 4.70
CA CYS A 165 -0.50 -7.41 3.26
C CYS A 165 -1.99 -7.54 2.98
N HIS A 166 -2.59 -6.47 2.47
CA HIS A 166 -4.02 -6.47 2.16
C HIS A 166 -4.23 -6.58 0.65
N VAL A 167 -4.69 -7.73 0.19
CA VAL A 167 -4.95 -7.96 -1.22
C VAL A 167 -6.36 -7.52 -1.61
N PHE A 168 -6.53 -7.12 -2.86
CA PHE A 168 -7.83 -6.68 -3.35
C PHE A 168 -7.96 -6.94 -4.85
N TRP A 169 -9.16 -7.34 -5.27
CA TRP A 169 -9.42 -7.62 -6.67
C TRP A 169 -10.00 -6.40 -7.38
N CYS A 170 -9.42 -6.05 -8.51
CA CYS A 170 -9.88 -4.89 -9.29
C CYS A 170 -10.44 -5.33 -10.64
N GLU A 171 -11.36 -4.55 -11.17
CA GLU A 171 -11.98 -4.85 -12.45
C GLU A 171 -12.19 -3.59 -13.28
N PRO A 172 -11.84 -3.66 -14.57
CA PRO A 172 -11.29 -4.88 -15.18
C PRO A 172 -9.88 -5.20 -14.68
N ASN A 173 -9.02 -4.19 -14.69
CA ASN A 173 -7.64 -4.35 -14.23
C ASN A 173 -7.33 -3.42 -13.06
N ALA A 174 -6.10 -3.49 -12.56
CA ALA A 174 -5.69 -2.66 -11.45
C ALA A 174 -4.81 -1.51 -11.93
N ALA A 175 -5.10 -1.00 -13.13
CA ALA A 175 -4.34 0.10 -13.70
C ALA A 175 -4.81 1.44 -13.16
N ASN A 176 -6.13 1.65 -13.14
CA ASN A 176 -6.71 2.88 -12.65
C ASN A 176 -6.54 3.00 -11.14
N VAL A 177 -6.51 1.85 -10.46
CA VAL A 177 -6.34 1.82 -9.01
C VAL A 177 -4.88 2.05 -8.63
N SER A 178 -3.98 1.31 -9.26
CA SER A 178 -2.56 1.42 -8.98
C SER A 178 -2.08 2.86 -9.19
N GLU A 179 -2.60 3.51 -10.21
CA GLU A 179 -2.23 4.88 -10.53
C GLU A 179 -2.90 5.86 -9.56
N ALA A 180 -4.15 5.57 -9.21
CA ALA A 180 -4.89 6.42 -8.29
C ALA A 180 -4.18 6.54 -6.95
N VAL A 181 -3.71 5.41 -6.43
CA VAL A 181 -3.02 5.38 -5.15
C VAL A 181 -1.60 5.92 -5.29
N GLN A 182 -0.92 5.53 -6.36
CA GLN A 182 0.44 5.97 -6.61
C GLN A 182 0.55 7.49 -6.53
N ALA A 183 -0.28 8.17 -7.32
CA ALA A 183 -0.29 9.63 -7.35
C ALA A 183 -0.28 10.20 -5.93
N ALA A 184 -1.18 9.70 -5.10
CA ALA A 184 -1.28 10.15 -3.72
C ALA A 184 0.10 10.30 -3.08
N CYS A 185 0.94 9.29 -3.27
CA CYS A 185 2.28 9.30 -2.71
C CYS A 185 2.91 10.67 -2.86
N GLY A 1 -10.52 -17.89 -13.79
CA GLY A 1 -10.95 -17.23 -15.02
C GLY A 1 -9.85 -16.39 -15.64
N SER A 2 -9.14 -16.98 -16.60
CA SER A 2 -8.05 -16.28 -17.28
C SER A 2 -8.38 -16.06 -18.75
N SER A 3 -8.06 -14.87 -19.25
CA SER A 3 -8.32 -14.53 -20.65
C SER A 3 -7.05 -14.05 -21.34
N GLY A 4 -6.95 -14.30 -22.64
CA GLY A 4 -5.79 -13.89 -23.40
C GLY A 4 -6.15 -13.37 -24.77
N SER A 5 -6.27 -12.06 -24.89
CA SER A 5 -6.62 -11.43 -26.17
C SER A 5 -5.98 -12.18 -27.33
N SER A 6 -4.68 -12.45 -27.22
CA SER A 6 -3.96 -13.16 -28.26
C SER A 6 -4.02 -12.40 -29.59
N GLY A 7 -3.85 -11.08 -29.52
CA GLY A 7 -3.90 -10.26 -30.71
C GLY A 7 -2.61 -9.52 -30.95
N ASP A 8 -2.50 -8.86 -32.11
CA ASP A 8 -1.31 -8.11 -32.46
C ASP A 8 -1.63 -6.62 -32.60
N ALA A 9 -1.41 -5.88 -31.53
CA ALA A 9 -1.68 -4.44 -31.53
C ALA A 9 -0.76 -3.71 -30.56
N ALA A 10 -0.68 -2.39 -30.71
CA ALA A 10 0.18 -1.58 -29.85
C ALA A 10 -0.23 -1.71 -28.38
N VAL A 11 0.73 -1.97 -27.51
CA VAL A 11 0.47 -2.12 -26.08
C VAL A 11 -0.39 -0.98 -25.57
N THR A 12 -1.24 -1.27 -24.59
CA THR A 12 -2.12 -0.27 -24.00
C THR A 12 -1.36 0.63 -23.04
N PRO A 13 -1.82 1.89 -22.91
CA PRO A 13 -1.20 2.87 -22.02
C PRO A 13 -1.41 2.54 -20.55
N GLU A 14 -2.24 1.53 -20.29
CA GLU A 14 -2.53 1.11 -18.92
C GLU A 14 -1.62 -0.05 -18.51
N GLU A 15 -1.46 -1.01 -19.40
CA GLU A 15 -0.63 -2.18 -19.13
C GLU A 15 0.80 -1.76 -18.75
N ARG A 16 1.40 -0.93 -19.61
CA ARG A 16 2.76 -0.46 -19.38
C ARG A 16 2.97 -0.14 -17.90
N HIS A 17 2.06 0.64 -17.32
CA HIS A 17 2.17 1.01 -15.91
C HIS A 17 2.27 -0.23 -15.03
N LEU A 18 1.36 -1.18 -15.24
CA LEU A 18 1.35 -2.41 -14.46
C LEU A 18 2.67 -3.16 -14.61
N SER A 19 3.11 -3.35 -15.86
CA SER A 19 4.36 -4.04 -16.13
C SER A 19 5.42 -3.68 -15.11
N LYS A 20 5.64 -2.38 -14.92
CA LYS A 20 6.63 -1.90 -13.96
C LYS A 20 6.34 -2.44 -12.56
N MET A 21 5.08 -2.40 -12.16
CA MET A 21 4.69 -2.90 -10.85
C MET A 21 5.05 -4.37 -10.69
N GLN A 22 5.05 -5.10 -11.79
CA GLN A 22 5.38 -6.52 -11.77
C GLN A 22 6.89 -6.73 -11.83
N GLN A 23 7.58 -5.83 -12.51
CA GLN A 23 9.03 -5.91 -12.64
C GLN A 23 9.70 -5.84 -11.28
N ASN A 24 9.53 -4.72 -10.60
CA ASN A 24 10.13 -4.52 -9.28
C ASN A 24 9.07 -4.09 -8.27
N GLY A 25 8.18 -3.20 -8.69
CA GLY A 25 7.13 -2.72 -7.80
C GLY A 25 7.18 -1.22 -7.61
N TYR A 26 6.47 -0.74 -6.59
CA TYR A 26 6.43 0.70 -6.30
C TYR A 26 6.69 0.94 -4.82
N GLU A 27 7.88 1.44 -4.51
CA GLU A 27 8.26 1.72 -3.13
C GLU A 27 7.88 3.16 -2.75
N ASN A 28 7.40 3.33 -1.52
CA ASN A 28 7.01 4.65 -1.04
C ASN A 28 8.22 5.54 -0.82
N PRO A 29 8.30 6.64 -1.58
CA PRO A 29 9.41 7.59 -1.49
C PRO A 29 9.38 8.38 -0.18
N THR A 30 8.19 8.59 0.36
CA THR A 30 8.02 9.33 1.60
C THR A 30 8.62 8.57 2.78
N TYR A 31 8.15 7.34 2.97
CA TYR A 31 8.65 6.51 4.06
C TYR A 31 10.14 6.72 4.28
N LYS A 32 10.90 6.71 3.19
CA LYS A 32 12.34 6.91 3.27
C LYS A 32 12.69 8.14 4.08
N PHE A 33 12.04 9.26 3.77
CA PHE A 33 12.28 10.51 4.47
C PHE A 33 12.41 10.27 5.97
N PHE A 34 11.66 9.29 6.48
CA PHE A 34 11.69 8.96 7.90
C PHE A 34 13.02 8.30 8.27
N GLU A 35 13.48 7.38 7.43
CA GLU A 35 14.74 6.69 7.67
C GLU A 35 15.86 7.68 7.97
N GLN A 36 15.86 8.80 7.26
CA GLN A 36 16.87 9.83 7.45
C GLN A 36 16.48 10.79 8.56
N MET A 37 17.13 10.67 9.71
CA MET A 37 16.85 11.53 10.85
C MET A 37 17.69 12.80 10.79
N GLN A 38 17.02 13.95 10.82
CA GLN A 38 17.70 15.24 10.76
C GLN A 38 17.74 15.89 12.14
N ASN A 39 18.79 15.58 12.90
CA ASN A 39 18.94 16.13 14.25
C ASN A 39 20.35 15.88 14.78
N SER A 40 20.68 16.53 15.89
CA SER A 40 21.99 16.38 16.50
C SER A 40 21.97 15.31 17.58
N GLY A 41 22.92 14.39 17.52
CA GLY A 41 22.99 13.31 18.50
C GLY A 41 24.40 12.75 18.65
N PRO A 42 24.54 11.70 19.47
CA PRO A 42 25.83 11.04 19.71
C PRO A 42 26.32 10.28 18.49
N SER A 43 27.63 10.09 18.41
CA SER A 43 28.23 9.37 17.29
C SER A 43 28.22 7.87 17.54
N SER A 44 28.80 7.46 18.67
CA SER A 44 28.87 6.05 19.02
C SER A 44 27.60 5.32 18.59
N GLY A 45 27.76 4.37 17.67
CA GLY A 45 26.63 3.62 17.18
C GLY A 45 26.89 2.98 15.83
N ILE A 46 26.77 1.65 15.77
CA ILE A 46 26.99 0.92 14.53
C ILE A 46 25.72 0.83 13.70
N GLU A 47 25.13 1.97 13.40
CA GLU A 47 23.89 2.02 12.62
C GLU A 47 22.96 0.88 13.02
N GLY A 48 22.84 0.65 14.32
CA GLY A 48 21.97 -0.41 14.82
C GLY A 48 22.07 -0.57 16.32
N ARG A 49 21.11 -1.31 16.88
CA ARG A 49 21.08 -1.54 18.33
C ARG A 49 20.97 -3.03 18.63
N GLY A 50 21.02 -3.85 17.58
CA GLY A 50 20.92 -5.29 17.76
C GLY A 50 19.53 -5.81 17.47
N SER A 51 19.20 -6.96 18.06
CA SER A 51 17.89 -7.57 17.86
C SER A 51 16.78 -6.55 18.09
N SER A 52 15.53 -6.99 17.86
CA SER A 52 14.38 -6.12 18.05
C SER A 52 13.55 -6.56 19.23
N GLY A 53 12.50 -5.80 19.54
CA GLY A 53 11.63 -6.13 20.65
C GLY A 53 10.20 -6.36 20.22
N SER A 54 9.29 -5.55 20.74
CA SER A 54 7.87 -5.68 20.41
C SER A 54 7.11 -4.42 20.80
N SER A 55 5.86 -4.34 20.35
CA SER A 55 5.02 -3.17 20.64
C SER A 55 3.55 -3.59 20.77
N GLY A 56 2.72 -2.63 21.18
CA GLY A 56 1.30 -2.92 21.33
C GLY A 56 0.44 -2.00 20.50
N SER A 57 -0.86 -1.99 20.78
CA SER A 57 -1.80 -1.16 20.04
C SER A 57 -1.91 0.22 20.67
N SER A 58 -1.97 1.26 19.82
CA SER A 58 -2.06 2.63 20.31
C SER A 58 -3.17 3.38 19.58
N GLY A 59 -3.05 3.49 18.26
CA GLY A 59 -4.06 4.18 17.47
C GLY A 59 -4.32 5.59 17.98
N SER A 60 -3.54 6.54 17.48
CA SER A 60 -3.68 7.94 17.89
C SER A 60 -4.77 8.63 17.07
N SER A 61 -5.95 8.77 17.66
CA SER A 61 -7.07 9.42 16.99
C SER A 61 -6.82 10.90 16.79
N GLY A 62 -6.95 11.36 15.55
CA GLY A 62 -6.71 12.76 15.25
C GLY A 62 -7.79 13.34 14.35
N PRO A 63 -8.10 14.64 14.55
CA PRO A 63 -9.11 15.33 13.76
C PRO A 63 -8.67 15.56 12.32
N THR A 64 -9.14 14.70 11.42
CA THR A 64 -8.79 14.80 10.00
C THR A 64 -9.03 16.21 9.48
N PRO A 65 -8.14 16.68 8.60
CA PRO A 65 -8.23 18.02 8.00
C PRO A 65 -9.40 18.13 7.03
N LYS A 66 -9.60 19.34 6.50
CA LYS A 66 -10.68 19.59 5.55
C LYS A 66 -10.40 18.91 4.21
N THR A 67 -11.31 18.04 3.79
CA THR A 67 -11.15 17.34 2.53
C THR A 67 -12.36 17.56 1.62
N GLU A 68 -12.10 17.95 0.38
CA GLU A 68 -13.17 18.19 -0.59
C GLU A 68 -13.04 17.26 -1.79
N LEU A 69 -11.97 16.48 -1.82
CA LEU A 69 -11.72 15.54 -2.91
C LEU A 69 -11.57 14.12 -2.38
N VAL A 70 -11.85 13.14 -3.23
CA VAL A 70 -11.74 11.74 -2.84
C VAL A 70 -12.01 10.82 -4.03
N GLN A 71 -11.39 9.64 -4.02
CA GLN A 71 -11.58 8.68 -5.10
C GLN A 71 -12.17 7.38 -4.57
N LYS A 72 -13.17 6.86 -5.27
CA LYS A 72 -13.82 5.61 -4.87
C LYS A 72 -13.77 4.59 -6.00
N PHE A 73 -13.06 3.49 -5.76
CA PHE A 73 -12.93 2.43 -6.75
C PHE A 73 -13.62 1.15 -6.27
N ARG A 74 -14.04 0.33 -7.23
CA ARG A 74 -14.72 -0.92 -6.91
C ARG A 74 -13.73 -2.09 -6.91
N VAL A 75 -13.52 -2.69 -5.74
CA VAL A 75 -12.61 -3.81 -5.61
C VAL A 75 -13.04 -4.75 -4.48
N GLN A 76 -12.56 -5.99 -4.52
CA GLN A 76 -12.90 -6.97 -3.50
C GLN A 76 -11.76 -7.12 -2.50
N TYR A 77 -12.07 -7.69 -1.34
CA TYR A 77 -11.08 -7.89 -0.29
C TYR A 77 -10.84 -9.37 -0.05
N LEU A 78 -9.76 -9.89 -0.62
CA LEU A 78 -9.41 -11.30 -0.46
C LEU A 78 -9.32 -11.68 1.01
N GLY A 79 -8.48 -10.95 1.74
CA GLY A 79 -8.31 -11.23 3.17
C GLY A 79 -7.03 -10.63 3.72
N MET A 80 -6.70 -10.99 4.96
CA MET A 80 -5.49 -10.49 5.60
C MET A 80 -4.41 -11.55 5.60
N LEU A 81 -3.20 -11.16 5.19
CA LEU A 81 -2.08 -12.07 5.15
C LEU A 81 -0.78 -11.37 5.55
N PRO A 82 -0.18 -11.82 6.66
CA PRO A 82 1.06 -11.26 7.18
C PRO A 82 2.26 -11.57 6.30
N VAL A 83 3.24 -10.68 6.30
CA VAL A 83 4.45 -10.86 5.49
C VAL A 83 5.70 -10.84 6.36
N ASP A 84 6.75 -11.50 5.89
CA ASP A 84 8.01 -11.56 6.62
C ASP A 84 8.85 -10.31 6.35
N ARG A 85 8.71 -9.75 5.15
CA ARG A 85 9.46 -8.57 4.77
C ARG A 85 8.51 -7.44 4.35
N PRO A 86 8.90 -6.20 4.67
CA PRO A 86 8.10 -5.01 4.33
C PRO A 86 8.09 -4.74 2.83
N VAL A 87 9.07 -5.27 2.12
CA VAL A 87 9.18 -5.09 0.68
C VAL A 87 9.55 -6.38 -0.02
N GLY A 88 9.45 -6.39 -1.35
CA GLY A 88 9.78 -7.57 -2.11
C GLY A 88 8.58 -8.18 -2.80
N MET A 89 8.67 -8.36 -4.11
CA MET A 89 7.58 -8.93 -4.89
C MET A 89 7.22 -10.33 -4.38
N ASP A 90 8.18 -11.24 -4.42
CA ASP A 90 7.96 -12.60 -3.95
C ASP A 90 7.20 -12.61 -2.64
N THR A 91 7.54 -11.68 -1.75
CA THR A 91 6.88 -11.58 -0.45
C THR A 91 5.42 -11.18 -0.60
N LEU A 92 5.19 -10.09 -1.32
CA LEU A 92 3.83 -9.59 -1.54
C LEU A 92 2.99 -10.63 -2.27
N ASN A 93 3.44 -11.02 -3.45
CA ASN A 93 2.73 -12.01 -4.26
C ASN A 93 2.33 -13.22 -3.41
N SER A 94 3.30 -13.80 -2.72
CA SER A 94 3.04 -14.95 -1.86
C SER A 94 1.70 -14.81 -1.14
N ALA A 95 1.49 -13.66 -0.53
CA ALA A 95 0.25 -13.39 0.20
C ALA A 95 -0.97 -13.59 -0.69
N ILE A 96 -0.93 -13.00 -1.88
CA ILE A 96 -2.02 -13.11 -2.83
C ILE A 96 -2.48 -14.56 -2.98
N GLU A 97 -1.55 -15.42 -3.34
CA GLU A 97 -1.85 -16.84 -3.51
C GLU A 97 -2.35 -17.45 -2.22
N ASN A 98 -1.75 -17.05 -1.10
CA ASN A 98 -2.15 -17.55 0.21
C ASN A 98 -3.65 -17.42 0.42
N LEU A 99 -4.16 -16.20 0.24
CA LEU A 99 -5.59 -15.94 0.40
C LEU A 99 -6.39 -16.57 -0.74
N MET A 100 -5.89 -16.42 -1.95
CA MET A 100 -6.56 -16.97 -3.13
C MET A 100 -7.02 -18.40 -2.87
N THR A 101 -6.15 -19.19 -2.24
CA THR A 101 -6.46 -20.58 -1.93
C THR A 101 -7.34 -20.68 -0.68
N SER A 102 -7.30 -19.65 0.15
CA SER A 102 -8.09 -19.63 1.38
C SER A 102 -9.56 -19.37 1.08
N SER A 103 -9.82 -18.35 0.28
CA SER A 103 -11.19 -18.00 -0.09
C SER A 103 -11.38 -18.05 -1.61
N SER A 104 -12.62 -17.91 -2.04
CA SER A 104 -12.94 -17.93 -3.47
C SER A 104 -13.07 -16.52 -4.02
N LYS A 105 -13.01 -16.40 -5.35
CA LYS A 105 -13.12 -15.11 -6.01
C LYS A 105 -14.41 -14.40 -5.61
N GLU A 106 -15.49 -15.16 -5.49
CA GLU A 106 -16.78 -14.61 -5.12
C GLU A 106 -16.85 -14.35 -3.61
N ASP A 107 -16.34 -15.29 -2.83
CA ASP A 107 -16.33 -15.17 -1.39
C ASP A 107 -15.89 -13.78 -0.96
N TRP A 108 -14.87 -13.25 -1.63
CA TRP A 108 -14.35 -11.93 -1.32
C TRP A 108 -15.46 -10.88 -1.39
N PRO A 109 -15.65 -10.15 -0.28
CA PRO A 109 -16.67 -9.11 -0.18
C PRO A 109 -16.34 -7.89 -1.04
N SER A 110 -17.34 -7.40 -1.77
CA SER A 110 -17.14 -6.24 -2.64
C SER A 110 -16.97 -4.96 -1.81
N VAL A 111 -15.75 -4.46 -1.77
CA VAL A 111 -15.45 -3.24 -1.03
C VAL A 111 -15.10 -2.08 -1.96
N ASN A 112 -14.90 -0.91 -1.38
CA ASN A 112 -14.57 0.28 -2.17
C ASN A 112 -13.29 0.93 -1.64
N MET A 113 -12.40 1.28 -2.56
CA MET A 113 -11.13 1.91 -2.19
C MET A 113 -11.30 3.43 -2.07
N ASN A 114 -11.34 3.92 -0.83
CA ASN A 114 -11.50 5.34 -0.58
C ASN A 114 -10.14 6.03 -0.51
N VAL A 115 -9.72 6.63 -1.62
CA VAL A 115 -8.44 7.33 -1.68
C VAL A 115 -8.63 8.83 -1.57
N ALA A 116 -8.35 9.38 -0.39
CA ALA A 116 -8.49 10.81 -0.15
C ALA A 116 -7.45 11.31 0.85
N ASP A 117 -7.00 12.54 0.67
CA ASP A 117 -6.00 13.13 1.56
C ASP A 117 -4.88 12.14 1.85
N ALA A 118 -4.34 11.53 0.81
CA ALA A 118 -3.25 10.57 0.96
C ALA A 118 -3.57 9.57 2.07
N THR A 119 -4.80 9.08 2.09
CA THR A 119 -5.22 8.12 3.10
C THR A 119 -6.02 6.98 2.47
N VAL A 120 -5.45 5.79 2.49
CA VAL A 120 -6.10 4.62 1.93
C VAL A 120 -7.06 3.98 2.93
N THR A 121 -8.35 4.07 2.65
CA THR A 121 -9.37 3.49 3.53
C THR A 121 -10.32 2.58 2.76
N VAL A 122 -10.52 1.38 3.28
CA VAL A 122 -11.41 0.41 2.65
C VAL A 122 -12.81 0.48 3.24
N ILE A 123 -13.71 1.15 2.55
CA ILE A 123 -15.10 1.29 3.01
C ILE A 123 -16.02 0.30 2.29
N SER A 124 -16.80 -0.43 3.07
CA SER A 124 -17.73 -1.40 2.51
C SER A 124 -18.58 -0.78 1.41
N GLU A 125 -18.94 -1.59 0.42
CA GLU A 125 -19.75 -1.12 -0.70
C GLU A 125 -21.00 -0.39 -0.19
N LYS A 126 -21.82 -1.10 0.57
CA LYS A 126 -23.05 -0.53 1.12
C LYS A 126 -22.73 0.41 2.29
N ASN A 127 -22.35 -0.18 3.42
CA ASN A 127 -22.02 0.60 4.61
C ASN A 127 -20.96 1.64 4.30
N GLU A 128 -21.07 2.80 4.94
CA GLU A 128 -20.11 3.88 4.72
C GLU A 128 -19.28 4.13 5.99
N GLU A 129 -19.81 3.69 7.12
CA GLU A 129 -19.11 3.85 8.40
C GLU A 129 -18.55 2.52 8.90
N GLU A 130 -18.12 1.69 7.96
CA GLU A 130 -17.56 0.38 8.31
C GLU A 130 -16.04 0.44 8.39
N VAL A 131 -15.43 1.18 7.46
CA VAL A 131 -13.99 1.32 7.42
C VAL A 131 -13.30 -0.01 7.69
N LEU A 132 -13.74 -1.05 7.00
CA LEU A 132 -13.17 -2.38 7.15
C LEU A 132 -11.67 -2.29 7.43
N VAL A 133 -10.99 -1.44 6.68
CA VAL A 133 -9.54 -1.26 6.84
C VAL A 133 -9.16 0.21 6.78
N GLU A 134 -8.20 0.61 7.60
CA GLU A 134 -7.74 1.99 7.64
C GLU A 134 -6.23 2.07 7.49
N CYS A 135 -5.78 2.62 6.37
CA CYS A 135 -4.35 2.76 6.10
C CYS A 135 -4.02 4.15 5.57
N ARG A 136 -2.82 4.62 5.88
CA ARG A 136 -2.38 5.94 5.44
C ARG A 136 -1.16 5.84 4.52
N VAL A 137 -1.25 6.45 3.35
CA VAL A 137 -0.16 6.43 2.38
C VAL A 137 1.19 6.51 3.08
N ARG A 138 1.38 7.58 3.86
CA ARG A 138 2.62 7.78 4.58
C ARG A 138 3.14 6.46 5.16
N PHE A 139 2.27 5.76 5.88
CA PHE A 139 2.63 4.48 6.49
C PHE A 139 2.99 3.45 5.42
N LEU A 140 2.23 3.46 4.33
CA LEU A 140 2.46 2.52 3.23
C LEU A 140 3.95 2.42 2.91
N SER A 141 4.54 1.26 3.23
CA SER A 141 5.95 1.03 2.98
C SER A 141 6.19 0.68 1.52
N PHE A 142 5.48 -0.33 1.03
CA PHE A 142 5.63 -0.76 -0.35
C PHE A 142 4.35 -1.44 -0.84
N MET A 143 4.16 -1.45 -2.16
CA MET A 143 2.97 -2.07 -2.76
C MET A 143 3.27 -2.55 -4.17
N GLY A 144 2.45 -3.48 -4.65
CA GLY A 144 2.64 -4.00 -5.99
C GLY A 144 1.51 -4.91 -6.42
N VAL A 145 1.65 -5.54 -7.59
CA VAL A 145 0.63 -6.43 -8.11
C VAL A 145 1.16 -7.87 -8.20
N GLY A 146 0.24 -8.83 -8.20
CA GLY A 146 0.62 -10.22 -8.28
C GLY A 146 0.73 -10.72 -9.71
N LYS A 147 1.12 -11.97 -9.88
CA LYS A 147 1.26 -12.57 -11.21
C LYS A 147 0.20 -12.02 -12.16
N ASP A 148 -1.02 -11.89 -11.66
CA ASP A 148 -2.13 -11.38 -12.47
C ASP A 148 -2.50 -9.96 -12.05
N VAL A 149 -2.27 -9.01 -12.94
CA VAL A 149 -2.59 -7.61 -12.66
C VAL A 149 -3.88 -7.48 -11.86
N HIS A 150 -4.89 -8.27 -12.25
CA HIS A 150 -6.17 -8.25 -11.57
C HIS A 150 -5.99 -8.16 -10.06
N THR A 151 -5.10 -8.98 -9.53
CA THR A 151 -4.83 -8.99 -8.09
C THR A 151 -3.93 -7.84 -7.69
N PHE A 152 -4.38 -7.05 -6.72
CA PHE A 152 -3.62 -5.91 -6.23
C PHE A 152 -3.45 -5.97 -4.71
N ALA A 153 -2.19 -5.97 -4.28
CA ALA A 153 -1.88 -6.02 -2.86
C ALA A 153 -0.93 -4.91 -2.45
N PHE A 154 -0.87 -4.62 -1.15
CA PHE A 154 0.00 -3.56 -0.64
C PHE A 154 0.39 -3.84 0.81
N ILE A 155 1.63 -3.50 1.15
CA ILE A 155 2.12 -3.72 2.51
C ILE A 155 1.99 -2.44 3.34
N MET A 156 1.44 -2.58 4.54
CA MET A 156 1.26 -1.44 5.43
C MET A 156 1.88 -1.72 6.79
N ASP A 157 2.22 -0.66 7.52
CA ASP A 157 2.82 -0.80 8.84
C ASP A 157 1.76 -0.71 9.93
N THR A 158 1.88 -1.56 10.94
CA THR A 158 0.93 -1.58 12.05
C THR A 158 1.61 -1.29 13.37
N GLY A 159 2.82 -1.85 13.54
CA GLY A 159 3.56 -1.63 14.76
C GLY A 159 4.99 -1.18 14.51
N ASN A 160 5.92 -1.65 15.34
CA ASN A 160 7.32 -1.29 15.20
C ASN A 160 7.93 -1.96 13.98
N GLN A 161 8.05 -3.28 14.03
CA GLN A 161 8.62 -4.05 12.94
C GLN A 161 7.58 -4.96 12.31
N ARG A 162 6.31 -4.68 12.58
CA ARG A 162 5.22 -5.48 12.05
C ARG A 162 4.76 -4.95 10.70
N PHE A 163 4.49 -5.86 9.76
CA PHE A 163 4.05 -5.48 8.43
C PHE A 163 2.90 -6.37 7.96
N GLU A 164 1.77 -5.75 7.64
CA GLU A 164 0.60 -6.49 7.18
C GLU A 164 0.36 -6.25 5.69
N CYS A 165 -0.17 -7.27 5.01
CA CYS A 165 -0.45 -7.16 3.58
C CYS A 165 -1.93 -7.41 3.31
N HIS A 166 -2.54 -6.49 2.58
CA HIS A 166 -3.96 -6.60 2.24
C HIS A 166 -4.15 -6.73 0.73
N VAL A 167 -4.58 -7.91 0.29
CA VAL A 167 -4.79 -8.16 -1.13
C VAL A 167 -6.21 -7.78 -1.54
N PHE A 168 -6.39 -7.46 -2.81
CA PHE A 168 -7.69 -7.07 -3.35
C PHE A 168 -7.81 -7.44 -4.82
N TRP A 169 -9.05 -7.49 -5.31
CA TRP A 169 -9.31 -7.83 -6.70
C TRP A 169 -9.92 -6.65 -7.45
N CYS A 170 -9.49 -6.47 -8.70
CA CYS A 170 -9.98 -5.37 -9.51
C CYS A 170 -10.63 -5.90 -10.80
N GLU A 171 -11.54 -5.12 -11.36
CA GLU A 171 -12.23 -5.51 -12.58
C GLU A 171 -12.44 -4.31 -13.50
N PRO A 172 -12.06 -4.47 -14.78
CA PRO A 172 -11.49 -5.72 -15.28
C PRO A 172 -10.09 -5.97 -14.74
N ASN A 173 -9.24 -4.96 -14.81
CA ASN A 173 -7.86 -5.06 -14.32
C ASN A 173 -7.58 -3.99 -13.28
N ALA A 174 -6.52 -4.22 -12.49
CA ALA A 174 -6.13 -3.28 -11.45
C ALA A 174 -5.24 -2.18 -12.01
N ALA A 175 -5.53 -1.74 -13.24
CA ALA A 175 -4.76 -0.70 -13.88
C ALA A 175 -5.28 0.69 -13.50
N ASN A 176 -6.58 0.78 -13.26
CA ASN A 176 -7.21 2.05 -12.89
C ASN A 176 -7.07 2.31 -11.39
N VAL A 177 -7.04 1.23 -10.62
CA VAL A 177 -6.91 1.33 -9.17
C VAL A 177 -5.46 1.52 -8.75
N SER A 178 -4.59 0.68 -9.30
CA SER A 178 -3.16 0.76 -9.00
C SER A 178 -2.60 2.14 -9.29
N GLU A 179 -3.07 2.74 -10.39
CA GLU A 179 -2.62 4.06 -10.79
C GLU A 179 -3.21 5.13 -9.87
N ALA A 180 -4.38 4.87 -9.33
CA ALA A 180 -5.06 5.80 -8.44
C ALA A 180 -4.34 5.87 -7.09
N VAL A 181 -4.15 4.71 -6.47
CA VAL A 181 -3.49 4.64 -5.18
C VAL A 181 -2.04 5.11 -5.28
N GLN A 182 -1.43 4.88 -6.42
CA GLN A 182 -0.04 5.28 -6.65
C GLN A 182 0.09 6.79 -6.67
N ALA A 183 -0.80 7.46 -7.40
CA ALA A 183 -0.80 8.91 -7.50
C ALA A 183 -0.76 9.55 -6.12
N ALA A 184 -1.52 8.99 -5.19
CA ALA A 184 -1.58 9.50 -3.82
C ALA A 184 -0.20 9.57 -3.21
N CYS A 185 0.63 8.56 -3.49
CA CYS A 185 1.98 8.50 -2.96
C CYS A 185 2.84 9.61 -3.54
N GLY A 1 -6.50 -14.76 -16.20
CA GLY A 1 -6.79 -16.05 -16.82
C GLY A 1 -5.75 -16.44 -17.85
N SER A 2 -6.20 -16.70 -19.07
CA SER A 2 -5.30 -17.09 -20.15
C SER A 2 -4.87 -15.87 -20.97
N SER A 3 -3.59 -15.81 -21.31
CA SER A 3 -3.06 -14.70 -22.10
C SER A 3 -1.76 -15.09 -22.78
N GLY A 4 -1.52 -14.51 -23.96
CA GLY A 4 -0.31 -14.82 -24.71
C GLY A 4 -0.16 -13.97 -25.95
N SER A 5 -0.16 -12.65 -25.76
CA SER A 5 -0.04 -11.73 -26.88
C SER A 5 1.36 -11.81 -27.50
N SER A 6 1.41 -11.77 -28.82
CA SER A 6 2.68 -11.85 -29.53
C SER A 6 2.82 -10.70 -30.52
N GLY A 7 3.79 -9.81 -30.27
CA GLY A 7 4.01 -8.68 -31.14
C GLY A 7 2.78 -7.79 -31.26
N ASP A 8 2.41 -7.13 -30.16
CA ASP A 8 1.26 -6.26 -30.14
C ASP A 8 1.58 -4.92 -30.80
N ALA A 9 0.93 -4.63 -31.92
CA ALA A 9 1.15 -3.39 -32.65
C ALA A 9 1.37 -2.23 -31.67
N ALA A 10 0.34 -1.91 -30.90
CA ALA A 10 0.41 -0.82 -29.93
C ALA A 10 -0.06 -1.28 -28.56
N VAL A 11 0.75 -1.01 -27.54
CA VAL A 11 0.41 -1.39 -26.17
C VAL A 11 -0.41 -0.31 -25.48
N THR A 12 -1.47 -0.74 -24.80
CA THR A 12 -2.35 0.20 -24.10
C THR A 12 -1.59 0.94 -23.01
N PRO A 13 -2.03 2.18 -22.72
CA PRO A 13 -1.41 3.02 -21.69
C PRO A 13 -1.67 2.49 -20.28
N GLU A 14 -2.58 1.52 -20.17
CA GLU A 14 -2.91 0.93 -18.88
C GLU A 14 -2.09 -0.33 -18.62
N GLU A 15 -1.78 -1.06 -19.70
CA GLU A 15 -1.00 -2.28 -19.59
C GLU A 15 0.47 -1.97 -19.30
N ARG A 16 1.12 -1.32 -20.25
CA ARG A 16 2.52 -0.95 -20.10
C ARG A 16 2.82 -0.47 -18.69
N HIS A 17 1.89 0.28 -18.13
CA HIS A 17 2.05 0.81 -16.77
C HIS A 17 2.00 -0.31 -15.74
N LEU A 18 1.06 -1.24 -15.93
CA LEU A 18 0.91 -2.37 -15.02
C LEU A 18 2.19 -3.20 -14.96
N SER A 19 2.61 -3.69 -16.13
CA SER A 19 3.82 -4.51 -16.21
C SER A 19 4.90 -3.99 -15.27
N LYS A 20 5.07 -2.68 -15.26
CA LYS A 20 6.07 -2.05 -14.40
C LYS A 20 5.98 -2.58 -12.97
N MET A 21 4.80 -2.43 -12.36
CA MET A 21 4.58 -2.90 -11.00
C MET A 21 5.14 -4.31 -10.81
N GLN A 22 4.98 -5.14 -11.84
CA GLN A 22 5.46 -6.52 -11.78
C GLN A 22 6.99 -6.56 -11.88
N GLN A 23 7.54 -5.70 -12.73
CA GLN A 23 8.99 -5.65 -12.93
C GLN A 23 9.71 -5.46 -11.60
N ASN A 24 9.45 -4.33 -10.94
CA ASN A 24 10.07 -4.04 -9.66
C ASN A 24 9.02 -3.72 -8.60
N GLY A 25 8.05 -2.90 -8.97
CA GLY A 25 6.99 -2.52 -8.05
C GLY A 25 6.99 -1.03 -7.75
N TYR A 26 6.40 -0.67 -6.62
CA TYR A 26 6.32 0.73 -6.22
C TYR A 26 6.58 0.89 -4.73
N GLU A 27 7.76 1.39 -4.38
CA GLU A 27 8.13 1.60 -2.98
C GLU A 27 7.77 3.01 -2.52
N ASN A 28 7.54 3.16 -1.23
CA ASN A 28 7.20 4.46 -0.66
C ASN A 28 8.43 5.15 -0.08
N PRO A 29 8.88 6.23 -0.75
CA PRO A 29 10.05 6.99 -0.31
C PRO A 29 9.79 7.77 0.97
N THR A 30 8.61 8.38 1.07
CA THR A 30 8.24 9.15 2.25
C THR A 30 8.55 8.40 3.52
N TYR A 31 7.98 7.20 3.65
CA TYR A 31 8.19 6.37 4.83
C TYR A 31 9.68 6.30 5.18
N LYS A 32 10.48 5.85 4.21
CA LYS A 32 11.93 5.73 4.41
C LYS A 32 12.49 6.99 5.06
N PHE A 33 12.28 8.13 4.42
CA PHE A 33 12.78 9.40 4.95
C PHE A 33 12.35 9.59 6.40
N PHE A 34 11.05 9.43 6.65
CA PHE A 34 10.52 9.58 8.00
C PHE A 34 11.24 8.67 8.99
N GLU A 35 11.47 7.42 8.58
CA GLU A 35 12.15 6.45 9.41
C GLU A 35 13.67 6.58 9.29
N GLN A 36 14.16 7.82 9.40
CA GLN A 36 15.59 8.07 9.30
C GLN A 36 16.39 7.06 10.11
N MET A 37 17.55 6.68 9.59
CA MET A 37 18.41 5.72 10.26
C MET A 37 19.72 6.38 10.69
N GLN A 38 20.21 7.32 9.89
CA GLN A 38 21.45 8.02 10.19
C GLN A 38 21.29 8.93 11.41
N ASN A 39 22.10 8.70 12.43
CA ASN A 39 22.03 9.49 13.65
C ASN A 39 22.84 10.78 13.50
N SER A 40 22.20 11.82 12.99
CA SER A 40 22.85 13.11 12.79
C SER A 40 23.49 13.59 14.08
N GLY A 41 24.50 14.46 13.94
CA GLY A 41 25.18 15.00 15.11
C GLY A 41 25.99 13.93 15.84
N PRO A 42 27.14 13.57 15.26
CA PRO A 42 28.04 12.56 15.85
C PRO A 42 28.70 13.05 17.13
N SER A 43 28.03 12.86 18.25
CA SER A 43 28.57 13.28 19.54
C SER A 43 29.16 12.09 20.30
N SER A 44 29.89 11.24 19.58
CA SER A 44 30.51 10.07 20.17
C SER A 44 32.00 10.04 19.88
N GLY A 45 32.73 9.23 20.64
CA GLY A 45 34.17 9.12 20.45
C GLY A 45 34.76 7.90 21.13
N ILE A 46 35.01 8.01 22.43
CA ILE A 46 35.56 6.90 23.19
C ILE A 46 35.04 6.91 24.63
N GLU A 47 34.23 5.91 24.96
CA GLU A 47 33.67 5.79 26.30
C GLU A 47 33.62 4.33 26.75
N GLY A 48 33.68 4.12 28.06
CA GLY A 48 33.64 2.78 28.60
C GLY A 48 32.24 2.22 28.67
N ARG A 49 31.94 1.48 29.73
CA ARG A 49 30.62 0.89 29.91
C ARG A 49 29.73 1.78 30.78
N GLY A 50 28.42 1.67 30.58
CA GLY A 50 27.49 2.47 31.36
C GLY A 50 26.63 3.36 30.48
N SER A 51 25.32 3.30 30.68
CA SER A 51 24.39 4.10 29.89
C SER A 51 23.10 4.34 30.66
N SER A 52 22.17 5.06 30.04
CA SER A 52 20.89 5.36 30.66
C SER A 52 19.80 5.54 29.62
N GLY A 53 18.54 5.47 30.05
CA GLY A 53 17.43 5.62 29.14
C GLY A 53 16.71 6.96 29.30
N SER A 54 16.01 7.38 28.25
CA SER A 54 15.28 8.64 28.29
C SER A 54 14.30 8.74 27.13
N SER A 55 13.37 9.68 27.21
CA SER A 55 12.37 9.89 26.17
C SER A 55 11.81 11.30 26.22
N GLY A 56 11.28 11.76 25.09
CA GLY A 56 10.71 13.09 25.04
C GLY A 56 9.41 13.13 24.25
N SER A 57 8.88 14.33 24.04
CA SER A 57 7.64 14.50 23.30
C SER A 57 7.76 15.62 22.28
N SER A 58 7.33 15.35 21.04
CA SER A 58 7.40 16.33 19.96
C SER A 58 6.00 16.73 19.51
N GLY A 59 5.87 17.97 19.04
CA GLY A 59 4.59 18.46 18.58
C GLY A 59 4.55 18.67 17.09
N SER A 60 3.67 19.56 16.64
CA SER A 60 3.53 19.85 15.22
C SER A 60 2.74 21.14 15.00
N SER A 61 3.04 21.83 13.89
CA SER A 61 2.37 23.08 13.57
C SER A 61 1.97 23.12 12.10
N GLY A 62 0.72 23.48 11.84
CA GLY A 62 0.24 23.56 10.47
C GLY A 62 -1.20 23.09 10.34
N PRO A 63 -2.09 24.03 9.98
CA PRO A 63 -3.52 23.73 9.80
C PRO A 63 -3.79 22.86 8.59
N THR A 64 -4.43 21.72 8.81
CA THR A 64 -4.75 20.80 7.73
C THR A 64 -5.78 21.40 6.78
N PRO A 65 -5.65 21.07 5.48
CA PRO A 65 -6.56 21.57 4.45
C PRO A 65 -7.95 20.97 4.56
N LYS A 66 -8.89 21.50 3.79
CA LYS A 66 -10.27 21.02 3.80
C LYS A 66 -10.62 20.34 2.48
N THR A 67 -9.63 19.71 1.87
CA THR A 67 -9.83 19.02 0.60
C THR A 67 -10.96 18.00 0.71
N GLU A 68 -12.00 18.19 -0.12
CA GLU A 68 -13.15 17.29 -0.11
C GLU A 68 -13.04 16.26 -1.24
N LEU A 69 -11.95 16.34 -2.00
CA LEU A 69 -11.71 15.42 -3.10
C LEU A 69 -11.44 14.01 -2.59
N VAL A 70 -11.92 13.02 -3.33
CA VAL A 70 -11.72 11.63 -2.96
C VAL A 70 -12.03 10.69 -4.13
N GLN A 71 -11.29 9.59 -4.21
CA GLN A 71 -11.50 8.62 -5.29
C GLN A 71 -12.04 7.31 -4.73
N LYS A 72 -13.05 6.76 -5.38
CA LYS A 72 -13.67 5.51 -4.95
C LYS A 72 -13.56 4.45 -6.05
N PHE A 73 -12.95 3.32 -5.72
CA PHE A 73 -12.79 2.24 -6.67
C PHE A 73 -13.53 0.99 -6.21
N ARG A 74 -13.97 0.18 -7.16
CA ARG A 74 -14.70 -1.04 -6.85
C ARG A 74 -13.78 -2.26 -6.93
N VAL A 75 -13.55 -2.90 -5.79
CA VAL A 75 -12.69 -4.08 -5.73
C VAL A 75 -13.16 -5.05 -4.66
N GLN A 76 -12.43 -6.15 -4.50
CA GLN A 76 -12.78 -7.16 -3.50
C GLN A 76 -11.74 -7.21 -2.40
N TYR A 77 -12.11 -7.84 -1.29
CA TYR A 77 -11.20 -7.97 -0.14
C TYR A 77 -10.98 -9.43 0.22
N LEU A 78 -9.82 -9.96 -0.16
CA LEU A 78 -9.48 -11.34 0.12
C LEU A 78 -9.27 -11.56 1.61
N GLY A 79 -8.65 -10.58 2.26
CA GLY A 79 -8.38 -10.68 3.69
C GLY A 79 -7.02 -10.17 4.06
N MET A 80 -6.70 -10.23 5.35
CA MET A 80 -5.40 -9.77 5.85
C MET A 80 -4.41 -10.92 5.93
N LEU A 81 -3.27 -10.77 5.27
CA LEU A 81 -2.24 -11.79 5.28
C LEU A 81 -0.89 -11.23 5.73
N PRO A 82 -0.35 -11.77 6.82
CA PRO A 82 0.93 -11.33 7.38
C PRO A 82 2.11 -11.71 6.49
N VAL A 83 3.10 -10.83 6.41
CA VAL A 83 4.28 -11.08 5.59
C VAL A 83 5.54 -11.13 6.45
N ASP A 84 6.60 -11.71 5.90
CA ASP A 84 7.87 -11.82 6.61
C ASP A 84 8.70 -10.56 6.46
N ARG A 85 8.60 -9.93 5.28
CA ARG A 85 9.35 -8.70 5.01
C ARG A 85 8.40 -7.58 4.59
N PRO A 86 8.80 -6.33 4.90
CA PRO A 86 8.01 -5.15 4.56
C PRO A 86 7.96 -4.87 3.06
N VAL A 87 8.91 -5.45 2.34
CA VAL A 87 8.98 -5.28 0.89
C VAL A 87 9.42 -6.56 0.20
N GLY A 88 9.32 -6.58 -1.13
CA GLY A 88 9.70 -7.76 -1.89
C GLY A 88 8.57 -8.30 -2.73
N MET A 89 8.85 -8.51 -4.01
CA MET A 89 7.84 -9.04 -4.93
C MET A 89 7.35 -10.41 -4.47
N ASP A 90 8.27 -11.35 -4.35
CA ASP A 90 7.95 -12.70 -3.92
C ASP A 90 7.07 -12.68 -2.67
N THR A 91 7.54 -11.97 -1.64
CA THR A 91 6.82 -11.87 -0.38
C THR A 91 5.38 -11.45 -0.62
N LEU A 92 5.19 -10.45 -1.48
CA LEU A 92 3.86 -9.94 -1.80
C LEU A 92 2.98 -11.06 -2.38
N ASN A 93 3.49 -11.73 -3.40
CA ASN A 93 2.75 -12.82 -4.04
C ASN A 93 2.38 -13.90 -3.03
N SER A 94 3.35 -14.30 -2.22
CA SER A 94 3.14 -15.33 -1.21
C SER A 94 1.78 -15.15 -0.55
N ALA A 95 1.49 -13.93 -0.11
CA ALA A 95 0.22 -13.63 0.54
C ALA A 95 -0.95 -13.88 -0.40
N ILE A 96 -0.95 -13.20 -1.54
CA ILE A 96 -2.01 -13.34 -2.53
C ILE A 96 -2.41 -14.80 -2.70
N GLU A 97 -1.40 -15.67 -2.81
CA GLU A 97 -1.64 -17.10 -2.98
C GLU A 97 -2.18 -17.71 -1.69
N ASN A 98 -1.76 -17.15 -0.56
CA ASN A 98 -2.19 -17.65 0.74
C ASN A 98 -3.70 -17.44 0.93
N LEU A 99 -4.18 -16.27 0.56
CA LEU A 99 -5.60 -15.94 0.68
C LEU A 99 -6.39 -16.51 -0.49
N MET A 100 -5.76 -16.53 -1.66
CA MET A 100 -6.41 -17.04 -2.87
C MET A 100 -6.90 -18.47 -2.65
N THR A 101 -6.04 -19.31 -2.09
CA THR A 101 -6.39 -20.70 -1.83
C THR A 101 -7.30 -20.83 -0.62
N SER A 102 -7.24 -19.82 0.26
CA SER A 102 -8.06 -19.82 1.47
C SER A 102 -9.54 -19.72 1.12
N SER A 103 -9.89 -18.71 0.33
CA SER A 103 -11.28 -18.50 -0.06
C SER A 103 -11.40 -18.46 -1.59
N SER A 104 -12.62 -18.22 -2.07
CA SER A 104 -12.86 -18.15 -3.51
C SER A 104 -12.96 -16.71 -3.97
N LYS A 105 -12.92 -16.51 -5.28
CA LYS A 105 -13.01 -15.17 -5.86
C LYS A 105 -14.32 -14.49 -5.47
N GLU A 106 -15.41 -15.25 -5.52
CA GLU A 106 -16.73 -14.72 -5.18
C GLU A 106 -16.83 -14.49 -3.67
N ASP A 107 -16.33 -15.45 -2.90
CA ASP A 107 -16.37 -15.35 -1.44
C ASP A 107 -15.97 -13.96 -0.98
N TRP A 108 -15.03 -13.35 -1.70
CA TRP A 108 -14.54 -12.02 -1.36
C TRP A 108 -15.69 -11.00 -1.37
N PRO A 109 -15.92 -10.35 -0.23
CA PRO A 109 -16.98 -9.35 -0.09
C PRO A 109 -16.68 -8.07 -0.87
N SER A 110 -17.66 -7.62 -1.65
CA SER A 110 -17.50 -6.42 -2.45
C SER A 110 -17.22 -5.21 -1.56
N VAL A 111 -16.08 -4.57 -1.78
CA VAL A 111 -15.69 -3.40 -1.00
C VAL A 111 -15.30 -2.24 -1.91
N ASN A 112 -15.15 -1.06 -1.33
CA ASN A 112 -14.78 0.13 -2.08
C ASN A 112 -13.50 0.75 -1.53
N MET A 113 -12.61 1.14 -2.43
CA MET A 113 -11.34 1.75 -2.03
C MET A 113 -11.48 3.27 -1.91
N ASN A 114 -11.64 3.75 -0.68
CA ASN A 114 -11.79 5.18 -0.45
C ASN A 114 -10.42 5.86 -0.31
N VAL A 115 -9.95 6.43 -1.41
CA VAL A 115 -8.66 7.11 -1.43
C VAL A 115 -8.83 8.62 -1.31
N ALA A 116 -8.54 9.17 -0.14
CA ALA A 116 -8.65 10.60 0.10
C ALA A 116 -7.60 11.08 1.09
N ASP A 117 -7.05 12.25 0.82
CA ASP A 117 -6.03 12.84 1.69
C ASP A 117 -4.87 11.86 1.89
N ALA A 118 -4.44 11.22 0.80
CA ALA A 118 -3.35 10.26 0.85
C ALA A 118 -3.61 9.18 1.89
N THR A 119 -4.86 8.72 1.95
CA THR A 119 -5.24 7.69 2.91
C THR A 119 -6.10 6.62 2.24
N VAL A 120 -5.61 5.39 2.25
CA VAL A 120 -6.34 4.27 1.65
C VAL A 120 -7.24 3.59 2.67
N THR A 121 -8.54 3.81 2.55
CA THR A 121 -9.51 3.21 3.46
C THR A 121 -10.51 2.33 2.71
N VAL A 122 -10.62 1.07 3.12
CA VAL A 122 -11.54 0.14 2.48
C VAL A 122 -12.90 0.17 3.16
N ILE A 123 -13.84 0.91 2.56
CA ILE A 123 -15.19 1.02 3.10
C ILE A 123 -16.11 0.00 2.46
N SER A 124 -16.94 -0.63 3.29
CA SER A 124 -17.89 -1.63 2.81
C SER A 124 -18.75 -1.07 1.67
N GLU A 125 -19.31 -1.97 0.88
CA GLU A 125 -20.16 -1.57 -0.25
C GLU A 125 -21.54 -1.15 0.23
N LYS A 126 -22.14 -1.97 1.09
CA LYS A 126 -23.46 -1.67 1.61
C LYS A 126 -23.36 -0.99 2.98
N ASN A 127 -22.28 -0.24 3.17
CA ASN A 127 -22.07 0.47 4.43
C ASN A 127 -20.98 1.54 4.27
N GLU A 128 -20.90 2.44 5.25
CA GLU A 128 -19.91 3.51 5.22
C GLU A 128 -19.13 3.57 6.52
N GLU A 129 -19.80 3.26 7.62
CA GLU A 129 -19.17 3.28 8.94
C GLU A 129 -18.58 1.91 9.28
N GLU A 130 -18.15 1.18 8.25
CA GLU A 130 -17.57 -0.13 8.44
C GLU A 130 -16.04 -0.06 8.49
N VAL A 131 -15.47 0.76 7.60
CA VAL A 131 -14.02 0.94 7.54
C VAL A 131 -13.31 -0.39 7.77
N LEU A 132 -13.77 -1.45 7.09
CA LEU A 132 -13.18 -2.76 7.22
C LEU A 132 -11.67 -2.66 7.44
N VAL A 133 -11.01 -1.84 6.62
CA VAL A 133 -9.57 -1.65 6.73
C VAL A 133 -9.20 -0.18 6.57
N GLU A 134 -8.31 0.29 7.45
CA GLU A 134 -7.87 1.68 7.41
C GLU A 134 -6.36 1.77 7.21
N CYS A 135 -5.95 2.16 6.00
CA CYS A 135 -4.53 2.28 5.68
C CYS A 135 -4.20 3.69 5.20
N ARG A 136 -3.06 4.21 5.63
CA ARG A 136 -2.63 5.54 5.24
C ARG A 136 -1.34 5.49 4.44
N VAL A 137 -1.36 6.08 3.25
CA VAL A 137 -0.19 6.10 2.37
C VAL A 137 1.09 6.32 3.18
N ARG A 138 1.08 7.36 4.00
CA ARG A 138 2.25 7.69 4.83
C ARG A 138 2.85 6.43 5.43
N PHE A 139 1.99 5.53 5.89
CA PHE A 139 2.45 4.28 6.50
C PHE A 139 2.86 3.27 5.43
N LEU A 140 2.14 3.29 4.31
CA LEU A 140 2.43 2.37 3.21
C LEU A 140 3.93 2.32 2.91
N SER A 141 4.52 1.16 3.13
CA SER A 141 5.95 0.98 2.89
C SER A 141 6.23 0.63 1.43
N PHE A 142 5.51 -0.38 0.93
CA PHE A 142 5.67 -0.82 -0.45
C PHE A 142 4.38 -1.42 -0.99
N MET A 143 4.09 -1.16 -2.25
CA MET A 143 2.88 -1.68 -2.89
C MET A 143 3.18 -2.17 -4.30
N GLY A 144 2.50 -3.24 -4.70
CA GLY A 144 2.71 -3.80 -6.02
C GLY A 144 1.57 -4.71 -6.45
N VAL A 145 1.86 -5.60 -7.40
CA VAL A 145 0.85 -6.53 -7.90
C VAL A 145 1.37 -7.97 -7.82
N GLY A 146 0.50 -8.91 -8.18
CA GLY A 146 0.87 -10.32 -8.16
C GLY A 146 0.94 -10.93 -9.54
N LYS A 147 1.07 -12.25 -9.59
CA LYS A 147 1.15 -12.96 -10.87
C LYS A 147 0.28 -12.28 -11.92
N ASP A 148 -1.00 -12.09 -11.60
CA ASP A 148 -1.93 -11.45 -12.51
C ASP A 148 -2.18 -10.00 -12.11
N VAL A 149 -1.87 -9.07 -13.02
CA VAL A 149 -2.07 -7.66 -12.76
C VAL A 149 -3.42 -7.40 -12.11
N HIS A 150 -4.38 -8.28 -12.37
CA HIS A 150 -5.71 -8.15 -11.81
C HIS A 150 -5.65 -8.02 -10.28
N THR A 151 -4.82 -8.83 -9.66
CA THR A 151 -4.65 -8.80 -8.21
C THR A 151 -3.74 -7.67 -7.77
N PHE A 152 -4.24 -6.81 -6.89
CA PHE A 152 -3.47 -5.69 -6.39
C PHE A 152 -3.35 -5.72 -4.87
N ALA A 153 -2.13 -5.90 -4.38
CA ALA A 153 -1.88 -5.96 -2.96
C ALA A 153 -0.82 -4.95 -2.53
N PHE A 154 -0.89 -4.50 -1.28
CA PHE A 154 0.07 -3.53 -0.77
C PHE A 154 0.46 -3.87 0.67
N ILE A 155 1.72 -3.62 1.01
CA ILE A 155 2.22 -3.89 2.34
C ILE A 155 2.23 -2.62 3.20
N MET A 156 1.42 -2.63 4.26
CA MET A 156 1.34 -1.49 5.16
C MET A 156 1.76 -1.88 6.57
N ASP A 157 1.89 -0.88 7.44
CA ASP A 157 2.29 -1.11 8.82
C ASP A 157 1.15 -0.77 9.78
N THR A 158 0.71 -1.76 10.55
CA THR A 158 -0.37 -1.56 11.51
C THR A 158 0.16 -1.03 12.84
N GLY A 159 1.17 -1.70 13.38
CA GLY A 159 1.76 -1.28 14.63
C GLY A 159 3.07 -0.56 14.45
N ASN A 160 4.10 -1.03 15.15
CA ASN A 160 5.43 -0.43 15.06
C ASN A 160 6.25 -1.05 13.93
N GLN A 161 6.55 -2.33 14.07
CA GLN A 161 7.33 -3.05 13.06
C GLN A 161 6.46 -4.06 12.32
N ARG A 162 5.18 -4.12 12.70
CA ARG A 162 4.25 -5.05 12.07
C ARG A 162 3.90 -4.60 10.66
N PHE A 163 3.92 -5.54 9.72
CA PHE A 163 3.62 -5.24 8.33
C PHE A 163 2.60 -6.23 7.78
N GLU A 164 1.43 -5.73 7.38
CA GLU A 164 0.37 -6.56 6.84
C GLU A 164 0.19 -6.30 5.35
N CYS A 165 -0.32 -7.31 4.63
CA CYS A 165 -0.54 -7.19 3.20
C CYS A 165 -2.01 -7.37 2.86
N HIS A 166 -2.61 -6.36 2.24
CA HIS A 166 -4.01 -6.40 1.87
C HIS A 166 -4.17 -6.61 0.37
N VAL A 167 -4.83 -7.69 -0.01
CA VAL A 167 -5.04 -8.01 -1.42
C VAL A 167 -6.42 -7.54 -1.88
N PHE A 168 -6.47 -6.96 -3.07
CA PHE A 168 -7.73 -6.47 -3.63
C PHE A 168 -7.79 -6.73 -5.13
N TRP A 169 -8.88 -7.35 -5.56
CA TRP A 169 -9.08 -7.67 -6.98
C TRP A 169 -9.65 -6.48 -7.73
N CYS A 170 -9.03 -6.14 -8.85
CA CYS A 170 -9.47 -5.02 -9.67
C CYS A 170 -10.07 -5.50 -10.99
N GLU A 171 -10.91 -4.67 -11.60
CA GLU A 171 -11.54 -5.01 -12.86
C GLU A 171 -11.68 -3.79 -13.75
N PRO A 172 -11.25 -3.91 -15.01
CA PRO A 172 -10.66 -5.15 -15.53
C PRO A 172 -9.30 -5.45 -14.92
N ASN A 173 -8.42 -4.44 -14.93
CA ASN A 173 -7.08 -4.59 -14.38
C ASN A 173 -6.86 -3.62 -13.21
N ALA A 174 -5.72 -3.76 -12.55
CA ALA A 174 -5.38 -2.89 -11.42
C ALA A 174 -4.56 -1.69 -11.88
N ALA A 175 -4.86 -1.19 -13.08
CA ALA A 175 -4.15 -0.04 -13.62
C ALA A 175 -4.63 1.26 -12.98
N ASN A 176 -5.92 1.53 -13.09
CA ASN A 176 -6.49 2.74 -12.53
C ASN A 176 -6.26 2.80 -11.03
N VAL A 177 -6.45 1.67 -10.35
CA VAL A 177 -6.26 1.59 -8.91
C VAL A 177 -4.80 1.89 -8.54
N SER A 178 -3.89 1.07 -9.03
CA SER A 178 -2.47 1.24 -8.75
C SER A 178 -2.00 2.63 -9.14
N GLU A 179 -2.69 3.22 -10.12
CA GLU A 179 -2.34 4.56 -10.59
C GLU A 179 -2.83 5.62 -9.62
N ALA A 180 -4.10 5.52 -9.23
CA ALA A 180 -4.70 6.47 -8.31
C ALA A 180 -3.88 6.58 -7.03
N VAL A 181 -3.64 5.44 -6.39
CA VAL A 181 -2.88 5.40 -5.15
C VAL A 181 -1.50 6.03 -5.33
N GLN A 182 -0.84 5.70 -6.44
CA GLN A 182 0.48 6.24 -6.73
C GLN A 182 0.49 7.77 -6.61
N ALA A 183 -0.47 8.41 -7.28
CA ALA A 183 -0.58 9.86 -7.25
C ALA A 183 -0.70 10.37 -5.81
N ALA A 184 -1.42 9.64 -4.98
CA ALA A 184 -1.60 10.01 -3.59
C ALA A 184 -0.26 10.27 -2.91
N CYS A 185 0.68 9.36 -3.11
CA CYS A 185 2.01 9.48 -2.51
C CYS A 185 2.54 10.90 -2.67
N GLY A 1 -7.67 -22.66 -13.20
CA GLY A 1 -7.44 -23.28 -14.49
C GLY A 1 -7.43 -22.28 -15.62
N SER A 2 -7.24 -22.76 -16.85
CA SER A 2 -7.20 -21.91 -18.02
C SER A 2 -8.62 -21.55 -18.47
N SER A 3 -8.76 -20.38 -19.10
CA SER A 3 -10.05 -19.92 -19.58
C SER A 3 -9.89 -18.89 -20.70
N GLY A 4 -10.29 -19.27 -21.91
CA GLY A 4 -10.17 -18.38 -23.05
C GLY A 4 -8.85 -18.52 -23.76
N SER A 5 -8.86 -18.29 -25.07
CA SER A 5 -7.66 -18.41 -25.88
C SER A 5 -6.82 -17.14 -25.77
N SER A 6 -5.84 -17.15 -24.87
CA SER A 6 -4.97 -16.00 -24.67
C SER A 6 -3.91 -15.92 -25.76
N GLY A 7 -3.78 -14.75 -26.37
CA GLY A 7 -2.80 -14.55 -27.43
C GLY A 7 -2.80 -13.14 -27.96
N ASP A 8 -2.85 -12.17 -27.07
CA ASP A 8 -2.85 -10.76 -27.45
C ASP A 8 -1.65 -10.44 -28.34
N ALA A 9 -1.82 -9.47 -29.23
CA ALA A 9 -0.75 -9.07 -30.14
C ALA A 9 -0.12 -7.75 -29.69
N ALA A 10 -0.91 -6.69 -29.73
CA ALA A 10 -0.43 -5.36 -29.33
C ALA A 10 -0.65 -5.13 -27.84
N VAL A 11 0.28 -4.40 -27.22
CA VAL A 11 0.19 -4.11 -25.80
C VAL A 11 -0.69 -2.88 -25.54
N THR A 12 -1.42 -2.92 -24.44
CA THR A 12 -2.30 -1.81 -24.07
C THR A 12 -1.54 -0.72 -23.35
N PRO A 13 -2.01 0.54 -23.48
CA PRO A 13 -1.38 1.70 -22.84
C PRO A 13 -1.57 1.68 -21.33
N GLU A 14 -2.39 0.76 -20.83
CA GLU A 14 -2.65 0.65 -19.41
C GLU A 14 -1.75 -0.41 -18.77
N GLU A 15 -1.37 -1.41 -19.57
CA GLU A 15 -0.51 -2.48 -19.08
C GLU A 15 0.92 -2.00 -18.91
N ARG A 16 1.39 -1.22 -19.87
CA ARG A 16 2.76 -0.69 -19.82
C ARG A 16 3.10 -0.21 -18.42
N HIS A 17 2.15 0.44 -17.76
CA HIS A 17 2.35 0.96 -16.42
C HIS A 17 2.33 -0.18 -15.39
N LEU A 18 1.38 -1.10 -15.57
CA LEU A 18 1.26 -2.24 -14.67
C LEU A 18 2.50 -3.12 -14.70
N SER A 19 3.14 -3.19 -15.86
CA SER A 19 4.34 -3.99 -16.02
C SER A 19 5.39 -3.62 -14.97
N LYS A 20 5.74 -2.35 -14.91
CA LYS A 20 6.73 -1.87 -13.96
C LYS A 20 6.43 -2.40 -12.56
N MET A 21 5.18 -2.26 -12.14
CA MET A 21 4.76 -2.73 -10.82
C MET A 21 5.12 -4.20 -10.63
N GLN A 22 5.03 -4.97 -11.70
CA GLN A 22 5.34 -6.40 -11.65
C GLN A 22 6.86 -6.62 -11.60
N GLN A 23 7.58 -5.85 -12.40
CA GLN A 23 9.04 -5.96 -12.44
C GLN A 23 9.64 -5.86 -11.05
N ASN A 24 9.47 -4.70 -10.43
CA ASN A 24 10.00 -4.46 -9.08
C ASN A 24 8.89 -4.01 -8.14
N GLY A 25 8.09 -3.06 -8.59
CA GLY A 25 7.00 -2.56 -7.76
C GLY A 25 7.15 -1.09 -7.44
N TYR A 26 6.36 -0.62 -6.46
CA TYR A 26 6.42 0.78 -6.05
C TYR A 26 6.72 0.90 -4.56
N GLU A 27 7.93 1.32 -4.25
CA GLU A 27 8.34 1.48 -2.85
C GLU A 27 8.16 2.92 -2.39
N ASN A 28 7.86 3.08 -1.11
CA ASN A 28 7.65 4.41 -0.54
C ASN A 28 8.94 4.95 0.08
N PRO A 29 9.45 6.05 -0.47
CA PRO A 29 10.68 6.69 0.01
C PRO A 29 10.50 7.33 1.38
N THR A 30 9.36 8.00 1.57
CA THR A 30 9.07 8.66 2.84
C THR A 30 9.30 7.72 4.02
N TYR A 31 8.79 6.49 3.91
CA TYR A 31 8.94 5.51 4.97
C TYR A 31 10.41 5.29 5.31
N LYS A 32 11.16 4.73 4.36
CA LYS A 32 12.58 4.47 4.55
C LYS A 32 13.30 5.73 5.03
N PHE A 33 13.22 6.79 4.22
CA PHE A 33 13.87 8.06 4.55
C PHE A 33 13.83 8.30 6.06
N PHE A 34 12.64 8.15 6.65
CA PHE A 34 12.47 8.36 8.08
C PHE A 34 13.44 7.50 8.88
N GLU A 35 13.46 6.21 8.57
CA GLU A 35 14.34 5.27 9.27
C GLU A 35 15.80 5.73 9.18
N GLN A 36 16.29 5.89 7.95
CA GLN A 36 17.66 6.32 7.73
C GLN A 36 17.76 7.84 7.76
N MET A 37 17.09 8.45 8.73
CA MET A 37 17.11 9.90 8.87
C MET A 37 18.46 10.48 8.47
N GLN A 38 18.49 11.20 7.36
CA GLN A 38 19.72 11.81 6.87
C GLN A 38 19.81 13.27 7.26
N ASN A 39 21.03 13.77 7.42
CA ASN A 39 21.25 15.16 7.80
C ASN A 39 21.00 16.09 6.61
N SER A 40 21.17 17.39 6.85
CA SER A 40 20.95 18.39 5.80
C SER A 40 22.08 19.41 5.78
N GLY A 41 22.33 20.03 6.93
CA GLY A 41 23.39 21.03 7.03
C GLY A 41 24.70 20.42 7.47
N PRO A 42 25.82 20.98 6.97
CA PRO A 42 27.16 20.51 7.31
C PRO A 42 27.54 20.83 8.75
N SER A 43 27.23 19.90 9.65
CA SER A 43 27.53 20.08 11.07
C SER A 43 28.77 19.27 11.47
N SER A 44 29.75 19.95 12.06
CA SER A 44 30.98 19.29 12.50
C SER A 44 31.00 19.12 14.01
N GLY A 45 30.84 20.23 14.73
CA GLY A 45 30.86 20.19 16.17
C GLY A 45 31.38 21.46 16.80
N ILE A 46 31.82 21.38 18.04
CA ILE A 46 32.35 22.54 18.75
C ILE A 46 33.86 22.43 18.93
N GLU A 47 34.58 23.43 18.43
CA GLU A 47 36.04 23.45 18.53
C GLU A 47 36.48 23.20 19.97
N GLY A 48 37.61 22.51 20.12
CA GLY A 48 38.13 22.22 21.45
C GLY A 48 37.47 21.00 22.07
N ARG A 49 37.60 20.86 23.39
CA ARG A 49 37.02 19.73 24.10
C ARG A 49 36.56 20.15 25.50
N GLY A 50 35.80 19.28 26.15
CA GLY A 50 35.31 19.58 27.49
C GLY A 50 34.15 20.56 27.47
N SER A 51 32.98 20.08 27.06
CA SER A 51 31.80 20.94 26.99
C SER A 51 30.55 20.10 26.67
N SER A 52 29.53 20.23 27.52
CA SER A 52 28.29 19.49 27.34
C SER A 52 27.13 20.21 28.02
N GLY A 53 26.10 20.51 27.25
CA GLY A 53 24.93 21.19 27.78
C GLY A 53 24.02 21.74 26.71
N SER A 54 23.31 20.84 26.02
CA SER A 54 22.40 21.23 24.96
C SER A 54 21.39 20.12 24.68
N SER A 55 20.11 20.44 24.83
CA SER A 55 19.05 19.47 24.60
C SER A 55 18.52 19.57 23.17
N GLY A 56 19.03 20.55 22.43
CA GLY A 56 18.61 20.75 21.05
C GLY A 56 17.26 21.46 20.96
N SER A 57 17.23 22.54 20.20
CA SER A 57 16.00 23.32 20.03
C SER A 57 15.64 23.44 18.56
N SER A 58 14.95 22.42 18.04
CA SER A 58 14.55 22.41 16.63
C SER A 58 13.25 21.64 16.45
N GLY A 59 12.55 21.91 15.35
CA GLY A 59 11.30 21.24 15.08
C GLY A 59 11.02 21.12 13.60
N SER A 60 9.74 21.07 13.23
CA SER A 60 9.34 20.94 11.84
C SER A 60 7.88 21.33 11.66
N SER A 61 7.61 22.11 10.61
CA SER A 61 6.25 22.56 10.33
C SER A 61 5.93 22.40 8.84
N GLY A 62 4.99 21.50 8.54
CA GLY A 62 4.60 21.27 7.16
C GLY A 62 3.13 20.96 7.01
N PRO A 63 2.28 22.00 7.12
CA PRO A 63 0.83 21.85 7.01
C PRO A 63 0.39 21.51 5.58
N THR A 64 0.13 20.23 5.34
CA THR A 64 -0.30 19.78 4.02
C THR A 64 -1.74 20.19 3.73
N PRO A 65 -2.01 20.55 2.47
CA PRO A 65 -3.35 20.98 2.05
C PRO A 65 -4.34 19.83 2.03
N LYS A 66 -5.57 20.10 2.45
CA LYS A 66 -6.61 19.09 2.48
C LYS A 66 -7.41 19.08 1.18
N THR A 67 -7.72 17.89 0.69
CA THR A 67 -8.47 17.74 -0.54
C THR A 67 -9.98 17.84 -0.29
N GLU A 68 -10.70 18.37 -1.26
CA GLU A 68 -12.15 18.53 -1.14
C GLU A 68 -12.87 17.42 -1.91
N LEU A 69 -12.11 16.60 -2.62
CA LEU A 69 -12.68 15.52 -3.40
C LEU A 69 -12.27 14.16 -2.82
N VAL A 70 -12.84 13.09 -3.37
CA VAL A 70 -12.53 11.74 -2.91
C VAL A 70 -12.81 10.71 -4.00
N GLN A 71 -11.87 9.78 -4.18
CA GLN A 71 -12.00 8.75 -5.20
C GLN A 71 -12.46 7.44 -4.57
N LYS A 72 -13.52 6.86 -5.14
CA LYS A 72 -14.07 5.60 -4.65
C LYS A 72 -14.11 4.55 -5.74
N PHE A 73 -13.35 3.47 -5.57
CA PHE A 73 -13.31 2.40 -6.55
C PHE A 73 -13.92 1.12 -5.99
N ARG A 74 -14.40 0.26 -6.88
CA ARG A 74 -15.02 -0.99 -6.48
C ARG A 74 -14.02 -2.15 -6.58
N VAL A 75 -13.85 -2.88 -5.49
CA VAL A 75 -12.93 -4.02 -5.47
C VAL A 75 -13.35 -5.05 -4.42
N GLN A 76 -12.66 -6.18 -4.41
CA GLN A 76 -12.96 -7.24 -3.46
C GLN A 76 -11.86 -7.36 -2.41
N TYR A 77 -12.22 -7.87 -1.23
CA TYR A 77 -11.27 -8.03 -0.14
C TYR A 77 -11.00 -9.51 0.13
N LEU A 78 -9.86 -10.00 -0.35
CA LEU A 78 -9.49 -11.39 -0.15
C LEU A 78 -9.25 -11.69 1.32
N GLY A 79 -8.56 -10.78 2.01
CA GLY A 79 -8.28 -10.97 3.41
C GLY A 79 -6.90 -10.47 3.80
N MET A 80 -6.61 -10.50 5.10
CA MET A 80 -5.31 -10.04 5.59
C MET A 80 -4.33 -11.20 5.71
N LEU A 81 -3.14 -11.02 5.16
CA LEU A 81 -2.11 -12.05 5.19
C LEU A 81 -0.80 -11.50 5.76
N PRO A 82 -0.33 -12.12 6.86
CA PRO A 82 0.91 -11.71 7.53
C PRO A 82 2.14 -12.03 6.70
N VAL A 83 3.06 -11.07 6.60
CA VAL A 83 4.29 -11.26 5.84
C VAL A 83 5.50 -11.31 6.75
N ASP A 84 6.62 -11.79 6.22
CA ASP A 84 7.86 -11.90 6.99
C ASP A 84 8.80 -10.74 6.67
N ARG A 85 8.62 -10.16 5.48
CA ARG A 85 9.46 -9.06 5.05
C ARG A 85 8.62 -7.81 4.77
N PRO A 86 9.18 -6.64 5.09
CA PRO A 86 8.49 -5.35 4.89
C PRO A 86 8.35 -4.99 3.42
N VAL A 87 9.24 -5.54 2.60
CA VAL A 87 9.22 -5.28 1.16
C VAL A 87 9.59 -6.53 0.37
N GLY A 88 9.55 -6.43 -0.96
CA GLY A 88 9.88 -7.55 -1.80
C GLY A 88 8.67 -8.10 -2.53
N MET A 89 8.88 -8.59 -3.75
CA MET A 89 7.80 -9.14 -4.56
C MET A 89 7.45 -10.56 -4.11
N ASP A 90 8.45 -11.44 -4.12
CA ASP A 90 8.24 -12.82 -3.71
C ASP A 90 7.48 -12.89 -2.40
N THR A 91 7.49 -11.80 -1.65
CA THR A 91 6.79 -11.74 -0.37
C THR A 91 5.35 -11.25 -0.56
N LEU A 92 5.18 -10.17 -1.30
CA LEU A 92 3.86 -9.62 -1.56
C LEU A 92 3.00 -10.61 -2.34
N ASN A 93 3.58 -11.21 -3.37
CA ASN A 93 2.87 -12.17 -4.20
C ASN A 93 2.42 -13.37 -3.37
N SER A 94 3.37 -14.02 -2.70
CA SER A 94 3.08 -15.19 -1.87
C SER A 94 1.77 -14.98 -1.10
N ALA A 95 1.63 -13.79 -0.51
CA ALA A 95 0.43 -13.48 0.26
C ALA A 95 -0.83 -13.68 -0.57
N ILE A 96 -0.84 -13.09 -1.76
CA ILE A 96 -1.99 -13.21 -2.66
C ILE A 96 -2.46 -14.66 -2.75
N GLU A 97 -1.60 -15.54 -3.25
CA GLU A 97 -1.93 -16.94 -3.39
C GLU A 97 -2.47 -17.51 -2.08
N ASN A 98 -1.82 -17.16 -0.97
CA ASN A 98 -2.24 -17.63 0.34
C ASN A 98 -3.75 -17.44 0.53
N LEU A 99 -4.21 -16.22 0.29
CA LEU A 99 -5.62 -15.90 0.45
C LEU A 99 -6.45 -16.55 -0.65
N MET A 100 -5.92 -16.54 -1.87
CA MET A 100 -6.61 -17.13 -3.01
C MET A 100 -7.03 -18.57 -2.70
N THR A 101 -6.11 -19.34 -2.13
CA THR A 101 -6.39 -20.73 -1.77
C THR A 101 -7.18 -20.82 -0.48
N SER A 102 -7.16 -19.75 0.31
CA SER A 102 -7.88 -19.72 1.58
C SER A 102 -9.39 -19.64 1.34
N SER A 103 -9.79 -18.76 0.43
CA SER A 103 -11.20 -18.57 0.11
C SER A 103 -11.41 -18.50 -1.40
N SER A 104 -12.67 -18.37 -1.81
CA SER A 104 -13.01 -18.29 -3.23
C SER A 104 -13.22 -16.84 -3.65
N LYS A 105 -13.25 -16.62 -4.96
CA LYS A 105 -13.44 -15.28 -5.50
C LYS A 105 -14.77 -14.69 -5.04
N GLU A 106 -15.76 -15.57 -4.82
CA GLU A 106 -17.08 -15.13 -4.38
C GLU A 106 -17.07 -14.82 -2.89
N ASP A 107 -16.33 -15.61 -2.13
CA ASP A 107 -16.24 -15.42 -0.68
C ASP A 107 -15.78 -14.00 -0.35
N TRP A 108 -14.93 -13.44 -1.20
CA TRP A 108 -14.41 -12.09 -0.99
C TRP A 108 -15.54 -11.07 -1.06
N PRO A 109 -15.77 -10.36 0.06
CA PRO A 109 -16.81 -9.34 0.14
C PRO A 109 -16.49 -8.11 -0.68
N SER A 110 -17.42 -7.72 -1.55
CA SER A 110 -17.22 -6.55 -2.40
C SER A 110 -17.09 -5.28 -1.57
N VAL A 111 -15.89 -4.71 -1.55
CA VAL A 111 -15.63 -3.49 -0.80
C VAL A 111 -15.35 -2.32 -1.72
N ASN A 112 -15.02 -1.17 -1.13
CA ASN A 112 -14.73 0.03 -1.91
C ASN A 112 -13.44 0.68 -1.43
N MET A 113 -12.63 1.14 -2.39
CA MET A 113 -11.36 1.79 -2.07
C MET A 113 -11.53 3.30 -1.98
N ASN A 114 -11.42 3.83 -0.75
CA ASN A 114 -11.56 5.26 -0.52
C ASN A 114 -10.20 5.95 -0.55
N VAL A 115 -9.85 6.52 -1.69
CA VAL A 115 -8.57 7.21 -1.85
C VAL A 115 -8.75 8.72 -1.71
N ALA A 116 -8.41 9.25 -0.54
CA ALA A 116 -8.53 10.69 -0.29
C ALA A 116 -7.47 11.15 0.71
N ASP A 117 -6.95 12.35 0.48
CA ASP A 117 -5.93 12.92 1.35
C ASP A 117 -4.77 11.94 1.53
N ALA A 118 -4.42 11.24 0.46
CA ALA A 118 -3.32 10.28 0.50
C ALA A 118 -3.56 9.24 1.60
N THR A 119 -4.80 8.80 1.73
CA THR A 119 -5.16 7.80 2.73
C THR A 119 -6.00 6.68 2.11
N VAL A 120 -5.46 5.46 2.15
CA VAL A 120 -6.16 4.30 1.61
C VAL A 120 -7.03 3.64 2.66
N THR A 121 -8.35 3.81 2.52
CA THR A 121 -9.30 3.23 3.47
C THR A 121 -10.32 2.35 2.74
N VAL A 122 -10.43 1.10 3.18
CA VAL A 122 -11.37 0.16 2.58
C VAL A 122 -12.73 0.22 3.28
N ILE A 123 -13.67 0.91 2.65
CA ILE A 123 -15.01 1.04 3.21
C ILE A 123 -15.97 0.02 2.61
N SER A 124 -16.82 -0.56 3.45
CA SER A 124 -17.78 -1.56 3.01
C SER A 124 -18.69 -1.00 1.92
N GLU A 125 -19.21 -1.88 1.08
CA GLU A 125 -20.10 -1.48 0.00
C GLU A 125 -21.45 -1.01 0.54
N LYS A 126 -22.04 -1.83 1.41
CA LYS A 126 -23.32 -1.51 2.01
C LYS A 126 -23.17 -0.50 3.15
N ASN A 127 -22.25 -0.79 4.06
CA ASN A 127 -22.00 0.10 5.20
C ASN A 127 -20.96 1.15 4.85
N GLU A 128 -21.10 2.34 5.42
CA GLU A 128 -20.17 3.43 5.17
C GLU A 128 -19.24 3.64 6.36
N GLU A 129 -19.76 3.39 7.56
CA GLU A 129 -18.98 3.55 8.78
C GLU A 129 -18.40 2.22 9.24
N GLU A 130 -17.94 1.42 8.30
CA GLU A 130 -17.36 0.11 8.60
C GLU A 130 -15.83 0.18 8.61
N VAL A 131 -15.28 1.03 7.75
CA VAL A 131 -13.84 1.18 7.65
C VAL A 131 -13.12 -0.14 7.92
N LEU A 132 -13.58 -1.19 7.26
CA LEU A 132 -12.99 -2.52 7.41
C LEU A 132 -11.49 -2.42 7.63
N VAL A 133 -10.85 -1.53 6.87
CA VAL A 133 -9.40 -1.33 6.98
C VAL A 133 -9.03 0.14 6.80
N GLU A 134 -8.10 0.61 7.62
CA GLU A 134 -7.66 2.01 7.54
C GLU A 134 -6.15 2.09 7.31
N CYS A 135 -5.78 2.53 6.11
CA CYS A 135 -4.37 2.66 5.75
C CYS A 135 -4.06 4.06 5.24
N ARG A 136 -2.81 4.49 5.41
CA ARG A 136 -2.39 5.82 4.97
C ARG A 136 -1.13 5.72 4.12
N VAL A 137 -1.18 6.35 2.94
CA VAL A 137 -0.04 6.34 2.02
C VAL A 137 1.28 6.50 2.79
N ARG A 138 1.31 7.46 3.70
CA ARG A 138 2.50 7.73 4.50
C ARG A 138 3.03 6.43 5.12
N PHE A 139 2.12 5.60 5.61
CA PHE A 139 2.50 4.34 6.23
C PHE A 139 2.87 3.30 5.18
N LEU A 140 2.16 3.33 4.06
CA LEU A 140 2.42 2.40 2.97
C LEU A 140 3.92 2.27 2.69
N SER A 141 4.52 1.21 3.20
CA SER A 141 5.94 0.97 3.01
C SER A 141 6.24 0.56 1.57
N PHE A 142 5.45 -0.37 1.05
CA PHE A 142 5.62 -0.86 -0.30
C PHE A 142 4.31 -1.40 -0.86
N MET A 143 4.18 -1.41 -2.19
CA MET A 143 2.98 -1.90 -2.84
C MET A 143 3.30 -2.45 -4.22
N GLY A 144 2.47 -3.37 -4.70
CA GLY A 144 2.68 -3.96 -6.01
C GLY A 144 1.50 -4.79 -6.48
N VAL A 145 1.70 -5.55 -7.55
CA VAL A 145 0.64 -6.39 -8.09
C VAL A 145 1.06 -7.85 -8.13
N GLY A 146 0.09 -8.74 -8.32
CA GLY A 146 0.39 -10.16 -8.38
C GLY A 146 0.56 -10.66 -9.80
N LYS A 147 0.87 -11.95 -9.93
CA LYS A 147 1.05 -12.54 -11.25
C LYS A 147 0.07 -11.97 -12.26
N ASP A 148 -1.14 -11.69 -11.81
CA ASP A 148 -2.18 -11.13 -12.66
C ASP A 148 -2.49 -9.68 -12.27
N VAL A 149 -2.30 -8.77 -13.21
CA VAL A 149 -2.56 -7.35 -12.97
C VAL A 149 -3.89 -7.16 -12.26
N HIS A 150 -4.84 -8.06 -12.51
CA HIS A 150 -6.16 -7.98 -11.90
C HIS A 150 -6.04 -7.89 -10.37
N THR A 151 -5.08 -8.61 -9.81
CA THR A 151 -4.87 -8.61 -8.37
C THR A 151 -3.95 -7.48 -7.95
N PHE A 152 -4.32 -6.76 -6.90
CA PHE A 152 -3.53 -5.65 -6.40
C PHE A 152 -3.43 -5.69 -4.88
N ALA A 153 -2.21 -5.87 -4.38
CA ALA A 153 -1.97 -5.93 -2.95
C ALA A 153 -0.98 -4.87 -2.51
N PHE A 154 -1.00 -4.54 -1.22
CA PHE A 154 -0.10 -3.52 -0.67
C PHE A 154 0.28 -3.85 0.77
N ILE A 155 1.51 -3.52 1.14
CA ILE A 155 1.99 -3.78 2.49
C ILE A 155 1.95 -2.51 3.34
N MET A 156 1.43 -2.63 4.56
CA MET A 156 1.34 -1.50 5.47
C MET A 156 1.89 -1.86 6.84
N ASP A 157 2.16 -0.84 7.65
CA ASP A 157 2.69 -1.06 9.00
C ASP A 157 1.62 -0.81 10.06
N THR A 158 1.36 -1.82 10.89
CA THR A 158 0.37 -1.72 11.94
C THR A 158 1.00 -1.35 13.27
N GLY A 159 1.98 -2.13 13.69
CA GLY A 159 2.66 -1.86 14.95
C GLY A 159 4.06 -1.33 14.75
N ASN A 160 5.01 -1.88 15.50
CA ASN A 160 6.40 -1.46 15.41
C ASN A 160 7.04 -1.98 14.13
N GLN A 161 7.22 -3.30 14.05
CA GLN A 161 7.83 -3.92 12.88
C GLN A 161 6.83 -4.83 12.17
N ARG A 162 5.60 -4.86 12.69
CA ARG A 162 4.56 -5.70 12.11
C ARG A 162 4.10 -5.14 10.76
N PHE A 163 3.92 -6.02 9.79
CA PHE A 163 3.48 -5.63 8.46
C PHE A 163 2.43 -6.58 7.91
N GLU A 164 1.37 -6.02 7.34
CA GLU A 164 0.29 -6.83 6.78
C GLU A 164 0.12 -6.56 5.29
N CYS A 165 -0.32 -7.57 4.56
CA CYS A 165 -0.53 -7.44 3.12
C CYS A 165 -2.00 -7.63 2.75
N HIS A 166 -2.65 -6.54 2.36
CA HIS A 166 -4.06 -6.59 1.97
C HIS A 166 -4.22 -6.73 0.47
N VAL A 167 -4.73 -7.87 0.03
CA VAL A 167 -4.94 -8.13 -1.39
C VAL A 167 -6.37 -7.83 -1.81
N PHE A 168 -6.52 -7.16 -2.94
CA PHE A 168 -7.85 -6.82 -3.45
C PHE A 168 -7.94 -7.08 -4.95
N TRP A 169 -9.15 -7.33 -5.43
CA TRP A 169 -9.38 -7.60 -6.83
C TRP A 169 -9.98 -6.37 -7.54
N CYS A 170 -9.38 -6.00 -8.66
CA CYS A 170 -9.84 -4.84 -9.42
C CYS A 170 -10.36 -5.27 -10.79
N GLU A 171 -11.29 -4.50 -11.33
CA GLU A 171 -11.86 -4.81 -12.64
C GLU A 171 -12.13 -3.52 -13.42
N PRO A 172 -11.84 -3.56 -14.74
CA PRO A 172 -11.30 -4.76 -15.39
C PRO A 172 -9.87 -5.06 -14.97
N ASN A 173 -9.03 -4.03 -14.99
CA ASN A 173 -7.62 -4.18 -14.61
C ASN A 173 -7.28 -3.25 -13.45
N ALA A 174 -6.17 -3.55 -12.77
CA ALA A 174 -5.73 -2.74 -11.64
C ALA A 174 -4.94 -1.53 -12.12
N ALA A 175 -5.11 -1.18 -13.39
CA ALA A 175 -4.42 -0.04 -13.97
C ALA A 175 -4.95 1.28 -13.40
N ASN A 176 -6.28 1.39 -13.35
CA ASN A 176 -6.92 2.60 -12.83
C ASN A 176 -6.72 2.72 -11.33
N VAL A 177 -6.88 1.60 -10.63
CA VAL A 177 -6.72 1.56 -9.18
C VAL A 177 -5.27 1.81 -8.79
N SER A 178 -4.38 0.93 -9.23
CA SER A 178 -2.96 1.05 -8.92
C SER A 178 -2.43 2.42 -9.34
N GLU A 179 -3.18 3.10 -10.20
CA GLU A 179 -2.78 4.43 -10.68
C GLU A 179 -3.24 5.52 -9.71
N ALA A 180 -4.50 5.43 -9.29
CA ALA A 180 -5.07 6.40 -8.37
C ALA A 180 -4.25 6.48 -7.08
N VAL A 181 -3.72 5.34 -6.66
CA VAL A 181 -2.92 5.27 -5.44
C VAL A 181 -1.49 5.75 -5.70
N GLN A 182 -0.97 5.42 -6.87
CA GLN A 182 0.39 5.81 -7.24
C GLN A 182 0.54 7.33 -7.25
N ALA A 183 -0.43 8.01 -7.85
CA ALA A 183 -0.41 9.46 -7.93
C ALA A 183 -0.37 10.08 -6.53
N ALA A 184 -1.14 9.52 -5.62
CA ALA A 184 -1.19 10.02 -4.25
C ALA A 184 0.21 10.05 -3.63
N CYS A 185 0.95 8.96 -3.80
CA CYS A 185 2.31 8.87 -3.25
C CYS A 185 3.06 10.17 -3.47
N GLY A 1 -10.74 6.10 -20.38
CA GLY A 1 -11.95 6.62 -19.75
C GLY A 1 -13.06 5.60 -19.72
N SER A 2 -13.52 5.27 -18.52
CA SER A 2 -14.60 4.30 -18.35
C SER A 2 -14.46 3.17 -19.36
N SER A 3 -13.23 2.70 -19.56
CA SER A 3 -12.96 1.62 -20.49
C SER A 3 -13.01 0.26 -19.79
N GLY A 4 -13.25 -0.79 -20.56
CA GLY A 4 -13.31 -2.13 -20.00
C GLY A 4 -12.22 -3.04 -20.53
N SER A 5 -12.22 -4.28 -20.06
CA SER A 5 -11.21 -5.24 -20.50
C SER A 5 -11.03 -5.21 -22.01
N SER A 6 -9.79 -5.27 -22.47
CA SER A 6 -9.48 -5.24 -23.88
C SER A 6 -8.43 -6.28 -24.25
N GLY A 7 -8.32 -6.59 -25.53
CA GLY A 7 -7.35 -7.57 -25.98
C GLY A 7 -6.93 -7.36 -27.43
N ASP A 8 -5.64 -7.51 -27.70
CA ASP A 8 -5.13 -7.34 -29.05
C ASP A 8 -3.67 -7.79 -29.14
N ALA A 9 -3.12 -7.76 -30.36
CA ALA A 9 -1.75 -8.17 -30.57
C ALA A 9 -0.77 -7.17 -29.95
N ALA A 10 -0.92 -5.90 -30.31
CA ALA A 10 -0.06 -4.85 -29.79
C ALA A 10 -0.34 -4.59 -28.31
N VAL A 11 0.71 -4.61 -27.50
CA VAL A 11 0.58 -4.37 -26.07
C VAL A 11 -0.28 -3.14 -25.79
N THR A 12 -1.12 -3.24 -24.76
CA THR A 12 -1.99 -2.14 -24.39
C THR A 12 -1.23 -1.03 -23.68
N PRO A 13 -1.71 0.21 -23.80
CA PRO A 13 -1.08 1.38 -23.18
C PRO A 13 -1.23 1.37 -21.66
N GLU A 14 -2.06 0.46 -21.16
CA GLU A 14 -2.28 0.36 -19.72
C GLU A 14 -1.38 -0.71 -19.11
N GLU A 15 -1.29 -1.86 -19.77
CA GLU A 15 -0.46 -2.95 -19.28
C GLU A 15 0.98 -2.50 -19.09
N ARG A 16 1.48 -1.71 -20.04
CA ARG A 16 2.85 -1.21 -19.98
C ARG A 16 3.21 -0.81 -18.56
N HIS A 17 2.43 0.10 -17.98
CA HIS A 17 2.67 0.58 -16.62
C HIS A 17 2.56 -0.57 -15.62
N LEU A 18 1.54 -1.41 -15.80
CA LEU A 18 1.33 -2.55 -14.92
C LEU A 18 2.57 -3.42 -14.83
N SER A 19 3.17 -3.70 -15.98
CA SER A 19 4.38 -4.53 -16.04
C SER A 19 5.43 -4.01 -15.08
N LYS A 20 5.56 -2.68 -14.99
CA LYS A 20 6.53 -2.06 -14.10
C LYS A 20 6.36 -2.57 -12.67
N MET A 21 5.16 -2.44 -12.14
CA MET A 21 4.87 -2.89 -10.78
C MET A 21 5.47 -4.27 -10.52
N GLN A 22 5.43 -5.13 -11.53
CA GLN A 22 5.96 -6.47 -11.41
C GLN A 22 7.48 -6.47 -11.58
N GLN A 23 7.97 -5.68 -12.52
CA GLN A 23 9.40 -5.59 -12.78
C GLN A 23 10.17 -5.32 -11.49
N ASN A 24 9.84 -4.22 -10.83
CA ASN A 24 10.49 -3.85 -9.57
C ASN A 24 9.46 -3.54 -8.50
N GLY A 25 8.45 -2.76 -8.86
CA GLY A 25 7.41 -2.40 -7.91
C GLY A 25 7.42 -0.91 -7.58
N TYR A 26 6.68 -0.53 -6.55
CA TYR A 26 6.59 0.86 -6.14
C TYR A 26 6.74 1.00 -4.63
N GLU A 27 7.81 1.64 -4.19
CA GLU A 27 8.06 1.84 -2.77
C GLU A 27 7.74 3.27 -2.36
N ASN A 28 7.44 3.45 -1.07
CA ASN A 28 7.10 4.77 -0.55
C ASN A 28 8.35 5.47 -0.04
N PRO A 29 8.72 6.57 -0.72
CA PRO A 29 9.91 7.36 -0.34
C PRO A 29 9.70 8.12 0.96
N THR A 30 8.58 8.83 1.06
CA THR A 30 8.26 9.61 2.26
C THR A 30 8.42 8.76 3.52
N TYR A 31 7.99 7.50 3.43
CA TYR A 31 8.07 6.59 4.56
C TYR A 31 9.52 6.39 5.00
N LYS A 32 10.38 6.07 4.04
CA LYS A 32 11.80 5.86 4.31
C LYS A 32 12.51 7.19 4.58
N PHE A 33 11.82 8.28 4.28
CA PHE A 33 12.39 9.61 4.48
C PHE A 33 12.38 9.99 5.96
N PHE A 34 13.48 10.55 6.44
CA PHE A 34 13.60 10.96 7.83
C PHE A 34 12.82 10.00 8.74
N GLU A 35 13.07 8.71 8.59
CA GLU A 35 12.39 7.70 9.39
C GLU A 35 13.02 7.60 10.78
N GLN A 36 14.34 7.66 10.83
CA GLN A 36 15.07 7.57 12.09
C GLN A 36 14.55 8.62 13.08
N MET A 37 14.74 8.35 14.37
CA MET A 37 14.31 9.26 15.42
C MET A 37 15.42 9.50 16.43
N GLN A 38 15.18 10.44 17.35
CA GLN A 38 16.17 10.77 18.37
C GLN A 38 15.83 10.06 19.69
N ASN A 39 16.80 9.31 20.21
CA ASN A 39 16.61 8.59 21.47
C ASN A 39 17.27 9.34 22.63
N SER A 40 16.46 9.73 23.60
CA SER A 40 16.96 10.46 24.77
C SER A 40 18.09 9.69 25.44
N GLY A 41 17.83 8.42 25.77
CA GLY A 41 18.83 7.60 26.42
C GLY A 41 18.56 7.41 27.89
N PRO A 42 17.48 6.67 28.22
CA PRO A 42 17.09 6.40 29.60
C PRO A 42 18.07 5.46 30.30
N SER A 43 18.82 4.69 29.51
CA SER A 43 19.79 3.75 30.06
C SER A 43 21.21 4.22 29.80
N SER A 44 22.04 4.19 30.84
CA SER A 44 23.43 4.62 30.73
C SER A 44 24.38 3.47 31.03
N GLY A 45 25.66 3.68 30.78
CA GLY A 45 26.66 2.65 31.03
C GLY A 45 26.99 2.52 32.50
N ILE A 46 26.54 1.41 33.11
CA ILE A 46 26.80 1.17 34.52
C ILE A 46 27.17 -0.29 34.76
N GLU A 47 28.27 -0.49 35.49
CA GLU A 47 28.74 -1.84 35.79
C GLU A 47 28.24 -2.30 37.16
N GLY A 48 27.61 -3.48 37.18
CA GLY A 48 27.07 -4.01 38.41
C GLY A 48 25.59 -3.80 38.55
N ARG A 49 25.17 -2.55 38.70
CA ARG A 49 23.77 -2.22 38.84
C ARG A 49 23.15 -1.83 37.49
N GLY A 50 21.83 -1.77 37.45
CA GLY A 50 21.15 -1.42 36.22
C GLY A 50 19.64 -1.37 36.38
N SER A 51 19.09 -0.17 36.49
CA SER A 51 17.65 0.00 36.66
C SER A 51 17.16 1.22 35.88
N SER A 52 16.04 1.05 35.19
CA SER A 52 15.46 2.14 34.40
C SER A 52 13.98 1.89 34.16
N GLY A 53 13.16 2.87 34.54
CA GLY A 53 11.72 2.75 34.36
C GLY A 53 11.02 4.10 34.34
N SER A 54 10.30 4.37 33.27
CA SER A 54 9.58 5.64 33.14
C SER A 54 8.56 5.57 32.00
N SER A 55 7.28 5.65 32.36
CA SER A 55 6.21 5.60 31.37
C SER A 55 5.29 6.81 31.50
N GLY A 56 4.78 7.29 30.38
CA GLY A 56 3.89 8.43 30.38
C GLY A 56 3.19 8.63 29.06
N SER A 57 1.86 8.64 29.08
CA SER A 57 1.08 8.82 27.87
C SER A 57 0.00 9.88 28.07
N SER A 58 -0.18 10.73 27.07
CA SER A 58 -1.18 11.80 27.14
C SER A 58 -2.23 11.64 26.04
N GLY A 59 -1.75 11.51 24.80
CA GLY A 59 -2.65 11.34 23.68
C GLY A 59 -2.86 12.64 22.91
N SER A 60 -1.76 13.29 22.54
CA SER A 60 -1.82 14.55 21.81
C SER A 60 -2.62 14.39 20.52
N SER A 61 -3.07 15.51 19.97
CA SER A 61 -3.86 15.49 18.74
C SER A 61 -3.50 16.68 17.85
N GLY A 62 -3.07 16.38 16.62
CA GLY A 62 -2.69 17.44 15.70
C GLY A 62 -3.87 17.90 14.85
N PRO A 63 -3.65 18.95 14.05
CA PRO A 63 -4.68 19.51 13.17
C PRO A 63 -5.03 18.57 12.02
N THR A 64 -6.31 18.20 11.93
CA THR A 64 -6.77 17.31 10.87
C THR A 64 -7.14 18.09 9.61
N PRO A 65 -6.71 17.58 8.45
CA PRO A 65 -6.99 18.21 7.16
C PRO A 65 -8.47 18.13 6.77
N LYS A 66 -8.86 18.94 5.80
CA LYS A 66 -10.24 18.97 5.34
C LYS A 66 -10.31 19.01 3.81
N THR A 67 -10.87 17.96 3.22
CA THR A 67 -10.98 17.88 1.77
C THR A 67 -12.41 17.50 1.36
N GLU A 68 -12.86 18.06 0.25
CA GLU A 68 -14.21 17.79 -0.25
C GLU A 68 -14.16 16.84 -1.45
N LEU A 69 -12.98 16.25 -1.68
CA LEU A 69 -12.81 15.32 -2.79
C LEU A 69 -12.42 13.93 -2.28
N VAL A 70 -12.67 12.92 -3.11
CA VAL A 70 -12.34 11.54 -2.74
C VAL A 70 -12.62 10.59 -3.89
N GLN A 71 -11.74 9.61 -4.08
CA GLN A 71 -11.89 8.63 -5.14
C GLN A 71 -12.37 7.29 -4.60
N LYS A 72 -13.46 6.79 -5.16
CA LYS A 72 -14.02 5.51 -4.73
C LYS A 72 -13.97 4.48 -5.86
N PHE A 73 -13.29 3.37 -5.62
CA PHE A 73 -13.17 2.32 -6.62
C PHE A 73 -13.86 1.04 -6.14
N ARG A 74 -14.18 0.16 -7.08
CA ARG A 74 -14.85 -1.10 -6.76
C ARG A 74 -13.85 -2.25 -6.79
N VAL A 75 -13.73 -2.95 -5.66
CA VAL A 75 -12.80 -4.08 -5.55
C VAL A 75 -13.26 -5.05 -4.48
N GLN A 76 -12.57 -6.19 -4.38
CA GLN A 76 -12.90 -7.20 -3.39
C GLN A 76 -11.81 -7.31 -2.33
N TYR A 77 -12.15 -7.87 -1.18
CA TYR A 77 -11.20 -8.04 -0.09
C TYR A 77 -11.02 -9.50 0.27
N LEU A 78 -9.90 -10.07 -0.17
CA LEU A 78 -9.61 -11.48 0.12
C LEU A 78 -9.41 -11.71 1.60
N GLY A 79 -8.58 -10.89 2.23
CA GLY A 79 -8.33 -11.02 3.64
C GLY A 79 -6.94 -10.54 4.03
N MET A 80 -6.71 -10.39 5.34
CA MET A 80 -5.42 -9.93 5.84
C MET A 80 -4.41 -11.07 5.84
N LEU A 81 -3.28 -10.86 5.19
CA LEU A 81 -2.23 -11.87 5.11
C LEU A 81 -0.88 -11.29 5.56
N PRO A 82 -0.33 -11.84 6.64
CA PRO A 82 0.96 -11.40 7.19
C PRO A 82 2.13 -11.78 6.29
N VAL A 83 3.17 -10.96 6.31
CA VAL A 83 4.36 -11.22 5.49
C VAL A 83 5.62 -11.19 6.35
N ASP A 84 6.68 -11.81 5.84
CA ASP A 84 7.96 -11.87 6.55
C ASP A 84 8.73 -10.57 6.36
N ARG A 85 8.64 -10.00 5.16
CA ARG A 85 9.35 -8.76 4.86
C ARG A 85 8.36 -7.66 4.47
N PRO A 86 8.72 -6.41 4.77
CA PRO A 86 7.88 -5.24 4.46
C PRO A 86 7.79 -4.97 2.96
N VAL A 87 8.72 -5.55 2.20
CA VAL A 87 8.75 -5.37 0.76
C VAL A 87 9.22 -6.65 0.06
N GLY A 88 9.15 -6.64 -1.28
CA GLY A 88 9.57 -7.80 -2.04
C GLY A 88 8.43 -8.44 -2.81
N MET A 89 8.52 -8.44 -4.13
CA MET A 89 7.49 -9.02 -4.97
C MET A 89 7.24 -10.47 -4.60
N ASP A 90 8.30 -11.28 -4.61
CA ASP A 90 8.20 -12.69 -4.27
C ASP A 90 7.36 -12.88 -3.01
N THR A 91 7.47 -11.95 -2.08
CA THR A 91 6.73 -12.02 -0.82
C THR A 91 5.27 -11.62 -1.03
N LEU A 92 5.06 -10.47 -1.66
CA LEU A 92 3.72 -9.97 -1.92
C LEU A 92 2.91 -10.98 -2.73
N ASN A 93 3.46 -11.40 -3.86
CA ASN A 93 2.78 -12.38 -4.72
C ASN A 93 2.44 -13.65 -3.94
N SER A 94 3.31 -14.02 -3.01
CA SER A 94 3.11 -15.21 -2.20
C SER A 94 1.89 -15.05 -1.30
N ALA A 95 1.79 -13.89 -0.64
CA ALA A 95 0.68 -13.62 0.25
C ALA A 95 -0.65 -13.68 -0.49
N ILE A 96 -0.65 -13.23 -1.75
CA ILE A 96 -1.86 -13.25 -2.56
C ILE A 96 -2.45 -14.65 -2.66
N GLU A 97 -1.62 -15.60 -3.05
CA GLU A 97 -2.06 -16.98 -3.18
C GLU A 97 -2.54 -17.53 -1.84
N ASN A 98 -1.79 -17.22 -0.78
CA ASN A 98 -2.14 -17.68 0.56
C ASN A 98 -3.62 -17.47 0.84
N LEU A 99 -4.17 -16.37 0.32
CA LEU A 99 -5.58 -16.06 0.51
C LEU A 99 -6.44 -16.72 -0.55
N MET A 100 -6.03 -16.56 -1.81
CA MET A 100 -6.76 -17.15 -2.93
C MET A 100 -7.27 -18.54 -2.57
N THR A 101 -6.48 -19.27 -1.78
CA THR A 101 -6.86 -20.62 -1.37
C THR A 101 -7.72 -20.60 -0.12
N SER A 102 -7.38 -19.71 0.82
CA SER A 102 -8.13 -19.59 2.06
C SER A 102 -9.59 -19.26 1.79
N SER A 103 -9.83 -18.48 0.73
CA SER A 103 -11.18 -18.08 0.37
C SER A 103 -11.36 -18.09 -1.15
N SER A 104 -12.60 -18.27 -1.59
CA SER A 104 -12.90 -18.30 -3.02
C SER A 104 -13.08 -16.89 -3.57
N LYS A 105 -12.94 -16.75 -4.88
CA LYS A 105 -13.09 -15.47 -5.54
C LYS A 105 -14.38 -14.77 -5.11
N GLU A 106 -15.48 -15.53 -5.07
CA GLU A 106 -16.76 -14.98 -4.67
C GLU A 106 -16.80 -14.72 -3.17
N ASP A 107 -16.30 -15.67 -2.39
CA ASP A 107 -16.27 -15.54 -0.94
C ASP A 107 -15.86 -14.13 -0.53
N TRP A 108 -14.89 -13.57 -1.25
CA TRP A 108 -14.41 -12.23 -0.96
C TRP A 108 -15.53 -11.20 -1.05
N PRO A 109 -15.79 -10.51 0.07
CA PRO A 109 -16.84 -9.50 0.14
C PRO A 109 -16.50 -8.25 -0.67
N SER A 110 -17.41 -7.86 -1.56
CA SER A 110 -17.21 -6.68 -2.40
C SER A 110 -17.01 -5.43 -1.54
N VAL A 111 -15.84 -4.83 -1.65
CA VAL A 111 -15.53 -3.62 -0.89
C VAL A 111 -15.23 -2.45 -1.83
N ASN A 112 -14.95 -1.29 -1.23
CA ASN A 112 -14.64 -0.10 -2.01
C ASN A 112 -13.38 0.58 -1.49
N MET A 113 -12.57 1.10 -2.40
CA MET A 113 -11.33 1.77 -2.03
C MET A 113 -11.54 3.28 -1.92
N ASN A 114 -11.54 3.78 -0.69
CA ASN A 114 -11.74 5.20 -0.45
C ASN A 114 -10.40 5.93 -0.32
N VAL A 115 -9.97 6.55 -1.42
CA VAL A 115 -8.71 7.28 -1.44
C VAL A 115 -8.94 8.79 -1.37
N ALA A 116 -8.57 9.39 -0.24
CA ALA A 116 -8.74 10.82 -0.05
C ALA A 116 -7.70 11.37 0.93
N ASP A 117 -7.08 12.48 0.56
CA ASP A 117 -6.07 13.12 1.39
C ASP A 117 -4.95 12.13 1.72
N ALA A 118 -4.50 11.40 0.70
CA ALA A 118 -3.43 10.42 0.87
C ALA A 118 -3.78 9.41 1.95
N THR A 119 -5.03 8.95 1.94
CA THR A 119 -5.50 7.98 2.91
C THR A 119 -6.29 6.86 2.25
N VAL A 120 -5.75 5.65 2.28
CA VAL A 120 -6.42 4.50 1.68
C VAL A 120 -7.29 3.77 2.69
N THR A 121 -8.60 4.00 2.61
CA THR A 121 -9.55 3.37 3.52
C THR A 121 -10.52 2.47 2.76
N VAL A 122 -10.51 1.18 3.11
CA VAL A 122 -11.40 0.22 2.46
C VAL A 122 -12.78 0.23 3.09
N ILE A 123 -13.71 0.94 2.45
CA ILE A 123 -15.07 1.04 2.96
C ILE A 123 -15.97 -0.02 2.32
N SER A 124 -16.75 -0.70 3.14
CA SER A 124 -17.65 -1.74 2.65
C SER A 124 -18.64 -1.17 1.63
N GLU A 125 -19.02 -1.99 0.66
CA GLU A 125 -19.95 -1.58 -0.37
C GLU A 125 -21.29 -1.16 0.23
N LYS A 126 -21.89 -2.07 1.00
CA LYS A 126 -23.17 -1.81 1.64
C LYS A 126 -23.02 -0.77 2.74
N ASN A 127 -22.26 -1.12 3.77
CA ASN A 127 -22.03 -0.21 4.89
C ASN A 127 -21.01 0.85 4.54
N GLU A 128 -21.28 2.09 4.95
CA GLU A 128 -20.37 3.20 4.68
C GLU A 128 -19.47 3.48 5.88
N GLU A 129 -20.01 3.30 7.08
CA GLU A 129 -19.25 3.53 8.29
C GLU A 129 -18.67 2.22 8.84
N GLU A 130 -18.17 1.39 7.94
CA GLU A 130 -17.59 0.11 8.32
C GLU A 130 -16.07 0.19 8.39
N VAL A 131 -15.49 1.02 7.52
CA VAL A 131 -14.04 1.20 7.48
C VAL A 131 -13.32 -0.11 7.77
N LEU A 132 -13.75 -1.17 7.11
CA LEU A 132 -13.15 -2.49 7.29
C LEU A 132 -11.64 -2.37 7.54
N VAL A 133 -10.99 -1.53 6.74
CA VAL A 133 -9.55 -1.31 6.87
C VAL A 133 -9.20 0.16 6.74
N GLU A 134 -8.25 0.61 7.55
CA GLU A 134 -7.82 2.01 7.52
C GLU A 134 -6.31 2.11 7.33
N CYS A 135 -5.90 2.56 6.15
CA CYS A 135 -4.48 2.70 5.84
C CYS A 135 -4.18 4.10 5.32
N ARG A 136 -2.96 4.56 5.56
CA ARG A 136 -2.54 5.89 5.12
C ARG A 136 -1.26 5.81 4.29
N VAL A 137 -1.32 6.28 3.05
CA VAL A 137 -0.17 6.26 2.16
C VAL A 137 1.13 6.48 2.94
N ARG A 138 1.12 7.47 3.82
CA ARG A 138 2.30 7.79 4.63
C ARG A 138 2.89 6.52 5.23
N PHE A 139 2.05 5.70 5.85
CA PHE A 139 2.49 4.46 6.46
C PHE A 139 2.87 3.43 5.40
N LEU A 140 2.12 3.41 4.30
CA LEU A 140 2.38 2.48 3.20
C LEU A 140 3.88 2.31 2.98
N SER A 141 4.36 1.08 3.15
CA SER A 141 5.77 0.78 2.97
C SER A 141 6.07 0.42 1.51
N PHE A 142 5.29 -0.50 0.97
CA PHE A 142 5.47 -0.93 -0.42
C PHE A 142 4.15 -1.42 -1.01
N MET A 143 4.05 -1.36 -2.33
CA MET A 143 2.84 -1.79 -3.02
C MET A 143 3.17 -2.42 -4.36
N GLY A 144 2.40 -3.43 -4.76
CA GLY A 144 2.64 -4.11 -6.01
C GLY A 144 1.49 -5.02 -6.41
N VAL A 145 1.55 -5.54 -7.63
CA VAL A 145 0.50 -6.43 -8.13
C VAL A 145 1.00 -7.88 -8.18
N GLY A 146 0.06 -8.82 -8.16
CA GLY A 146 0.41 -10.23 -8.22
C GLY A 146 0.50 -10.75 -9.65
N LYS A 147 0.78 -12.03 -9.78
CA LYS A 147 0.90 -12.65 -11.10
C LYS A 147 -0.10 -12.05 -12.07
N ASP A 148 -1.33 -11.88 -11.61
CA ASP A 148 -2.39 -11.31 -12.45
C ASP A 148 -2.62 -9.84 -12.09
N VAL A 149 -2.41 -8.97 -13.07
CA VAL A 149 -2.60 -7.54 -12.88
C VAL A 149 -3.91 -7.25 -12.15
N HIS A 150 -4.85 -8.18 -12.24
CA HIS A 150 -6.15 -8.03 -11.59
C HIS A 150 -5.98 -7.90 -10.08
N THR A 151 -5.07 -8.68 -9.51
CA THR A 151 -4.82 -8.64 -8.08
C THR A 151 -3.91 -7.48 -7.71
N PHE A 152 -4.33 -6.70 -6.72
CA PHE A 152 -3.56 -5.55 -6.27
C PHE A 152 -3.51 -5.48 -4.75
N ALA A 153 -2.31 -5.66 -4.20
CA ALA A 153 -2.13 -5.62 -2.75
C ALA A 153 -1.06 -4.60 -2.35
N PHE A 154 -0.98 -4.30 -1.06
CA PHE A 154 -0.01 -3.35 -0.56
C PHE A 154 0.39 -3.68 0.88
N ILE A 155 1.67 -3.54 1.18
CA ILE A 155 2.18 -3.82 2.52
C ILE A 155 2.27 -2.54 3.35
N MET A 156 1.56 -2.53 4.48
CA MET A 156 1.57 -1.37 5.37
C MET A 156 2.12 -1.75 6.75
N ASP A 157 2.41 -0.73 7.56
CA ASP A 157 2.94 -0.96 8.89
C ASP A 157 1.88 -0.66 9.95
N THR A 158 1.34 -1.73 10.54
CA THR A 158 0.31 -1.60 11.57
C THR A 158 0.93 -1.32 12.93
N GLY A 159 1.83 -2.20 13.36
CA GLY A 159 2.48 -2.03 14.64
C GLY A 159 3.87 -1.45 14.51
N ASN A 160 4.79 -1.90 15.36
CA ASN A 160 6.17 -1.42 15.34
C ASN A 160 6.89 -1.90 14.08
N GLN A 161 7.18 -3.19 14.03
CA GLN A 161 7.87 -3.77 12.88
C GLN A 161 6.99 -4.78 12.16
N ARG A 162 5.70 -4.76 12.48
CA ARG A 162 4.74 -5.67 11.86
C ARG A 162 4.42 -5.24 10.43
N PHE A 163 4.14 -6.23 9.58
CA PHE A 163 3.82 -5.96 8.19
C PHE A 163 2.67 -6.83 7.71
N GLU A 164 1.62 -6.20 7.19
CA GLU A 164 0.45 -6.93 6.71
C GLU A 164 0.26 -6.71 5.21
N CYS A 165 -0.24 -7.73 4.52
CA CYS A 165 -0.48 -7.66 3.09
C CYS A 165 -1.96 -7.74 2.77
N HIS A 166 -2.54 -6.60 2.39
CA HIS A 166 -3.96 -6.54 2.06
C HIS A 166 -4.18 -6.65 0.55
N VAL A 167 -4.68 -7.80 0.11
CA VAL A 167 -4.92 -8.03 -1.31
C VAL A 167 -6.33 -7.57 -1.70
N PHE A 168 -6.46 -7.11 -2.94
CA PHE A 168 -7.75 -6.65 -3.45
C PHE A 168 -7.88 -6.90 -4.95
N TRP A 169 -9.03 -7.39 -5.36
CA TRP A 169 -9.29 -7.67 -6.77
C TRP A 169 -9.85 -6.45 -7.48
N CYS A 170 -9.39 -6.22 -8.71
CA CYS A 170 -9.85 -5.08 -9.50
C CYS A 170 -10.46 -5.55 -10.82
N GLU A 171 -11.23 -4.67 -11.45
CA GLU A 171 -11.88 -4.99 -12.71
C GLU A 171 -12.06 -3.74 -13.56
N PRO A 172 -11.67 -3.83 -14.84
CA PRO A 172 -11.10 -5.06 -15.41
C PRO A 172 -9.71 -5.36 -14.86
N ASN A 173 -8.83 -4.36 -14.88
CA ASN A 173 -7.48 -4.51 -14.39
C ASN A 173 -7.19 -3.54 -13.25
N ALA A 174 -6.03 -3.70 -12.61
CA ALA A 174 -5.64 -2.83 -11.51
C ALA A 174 -4.80 -1.67 -12.00
N ALA A 175 -5.18 -1.10 -13.14
CA ALA A 175 -4.45 0.03 -13.71
C ALA A 175 -4.90 1.34 -13.10
N ASN A 176 -6.20 1.62 -13.18
CA ASN A 176 -6.76 2.85 -12.63
C ASN A 176 -6.54 2.91 -11.12
N VAL A 177 -6.70 1.78 -10.45
CA VAL A 177 -6.53 1.70 -9.00
C VAL A 177 -5.09 2.01 -8.61
N SER A 178 -4.16 1.20 -9.12
CA SER A 178 -2.74 1.39 -8.82
C SER A 178 -2.29 2.79 -9.18
N GLU A 179 -2.74 3.28 -10.34
CA GLU A 179 -2.37 4.60 -10.80
C GLU A 179 -2.89 5.67 -9.85
N ALA A 180 -4.18 5.59 -9.53
CA ALA A 180 -4.79 6.56 -8.62
C ALA A 180 -3.98 6.71 -7.33
N VAL A 181 -3.82 5.59 -6.61
CA VAL A 181 -3.06 5.61 -5.36
C VAL A 181 -1.67 6.19 -5.57
N GLN A 182 -1.03 5.79 -6.66
CA GLN A 182 0.31 6.27 -6.98
C GLN A 182 0.40 7.78 -6.81
N ALA A 183 -0.60 8.49 -7.32
CA ALA A 183 -0.63 9.95 -7.22
C ALA A 183 -0.59 10.40 -5.77
N ALA A 184 -1.42 9.78 -4.94
CA ALA A 184 -1.48 10.12 -3.52
C ALA A 184 -0.10 10.10 -2.90
N CYS A 185 0.68 9.07 -3.21
CA CYS A 185 2.03 8.94 -2.67
C CYS A 185 2.82 10.22 -2.88
N GLY A 1 -7.09 -17.00 -17.00
CA GLY A 1 -6.33 -17.46 -15.85
C GLY A 1 -4.84 -17.46 -16.11
N SER A 2 -4.20 -18.60 -15.87
CA SER A 2 -2.76 -18.72 -16.07
C SER A 2 -2.36 -18.24 -17.47
N SER A 3 -2.89 -18.92 -18.48
CA SER A 3 -2.59 -18.58 -19.87
C SER A 3 -3.39 -17.36 -20.31
N GLY A 4 -2.76 -16.51 -21.11
CA GLY A 4 -3.43 -15.31 -21.59
C GLY A 4 -2.52 -14.44 -22.44
N SER A 5 -2.08 -14.96 -23.57
CA SER A 5 -1.20 -14.22 -24.46
C SER A 5 -1.94 -13.07 -25.12
N SER A 6 -1.22 -11.96 -25.34
CA SER A 6 -1.81 -10.78 -25.95
C SER A 6 -1.69 -10.85 -27.48
N GLY A 7 -0.50 -11.21 -27.95
CA GLY A 7 -0.27 -11.30 -29.38
C GLY A 7 -0.75 -10.08 -30.12
N ASP A 8 -0.09 -8.95 -29.89
CA ASP A 8 -0.44 -7.70 -30.56
C ASP A 8 0.79 -6.97 -31.06
N ALA A 9 0.60 -6.06 -32.01
CA ALA A 9 1.70 -5.30 -32.58
C ALA A 9 2.21 -4.26 -31.60
N ALA A 10 1.36 -3.29 -31.26
CA ALA A 10 1.73 -2.24 -30.32
C ALA A 10 1.18 -2.51 -28.93
N VAL A 11 1.79 -1.90 -27.92
CA VAL A 11 1.36 -2.09 -26.54
C VAL A 11 0.48 -0.93 -26.08
N THR A 12 -0.44 -1.22 -25.16
CA THR A 12 -1.34 -0.21 -24.64
C THR A 12 -0.65 0.66 -23.58
N PRO A 13 -1.12 1.90 -23.44
CA PRO A 13 -0.55 2.85 -22.47
C PRO A 13 -0.88 2.46 -21.03
N GLU A 14 -1.66 1.40 -20.87
CA GLU A 14 -2.04 0.91 -19.55
C GLU A 14 -1.11 -0.20 -19.08
N GLU A 15 -1.03 -1.26 -19.86
CA GLU A 15 -0.16 -2.40 -19.53
C GLU A 15 1.22 -1.92 -19.11
N ARG A 16 1.86 -1.16 -19.99
CA ARG A 16 3.20 -0.65 -19.71
C ARG A 16 3.36 -0.28 -18.24
N HIS A 17 2.43 0.53 -17.74
CA HIS A 17 2.47 0.95 -16.34
C HIS A 17 2.34 -0.26 -15.41
N LEU A 18 1.39 -1.13 -15.71
CA LEU A 18 1.15 -2.33 -14.91
C LEU A 18 2.39 -3.22 -14.89
N SER A 19 2.77 -3.72 -16.06
CA SER A 19 3.94 -4.60 -16.17
C SER A 19 5.04 -4.15 -15.21
N LYS A 20 5.24 -2.84 -15.11
CA LYS A 20 6.27 -2.30 -14.23
C LYS A 20 5.98 -2.65 -12.78
N MET A 21 4.74 -2.42 -12.35
CA MET A 21 4.34 -2.73 -10.98
C MET A 21 4.74 -4.15 -10.60
N GLN A 22 4.94 -4.99 -11.61
CA GLN A 22 5.32 -6.38 -11.37
C GLN A 22 6.84 -6.56 -11.47
N GLN A 23 7.46 -5.77 -12.35
CA GLN A 23 8.91 -5.83 -12.53
C GLN A 23 9.64 -5.46 -11.26
N ASN A 24 9.63 -4.18 -10.93
CA ASN A 24 10.30 -3.68 -9.73
C ASN A 24 9.28 -3.31 -8.65
N GLY A 25 8.16 -2.74 -9.08
CA GLY A 25 7.13 -2.34 -8.15
C GLY A 25 7.25 -0.88 -7.73
N TYR A 26 6.41 -0.47 -6.79
CA TYR A 26 6.43 0.91 -6.30
C TYR A 26 6.78 0.96 -4.82
N GLU A 27 8.05 1.20 -4.53
CA GLU A 27 8.53 1.28 -3.16
C GLU A 27 8.42 2.70 -2.62
N ASN A 28 8.06 2.83 -1.35
CA ASN A 28 7.93 4.14 -0.72
C ASN A 28 9.29 4.67 -0.29
N PRO A 29 9.68 5.83 -0.86
CA PRO A 29 10.95 6.47 -0.56
C PRO A 29 10.99 7.06 0.85
N THR A 30 9.81 7.41 1.37
CA THR A 30 9.71 7.98 2.70
C THR A 30 9.83 6.91 3.77
N TYR A 31 8.91 5.94 3.73
CA TYR A 31 8.91 4.85 4.70
C TYR A 31 10.32 4.30 4.90
N LYS A 32 11.02 4.08 3.80
CA LYS A 32 12.38 3.55 3.85
C LYS A 32 13.33 4.57 4.47
N PHE A 33 13.00 5.85 4.32
CA PHE A 33 13.83 6.92 4.87
C PHE A 33 14.04 6.73 6.36
N PHE A 34 12.95 6.49 7.08
CA PHE A 34 13.00 6.30 8.53
C PHE A 34 12.54 4.90 8.91
N GLU A 35 13.39 3.90 8.67
CA GLU A 35 13.07 2.52 8.99
C GLU A 35 13.96 1.99 10.10
N GLN A 36 15.20 2.49 10.15
CA GLN A 36 16.16 2.07 11.17
C GLN A 36 15.54 2.15 12.56
N MET A 37 16.17 1.46 13.52
CA MET A 37 15.68 1.46 14.89
C MET A 37 15.80 2.84 15.51
N GLN A 38 14.66 3.42 15.88
CA GLN A 38 14.63 4.75 16.49
C GLN A 38 15.53 4.80 17.72
N ASN A 39 16.44 5.75 17.75
CA ASN A 39 17.36 5.90 18.87
C ASN A 39 16.78 6.83 19.93
N SER A 40 16.03 6.26 20.86
CA SER A 40 15.41 7.04 21.92
C SER A 40 14.90 6.13 23.04
N GLY A 41 15.48 6.28 24.24
CA GLY A 41 15.07 5.46 25.36
C GLY A 41 16.24 4.75 26.01
N PRO A 42 16.37 4.89 27.33
CA PRO A 42 17.45 4.26 28.10
C PRO A 42 17.29 2.75 28.19
N SER A 43 16.17 2.24 27.67
CA SER A 43 15.89 0.81 27.69
C SER A 43 17.18 0.01 27.51
N SER A 44 18.02 0.46 26.58
CA SER A 44 19.29 -0.22 26.31
C SER A 44 20.46 0.76 26.41
N GLY A 45 21.29 0.57 27.42
CA GLY A 45 22.44 1.43 27.62
C GLY A 45 23.71 0.66 27.90
N ILE A 46 24.14 -0.15 26.94
CA ILE A 46 25.34 -0.95 27.09
C ILE A 46 26.04 -1.15 25.76
N GLU A 47 27.37 -1.21 25.79
CA GLU A 47 28.16 -1.39 24.58
C GLU A 47 28.06 -2.84 24.09
N GLY A 48 27.03 -3.13 23.32
CA GLY A 48 26.84 -4.48 22.80
C GLY A 48 25.77 -4.54 21.74
N ARG A 49 25.44 -5.76 21.30
CA ARG A 49 24.42 -5.96 20.27
C ARG A 49 23.21 -5.05 20.53
N GLY A 50 22.95 -4.76 21.80
CA GLY A 50 21.82 -3.92 22.14
C GLY A 50 20.52 -4.68 22.21
N SER A 51 19.42 -4.00 21.91
CA SER A 51 18.10 -4.63 21.94
C SER A 51 17.04 -3.69 21.37
N SER A 52 15.81 -4.19 21.28
CA SER A 52 14.71 -3.39 20.74
C SER A 52 13.84 -2.85 21.87
N GLY A 53 12.89 -1.98 21.52
CA GLY A 53 12.00 -1.40 22.50
C GLY A 53 10.63 -1.07 21.93
N SER A 54 9.84 -0.34 22.69
CA SER A 54 8.50 0.04 22.26
C SER A 54 7.87 1.03 23.23
N SER A 55 6.96 1.86 22.74
CA SER A 55 6.30 2.85 23.56
C SER A 55 4.78 2.63 23.56
N GLY A 56 4.21 2.56 22.36
CA GLY A 56 2.77 2.35 22.24
C GLY A 56 2.12 3.34 21.30
N SER A 57 0.99 3.89 21.72
CA SER A 57 0.26 4.86 20.91
C SER A 57 0.31 6.25 21.54
N SER A 58 -0.06 7.26 20.76
CA SER A 58 -0.06 8.63 21.25
C SER A 58 -1.45 9.24 21.16
N GLY A 59 -2.04 9.19 19.97
CA GLY A 59 -3.37 9.74 19.78
C GLY A 59 -3.45 10.63 18.55
N SER A 60 -4.45 11.51 18.53
CA SER A 60 -4.64 12.41 17.40
C SER A 60 -3.53 13.47 17.36
N SER A 61 -3.11 13.82 16.15
CA SER A 61 -2.06 14.81 15.96
C SER A 61 -2.66 16.18 15.61
N GLY A 62 -3.65 16.59 16.39
CA GLY A 62 -4.29 17.88 16.15
C GLY A 62 -4.96 17.94 14.79
N PRO A 63 -5.84 18.94 14.61
CA PRO A 63 -6.57 19.14 13.36
C PRO A 63 -5.66 19.59 12.21
N THR A 64 -5.84 18.97 11.05
CA THR A 64 -5.03 19.32 9.88
C THR A 64 -5.91 19.49 8.65
N PRO A 65 -5.70 20.60 7.92
CA PRO A 65 -6.46 20.91 6.70
C PRO A 65 -6.11 19.98 5.56
N LYS A 66 -7.13 19.47 4.88
CA LYS A 66 -6.94 18.57 3.75
C LYS A 66 -8.01 18.79 2.68
N THR A 67 -7.61 18.65 1.42
CA THR A 67 -8.54 18.84 0.30
C THR A 67 -9.79 17.99 0.48
N GLU A 68 -10.77 18.21 -0.39
CA GLU A 68 -12.02 17.46 -0.33
C GLU A 68 -12.07 16.41 -1.43
N LEU A 69 -11.04 16.39 -2.27
CA LEU A 69 -10.97 15.43 -3.37
C LEU A 69 -10.90 14.00 -2.84
N VAL A 70 -11.49 13.06 -3.58
CA VAL A 70 -11.50 11.67 -3.19
C VAL A 70 -12.03 10.79 -4.30
N GLN A 71 -11.45 9.60 -4.44
CA GLN A 71 -11.88 8.66 -5.48
C GLN A 71 -12.44 7.39 -4.86
N LYS A 72 -13.42 6.78 -5.53
CA LYS A 72 -14.04 5.55 -5.05
C LYS A 72 -14.07 4.49 -6.15
N PHE A 73 -13.43 3.37 -5.89
CA PHE A 73 -13.38 2.27 -6.85
C PHE A 73 -14.01 1.01 -6.27
N ARG A 74 -14.44 0.11 -7.15
CA ARG A 74 -15.06 -1.14 -6.72
C ARG A 74 -14.05 -2.28 -6.76
N VAL A 75 -13.83 -2.92 -5.61
CA VAL A 75 -12.90 -4.03 -5.50
C VAL A 75 -13.37 -5.04 -4.45
N GLN A 76 -12.60 -6.12 -4.32
CA GLN A 76 -12.94 -7.16 -3.35
C GLN A 76 -11.84 -7.30 -2.30
N TYR A 77 -12.21 -7.79 -1.12
CA TYR A 77 -11.26 -7.96 -0.03
C TYR A 77 -10.99 -9.44 0.22
N LEU A 78 -9.81 -9.90 -0.16
CA LEU A 78 -9.44 -11.30 0.03
C LEU A 78 -9.21 -11.61 1.51
N GLY A 79 -8.62 -10.65 2.22
CA GLY A 79 -8.35 -10.83 3.63
C GLY A 79 -6.98 -10.33 4.03
N MET A 80 -6.58 -10.60 5.28
CA MET A 80 -5.30 -10.17 5.78
C MET A 80 -4.32 -11.34 5.85
N LEU A 81 -3.12 -11.15 5.30
CA LEU A 81 -2.11 -12.19 5.30
C LEU A 81 -0.79 -11.66 5.87
N PRO A 82 -0.30 -12.33 6.92
CA PRO A 82 0.96 -11.96 7.58
C PRO A 82 2.18 -12.22 6.71
N VAL A 83 3.11 -11.27 6.69
CA VAL A 83 4.33 -11.40 5.90
C VAL A 83 5.57 -11.37 6.77
N ASP A 84 6.73 -11.51 6.16
CA ASP A 84 8.00 -11.50 6.89
C ASP A 84 8.82 -10.26 6.52
N ARG A 85 8.58 -9.72 5.34
CA ARG A 85 9.29 -8.54 4.88
C ARG A 85 8.34 -7.38 4.63
N PRO A 86 8.81 -6.15 4.93
CA PRO A 86 8.01 -4.94 4.75
C PRO A 86 7.78 -4.61 3.27
N VAL A 87 8.65 -5.14 2.41
CA VAL A 87 8.54 -4.90 0.97
C VAL A 87 8.97 -6.12 0.19
N GLY A 88 8.85 -6.04 -1.14
CA GLY A 88 9.23 -7.15 -1.99
C GLY A 88 8.08 -7.67 -2.82
N MET A 89 8.35 -8.00 -4.08
CA MET A 89 7.33 -8.51 -4.98
C MET A 89 6.94 -9.94 -4.61
N ASP A 90 7.94 -10.81 -4.52
CA ASP A 90 7.70 -12.21 -4.17
C ASP A 90 6.96 -12.32 -2.85
N THR A 91 7.40 -11.54 -1.87
CA THR A 91 6.78 -11.55 -0.54
C THR A 91 5.31 -11.16 -0.62
N LEU A 92 5.05 -9.98 -1.19
CA LEU A 92 3.68 -9.49 -1.33
C LEU A 92 2.82 -10.48 -2.10
N ASN A 93 3.32 -10.91 -3.26
CA ASN A 93 2.59 -11.85 -4.10
C ASN A 93 2.39 -13.19 -3.38
N SER A 94 3.39 -13.58 -2.60
CA SER A 94 3.33 -14.83 -1.86
C SER A 94 2.05 -14.92 -1.03
N ALA A 95 1.64 -13.78 -0.48
CA ALA A 95 0.43 -13.71 0.33
C ALA A 95 -0.82 -13.88 -0.54
N ILE A 96 -0.86 -13.16 -1.66
CA ILE A 96 -2.00 -13.23 -2.56
C ILE A 96 -2.49 -14.67 -2.73
N GLU A 97 -1.60 -15.54 -3.18
CA GLU A 97 -1.94 -16.95 -3.37
C GLU A 97 -2.40 -17.58 -2.07
N ASN A 98 -1.64 -17.34 -1.00
CA ASN A 98 -1.98 -17.89 0.31
C ASN A 98 -3.45 -17.67 0.64
N LEU A 99 -3.92 -16.45 0.43
CA LEU A 99 -5.32 -16.11 0.69
C LEU A 99 -6.24 -16.68 -0.38
N MET A 100 -5.87 -16.45 -1.65
CA MET A 100 -6.65 -16.95 -2.77
C MET A 100 -7.10 -18.39 -2.53
N THR A 101 -6.21 -19.19 -1.96
CA THR A 101 -6.50 -20.58 -1.68
C THR A 101 -7.33 -20.73 -0.40
N SER A 102 -7.20 -19.74 0.49
CA SER A 102 -7.93 -19.76 1.75
C SER A 102 -9.43 -19.57 1.52
N SER A 103 -9.76 -18.69 0.59
CA SER A 103 -11.16 -18.40 0.28
C SER A 103 -11.37 -18.35 -1.24
N SER A 104 -12.63 -18.51 -1.65
CA SER A 104 -12.97 -18.49 -3.07
C SER A 104 -13.04 -17.05 -3.59
N LYS A 105 -13.20 -16.92 -4.90
CA LYS A 105 -13.29 -15.60 -5.53
C LYS A 105 -14.61 -14.93 -5.20
N GLU A 106 -15.55 -15.69 -4.65
CA GLU A 106 -16.86 -15.17 -4.29
C GLU A 106 -16.90 -14.78 -2.82
N ASP A 107 -16.24 -15.58 -1.98
CA ASP A 107 -16.19 -15.32 -0.54
C ASP A 107 -15.72 -13.90 -0.26
N TRP A 108 -14.97 -13.34 -1.21
CA TRP A 108 -14.43 -11.99 -1.05
C TRP A 108 -15.55 -10.96 -1.18
N PRO A 109 -15.81 -10.21 -0.09
CA PRO A 109 -16.85 -9.18 -0.07
C PRO A 109 -16.49 -7.97 -0.92
N SER A 110 -17.43 -7.53 -1.75
CA SER A 110 -17.21 -6.39 -2.62
C SER A 110 -17.06 -5.11 -1.81
N VAL A 111 -15.82 -4.64 -1.70
CA VAL A 111 -15.54 -3.42 -0.94
C VAL A 111 -15.20 -2.26 -1.88
N ASN A 112 -15.18 -1.06 -1.34
CA ASN A 112 -14.87 0.13 -2.13
C ASN A 112 -13.57 0.79 -1.63
N MET A 113 -12.67 1.09 -2.56
CA MET A 113 -11.41 1.72 -2.21
C MET A 113 -11.55 3.24 -2.18
N ASN A 114 -11.40 3.82 -1.00
CA ASN A 114 -11.51 5.26 -0.83
C ASN A 114 -10.13 5.92 -0.78
N VAL A 115 -9.70 6.45 -1.92
CA VAL A 115 -8.40 7.10 -1.99
C VAL A 115 -8.53 8.61 -1.89
N ALA A 116 -8.28 9.14 -0.69
CA ALA A 116 -8.38 10.57 -0.46
C ALA A 116 -7.23 11.05 0.44
N ASP A 117 -6.59 12.14 0.03
CA ASP A 117 -5.48 12.70 0.79
C ASP A 117 -4.40 11.65 1.05
N ALA A 118 -4.17 10.80 0.05
CA ALA A 118 -3.17 9.75 0.17
C ALA A 118 -3.53 8.75 1.27
N THR A 119 -4.84 8.48 1.40
CA THR A 119 -5.32 7.55 2.41
C THR A 119 -6.19 6.47 1.79
N VAL A 120 -5.72 5.23 1.85
CA VAL A 120 -6.46 4.10 1.29
C VAL A 120 -7.35 3.46 2.35
N THR A 121 -8.63 3.86 2.35
CA THR A 121 -9.59 3.31 3.31
C THR A 121 -10.60 2.41 2.63
N VAL A 122 -10.52 1.12 2.90
CA VAL A 122 -11.43 0.14 2.31
C VAL A 122 -12.79 0.17 3.00
N ILE A 123 -13.70 0.98 2.46
CA ILE A 123 -15.04 1.11 3.01
C ILE A 123 -15.98 0.07 2.42
N SER A 124 -16.87 -0.46 3.26
CA SER A 124 -17.83 -1.47 2.82
C SER A 124 -18.76 -0.90 1.75
N GLU A 125 -19.39 -1.79 0.99
CA GLU A 125 -20.31 -1.38 -0.06
C GLU A 125 -21.71 -1.12 0.50
N LYS A 126 -22.04 -1.82 1.59
CA LYS A 126 -23.33 -1.65 2.23
C LYS A 126 -23.25 -0.71 3.42
N ASN A 127 -22.07 -0.13 3.62
CA ASN A 127 -21.85 0.79 4.73
C ASN A 127 -20.83 1.86 4.35
N GLU A 128 -20.79 2.94 5.13
CA GLU A 128 -19.86 4.04 4.87
C GLU A 128 -19.01 4.31 6.12
N GLU A 129 -19.40 3.75 7.24
CA GLU A 129 -18.66 3.93 8.49
C GLU A 129 -18.08 2.60 8.98
N GLU A 130 -18.04 1.62 8.08
CA GLU A 130 -17.50 0.31 8.43
C GLU A 130 -15.98 0.33 8.46
N VAL A 131 -15.39 1.18 7.61
CA VAL A 131 -13.94 1.29 7.54
C VAL A 131 -13.27 -0.05 7.79
N LEU A 132 -13.75 -1.09 7.11
CA LEU A 132 -13.20 -2.43 7.25
C LEU A 132 -11.69 -2.37 7.46
N VAL A 133 -11.02 -1.53 6.67
CA VAL A 133 -9.57 -1.38 6.76
C VAL A 133 -9.16 0.07 6.57
N GLU A 134 -8.25 0.54 7.43
CA GLU A 134 -7.77 1.92 7.34
C GLU A 134 -6.28 1.96 7.00
N CYS A 135 -5.99 2.19 5.73
CA CYS A 135 -4.60 2.25 5.27
C CYS A 135 -4.24 3.65 4.80
N ARG A 136 -2.97 4.02 4.97
CA ARG A 136 -2.50 5.35 4.56
C ARG A 136 -1.16 5.24 3.85
N VAL A 137 -0.93 6.13 2.89
CA VAL A 137 0.31 6.15 2.12
C VAL A 137 1.46 6.66 2.98
N ARG A 138 1.16 7.03 4.21
CA ARG A 138 2.18 7.54 5.13
C ARG A 138 3.04 6.39 5.67
N PHE A 139 2.42 5.24 5.87
CA PHE A 139 3.13 4.07 6.38
C PHE A 139 3.05 2.91 5.40
N LEU A 140 2.82 3.23 4.13
CA LEU A 140 2.71 2.21 3.10
C LEU A 140 4.09 1.72 2.67
N SER A 141 4.62 0.74 3.40
CA SER A 141 5.93 0.18 3.10
C SER A 141 6.14 0.05 1.60
N PHE A 142 5.42 -0.89 0.99
CA PHE A 142 5.52 -1.12 -0.44
C PHE A 142 4.20 -1.66 -1.00
N MET A 143 3.96 -1.38 -2.28
CA MET A 143 2.73 -1.84 -2.93
C MET A 143 3.04 -2.43 -4.31
N GLY A 144 2.24 -3.39 -4.73
CA GLY A 144 2.44 -4.02 -6.02
C GLY A 144 1.34 -5.00 -6.37
N VAL A 145 1.30 -5.43 -7.63
CA VAL A 145 0.29 -6.38 -8.09
C VAL A 145 0.86 -7.79 -8.19
N GLY A 146 -0.02 -8.77 -8.30
CA GLY A 146 0.41 -10.16 -8.41
C GLY A 146 0.56 -10.61 -9.85
N LYS A 147 0.82 -11.90 -10.03
CA LYS A 147 1.00 -12.46 -11.36
C LYS A 147 -0.02 -11.86 -12.33
N ASP A 148 -1.23 -11.64 -11.84
CA ASP A 148 -2.29 -11.07 -12.67
C ASP A 148 -2.63 -9.65 -12.22
N VAL A 149 -2.61 -8.72 -13.17
CA VAL A 149 -2.91 -7.32 -12.86
C VAL A 149 -4.21 -7.20 -12.07
N HIS A 150 -5.03 -8.24 -12.13
CA HIS A 150 -6.30 -8.25 -11.41
C HIS A 150 -6.07 -8.19 -9.91
N THR A 151 -5.04 -8.88 -9.44
CA THR A 151 -4.72 -8.90 -8.02
C THR A 151 -3.88 -7.68 -7.62
N PHE A 152 -4.34 -6.98 -6.59
CA PHE A 152 -3.64 -5.79 -6.12
C PHE A 152 -3.51 -5.81 -4.59
N ALA A 153 -2.28 -5.90 -4.11
CA ALA A 153 -2.03 -5.92 -2.68
C ALA A 153 -1.05 -4.82 -2.27
N PHE A 154 -0.84 -4.67 -0.96
CA PHE A 154 0.07 -3.65 -0.45
C PHE A 154 0.42 -3.94 1.01
N ILE A 155 1.66 -3.62 1.38
CA ILE A 155 2.12 -3.83 2.74
C ILE A 155 2.09 -2.55 3.55
N MET A 156 1.65 -2.64 4.80
CA MET A 156 1.56 -1.48 5.68
C MET A 156 1.79 -1.89 7.14
N ASP A 157 2.21 -0.93 7.95
CA ASP A 157 2.47 -1.17 9.37
C ASP A 157 1.18 -1.05 10.17
N THR A 158 0.98 -1.99 11.10
CA THR A 158 -0.21 -1.99 11.94
C THR A 158 0.17 -1.98 13.41
N GLY A 159 1.40 -1.61 13.71
CA GLY A 159 1.87 -1.57 15.09
C GLY A 159 2.82 -2.70 15.41
N ASN A 160 3.76 -2.44 16.32
CA ASN A 160 4.74 -3.44 16.71
C ASN A 160 5.65 -3.79 15.54
N GLN A 161 6.20 -2.77 14.90
CA GLN A 161 7.10 -2.97 13.75
C GLN A 161 6.65 -4.18 12.94
N ARG A 162 5.35 -4.43 12.90
CA ARG A 162 4.81 -5.55 12.15
C ARG A 162 4.40 -5.11 10.73
N PHE A 163 4.47 -6.05 9.80
CA PHE A 163 4.11 -5.76 8.42
C PHE A 163 3.07 -6.76 7.90
N GLU A 164 1.93 -6.24 7.45
CA GLU A 164 0.87 -7.07 6.93
C GLU A 164 0.78 -6.97 5.41
N CYS A 165 -0.01 -7.86 4.81
CA CYS A 165 -0.19 -7.87 3.36
C CYS A 165 -1.67 -7.97 2.99
N HIS A 166 -2.26 -6.83 2.64
CA HIS A 166 -3.67 -6.79 2.27
C HIS A 166 -3.83 -6.89 0.76
N VAL A 167 -4.62 -7.88 0.32
CA VAL A 167 -4.86 -8.08 -1.10
C VAL A 167 -6.26 -7.63 -1.49
N PHE A 168 -6.42 -7.28 -2.77
CA PHE A 168 -7.71 -6.82 -3.28
C PHE A 168 -7.82 -7.06 -4.78
N TRP A 169 -9.02 -7.42 -5.23
CA TRP A 169 -9.26 -7.69 -6.64
C TRP A 169 -9.90 -6.48 -7.32
N CYS A 170 -9.34 -6.08 -8.46
CA CYS A 170 -9.86 -4.94 -9.20
C CYS A 170 -10.42 -5.39 -10.55
N GLU A 171 -11.23 -4.52 -11.16
CA GLU A 171 -11.84 -4.83 -12.45
C GLU A 171 -12.08 -3.55 -13.26
N PRO A 172 -11.76 -3.60 -14.57
CA PRO A 172 -11.22 -4.82 -15.19
C PRO A 172 -9.80 -5.12 -14.74
N ASN A 173 -8.95 -4.09 -14.74
CA ASN A 173 -7.56 -4.25 -14.33
C ASN A 173 -7.20 -3.26 -13.23
N ALA A 174 -6.14 -3.56 -12.49
CA ALA A 174 -5.69 -2.69 -11.41
C ALA A 174 -4.81 -1.56 -11.95
N ALA A 175 -5.15 -1.06 -13.13
CA ALA A 175 -4.39 0.02 -13.75
C ALA A 175 -4.82 1.38 -13.20
N ASN A 176 -6.13 1.58 -13.10
CA ASN A 176 -6.67 2.83 -12.59
C ASN A 176 -6.49 2.93 -11.08
N VAL A 177 -6.81 1.86 -10.37
CA VAL A 177 -6.68 1.83 -8.92
C VAL A 177 -5.27 2.19 -8.49
N SER A 178 -4.29 1.40 -8.93
CA SER A 178 -2.90 1.65 -8.59
C SER A 178 -2.50 3.10 -8.90
N GLU A 179 -3.00 3.60 -10.02
CA GLU A 179 -2.71 4.97 -10.44
C GLU A 179 -3.19 5.97 -9.39
N ALA A 180 -4.40 5.77 -8.90
CA ALA A 180 -4.98 6.65 -7.89
C ALA A 180 -4.07 6.75 -6.66
N VAL A 181 -3.67 5.60 -6.13
CA VAL A 181 -2.81 5.57 -4.96
C VAL A 181 -1.40 6.06 -5.29
N GLN A 182 -0.93 5.73 -6.50
CA GLN A 182 0.39 6.14 -6.94
C GLN A 182 0.50 7.66 -6.99
N ALA A 183 -0.48 8.30 -7.62
CA ALA A 183 -0.50 9.76 -7.73
C ALA A 183 -0.55 10.41 -6.36
N ALA A 184 -1.10 9.71 -5.39
CA ALA A 184 -1.20 10.22 -4.03
C ALA A 184 0.18 10.41 -3.41
N CYS A 185 1.07 9.47 -3.67
CA CYS A 185 2.43 9.54 -3.13
C CYS A 185 3.02 10.93 -3.33
N GLY A 1 9.97 -15.76 -13.14
CA GLY A 1 9.49 -14.45 -13.54
C GLY A 1 9.84 -14.13 -14.99
N SER A 2 8.83 -13.76 -15.76
CA SER A 2 9.04 -13.43 -17.17
C SER A 2 7.91 -12.55 -17.69
N SER A 3 8.22 -11.27 -17.89
CA SER A 3 7.22 -10.31 -18.38
C SER A 3 7.88 -9.26 -19.26
N GLY A 4 7.14 -8.78 -20.25
CA GLY A 4 7.66 -7.77 -21.15
C GLY A 4 7.66 -8.21 -22.60
N SER A 5 8.60 -7.70 -23.38
CA SER A 5 8.70 -8.04 -24.79
C SER A 5 7.32 -8.09 -25.44
N SER A 6 6.49 -7.10 -25.12
CA SER A 6 5.14 -7.03 -25.67
C SER A 6 5.14 -7.35 -27.15
N GLY A 7 5.88 -6.56 -27.94
CA GLY A 7 5.95 -6.78 -29.37
C GLY A 7 4.86 -6.05 -30.12
N ASP A 8 4.93 -4.71 -30.12
CA ASP A 8 3.94 -3.90 -30.81
C ASP A 8 4.44 -2.47 -30.99
N ALA A 9 4.00 -1.82 -32.05
CA ALA A 9 4.41 -0.45 -32.34
C ALA A 9 4.29 0.44 -31.09
N ALA A 10 3.05 0.67 -30.67
CA ALA A 10 2.79 1.49 -29.49
C ALA A 10 1.97 0.73 -28.46
N VAL A 11 2.55 0.53 -27.27
CA VAL A 11 1.87 -0.19 -26.20
C VAL A 11 0.90 0.73 -25.47
N THR A 12 -0.18 0.15 -24.95
CA THR A 12 -1.19 0.91 -24.22
C THR A 12 -0.61 1.49 -22.93
N PRO A 13 -1.16 2.64 -22.51
CA PRO A 13 -0.71 3.33 -21.29
C PRO A 13 -1.09 2.56 -20.02
N GLU A 14 -1.91 1.53 -20.19
CA GLU A 14 -2.35 0.71 -19.06
C GLU A 14 -1.40 -0.45 -18.83
N GLU A 15 -0.91 -1.05 -19.92
CA GLU A 15 0.00 -2.17 -19.84
C GLU A 15 1.38 -1.72 -19.36
N ARG A 16 1.92 -0.69 -20.01
CA ARG A 16 3.22 -0.17 -19.64
C ARG A 16 3.23 0.32 -18.20
N HIS A 17 2.04 0.48 -17.62
CA HIS A 17 1.92 0.94 -16.24
C HIS A 17 1.96 -0.23 -15.27
N LEU A 18 1.29 -1.33 -15.66
CA LEU A 18 1.24 -2.52 -14.82
C LEU A 18 2.55 -3.31 -14.91
N SER A 19 3.07 -3.43 -16.12
CA SER A 19 4.32 -4.15 -16.35
C SER A 19 5.32 -3.87 -15.23
N LYS A 20 5.61 -2.60 -15.01
CA LYS A 20 6.56 -2.19 -13.98
C LYS A 20 6.15 -2.77 -12.62
N MET A 21 4.90 -2.53 -12.23
CA MET A 21 4.40 -3.03 -10.96
C MET A 21 4.74 -4.51 -10.78
N GLN A 22 4.99 -5.19 -11.89
CA GLN A 22 5.32 -6.61 -11.85
C GLN A 22 6.83 -6.81 -11.89
N GLN A 23 7.51 -5.99 -12.68
CA GLN A 23 8.97 -6.08 -12.80
C GLN A 23 9.63 -6.00 -11.43
N ASN A 24 9.48 -4.86 -10.76
CA ASN A 24 10.08 -4.67 -9.44
C ASN A 24 9.01 -4.27 -8.42
N GLY A 25 8.09 -3.42 -8.85
CA GLY A 25 7.03 -2.97 -7.96
C GLY A 25 7.02 -1.46 -7.77
N TYR A 26 6.49 -1.01 -6.64
CA TYR A 26 6.42 0.41 -6.34
C TYR A 26 6.73 0.66 -4.86
N GLU A 27 7.91 1.23 -4.61
CA GLU A 27 8.34 1.53 -3.24
C GLU A 27 7.89 2.93 -2.83
N ASN A 28 7.63 3.11 -1.54
CA ASN A 28 7.19 4.40 -1.02
C ASN A 28 8.39 5.24 -0.58
N PRO A 29 8.62 6.35 -1.29
CA PRO A 29 9.73 7.26 -0.98
C PRO A 29 9.52 8.01 0.32
N THR A 30 8.34 8.60 0.47
CA THR A 30 8.01 9.36 1.68
C THR A 30 8.50 8.64 2.93
N TYR A 31 8.27 7.33 2.98
CA TYR A 31 8.69 6.52 4.11
C TYR A 31 10.22 6.43 4.20
N LYS A 32 10.83 5.97 3.12
CA LYS A 32 12.28 5.84 3.06
C LYS A 32 12.97 7.14 3.49
N PHE A 33 12.34 8.26 3.18
CA PHE A 33 12.88 9.56 3.53
C PHE A 33 13.53 9.53 4.91
N PHE A 34 12.71 9.33 5.94
CA PHE A 34 13.20 9.28 7.31
C PHE A 34 13.39 7.84 7.76
N GLU A 35 14.06 7.06 6.93
CA GLU A 35 14.33 5.65 7.24
C GLU A 35 15.45 5.52 8.26
N GLN A 36 15.37 6.31 9.33
CA GLN A 36 16.39 6.28 10.37
C GLN A 36 15.82 5.70 11.67
N MET A 37 16.12 4.43 11.93
CA MET A 37 15.64 3.76 13.13
C MET A 37 16.81 3.33 14.02
N GLN A 38 17.23 4.23 14.90
CA GLN A 38 18.34 3.94 15.80
C GLN A 38 18.50 5.06 16.83
N ASN A 39 18.92 4.68 18.04
CA ASN A 39 19.11 5.64 19.12
C ASN A 39 20.54 6.16 19.14
N SER A 40 20.70 7.47 18.98
CA SER A 40 22.02 8.09 18.98
C SER A 40 22.08 9.26 19.96
N GLY A 41 23.29 9.74 20.23
CA GLY A 41 23.46 10.85 21.14
C GLY A 41 24.53 11.81 20.69
N PRO A 42 24.15 12.80 19.88
CA PRO A 42 25.09 13.81 19.35
C PRO A 42 25.58 14.76 20.44
N SER A 43 26.89 15.02 20.46
CA SER A 43 27.48 15.91 21.44
C SER A 43 27.96 17.20 20.79
N SER A 44 28.51 18.10 21.60
CA SER A 44 29.00 19.38 21.10
C SER A 44 29.80 20.10 22.18
N GLY A 45 30.41 21.22 21.80
CA GLY A 45 31.21 21.99 22.74
C GLY A 45 31.18 23.48 22.45
N ILE A 46 31.42 24.28 23.48
CA ILE A 46 31.41 25.73 23.33
C ILE A 46 32.55 26.38 24.11
N GLU A 47 33.20 27.37 23.51
CA GLU A 47 34.30 28.06 24.16
C GLU A 47 33.89 29.46 24.59
N GLY A 48 34.61 30.02 25.56
CA GLY A 48 34.30 31.35 26.05
C GLY A 48 34.05 31.37 27.55
N ARG A 49 34.74 32.28 28.24
CA ARG A 49 34.60 32.40 29.68
C ARG A 49 33.12 32.50 30.08
N GLY A 50 32.56 31.41 30.58
CA GLY A 50 31.17 31.40 30.98
C GLY A 50 30.27 30.73 29.96
N SER A 51 28.97 30.71 30.23
CA SER A 51 28.01 30.09 29.33
C SER A 51 26.64 30.75 29.47
N SER A 52 25.72 30.37 28.58
CA SER A 52 24.37 30.93 28.59
C SER A 52 23.48 30.21 27.58
N GLY A 53 22.21 30.03 27.95
CA GLY A 53 21.27 29.37 27.06
C GLY A 53 20.01 30.18 26.84
N SER A 54 19.20 29.74 25.89
CA SER A 54 17.95 30.43 25.58
C SER A 54 16.99 29.51 24.82
N SER A 55 15.70 29.81 24.92
CA SER A 55 14.68 29.02 24.24
C SER A 55 13.37 29.80 24.11
N GLY A 56 12.46 29.28 23.29
CA GLY A 56 11.19 29.94 23.09
C GLY A 56 10.49 29.48 21.82
N SER A 57 9.18 29.69 21.76
CA SER A 57 8.39 29.29 20.60
C SER A 57 7.15 30.16 20.45
N SER A 58 7.02 30.81 19.31
CA SER A 58 5.88 31.68 19.04
C SER A 58 5.07 31.16 17.86
N GLY A 59 4.07 30.32 18.16
CA GLY A 59 3.23 29.77 17.11
C GLY A 59 2.25 30.79 16.56
N SER A 60 1.54 30.40 15.51
CA SER A 60 0.57 31.29 14.87
C SER A 60 -0.36 30.52 13.95
N SER A 61 -1.37 31.20 13.41
CA SER A 61 -2.33 30.57 12.52
C SER A 61 -1.95 30.80 11.06
N GLY A 62 -2.45 29.95 10.18
CA GLY A 62 -2.15 30.06 8.77
C GLY A 62 -3.32 29.67 7.89
N PRO A 63 -3.29 30.11 6.62
CA PRO A 63 -4.34 29.81 5.65
C PRO A 63 -4.35 28.34 5.23
N THR A 64 -5.43 27.92 4.58
CA THR A 64 -5.56 26.54 4.13
C THR A 64 -5.44 26.44 2.62
N PRO A 65 -4.72 25.41 2.15
CA PRO A 65 -4.52 25.17 0.72
C PRO A 65 -5.79 24.74 0.01
N LYS A 66 -5.66 24.36 -1.26
CA LYS A 66 -6.81 23.92 -2.05
C LYS A 66 -7.34 22.59 -1.52
N THR A 67 -8.53 22.21 -1.98
CA THR A 67 -9.14 20.96 -1.57
C THR A 67 -8.94 19.87 -2.60
N GLU A 68 -8.66 18.66 -2.15
CA GLU A 68 -8.45 17.53 -3.04
C GLU A 68 -9.57 16.51 -2.92
N LEU A 69 -10.38 16.40 -3.97
CA LEU A 69 -11.49 15.46 -3.98
C LEU A 69 -11.05 14.07 -3.57
N VAL A 70 -11.99 13.13 -3.53
CA VAL A 70 -11.69 11.76 -3.16
C VAL A 70 -11.98 10.80 -4.31
N GLN A 71 -11.22 9.71 -4.38
CA GLN A 71 -11.39 8.72 -5.43
C GLN A 71 -11.95 7.41 -4.86
N LYS A 72 -13.08 6.97 -5.40
CA LYS A 72 -13.71 5.73 -4.95
C LYS A 72 -13.70 4.69 -6.05
N PHE A 73 -13.17 3.50 -5.74
CA PHE A 73 -13.10 2.42 -6.71
C PHE A 73 -13.86 1.19 -6.20
N ARG A 74 -14.20 0.29 -7.12
CA ARG A 74 -14.93 -0.92 -6.77
C ARG A 74 -14.02 -2.14 -6.84
N VAL A 75 -13.87 -2.84 -5.71
CA VAL A 75 -13.02 -4.02 -5.65
C VAL A 75 -13.53 -5.00 -4.59
N GLN A 76 -12.79 -6.09 -4.39
CA GLN A 76 -13.16 -7.10 -3.42
C GLN A 76 -12.06 -7.29 -2.39
N TYR A 77 -12.41 -7.87 -1.25
CA TYR A 77 -11.45 -8.11 -0.18
C TYR A 77 -11.18 -9.60 -0.02
N LEU A 78 -9.96 -10.02 -0.35
CA LEU A 78 -9.58 -11.42 -0.24
C LEU A 78 -9.41 -11.83 1.22
N GLY A 79 -8.75 -10.96 1.99
CA GLY A 79 -8.53 -11.26 3.40
C GLY A 79 -7.26 -10.63 3.93
N MET A 80 -6.94 -10.91 5.19
CA MET A 80 -5.73 -10.37 5.81
C MET A 80 -4.61 -11.40 5.81
N LEU A 81 -3.51 -11.06 5.14
CA LEU A 81 -2.36 -11.96 5.06
C LEU A 81 -1.07 -11.23 5.45
N PRO A 82 -0.46 -11.67 6.56
CA PRO A 82 0.78 -11.07 7.06
C PRO A 82 1.97 -11.39 6.17
N VAL A 83 3.04 -10.61 6.31
CA VAL A 83 4.24 -10.81 5.51
C VAL A 83 5.49 -10.89 6.40
N ASP A 84 6.58 -11.38 5.83
CA ASP A 84 7.83 -11.50 6.57
C ASP A 84 8.67 -10.24 6.47
N ARG A 85 8.54 -9.55 5.33
CA ARG A 85 9.28 -8.32 5.10
C ARG A 85 8.35 -7.19 4.68
N PRO A 86 8.76 -5.94 4.98
CA PRO A 86 7.97 -4.75 4.65
C PRO A 86 7.93 -4.49 3.15
N VAL A 87 8.90 -5.05 2.43
CA VAL A 87 8.98 -4.87 0.98
C VAL A 87 9.37 -6.17 0.29
N GLY A 88 9.41 -6.13 -1.04
CA GLY A 88 9.76 -7.32 -1.80
C GLY A 88 8.59 -7.90 -2.58
N MET A 89 8.76 -8.04 -3.89
CA MET A 89 7.71 -8.58 -4.74
C MET A 89 7.35 -10.02 -4.32
N ASP A 90 8.34 -10.90 -4.37
CA ASP A 90 8.12 -12.30 -3.99
C ASP A 90 7.31 -12.40 -2.71
N THR A 91 7.55 -11.47 -1.78
CA THR A 91 6.84 -11.45 -0.52
C THR A 91 5.41 -10.97 -0.69
N LEU A 92 5.24 -9.82 -1.31
CA LEU A 92 3.92 -9.26 -1.54
C LEU A 92 3.02 -10.25 -2.26
N ASN A 93 3.51 -10.80 -3.37
CA ASN A 93 2.75 -11.76 -4.15
C ASN A 93 2.43 -13.00 -3.31
N SER A 94 3.44 -13.52 -2.63
CA SER A 94 3.27 -14.71 -1.80
C SER A 94 1.91 -14.69 -1.11
N ALA A 95 1.55 -13.54 -0.54
CA ALA A 95 0.28 -13.39 0.15
C ALA A 95 -0.89 -13.63 -0.80
N ILE A 96 -0.93 -12.87 -1.88
CA ILE A 96 -2.01 -13.00 -2.86
C ILE A 96 -2.42 -14.46 -3.03
N GLU A 97 -1.44 -15.32 -3.31
CA GLU A 97 -1.70 -16.75 -3.49
C GLU A 97 -2.26 -17.37 -2.21
N ASN A 98 -1.58 -17.12 -1.09
CA ASN A 98 -2.00 -17.66 0.20
C ASN A 98 -3.51 -17.47 0.39
N LEU A 99 -3.97 -16.24 0.23
CA LEU A 99 -5.39 -15.93 0.40
C LEU A 99 -6.20 -16.52 -0.75
N MET A 100 -5.69 -16.40 -1.96
CA MET A 100 -6.37 -16.93 -3.14
C MET A 100 -6.87 -18.35 -2.89
N THR A 101 -5.97 -19.22 -2.42
CA THR A 101 -6.33 -20.60 -2.14
C THR A 101 -7.08 -20.72 -0.82
N SER A 102 -6.94 -19.70 0.03
CA SER A 102 -7.60 -19.69 1.33
C SER A 102 -9.12 -19.71 1.18
N SER A 103 -9.62 -18.84 0.31
CA SER A 103 -11.06 -18.75 0.07
C SER A 103 -11.35 -18.63 -1.43
N SER A 104 -12.63 -18.57 -1.77
CA SER A 104 -13.05 -18.45 -3.16
C SER A 104 -13.30 -16.99 -3.53
N LYS A 105 -13.42 -16.73 -4.83
CA LYS A 105 -13.67 -15.38 -5.32
C LYS A 105 -14.99 -14.84 -4.80
N GLU A 106 -15.98 -15.73 -4.67
CA GLU A 106 -17.29 -15.35 -4.18
C GLU A 106 -17.26 -15.07 -2.68
N ASP A 107 -16.36 -15.75 -1.98
CA ASP A 107 -16.22 -15.57 -0.54
C ASP A 107 -15.71 -14.18 -0.20
N TRP A 108 -15.08 -13.53 -1.18
CA TRP A 108 -14.55 -12.19 -0.98
C TRP A 108 -15.66 -11.15 -1.07
N PRO A 109 -15.91 -10.46 0.05
CA PRO A 109 -16.94 -9.41 0.13
C PRO A 109 -16.57 -8.17 -0.68
N SER A 110 -17.57 -7.58 -1.32
CA SER A 110 -17.36 -6.38 -2.13
C SER A 110 -17.04 -5.18 -1.24
N VAL A 111 -15.99 -4.45 -1.59
CA VAL A 111 -15.58 -3.27 -0.82
C VAL A 111 -15.24 -2.11 -1.75
N ASN A 112 -15.20 -0.91 -1.19
CA ASN A 112 -14.88 0.29 -1.96
C ASN A 112 -13.57 0.91 -1.48
N MET A 113 -12.68 1.20 -2.41
CA MET A 113 -11.39 1.81 -2.09
C MET A 113 -11.51 3.33 -2.02
N ASN A 114 -11.49 3.87 -0.79
CA ASN A 114 -11.59 5.30 -0.59
C ASN A 114 -10.21 5.93 -0.47
N VAL A 115 -9.72 6.49 -1.57
CA VAL A 115 -8.41 7.13 -1.59
C VAL A 115 -8.54 8.65 -1.51
N ALA A 116 -8.28 9.20 -0.34
CA ALA A 116 -8.36 10.65 -0.13
C ALA A 116 -7.21 11.15 0.75
N ASP A 117 -6.68 12.30 0.41
CA ASP A 117 -5.59 12.90 1.18
C ASP A 117 -4.47 11.88 1.39
N ALA A 118 -4.16 11.12 0.35
CA ALA A 118 -3.11 10.11 0.42
C ALA A 118 -3.42 9.08 1.51
N THR A 119 -4.69 8.75 1.66
CA THR A 119 -5.12 7.78 2.67
C THR A 119 -5.99 6.68 2.05
N VAL A 120 -5.53 5.45 2.16
CA VAL A 120 -6.28 4.32 1.61
C VAL A 120 -7.21 3.72 2.65
N THR A 121 -8.50 4.03 2.54
CA THR A 121 -9.50 3.53 3.48
C THR A 121 -10.51 2.65 2.76
N VAL A 122 -10.57 1.38 3.16
CA VAL A 122 -11.50 0.44 2.56
C VAL A 122 -12.87 0.49 3.25
N ILE A 123 -13.84 1.07 2.57
CA ILE A 123 -15.18 1.18 3.11
C ILE A 123 -16.11 0.10 2.55
N SER A 124 -17.00 -0.40 3.39
CA SER A 124 -17.94 -1.44 2.98
C SER A 124 -19.10 -0.84 2.19
N GLU A 125 -19.63 -1.62 1.25
CA GLU A 125 -20.74 -1.18 0.43
C GLU A 125 -22.01 -1.03 1.25
N LYS A 126 -22.24 -1.99 2.14
CA LYS A 126 -23.42 -1.97 3.00
C LYS A 126 -23.45 -0.71 3.87
N ASN A 127 -22.41 -0.54 4.68
CA ASN A 127 -22.31 0.63 5.56
C ASN A 127 -21.03 1.40 5.29
N GLU A 128 -21.10 2.73 5.42
CA GLU A 128 -19.94 3.58 5.19
C GLU A 128 -19.13 3.75 6.47
N GLU A 129 -19.76 3.49 7.60
CA GLU A 129 -19.10 3.61 8.89
C GLU A 129 -18.55 2.26 9.36
N GLU A 130 -18.06 1.48 8.40
CA GLU A 130 -17.51 0.16 8.72
C GLU A 130 -15.98 0.19 8.65
N VAL A 131 -15.45 1.04 7.79
CA VAL A 131 -14.00 1.16 7.63
C VAL A 131 -13.32 -0.18 7.79
N LEU A 132 -13.79 -1.18 7.06
CA LEU A 132 -13.22 -2.51 7.12
C LEU A 132 -11.71 -2.46 7.31
N VAL A 133 -11.06 -1.57 6.57
CA VAL A 133 -9.62 -1.41 6.65
C VAL A 133 -9.22 0.06 6.52
N GLU A 134 -8.31 0.50 7.39
CA GLU A 134 -7.84 1.89 7.37
C GLU A 134 -6.33 1.94 7.17
N CYS A 135 -5.92 2.28 5.95
CA CYS A 135 -4.50 2.38 5.62
C CYS A 135 -4.14 3.79 5.16
N ARG A 136 -2.98 4.27 5.59
CA ARG A 136 -2.52 5.60 5.22
C ARG A 136 -1.24 5.52 4.40
N VAL A 137 -1.27 6.10 3.21
CA VAL A 137 -0.11 6.10 2.32
C VAL A 137 1.17 6.41 3.10
N ARG A 138 1.10 7.38 3.99
CA ARG A 138 2.25 7.75 4.81
C ARG A 138 2.90 6.52 5.43
N PHE A 139 2.08 5.65 5.99
CA PHE A 139 2.57 4.44 6.63
C PHE A 139 2.97 3.40 5.59
N LEU A 140 2.25 3.37 4.48
CA LEU A 140 2.52 2.42 3.41
C LEU A 140 4.01 2.40 3.08
N SER A 141 4.60 1.21 3.11
CA SER A 141 6.01 1.04 2.82
C SER A 141 6.23 0.66 1.36
N PHE A 142 5.65 -0.46 0.95
CA PHE A 142 5.78 -0.94 -0.42
C PHE A 142 4.49 -1.61 -0.89
N MET A 143 4.26 -1.60 -2.20
CA MET A 143 3.06 -2.21 -2.76
C MET A 143 3.31 -2.65 -4.21
N GLY A 144 2.43 -3.49 -4.73
CA GLY A 144 2.57 -3.97 -6.09
C GLY A 144 1.43 -4.87 -6.51
N VAL A 145 1.60 -5.57 -7.63
CA VAL A 145 0.58 -6.47 -8.14
C VAL A 145 1.10 -7.90 -8.23
N GLY A 146 0.19 -8.85 -8.21
CA GLY A 146 0.58 -10.25 -8.29
C GLY A 146 0.63 -10.76 -9.72
N LYS A 147 1.02 -12.02 -9.89
CA LYS A 147 1.12 -12.62 -11.21
C LYS A 147 0.03 -12.07 -12.14
N ASP A 148 -1.17 -11.95 -11.61
CA ASP A 148 -2.31 -11.44 -12.39
C ASP A 148 -2.61 -9.99 -12.01
N VAL A 149 -2.43 -9.09 -12.96
CA VAL A 149 -2.69 -7.67 -12.74
C VAL A 149 -3.99 -7.48 -11.94
N HIS A 150 -4.99 -8.30 -12.24
CA HIS A 150 -6.28 -8.21 -11.57
C HIS A 150 -6.08 -8.08 -10.06
N THR A 151 -5.13 -8.84 -9.52
CA THR A 151 -4.85 -8.80 -8.08
C THR A 151 -4.03 -7.58 -7.71
N PHE A 152 -4.42 -6.92 -6.62
CA PHE A 152 -3.71 -5.72 -6.16
C PHE A 152 -3.58 -5.73 -4.65
N ALA A 153 -2.34 -5.78 -4.17
CA ALA A 153 -2.08 -5.78 -2.73
C ALA A 153 -1.04 -4.73 -2.36
N PHE A 154 -0.93 -4.43 -1.07
CA PHE A 154 0.02 -3.44 -0.59
C PHE A 154 0.44 -3.74 0.85
N ILE A 155 1.70 -3.45 1.17
CA ILE A 155 2.22 -3.70 2.50
C ILE A 155 2.15 -2.44 3.37
N MET A 156 1.50 -2.55 4.52
CA MET A 156 1.36 -1.42 5.43
C MET A 156 1.87 -1.78 6.83
N ASP A 157 2.06 -0.77 7.66
CA ASP A 157 2.53 -0.98 9.02
C ASP A 157 1.44 -0.69 10.04
N THR A 158 1.14 -1.66 10.88
CA THR A 158 0.11 -1.51 11.89
C THR A 158 0.73 -1.23 13.27
N GLY A 159 2.04 -1.39 13.36
CA GLY A 159 2.73 -1.16 14.62
C GLY A 159 4.13 -0.63 14.42
N ASN A 160 5.06 -1.09 15.25
CA ASN A 160 6.45 -0.66 15.16
C ASN A 160 7.19 -1.43 14.07
N GLN A 161 7.38 -2.72 14.28
CA GLN A 161 8.07 -3.57 13.32
C GLN A 161 7.09 -4.55 12.67
N ARG A 162 5.81 -4.26 12.77
CA ARG A 162 4.78 -5.13 12.19
C ARG A 162 4.37 -4.63 10.81
N PHE A 163 4.22 -5.54 9.87
CA PHE A 163 3.83 -5.20 8.51
C PHE A 163 2.79 -6.17 7.97
N GLU A 164 1.59 -5.66 7.67
CA GLU A 164 0.51 -6.49 7.15
C GLU A 164 0.29 -6.22 5.67
N CYS A 165 -0.28 -7.20 4.98
CA CYS A 165 -0.56 -7.07 3.55
C CYS A 165 -2.03 -7.33 3.25
N HIS A 166 -2.68 -6.37 2.59
CA HIS A 166 -4.08 -6.49 2.25
C HIS A 166 -4.26 -6.58 0.73
N VAL A 167 -4.72 -7.74 0.26
CA VAL A 167 -4.94 -7.97 -1.16
C VAL A 167 -6.36 -7.58 -1.56
N PHE A 168 -6.51 -7.14 -2.80
CA PHE A 168 -7.82 -6.74 -3.32
C PHE A 168 -7.94 -7.04 -4.80
N TRP A 169 -9.09 -7.55 -5.21
CA TRP A 169 -9.33 -7.88 -6.61
C TRP A 169 -9.95 -6.70 -7.36
N CYS A 170 -9.42 -6.41 -8.54
CA CYS A 170 -9.91 -5.30 -9.35
C CYS A 170 -10.62 -5.82 -10.60
N GLU A 171 -11.60 -5.07 -11.08
CA GLU A 171 -12.35 -5.45 -12.27
C GLU A 171 -12.57 -4.24 -13.18
N PRO A 172 -12.21 -4.39 -14.46
CA PRO A 172 -11.62 -5.63 -14.97
C PRO A 172 -10.22 -5.87 -14.44
N ASN A 173 -9.36 -4.85 -14.54
CA ASN A 173 -7.98 -4.95 -14.06
C ASN A 173 -7.69 -3.86 -13.04
N ALA A 174 -6.54 -3.99 -12.38
CA ALA A 174 -6.13 -3.01 -11.36
C ALA A 174 -5.25 -1.93 -11.98
N ALA A 175 -5.55 -1.55 -13.22
CA ALA A 175 -4.79 -0.52 -13.91
C ALA A 175 -5.01 0.85 -13.29
N ASN A 176 -6.28 1.18 -13.02
CA ASN A 176 -6.63 2.46 -12.43
C ASN A 176 -6.40 2.44 -10.92
N VAL A 177 -6.99 1.46 -10.26
CA VAL A 177 -6.86 1.33 -8.81
C VAL A 177 -5.41 1.55 -8.37
N SER A 178 -4.53 0.69 -8.85
CA SER A 178 -3.11 0.78 -8.51
C SER A 178 -2.52 2.10 -8.98
N GLU A 179 -3.09 2.65 -10.04
CA GLU A 179 -2.63 3.92 -10.59
C GLU A 179 -3.07 5.09 -9.70
N ALA A 180 -4.19 4.92 -9.02
CA ALA A 180 -4.72 5.96 -8.14
C ALA A 180 -3.89 6.06 -6.87
N VAL A 181 -3.70 4.92 -6.20
CA VAL A 181 -2.93 4.89 -4.95
C VAL A 181 -1.47 5.30 -5.21
N GLN A 182 -0.95 4.90 -6.37
CA GLN A 182 0.43 5.21 -6.73
C GLN A 182 0.67 6.72 -6.71
N ALA A 183 -0.24 7.46 -7.32
CA ALA A 183 -0.13 8.92 -7.38
C ALA A 183 -0.34 9.53 -6.00
N ALA A 184 -1.20 8.91 -5.20
CA ALA A 184 -1.49 9.39 -3.86
C ALA A 184 -0.21 9.77 -3.12
N CYS A 185 0.81 8.94 -3.27
CA CYS A 185 2.10 9.19 -2.62
C CYS A 185 2.56 10.62 -2.84
N GLY A 1 -16.28 -15.24 -16.03
CA GLY A 1 -14.95 -15.65 -16.44
C GLY A 1 -13.86 -14.83 -15.77
N SER A 2 -12.68 -15.41 -15.65
CA SER A 2 -11.55 -14.73 -15.02
C SER A 2 -10.45 -14.46 -16.04
N SER A 3 -10.00 -15.51 -16.72
CA SER A 3 -8.95 -15.39 -17.71
C SER A 3 -9.35 -14.42 -18.81
N GLY A 4 -8.56 -13.35 -18.98
CA GLY A 4 -8.86 -12.36 -20.00
C GLY A 4 -7.61 -11.70 -20.53
N SER A 5 -6.97 -12.34 -21.51
CA SER A 5 -5.76 -11.82 -22.11
C SER A 5 -5.78 -12.00 -23.63
N SER A 6 -5.45 -10.94 -24.36
CA SER A 6 -5.43 -10.98 -25.82
C SER A 6 -4.26 -10.16 -26.37
N GLY A 7 -3.91 -10.42 -27.62
CA GLY A 7 -2.82 -9.70 -28.25
C GLY A 7 -3.27 -8.44 -28.94
N ASP A 8 -2.45 -7.39 -28.88
CA ASP A 8 -2.78 -6.12 -29.51
C ASP A 8 -1.52 -5.43 -30.03
N ALA A 9 -1.62 -4.84 -31.21
CA ALA A 9 -0.49 -4.15 -31.83
C ALA A 9 0.06 -3.08 -30.89
N ALA A 10 -0.79 -2.15 -30.48
CA ALA A 10 -0.39 -1.08 -29.58
C ALA A 10 -0.85 -1.35 -28.16
N VAL A 11 0.11 -1.49 -27.24
CA VAL A 11 -0.21 -1.75 -25.84
C VAL A 11 -0.95 -0.56 -25.23
N THR A 12 -1.76 -0.84 -24.21
CA THR A 12 -2.52 0.19 -23.52
C THR A 12 -1.63 0.98 -22.56
N PRO A 13 -1.98 2.26 -22.35
CA PRO A 13 -1.22 3.14 -21.45
C PRO A 13 -1.37 2.75 -19.98
N GLU A 14 -2.25 1.78 -19.72
CA GLU A 14 -2.48 1.32 -18.36
C GLU A 14 -1.64 0.07 -18.06
N GLU A 15 -1.75 -0.92 -18.93
CA GLU A 15 -1.00 -2.16 -18.76
C GLU A 15 0.48 -1.88 -18.54
N ARG A 16 1.07 -1.08 -19.43
CA ARG A 16 2.48 -0.73 -19.35
C ARG A 16 2.86 -0.40 -17.91
N HIS A 17 2.19 0.60 -17.34
CA HIS A 17 2.46 1.02 -15.97
C HIS A 17 2.53 -0.19 -15.04
N LEU A 18 1.48 -1.01 -15.07
CA LEU A 18 1.42 -2.20 -14.22
C LEU A 18 2.62 -3.10 -14.47
N SER A 19 2.85 -3.44 -15.73
CA SER A 19 3.97 -4.31 -16.09
C SER A 19 5.18 -4.05 -15.20
N LYS A 20 5.53 -2.78 -15.05
CA LYS A 20 6.66 -2.39 -14.22
C LYS A 20 6.50 -2.90 -12.80
N MET A 21 5.31 -2.71 -12.24
CA MET A 21 5.02 -3.16 -10.89
C MET A 21 5.34 -4.64 -10.73
N GLN A 22 5.03 -5.42 -11.75
CA GLN A 22 5.28 -6.86 -11.73
C GLN A 22 6.77 -7.15 -11.74
N GLN A 23 7.50 -6.40 -12.56
CA GLN A 23 8.96 -6.58 -12.66
C GLN A 23 9.60 -6.61 -11.29
N ASN A 24 9.53 -5.48 -10.58
CA ASN A 24 10.12 -5.38 -9.25
C ASN A 24 9.11 -4.81 -8.26
N GLY A 25 8.36 -3.80 -8.70
CA GLY A 25 7.38 -3.19 -7.83
C GLY A 25 7.71 -1.74 -7.51
N TYR A 26 6.82 -1.09 -6.77
CA TYR A 26 7.02 0.31 -6.40
C TYR A 26 6.80 0.51 -4.89
N GLU A 27 7.88 0.48 -4.13
CA GLU A 27 7.82 0.65 -2.69
C GLU A 27 7.51 2.10 -2.33
N ASN A 28 7.36 2.37 -1.03
CA ASN A 28 7.06 3.72 -0.57
C ASN A 28 8.34 4.42 -0.10
N PRO A 29 8.80 5.40 -0.89
CA PRO A 29 10.00 6.16 -0.58
C PRO A 29 9.82 7.09 0.61
N THR A 30 8.57 7.51 0.83
CA THR A 30 8.25 8.40 1.94
C THR A 30 8.44 7.70 3.28
N TYR A 31 7.98 6.46 3.36
CA TYR A 31 8.10 5.69 4.60
C TYR A 31 9.55 5.56 5.02
N LYS A 32 10.37 5.00 4.14
CA LYS A 32 11.79 4.81 4.42
C LYS A 32 12.45 6.14 4.77
N PHE A 33 11.89 7.24 4.27
CA PHE A 33 12.42 8.57 4.53
C PHE A 33 12.29 8.92 6.01
N PHE A 34 11.06 8.84 6.52
CA PHE A 34 10.81 9.15 7.92
C PHE A 34 11.66 8.29 8.84
N GLU A 35 11.73 7.00 8.54
CA GLU A 35 12.52 6.07 9.34
C GLU A 35 14.00 6.12 8.94
N GLN A 36 14.49 7.32 8.71
CA GLN A 36 15.89 7.50 8.33
C GLN A 36 16.79 7.62 9.55
N MET A 37 17.99 7.05 9.45
CA MET A 37 18.93 7.09 10.55
C MET A 37 19.51 8.49 10.74
N GLN A 38 18.85 9.29 11.58
CA GLN A 38 19.29 10.64 11.84
C GLN A 38 20.47 10.66 12.81
N ASN A 39 21.28 11.72 12.73
CA ASN A 39 22.44 11.85 13.61
C ASN A 39 22.43 13.19 14.32
N SER A 40 22.93 13.20 15.55
CA SER A 40 22.97 14.41 16.36
C SER A 40 23.71 14.18 17.67
N GLY A 41 24.18 15.25 18.29
CA GLY A 41 24.90 15.15 19.54
C GLY A 41 26.31 14.63 19.36
N PRO A 42 27.22 15.51 18.89
CA PRO A 42 28.61 15.16 18.66
C PRO A 42 29.38 14.91 19.95
N SER A 43 29.15 15.78 20.94
CA SER A 43 29.81 15.66 22.22
C SER A 43 28.80 15.38 23.33
N SER A 44 29.25 14.67 24.36
CA SER A 44 28.38 14.34 25.49
C SER A 44 27.69 15.58 26.03
N GLY A 45 28.45 16.65 26.21
CA GLY A 45 27.89 17.89 26.72
C GLY A 45 28.49 18.27 28.06
N ILE A 46 28.41 19.56 28.39
CA ILE A 46 28.94 20.06 29.66
C ILE A 46 27.94 19.87 30.78
N GLU A 47 27.78 18.63 31.23
CA GLU A 47 26.85 18.31 32.30
C GLU A 47 27.47 18.61 33.67
N GLY A 48 27.10 19.74 34.25
CA GLY A 48 27.63 20.12 35.54
C GLY A 48 27.36 19.08 36.61
N ARG A 49 27.82 19.34 37.83
CA ARG A 49 27.62 18.42 38.93
C ARG A 49 26.21 18.54 39.49
N GLY A 50 25.74 19.76 39.68
CA GLY A 50 24.41 19.98 40.19
C GLY A 50 23.32 19.46 39.26
N SER A 51 22.26 18.91 39.85
CA SER A 51 21.16 18.36 39.06
C SER A 51 20.39 19.47 38.37
N SER A 52 20.25 19.36 37.06
CA SER A 52 19.54 20.35 36.27
C SER A 52 19.09 19.77 34.93
N GLY A 53 17.97 20.28 34.42
CA GLY A 53 17.46 19.80 33.15
C GLY A 53 16.35 20.67 32.61
N SER A 54 15.82 20.30 31.45
CA SER A 54 14.75 21.06 30.81
C SER A 54 13.52 21.11 31.71
N SER A 55 12.82 22.24 31.68
CA SER A 55 11.62 22.43 32.49
C SER A 55 10.75 21.18 32.47
N GLY A 56 10.45 20.70 31.27
CA GLY A 56 9.62 19.51 31.13
C GLY A 56 8.29 19.81 30.47
N SER A 57 8.33 20.25 29.21
CA SER A 57 7.13 20.58 28.47
C SER A 57 7.19 20.00 27.06
N SER A 58 6.42 18.94 26.82
CA SER A 58 6.38 18.29 25.52
C SER A 58 5.02 18.46 24.86
N GLY A 59 4.98 18.34 23.54
CA GLY A 59 3.74 18.49 22.81
C GLY A 59 3.69 19.75 21.99
N SER A 60 2.92 19.72 20.89
CA SER A 60 2.81 20.86 20.01
C SER A 60 1.76 20.61 18.92
N SER A 61 1.10 21.67 18.49
CA SER A 61 0.08 21.56 17.45
C SER A 61 0.60 22.05 16.11
N GLY A 62 -0.21 21.88 15.06
CA GLY A 62 0.20 22.30 13.73
C GLY A 62 -0.93 22.19 12.73
N PRO A 63 -1.03 23.19 11.84
CA PRO A 63 -2.06 23.23 10.81
C PRO A 63 -1.85 22.17 9.73
N THR A 64 -2.91 21.45 9.40
CA THR A 64 -2.83 20.41 8.38
C THR A 64 -3.84 20.66 7.26
N PRO A 65 -3.38 20.50 6.01
CA PRO A 65 -4.23 20.70 4.82
C PRO A 65 -5.29 19.61 4.68
N LYS A 66 -6.30 19.88 3.87
CA LYS A 66 -7.38 18.93 3.64
C LYS A 66 -7.98 19.12 2.25
N THR A 67 -8.20 18.01 1.55
CA THR A 67 -8.78 18.05 0.21
C THR A 67 -10.31 18.07 0.27
N GLU A 68 -10.93 18.45 -0.83
CA GLU A 68 -12.39 18.50 -0.91
C GLU A 68 -12.92 17.49 -1.91
N LEU A 69 -12.14 16.44 -2.16
CA LEU A 69 -12.53 15.39 -3.10
C LEU A 69 -12.14 14.02 -2.58
N VAL A 70 -12.56 12.98 -3.29
CA VAL A 70 -12.25 11.60 -2.90
C VAL A 70 -12.55 10.63 -4.03
N GLN A 71 -11.75 9.58 -4.13
CA GLN A 71 -11.94 8.57 -5.17
C GLN A 71 -12.50 7.28 -4.58
N LYS A 72 -13.38 6.62 -5.33
CA LYS A 72 -13.99 5.38 -4.89
C LYS A 72 -13.95 4.34 -5.99
N PHE A 73 -13.13 3.31 -5.80
CA PHE A 73 -12.99 2.24 -6.79
C PHE A 73 -13.64 0.95 -6.28
N ARG A 74 -14.10 0.12 -7.21
CA ARG A 74 -14.75 -1.13 -6.87
C ARG A 74 -13.73 -2.27 -6.82
N VAL A 75 -13.73 -3.01 -5.72
CA VAL A 75 -12.82 -4.13 -5.55
C VAL A 75 -13.31 -5.09 -4.47
N GLN A 76 -12.59 -6.20 -4.29
CA GLN A 76 -12.97 -7.20 -3.30
C GLN A 76 -11.85 -7.39 -2.28
N TYR A 77 -12.22 -7.80 -1.07
CA TYR A 77 -11.25 -8.02 0.00
C TYR A 77 -11.00 -9.50 0.21
N LEU A 78 -9.75 -9.92 -0.01
CA LEU A 78 -9.38 -11.32 0.16
C LEU A 78 -9.15 -11.65 1.62
N GLY A 79 -8.24 -10.93 2.26
CA GLY A 79 -7.95 -11.16 3.67
C GLY A 79 -6.70 -10.44 4.12
N MET A 80 -6.25 -10.74 5.34
CA MET A 80 -5.06 -10.12 5.89
C MET A 80 -3.91 -11.12 5.99
N LEU A 81 -3.00 -11.05 5.02
CA LEU A 81 -1.85 -11.96 4.99
C LEU A 81 -0.57 -11.23 5.39
N PRO A 82 0.10 -11.74 6.43
CA PRO A 82 1.34 -11.16 6.94
C PRO A 82 2.51 -11.34 5.98
N VAL A 83 3.50 -10.48 6.08
CA VAL A 83 4.68 -10.55 5.23
C VAL A 83 5.96 -10.55 6.04
N ASP A 84 7.02 -11.15 5.49
CA ASP A 84 8.31 -11.21 6.17
C ASP A 84 9.12 -9.95 5.91
N ARG A 85 8.92 -9.34 4.75
CA ARG A 85 9.64 -8.14 4.38
C ARG A 85 8.67 -7.02 4.01
N PRO A 86 9.09 -5.77 4.25
CA PRO A 86 8.27 -4.58 3.96
C PRO A 86 8.11 -4.35 2.46
N VAL A 87 9.04 -4.86 1.67
CA VAL A 87 9.01 -4.71 0.23
C VAL A 87 9.47 -5.99 -0.48
N GLY A 88 9.18 -6.09 -1.77
CA GLY A 88 9.57 -7.25 -2.53
C GLY A 88 8.38 -7.97 -3.15
N MET A 89 8.39 -8.08 -4.48
CA MET A 89 7.31 -8.74 -5.19
C MET A 89 7.06 -10.14 -4.64
N ASP A 90 8.09 -10.97 -4.66
CA ASP A 90 7.98 -12.34 -4.15
C ASP A 90 7.17 -12.37 -2.86
N THR A 91 7.49 -11.47 -1.94
CA THR A 91 6.79 -11.40 -0.66
C THR A 91 5.30 -11.12 -0.86
N LEU A 92 5.00 -10.18 -1.75
CA LEU A 92 3.62 -9.81 -2.03
C LEU A 92 2.84 -11.00 -2.57
N ASN A 93 3.35 -11.61 -3.63
CA ASN A 93 2.70 -12.77 -4.25
C ASN A 93 2.44 -13.86 -3.21
N SER A 94 3.49 -14.25 -2.49
CA SER A 94 3.36 -15.29 -1.47
C SER A 94 2.05 -15.14 -0.71
N ALA A 95 1.74 -13.91 -0.30
CA ALA A 95 0.50 -13.65 0.43
C ALA A 95 -0.72 -13.84 -0.46
N ILE A 96 -0.74 -13.13 -1.58
CA ILE A 96 -1.85 -13.23 -2.53
C ILE A 96 -2.38 -14.65 -2.62
N GLU A 97 -1.56 -15.54 -3.19
CA GLU A 97 -1.93 -16.94 -3.34
C GLU A 97 -2.45 -17.51 -2.02
N ASN A 98 -1.65 -17.36 -0.97
CA ASN A 98 -2.02 -17.86 0.34
C ASN A 98 -3.49 -17.58 0.64
N LEU A 99 -3.95 -16.39 0.29
CA LEU A 99 -5.33 -16.01 0.51
C LEU A 99 -6.24 -16.57 -0.58
N MET A 100 -5.76 -16.52 -1.82
CA MET A 100 -6.53 -17.03 -2.95
C MET A 100 -7.05 -18.43 -2.67
N THR A 101 -6.18 -19.29 -2.14
CA THR A 101 -6.56 -20.66 -1.83
C THR A 101 -7.36 -20.72 -0.54
N SER A 102 -7.10 -19.79 0.37
CA SER A 102 -7.80 -19.74 1.65
C SER A 102 -9.30 -19.55 1.44
N SER A 103 -9.65 -18.53 0.67
CA SER A 103 -11.05 -18.23 0.39
C SER A 103 -11.35 -18.33 -1.11
N SER A 104 -12.61 -18.12 -1.47
CA SER A 104 -13.02 -18.20 -2.86
C SER A 104 -13.18 -16.81 -3.46
N LYS A 105 -13.08 -16.72 -4.78
CA LYS A 105 -13.22 -15.44 -5.47
C LYS A 105 -14.50 -14.73 -5.07
N GLU A 106 -15.60 -15.48 -5.03
CA GLU A 106 -16.90 -14.92 -4.65
C GLU A 106 -16.95 -14.64 -3.15
N ASP A 107 -16.43 -15.57 -2.36
CA ASP A 107 -16.41 -15.42 -0.92
C ASP A 107 -16.01 -14.01 -0.52
N TRP A 108 -15.04 -13.45 -1.24
CA TRP A 108 -14.57 -12.10 -0.95
C TRP A 108 -15.72 -11.09 -1.01
N PRO A 109 -15.91 -10.37 0.11
CA PRO A 109 -16.98 -9.35 0.22
C PRO A 109 -16.71 -8.14 -0.66
N SER A 110 -17.77 -7.62 -1.27
CA SER A 110 -17.66 -6.45 -2.14
C SER A 110 -17.28 -5.21 -1.34
N VAL A 111 -16.13 -4.62 -1.67
CA VAL A 111 -15.66 -3.43 -0.98
C VAL A 111 -15.24 -2.35 -1.97
N ASN A 112 -14.92 -1.17 -1.46
CA ASN A 112 -14.51 -0.05 -2.30
C ASN A 112 -13.24 0.60 -1.75
N MET A 113 -12.46 1.21 -2.64
CA MET A 113 -11.23 1.87 -2.24
C MET A 113 -11.42 3.38 -2.16
N ASN A 114 -11.52 3.89 -0.93
CA ASN A 114 -11.70 5.33 -0.72
C ASN A 114 -10.36 6.04 -0.59
N VAL A 115 -9.90 6.62 -1.70
CA VAL A 115 -8.63 7.34 -1.71
C VAL A 115 -8.85 8.84 -1.64
N ALA A 116 -8.49 9.44 -0.51
CA ALA A 116 -8.65 10.88 -0.32
C ALA A 116 -7.59 11.41 0.65
N ASP A 117 -6.87 12.44 0.20
CA ASP A 117 -5.83 13.05 1.03
C ASP A 117 -4.73 12.05 1.34
N ALA A 118 -4.40 11.21 0.36
CA ALA A 118 -3.37 10.20 0.52
C ALA A 118 -3.72 9.22 1.64
N THR A 119 -4.98 8.79 1.65
CA THR A 119 -5.45 7.85 2.67
C THR A 119 -6.23 6.71 2.03
N VAL A 120 -5.70 5.49 2.15
CA VAL A 120 -6.36 4.32 1.59
C VAL A 120 -7.30 3.68 2.60
N THR A 121 -8.59 3.94 2.44
CA THR A 121 -9.60 3.41 3.34
C THR A 121 -10.55 2.47 2.60
N VAL A 122 -10.60 1.22 3.01
CA VAL A 122 -11.47 0.23 2.39
C VAL A 122 -12.87 0.26 2.99
N ILE A 123 -13.82 0.83 2.26
CA ILE A 123 -15.20 0.93 2.73
C ILE A 123 -16.08 -0.12 2.04
N SER A 124 -16.83 -0.85 2.85
CA SER A 124 -17.72 -1.89 2.34
C SER A 124 -18.65 -1.32 1.25
N GLU A 125 -18.86 -2.09 0.20
CA GLU A 125 -19.71 -1.67 -0.90
C GLU A 125 -21.00 -1.04 -0.37
N LYS A 126 -21.82 -1.84 0.29
CA LYS A 126 -23.08 -1.37 0.85
C LYS A 126 -22.83 -0.43 2.03
N ASN A 127 -22.38 -0.99 3.14
CA ASN A 127 -22.11 -0.21 4.34
C ASN A 127 -21.07 0.88 4.05
N GLU A 128 -21.38 2.11 4.46
CA GLU A 128 -20.47 3.24 4.25
C GLU A 128 -19.66 3.53 5.50
N GLU A 129 -20.23 3.19 6.66
CA GLU A 129 -19.56 3.43 7.93
C GLU A 129 -18.97 2.13 8.48
N GLU A 130 -18.41 1.32 7.59
CA GLU A 130 -17.82 0.04 7.99
C GLU A 130 -16.30 0.17 8.14
N VAL A 131 -15.69 0.94 7.24
CA VAL A 131 -14.24 1.14 7.28
C VAL A 131 -13.51 -0.15 7.61
N LEU A 132 -13.88 -1.22 6.91
CA LEU A 132 -13.27 -2.52 7.13
C LEU A 132 -11.77 -2.38 7.40
N VAL A 133 -11.10 -1.58 6.57
CA VAL A 133 -9.66 -1.35 6.73
C VAL A 133 -9.33 0.13 6.60
N GLU A 134 -8.42 0.60 7.44
CA GLU A 134 -8.02 2.00 7.42
C GLU A 134 -6.50 2.12 7.27
N CYS A 135 -6.06 2.49 6.07
CA CYS A 135 -4.63 2.64 5.80
C CYS A 135 -4.33 4.04 5.28
N ARG A 136 -3.11 4.51 5.52
CA ARG A 136 -2.69 5.83 5.08
C ARG A 136 -1.38 5.76 4.31
N VAL A 137 -1.37 6.35 3.12
CA VAL A 137 -0.19 6.36 2.27
C VAL A 137 1.08 6.50 3.11
N ARG A 138 1.08 7.46 4.03
CA ARG A 138 2.22 7.70 4.89
C ARG A 138 2.69 6.40 5.55
N PHE A 139 1.73 5.62 6.03
CA PHE A 139 2.05 4.35 6.69
C PHE A 139 2.46 3.30 5.67
N LEU A 140 1.87 3.37 4.48
CA LEU A 140 2.18 2.42 3.41
C LEU A 140 3.68 2.15 3.33
N SER A 141 4.04 0.89 3.16
CA SER A 141 5.45 0.51 3.06
C SER A 141 5.80 0.10 1.64
N PHE A 142 4.91 -0.65 1.00
CA PHE A 142 5.12 -1.10 -0.37
C PHE A 142 3.80 -1.38 -1.07
N MET A 143 3.85 -1.50 -2.39
CA MET A 143 2.66 -1.77 -3.18
C MET A 143 3.02 -2.37 -4.54
N GLY A 144 2.11 -3.16 -5.10
CA GLY A 144 2.36 -3.77 -6.38
C GLY A 144 1.18 -4.62 -6.86
N VAL A 145 1.47 -5.57 -7.74
CA VAL A 145 0.43 -6.44 -8.27
C VAL A 145 0.92 -7.89 -8.35
N GLY A 146 -0.02 -8.83 -8.32
CA GLY A 146 0.33 -10.23 -8.40
C GLY A 146 0.50 -10.72 -9.82
N LYS A 147 0.79 -12.01 -9.98
CA LYS A 147 0.98 -12.60 -11.30
C LYS A 147 0.02 -11.97 -12.31
N ASP A 148 -1.23 -11.78 -11.90
CA ASP A 148 -2.23 -11.18 -12.77
C ASP A 148 -2.55 -9.76 -12.33
N VAL A 149 -2.37 -8.81 -13.24
CA VAL A 149 -2.63 -7.41 -12.95
C VAL A 149 -3.96 -7.25 -12.22
N HIS A 150 -4.88 -8.19 -12.44
CA HIS A 150 -6.19 -8.16 -11.80
C HIS A 150 -6.05 -8.05 -10.28
N THR A 151 -5.10 -8.79 -9.72
CA THR A 151 -4.87 -8.77 -8.28
C THR A 151 -3.94 -7.62 -7.88
N PHE A 152 -4.40 -6.79 -6.97
CA PHE A 152 -3.63 -5.64 -6.50
C PHE A 152 -3.55 -5.62 -4.98
N ALA A 153 -2.34 -5.76 -4.46
CA ALA A 153 -2.13 -5.75 -3.01
C ALA A 153 -1.15 -4.65 -2.61
N PHE A 154 -1.09 -4.37 -1.31
CA PHE A 154 -0.19 -3.33 -0.79
C PHE A 154 0.22 -3.65 0.64
N ILE A 155 1.50 -3.45 0.93
CA ILE A 155 2.02 -3.71 2.27
C ILE A 155 2.09 -2.44 3.09
N MET A 156 1.45 -2.47 4.27
CA MET A 156 1.43 -1.31 5.15
C MET A 156 2.02 -1.66 6.52
N ASP A 157 2.30 -0.64 7.31
CA ASP A 157 2.86 -0.83 8.64
C ASP A 157 1.83 -0.55 9.72
N THR A 158 1.46 -1.59 10.47
CA THR A 158 0.47 -1.44 11.53
C THR A 158 1.13 -1.10 12.86
N GLY A 159 2.16 -1.86 13.23
CA GLY A 159 2.86 -1.61 14.47
C GLY A 159 4.21 -0.95 14.25
N ASN A 160 5.16 -1.26 15.12
CA ASN A 160 6.51 -0.69 15.02
C ASN A 160 7.24 -1.25 13.81
N GLN A 161 7.55 -2.55 13.85
CA GLN A 161 8.26 -3.19 12.75
C GLN A 161 7.38 -4.25 12.09
N ARG A 162 6.07 -4.12 12.28
CA ARG A 162 5.12 -5.08 11.69
C ARG A 162 4.60 -4.56 10.35
N PHE A 163 4.42 -5.48 9.41
CA PHE A 163 3.93 -5.12 8.09
C PHE A 163 2.83 -6.09 7.64
N GLU A 164 1.67 -5.54 7.30
CA GLU A 164 0.54 -6.35 6.86
C GLU A 164 0.30 -6.18 5.36
N CYS A 165 -0.14 -7.25 4.71
CA CYS A 165 -0.40 -7.21 3.28
C CYS A 165 -1.89 -7.41 3.00
N HIS A 166 -2.51 -6.39 2.41
CA HIS A 166 -3.94 -6.44 2.09
C HIS A 166 -4.15 -6.54 0.58
N VAL A 167 -4.61 -7.71 0.13
CA VAL A 167 -4.85 -7.94 -1.29
C VAL A 167 -6.27 -7.55 -1.67
N PHE A 168 -6.43 -7.01 -2.87
CA PHE A 168 -7.74 -6.61 -3.36
C PHE A 168 -7.88 -6.88 -4.86
N TRP A 169 -9.04 -7.39 -5.25
CA TRP A 169 -9.29 -7.69 -6.66
C TRP A 169 -9.83 -6.48 -7.39
N CYS A 170 -9.31 -6.23 -8.59
CA CYS A 170 -9.74 -5.09 -9.40
C CYS A 170 -10.26 -5.55 -10.75
N GLU A 171 -11.22 -4.81 -11.29
CA GLU A 171 -11.81 -5.14 -12.58
C GLU A 171 -12.05 -3.87 -13.41
N PRO A 172 -11.66 -3.93 -14.70
CA PRO A 172 -11.04 -5.11 -15.28
C PRO A 172 -9.64 -5.36 -14.75
N ASN A 173 -8.82 -4.32 -14.73
CA ASN A 173 -7.45 -4.42 -14.24
C ASN A 173 -7.24 -3.52 -13.03
N ALA A 174 -6.03 -3.57 -12.46
CA ALA A 174 -5.70 -2.77 -11.30
C ALA A 174 -4.81 -1.59 -11.69
N ALA A 175 -5.08 -1.01 -12.84
CA ALA A 175 -4.30 0.12 -13.32
C ALA A 175 -4.79 1.43 -12.72
N ASN A 176 -6.05 1.77 -12.97
CA ASN A 176 -6.64 2.99 -12.45
C ASN A 176 -6.49 3.06 -10.93
N VAL A 177 -6.67 1.93 -10.27
CA VAL A 177 -6.55 1.85 -8.82
C VAL A 177 -5.11 2.05 -8.37
N SER A 178 -4.20 1.30 -8.98
CA SER A 178 -2.79 1.40 -8.65
C SER A 178 -2.27 2.81 -8.87
N GLU A 179 -2.46 3.32 -10.09
CA GLU A 179 -2.00 4.66 -10.43
C GLU A 179 -2.64 5.70 -9.52
N ALA A 180 -3.91 5.48 -9.17
CA ALA A 180 -4.63 6.41 -8.30
C ALA A 180 -3.94 6.53 -6.94
N VAL A 181 -3.82 5.40 -6.24
CA VAL A 181 -3.18 5.39 -4.93
C VAL A 181 -1.73 5.83 -5.02
N GLN A 182 -1.04 5.38 -6.07
CA GLN A 182 0.36 5.73 -6.27
C GLN A 182 0.53 7.24 -6.37
N ALA A 183 -0.27 7.88 -7.23
CA ALA A 183 -0.20 9.31 -7.42
C ALA A 183 -0.22 10.04 -6.08
N ALA A 184 -0.94 9.48 -5.11
CA ALA A 184 -1.04 10.08 -3.78
C ALA A 184 0.34 10.17 -3.12
N CYS A 185 1.13 9.11 -3.26
CA CYS A 185 2.46 9.07 -2.67
C CYS A 185 3.23 10.35 -2.98
N GLY A 1 5.02 -23.89 -5.74
CA GLY A 1 4.98 -23.24 -7.04
C GLY A 1 6.34 -22.74 -7.48
N SER A 2 6.58 -22.76 -8.78
CA SER A 2 7.86 -22.30 -9.34
C SER A 2 7.65 -21.16 -10.32
N SER A 3 6.77 -20.23 -9.96
CA SER A 3 6.47 -19.09 -10.82
C SER A 3 6.27 -19.53 -12.27
N GLY A 4 5.55 -20.62 -12.45
CA GLY A 4 5.31 -21.14 -13.79
C GLY A 4 4.41 -20.22 -14.60
N SER A 5 5.02 -19.44 -15.49
CA SER A 5 4.26 -18.51 -16.32
C SER A 5 4.97 -18.29 -17.66
N SER A 6 4.19 -18.20 -18.73
CA SER A 6 4.74 -18.01 -20.06
C SER A 6 3.64 -17.62 -21.05
N GLY A 7 4.04 -17.24 -22.27
CA GLY A 7 3.07 -16.86 -23.28
C GLY A 7 3.14 -15.39 -23.62
N ASP A 8 3.32 -15.09 -24.90
CA ASP A 8 3.41 -13.70 -25.35
C ASP A 8 2.46 -13.45 -26.52
N ALA A 9 1.86 -12.27 -26.55
CA ALA A 9 0.92 -11.90 -27.61
C ALA A 9 0.53 -10.44 -27.51
N ALA A 10 -0.25 -9.97 -28.49
CA ALA A 10 -0.70 -8.59 -28.51
C ALA A 10 -0.97 -8.08 -27.09
N VAL A 11 -0.19 -7.09 -26.68
CA VAL A 11 -0.34 -6.51 -25.35
C VAL A 11 -1.16 -5.22 -25.40
N THR A 12 -1.87 -4.93 -24.32
CA THR A 12 -2.69 -3.73 -24.24
C THR A 12 -1.85 -2.53 -23.83
N PRO A 13 -2.29 -1.33 -24.25
CA PRO A 13 -1.60 -0.08 -23.93
C PRO A 13 -1.72 0.29 -22.46
N GLU A 14 -2.55 -0.45 -21.72
CA GLU A 14 -2.75 -0.21 -20.30
C GLU A 14 -1.83 -1.09 -19.46
N GLU A 15 -1.93 -2.39 -19.68
CA GLU A 15 -1.10 -3.34 -18.93
C GLU A 15 0.34 -2.87 -18.85
N ARG A 16 0.87 -2.40 -19.97
CA ARG A 16 2.24 -1.92 -20.02
C ARG A 16 2.61 -1.17 -18.74
N HIS A 17 1.67 -0.38 -18.23
CA HIS A 17 1.89 0.39 -17.01
C HIS A 17 1.90 -0.54 -15.79
N LEU A 18 0.96 -1.47 -15.76
CA LEU A 18 0.86 -2.42 -14.65
C LEU A 18 2.09 -3.30 -14.58
N SER A 19 2.44 -3.92 -15.70
CA SER A 19 3.61 -4.80 -15.76
C SER A 19 4.77 -4.22 -14.96
N LYS A 20 5.09 -2.97 -15.23
CA LYS A 20 6.19 -2.29 -14.53
C LYS A 20 6.18 -2.65 -13.05
N MET A 21 4.99 -2.72 -12.46
CA MET A 21 4.85 -3.04 -11.05
C MET A 21 5.41 -4.43 -10.76
N GLN A 22 5.15 -5.36 -11.67
CA GLN A 22 5.63 -6.74 -11.52
C GLN A 22 7.14 -6.83 -11.73
N GLN A 23 7.68 -5.90 -12.51
CA GLN A 23 9.11 -5.87 -12.79
C GLN A 23 9.91 -5.70 -11.50
N ASN A 24 9.72 -4.56 -10.84
CA ASN A 24 10.42 -4.27 -9.59
C ASN A 24 9.44 -3.96 -8.47
N GLY A 25 8.48 -3.08 -8.75
CA GLY A 25 7.49 -2.71 -7.75
C GLY A 25 7.45 -1.23 -7.50
N TYR A 26 6.62 -0.82 -6.55
CA TYR A 26 6.48 0.60 -6.21
C TYR A 26 6.79 0.84 -4.73
N GLU A 27 7.99 1.36 -4.46
CA GLU A 27 8.40 1.62 -3.09
C GLU A 27 7.91 3.00 -2.65
N ASN A 28 7.83 3.19 -1.33
CA ASN A 28 7.38 4.47 -0.77
C ASN A 28 8.56 5.29 -0.29
N PRO A 29 8.80 6.43 -0.95
CA PRO A 29 9.89 7.35 -0.61
C PRO A 29 9.66 8.06 0.71
N THR A 30 8.43 8.50 0.94
CA THR A 30 8.08 9.19 2.17
C THR A 30 8.50 8.39 3.40
N TYR A 31 8.22 7.09 3.36
CA TYR A 31 8.57 6.21 4.47
C TYR A 31 10.07 6.13 4.66
N LYS A 32 10.79 5.93 3.55
CA LYS A 32 12.25 5.83 3.59
C LYS A 32 12.89 7.20 3.38
N PHE A 33 12.47 8.17 4.18
CA PHE A 33 13.00 9.53 4.10
C PHE A 33 13.44 10.04 5.47
N PHE A 34 12.54 9.92 6.44
CA PHE A 34 12.84 10.37 7.79
C PHE A 34 13.68 9.33 8.54
N GLU A 35 13.40 8.07 8.28
CA GLU A 35 14.14 6.98 8.93
C GLU A 35 15.64 7.10 8.66
N GLN A 36 15.99 7.41 7.42
CA GLN A 36 17.38 7.56 7.03
C GLN A 36 18.15 8.37 8.06
N MET A 37 19.35 7.89 8.43
CA MET A 37 20.18 8.58 9.40
C MET A 37 21.58 8.81 8.85
N GLN A 38 22.09 10.02 9.05
CA GLN A 38 23.43 10.37 8.58
C GLN A 38 24.45 10.33 9.71
N ASN A 39 25.21 9.24 9.76
CA ASN A 39 26.22 9.06 10.79
C ASN A 39 27.41 10.01 10.57
N SER A 40 28.35 10.01 11.51
CA SER A 40 29.52 10.86 11.41
C SER A 40 30.62 10.38 12.36
N GLY A 41 31.87 10.60 11.95
CA GLY A 41 32.99 10.18 12.78
C GLY A 41 33.94 11.33 13.09
N PRO A 42 33.50 12.24 13.98
CA PRO A 42 34.30 13.39 14.37
C PRO A 42 35.50 13.01 15.22
N SER A 43 35.58 11.73 15.59
CA SER A 43 36.68 11.22 16.40
C SER A 43 37.68 10.47 15.55
N SER A 44 38.62 11.19 14.94
CA SER A 44 39.64 10.58 14.10
C SER A 44 40.20 9.32 14.74
N GLY A 45 40.83 9.47 15.90
CA GLY A 45 41.40 8.34 16.60
C GLY A 45 40.35 7.30 16.96
N ILE A 46 40.79 6.23 17.62
CA ILE A 46 39.89 5.16 18.02
C ILE A 46 40.30 4.57 19.37
N GLU A 47 39.31 4.24 20.19
CA GLU A 47 39.57 3.66 21.50
C GLU A 47 38.32 2.99 22.06
N GLY A 48 38.45 2.34 23.21
CA GLY A 48 37.34 1.66 23.83
C GLY A 48 36.96 2.25 25.17
N ARG A 49 35.85 2.98 25.20
CA ARG A 49 35.38 3.61 26.44
C ARG A 49 33.88 3.42 26.61
N GLY A 50 33.34 3.97 27.69
CA GLY A 50 31.92 3.85 27.96
C GLY A 50 31.07 4.45 26.85
N SER A 51 29.76 4.29 26.96
CA SER A 51 28.84 4.82 25.95
C SER A 51 27.72 5.62 26.62
N SER A 52 26.97 6.36 25.80
CA SER A 52 25.88 7.17 26.31
C SER A 52 24.54 6.66 25.79
N GLY A 53 23.45 7.16 26.37
CA GLY A 53 22.12 6.74 25.96
C GLY A 53 21.26 7.90 25.51
N SER A 54 19.97 7.64 25.34
CA SER A 54 19.03 8.68 24.91
C SER A 54 17.59 8.20 25.04
N SER A 55 16.67 9.15 25.15
CA SER A 55 15.25 8.82 25.30
C SER A 55 14.39 10.05 25.03
N GLY A 56 13.08 9.83 24.87
CA GLY A 56 12.17 10.92 24.61
C GLY A 56 10.85 10.45 24.03
N SER A 57 9.91 11.38 23.87
CA SER A 57 8.60 11.05 23.32
C SER A 57 7.94 12.28 22.70
N SER A 58 6.98 12.05 21.82
CA SER A 58 6.28 13.13 21.15
C SER A 58 4.84 12.74 20.82
N GLY A 59 3.96 13.73 20.75
CA GLY A 59 2.57 13.47 20.46
C GLY A 59 1.89 14.65 19.77
N SER A 60 1.49 14.43 18.52
CA SER A 60 0.82 15.48 17.75
C SER A 60 -0.56 15.02 17.27
N SER A 61 -1.41 15.98 16.93
CA SER A 61 -2.75 15.68 16.47
C SER A 61 -3.30 16.82 15.62
N GLY A 62 -4.55 16.67 15.18
CA GLY A 62 -5.17 17.69 14.36
C GLY A 62 -6.63 17.39 14.05
N PRO A 63 -7.47 18.43 14.07
CA PRO A 63 -8.91 18.29 13.79
C PRO A 63 -9.18 17.95 12.33
N THR A 64 -10.43 17.60 12.03
CA THR A 64 -10.82 17.26 10.67
C THR A 64 -10.21 18.21 9.66
N PRO A 65 -9.55 17.65 8.63
CA PRO A 65 -8.91 18.43 7.58
C PRO A 65 -9.91 19.14 6.67
N LYS A 66 -9.44 19.64 5.54
CA LYS A 66 -10.30 20.33 4.59
C LYS A 66 -10.42 19.55 3.28
N THR A 67 -10.40 18.22 3.40
CA THR A 67 -10.50 17.36 2.23
C THR A 67 -11.89 17.46 1.59
N GLU A 68 -11.91 17.72 0.28
CA GLU A 68 -13.17 17.84 -0.44
C GLU A 68 -13.21 16.87 -1.63
N LEU A 69 -12.09 16.21 -1.89
CA LEU A 69 -11.99 15.26 -2.99
C LEU A 69 -11.76 13.85 -2.47
N VAL A 70 -12.18 12.86 -3.24
CA VAL A 70 -12.01 11.46 -2.86
C VAL A 70 -12.30 10.53 -4.04
N GLN A 71 -11.43 9.54 -4.23
CA GLN A 71 -11.59 8.59 -5.32
C GLN A 71 -12.12 7.25 -4.80
N LYS A 72 -13.29 6.85 -5.29
CA LYS A 72 -13.89 5.59 -4.88
C LYS A 72 -13.80 4.55 -5.99
N PHE A 73 -13.16 3.42 -5.69
CA PHE A 73 -13.00 2.36 -6.68
C PHE A 73 -13.69 1.09 -6.19
N ARG A 74 -14.10 0.24 -7.14
CA ARG A 74 -14.78 -1.01 -6.81
C ARG A 74 -13.81 -2.18 -6.88
N VAL A 75 -13.62 -2.84 -5.74
CA VAL A 75 -12.71 -3.98 -5.66
C VAL A 75 -13.17 -4.97 -4.59
N GLN A 76 -12.52 -6.13 -4.55
CA GLN A 76 -12.86 -7.16 -3.57
C GLN A 76 -11.78 -7.27 -2.50
N TYR A 77 -12.12 -7.89 -1.39
CA TYR A 77 -11.18 -8.07 -0.28
C TYR A 77 -10.95 -9.54 0.00
N LEU A 78 -9.77 -10.03 -0.39
CA LEU A 78 -9.41 -11.43 -0.17
C LEU A 78 -9.21 -11.72 1.32
N GLY A 79 -8.63 -10.76 2.03
CA GLY A 79 -8.40 -10.92 3.45
C GLY A 79 -7.03 -10.40 3.87
N MET A 80 -6.67 -10.64 5.12
CA MET A 80 -5.40 -10.19 5.66
C MET A 80 -4.37 -11.33 5.65
N LEU A 81 -3.14 -11.01 5.28
CA LEU A 81 -2.07 -12.01 5.24
C LEU A 81 -0.75 -11.41 5.71
N PRO A 82 -0.21 -11.96 6.81
CA PRO A 82 1.05 -11.51 7.38
C PRO A 82 2.25 -11.85 6.51
N VAL A 83 3.27 -11.00 6.53
CA VAL A 83 4.47 -11.21 5.74
C VAL A 83 5.71 -11.21 6.62
N ASP A 84 6.86 -11.45 6.00
CA ASP A 84 8.13 -11.48 6.73
C ASP A 84 8.96 -10.24 6.43
N ARG A 85 8.77 -9.67 5.25
CA ARG A 85 9.50 -8.48 4.84
C ARG A 85 8.54 -7.35 4.48
N PRO A 86 8.96 -6.11 4.76
CA PRO A 86 8.15 -4.91 4.48
C PRO A 86 8.03 -4.63 2.99
N VAL A 87 8.96 -5.20 2.21
CA VAL A 87 8.96 -5.01 0.76
C VAL A 87 9.36 -6.29 0.04
N GLY A 88 9.15 -6.32 -1.27
CA GLY A 88 9.50 -7.49 -2.05
C GLY A 88 8.30 -8.08 -2.78
N MET A 89 8.42 -8.20 -4.10
CA MET A 89 7.35 -8.75 -4.92
C MET A 89 6.99 -10.17 -4.47
N ASP A 90 8.00 -11.03 -4.38
CA ASP A 90 7.79 -12.41 -3.97
C ASP A 90 7.05 -12.47 -2.64
N THR A 91 7.51 -11.68 -1.68
CA THR A 91 6.90 -11.65 -0.36
C THR A 91 5.42 -11.28 -0.44
N LEU A 92 5.13 -10.13 -1.04
CA LEU A 92 3.76 -9.67 -1.20
C LEU A 92 2.94 -10.65 -2.03
N ASN A 93 3.35 -10.82 -3.29
CA ASN A 93 2.66 -11.73 -4.20
C ASN A 93 2.31 -13.04 -3.50
N SER A 94 3.25 -13.57 -2.73
CA SER A 94 3.05 -14.82 -2.00
C SER A 94 1.72 -14.80 -1.25
N ALA A 95 1.48 -13.71 -0.52
CA ALA A 95 0.25 -13.57 0.24
C ALA A 95 -0.97 -13.72 -0.65
N ILE A 96 -0.94 -13.05 -1.79
CA ILE A 96 -2.05 -13.11 -2.75
C ILE A 96 -2.51 -14.55 -2.96
N GLU A 97 -1.57 -15.43 -3.29
CA GLU A 97 -1.88 -16.83 -3.53
C GLU A 97 -2.37 -17.50 -2.25
N ASN A 98 -1.81 -17.09 -1.12
CA ASN A 98 -2.19 -17.65 0.18
C ASN A 98 -3.67 -17.42 0.45
N LEU A 99 -4.13 -16.20 0.20
CA LEU A 99 -5.53 -15.85 0.42
C LEU A 99 -6.41 -16.39 -0.70
N MET A 100 -5.91 -16.31 -1.93
CA MET A 100 -6.65 -16.80 -3.08
C MET A 100 -7.19 -18.21 -2.83
N THR A 101 -6.31 -19.11 -2.38
CA THR A 101 -6.70 -20.48 -2.10
C THR A 101 -7.55 -20.57 -0.84
N SER A 102 -7.51 -19.52 -0.03
CA SER A 102 -8.28 -19.47 1.21
C SER A 102 -9.76 -19.33 0.92
N SER A 103 -10.10 -18.36 0.08
CA SER A 103 -11.49 -18.12 -0.28
C SER A 103 -11.67 -18.10 -1.80
N SER A 104 -12.92 -18.16 -2.25
CA SER A 104 -13.23 -18.16 -3.68
C SER A 104 -13.38 -16.74 -4.19
N LYS A 105 -13.20 -16.56 -5.49
CA LYS A 105 -13.33 -15.24 -6.12
C LYS A 105 -14.63 -14.58 -5.70
N GLU A 106 -15.73 -15.32 -5.75
CA GLU A 106 -17.04 -14.79 -5.38
C GLU A 106 -17.12 -14.57 -3.87
N ASP A 107 -16.66 -15.56 -3.12
CA ASP A 107 -16.68 -15.47 -1.66
C ASP A 107 -16.15 -14.13 -1.18
N TRP A 108 -15.29 -13.52 -1.99
CA TRP A 108 -14.70 -12.22 -1.65
C TRP A 108 -15.77 -11.13 -1.64
N PRO A 109 -15.92 -10.46 -0.49
CA PRO A 109 -16.91 -9.39 -0.33
C PRO A 109 -16.53 -8.13 -1.11
N SER A 110 -17.42 -7.71 -2.00
CA SER A 110 -17.18 -6.52 -2.83
C SER A 110 -17.05 -5.28 -1.95
N VAL A 111 -15.83 -4.75 -1.84
CA VAL A 111 -15.58 -3.57 -1.04
C VAL A 111 -15.23 -2.38 -1.92
N ASN A 112 -15.16 -1.19 -1.31
CA ASN A 112 -14.84 0.02 -2.05
C ASN A 112 -13.55 0.65 -1.51
N MET A 113 -12.73 1.17 -2.41
CA MET A 113 -11.48 1.81 -2.02
C MET A 113 -11.65 3.31 -1.90
N ASN A 114 -11.62 3.82 -0.67
CA ASN A 114 -11.76 5.24 -0.42
C ASN A 114 -10.40 5.92 -0.29
N VAL A 115 -9.95 6.55 -1.38
CA VAL A 115 -8.66 7.23 -1.38
C VAL A 115 -8.85 8.75 -1.31
N ALA A 116 -8.51 9.33 -0.16
CA ALA A 116 -8.63 10.76 0.03
C ALA A 116 -7.57 11.29 0.99
N ASP A 117 -6.94 12.40 0.63
CA ASP A 117 -5.91 13.00 1.46
C ASP A 117 -4.80 12.00 1.75
N ALA A 118 -4.47 11.18 0.76
CA ALA A 118 -3.42 10.17 0.91
C ALA A 118 -3.81 9.12 1.94
N THR A 119 -5.11 8.84 2.03
CA THR A 119 -5.62 7.85 2.98
C THR A 119 -6.37 6.74 2.27
N VAL A 120 -5.91 5.51 2.44
CA VAL A 120 -6.54 4.36 1.81
C VAL A 120 -7.44 3.63 2.79
N THR A 121 -8.75 3.88 2.72
CA THR A 121 -9.72 3.25 3.60
C THR A 121 -10.66 2.33 2.83
N VAL A 122 -10.67 1.05 3.17
CA VAL A 122 -11.52 0.08 2.50
C VAL A 122 -12.92 0.06 3.13
N ILE A 123 -13.83 0.83 2.54
CA ILE A 123 -15.19 0.91 3.04
C ILE A 123 -16.07 -0.15 2.38
N SER A 124 -16.91 -0.81 3.20
CA SER A 124 -17.79 -1.85 2.69
C SER A 124 -18.59 -1.35 1.48
N GLU A 125 -19.25 -2.27 0.78
CA GLU A 125 -20.03 -1.92 -0.39
C GLU A 125 -21.04 -0.82 -0.06
N LYS A 126 -21.78 -1.00 1.02
CA LYS A 126 -22.78 -0.03 1.45
C LYS A 126 -22.38 0.61 2.77
N ASN A 127 -22.23 -0.22 3.81
CA ASN A 127 -21.86 0.26 5.12
C ASN A 127 -20.68 1.23 5.04
N GLU A 128 -20.96 2.51 5.28
CA GLU A 128 -19.93 3.54 5.23
C GLU A 128 -19.21 3.66 6.56
N GLU A 129 -19.79 3.07 7.60
CA GLU A 129 -19.22 3.11 8.93
C GLU A 129 -18.55 1.79 9.28
N GLU A 130 -18.26 0.99 8.26
CA GLU A 130 -17.62 -0.31 8.46
C GLU A 130 -16.11 -0.17 8.49
N VAL A 131 -15.57 0.64 7.58
CA VAL A 131 -14.13 0.85 7.50
C VAL A 131 -13.36 -0.45 7.74
N LEU A 132 -13.78 -1.50 7.05
CA LEU A 132 -13.13 -2.81 7.18
C LEU A 132 -11.64 -2.65 7.45
N VAL A 133 -11.03 -1.69 6.77
CA VAL A 133 -9.59 -1.43 6.92
C VAL A 133 -9.29 0.06 6.77
N GLU A 134 -8.41 0.57 7.63
CA GLU A 134 -8.03 1.97 7.58
C GLU A 134 -6.52 2.12 7.41
N CYS A 135 -6.10 2.38 6.17
CA CYS A 135 -4.69 2.54 5.86
C CYS A 135 -4.39 3.97 5.41
N ARG A 136 -3.17 4.43 5.67
CA ARG A 136 -2.76 5.78 5.29
C ARG A 136 -1.42 5.75 4.55
N VAL A 137 -1.43 6.21 3.31
CA VAL A 137 -0.22 6.24 2.50
C VAL A 137 1.01 6.54 3.36
N ARG A 138 0.92 7.61 4.14
CA ARG A 138 2.04 8.00 5.00
C ARG A 138 2.69 6.79 5.63
N PHE A 139 1.88 5.90 6.19
CA PHE A 139 2.39 4.69 6.83
C PHE A 139 2.88 3.69 5.79
N LEU A 140 2.18 3.64 4.65
CA LEU A 140 2.54 2.72 3.57
C LEU A 140 4.05 2.73 3.34
N SER A 141 4.61 1.53 3.13
CA SER A 141 6.04 1.40 2.90
C SER A 141 6.31 0.94 1.46
N PHE A 142 5.49 0.01 0.97
CA PHE A 142 5.65 -0.50 -0.38
C PHE A 142 4.36 -1.15 -0.86
N MET A 143 4.28 -1.41 -2.16
CA MET A 143 3.10 -2.03 -2.76
C MET A 143 3.40 -2.55 -4.16
N GLY A 144 2.64 -3.55 -4.60
CA GLY A 144 2.84 -4.11 -5.91
C GLY A 144 1.77 -5.13 -6.28
N VAL A 145 1.83 -5.63 -7.51
CA VAL A 145 0.85 -6.61 -7.98
C VAL A 145 1.48 -7.99 -8.12
N GLY A 146 0.65 -9.02 -8.09
CA GLY A 146 1.14 -10.37 -8.22
C GLY A 146 1.21 -10.84 -9.66
N LYS A 147 1.20 -12.15 -9.86
CA LYS A 147 1.26 -12.72 -11.20
C LYS A 147 0.22 -12.08 -12.12
N ASP A 148 -1.03 -12.10 -11.67
CA ASP A 148 -2.12 -11.52 -12.44
C ASP A 148 -2.41 -10.09 -11.99
N VAL A 149 -2.22 -9.14 -12.90
CA VAL A 149 -2.46 -7.73 -12.59
C VAL A 149 -3.82 -7.54 -11.94
N HIS A 150 -4.75 -8.45 -12.23
CA HIS A 150 -6.10 -8.37 -11.66
C HIS A 150 -6.04 -8.23 -10.15
N THR A 151 -4.98 -8.75 -9.54
CA THR A 151 -4.81 -8.68 -8.10
C THR A 151 -3.87 -7.54 -7.71
N PHE A 152 -4.27 -6.77 -6.71
CA PHE A 152 -3.46 -5.65 -6.24
C PHE A 152 -3.32 -5.68 -4.72
N ALA A 153 -2.09 -5.75 -4.24
CA ALA A 153 -1.81 -5.77 -2.81
C ALA A 153 -0.75 -4.77 -2.43
N PHE A 154 -0.77 -4.32 -1.18
CA PHE A 154 0.19 -3.35 -0.68
C PHE A 154 0.61 -3.68 0.75
N ILE A 155 1.86 -3.35 1.08
CA ILE A 155 2.39 -3.61 2.42
C ILE A 155 2.32 -2.35 3.28
N MET A 156 1.51 -2.43 4.34
CA MET A 156 1.35 -1.30 5.25
C MET A 156 1.88 -1.65 6.64
N ASP A 157 2.13 -0.62 7.44
CA ASP A 157 2.63 -0.82 8.80
C ASP A 157 1.56 -0.48 9.84
N THR A 158 1.16 -1.50 10.60
CA THR A 158 0.14 -1.31 11.61
C THR A 158 0.76 -1.03 12.98
N GLY A 159 1.63 -1.93 13.42
CA GLY A 159 2.30 -1.77 14.71
C GLY A 159 3.49 -0.85 14.63
N ASN A 160 4.54 -1.18 15.37
CA ASN A 160 5.76 -0.37 15.38
C ASN A 160 6.69 -0.77 14.24
N GLN A 161 6.97 -2.08 14.13
CA GLN A 161 7.84 -2.59 13.09
C GLN A 161 7.16 -3.73 12.33
N ARG A 162 5.87 -3.92 12.58
CA ARG A 162 5.11 -4.98 11.93
C ARG A 162 4.72 -4.56 10.51
N PHE A 163 4.51 -5.54 9.65
CA PHE A 163 4.13 -5.28 8.27
C PHE A 163 3.04 -6.25 7.81
N GLU A 164 1.87 -5.70 7.45
CA GLU A 164 0.76 -6.52 6.99
C GLU A 164 0.55 -6.37 5.49
N CYS A 165 -0.03 -7.40 4.87
CA CYS A 165 -0.28 -7.38 3.43
C CYS A 165 -1.76 -7.62 3.14
N HIS A 166 -2.36 -6.71 2.39
CA HIS A 166 -3.77 -6.82 2.04
C HIS A 166 -3.94 -6.90 0.52
N VAL A 167 -4.66 -7.91 0.06
CA VAL A 167 -4.91 -8.10 -1.37
C VAL A 167 -6.26 -7.54 -1.77
N PHE A 168 -6.40 -7.21 -3.05
CA PHE A 168 -7.66 -6.66 -3.57
C PHE A 168 -7.79 -6.92 -5.06
N TRP A 169 -8.95 -7.42 -5.47
CA TRP A 169 -9.21 -7.71 -6.88
C TRP A 169 -9.69 -6.47 -7.62
N CYS A 170 -9.20 -6.28 -8.84
CA CYS A 170 -9.58 -5.12 -9.64
C CYS A 170 -10.11 -5.58 -11.01
N GLU A 171 -10.96 -4.74 -11.61
CA GLU A 171 -11.54 -5.05 -12.91
C GLU A 171 -11.69 -3.78 -13.74
N PRO A 172 -11.23 -3.85 -15.00
CA PRO A 172 -10.59 -5.04 -15.56
C PRO A 172 -9.23 -5.32 -14.92
N ASN A 173 -8.40 -4.30 -14.86
CA ASN A 173 -7.06 -4.43 -14.28
C ASN A 173 -6.89 -3.49 -13.10
N ALA A 174 -5.73 -3.56 -12.45
CA ALA A 174 -5.43 -2.71 -11.30
C ALA A 174 -4.66 -1.47 -11.73
N ALA A 175 -4.85 -1.06 -12.97
CA ALA A 175 -4.18 0.12 -13.50
C ALA A 175 -4.78 1.40 -12.93
N ASN A 176 -6.09 1.58 -13.14
CA ASN A 176 -6.78 2.77 -12.65
C ASN A 176 -6.68 2.87 -11.14
N VAL A 177 -6.42 1.73 -10.49
CA VAL A 177 -6.29 1.70 -9.04
C VAL A 177 -4.87 2.02 -8.60
N SER A 178 -3.91 1.26 -9.12
CA SER A 178 -2.51 1.46 -8.79
C SER A 178 -2.09 2.90 -9.03
N GLU A 179 -2.45 3.43 -10.21
CA GLU A 179 -2.11 4.80 -10.57
C GLU A 179 -2.75 5.79 -9.60
N ALA A 180 -3.94 5.45 -9.11
CA ALA A 180 -4.66 6.30 -8.17
C ALA A 180 -3.94 6.38 -6.84
N VAL A 181 -3.58 5.22 -6.29
CA VAL A 181 -2.89 5.16 -5.01
C VAL A 181 -1.48 5.71 -5.12
N GLN A 182 -0.86 5.52 -6.29
CA GLN A 182 0.49 6.00 -6.53
C GLN A 182 0.57 7.51 -6.38
N ALA A 183 -0.32 8.21 -7.10
CA ALA A 183 -0.35 9.67 -7.06
C ALA A 183 -0.36 10.17 -5.63
N ALA A 184 -1.25 9.62 -4.81
CA ALA A 184 -1.34 10.01 -3.41
C ALA A 184 0.03 10.15 -2.78
N CYS A 185 0.92 9.20 -3.08
CA CYS A 185 2.27 9.21 -2.54
C CYS A 185 3.00 10.50 -2.92
N GLY A 1 -20.38 -10.25 -14.09
CA GLY A 1 -19.52 -10.63 -15.20
C GLY A 1 -18.08 -10.18 -15.00
N SER A 2 -17.15 -10.96 -15.56
CA SER A 2 -15.73 -10.65 -15.44
C SER A 2 -15.19 -10.06 -16.74
N SER A 3 -14.08 -9.34 -16.64
CA SER A 3 -13.47 -8.71 -17.81
C SER A 3 -11.95 -8.64 -17.64
N GLY A 4 -11.23 -9.10 -18.66
CA GLY A 4 -9.78 -9.09 -18.61
C GLY A 4 -9.16 -8.67 -19.92
N SER A 5 -8.02 -9.26 -20.25
CA SER A 5 -7.32 -8.94 -21.49
C SER A 5 -8.17 -9.31 -22.70
N SER A 6 -7.81 -8.75 -23.86
CA SER A 6 -8.55 -9.02 -25.09
C SER A 6 -7.64 -9.66 -26.13
N GLY A 7 -6.51 -9.02 -26.40
CA GLY A 7 -5.57 -9.54 -27.37
C GLY A 7 -5.27 -8.54 -28.48
N ASP A 8 -4.05 -8.02 -28.49
CA ASP A 8 -3.64 -7.04 -29.51
C ASP A 8 -2.17 -7.22 -29.84
N ALA A 9 -1.87 -7.27 -31.14
CA ALA A 9 -0.50 -7.42 -31.60
C ALA A 9 0.47 -6.63 -30.74
N ALA A 10 0.28 -5.31 -30.71
CA ALA A 10 1.13 -4.43 -29.92
C ALA A 10 0.60 -4.29 -28.49
N VAL A 11 1.52 -4.30 -27.53
CA VAL A 11 1.14 -4.18 -26.12
C VAL A 11 0.32 -2.93 -25.88
N THR A 12 -0.71 -3.06 -25.04
CA THR A 12 -1.58 -1.93 -24.72
C THR A 12 -0.86 -0.91 -23.86
N PRO A 13 -1.29 0.36 -23.96
CA PRO A 13 -0.70 1.45 -23.18
C PRO A 13 -1.02 1.36 -21.69
N GLU A 14 -1.93 0.44 -21.35
CA GLU A 14 -2.32 0.25 -19.96
C GLU A 14 -1.53 -0.89 -19.31
N GLU A 15 -1.26 -1.92 -20.10
CA GLU A 15 -0.51 -3.08 -19.61
C GLU A 15 0.93 -2.70 -19.30
N ARG A 16 1.52 -1.88 -20.17
CA ARG A 16 2.90 -1.45 -19.99
C ARG A 16 3.12 -0.90 -18.59
N HIS A 17 2.38 0.15 -18.25
CA HIS A 17 2.50 0.78 -16.93
C HIS A 17 2.38 -0.27 -15.82
N LEU A 18 1.52 -1.26 -16.04
CA LEU A 18 1.31 -2.33 -15.06
C LEU A 18 2.55 -3.21 -14.95
N SER A 19 3.10 -3.59 -16.10
CA SER A 19 4.29 -4.44 -16.14
C SER A 19 5.33 -3.95 -15.13
N LYS A 20 5.52 -2.64 -15.06
CA LYS A 20 6.49 -2.05 -14.14
C LYS A 20 6.22 -2.51 -12.72
N MET A 21 4.99 -2.31 -12.25
CA MET A 21 4.62 -2.71 -10.90
C MET A 21 5.09 -4.12 -10.59
N GLN A 22 5.25 -4.93 -11.64
CA GLN A 22 5.71 -6.30 -11.48
C GLN A 22 7.22 -6.40 -11.61
N GLN A 23 7.79 -5.50 -12.40
CA GLN A 23 9.24 -5.48 -12.62
C GLN A 23 9.98 -5.28 -11.30
N ASN A 24 9.95 -4.06 -10.78
CA ASN A 24 10.63 -3.74 -9.53
C ASN A 24 9.62 -3.40 -8.44
N GLY A 25 8.54 -2.73 -8.83
CA GLY A 25 7.51 -2.35 -7.88
C GLY A 25 7.58 -0.88 -7.51
N TYR A 26 6.52 -0.39 -6.87
CA TYR A 26 6.46 1.01 -6.47
C TYR A 26 6.70 1.17 -4.98
N GLU A 27 7.96 1.39 -4.61
CA GLU A 27 8.33 1.56 -3.20
C GLU A 27 7.95 2.94 -2.69
N ASN A 28 8.02 3.13 -1.39
CA ASN A 28 7.69 4.42 -0.78
C ASN A 28 8.92 5.06 -0.16
N PRO A 29 9.37 6.18 -0.76
CA PRO A 29 10.54 6.93 -0.29
C PRO A 29 10.28 7.62 1.04
N THR A 30 9.07 8.12 1.22
CA THR A 30 8.70 8.81 2.45
C THR A 30 8.98 7.95 3.67
N TYR A 31 8.70 6.66 3.56
CA TYR A 31 8.92 5.73 4.66
C TYR A 31 10.40 5.71 5.06
N LYS A 32 11.27 5.48 4.08
CA LYS A 32 12.70 5.43 4.34
C LYS A 32 13.29 6.84 4.37
N PHE A 33 12.67 7.71 5.16
CA PHE A 33 13.14 9.09 5.29
C PHE A 33 13.51 9.41 6.74
N PHE A 34 12.63 9.03 7.66
CA PHE A 34 12.87 9.28 9.08
C PHE A 34 13.74 8.19 9.69
N GLU A 35 13.70 7.00 9.08
CA GLU A 35 14.49 5.88 9.55
C GLU A 35 15.86 5.85 8.89
N GLN A 36 16.56 6.98 8.94
CA GLN A 36 17.88 7.08 8.35
C GLN A 36 18.97 6.74 9.37
N MET A 37 19.05 5.46 9.72
CA MET A 37 20.05 5.00 10.68
C MET A 37 21.36 4.64 9.98
N GLN A 38 22.42 5.34 10.35
CA GLN A 38 23.73 5.10 9.75
C GLN A 38 24.75 4.70 10.82
N ASN A 39 25.65 3.79 10.46
CA ASN A 39 26.66 3.32 11.39
C ASN A 39 27.16 4.46 12.27
N SER A 40 27.13 4.25 13.58
CA SER A 40 27.57 5.27 14.53
C SER A 40 28.94 4.89 15.11
N GLY A 41 29.07 3.63 15.52
CA GLY A 41 30.33 3.17 16.09
C GLY A 41 30.17 2.67 17.52
N PRO A 42 31.29 2.53 18.22
CA PRO A 42 31.29 2.05 19.62
C PRO A 42 30.69 3.08 20.58
N SER A 43 29.53 2.75 21.12
CA SER A 43 28.85 3.64 22.05
C SER A 43 29.43 3.50 23.46
N SER A 44 30.23 4.49 23.86
CA SER A 44 30.85 4.49 25.18
C SER A 44 30.90 5.89 25.76
N GLY A 45 30.46 6.02 27.02
CA GLY A 45 30.47 7.31 27.67
C GLY A 45 31.86 7.82 27.95
N ILE A 46 32.17 9.00 27.44
CA ILE A 46 33.50 9.59 27.65
C ILE A 46 33.44 10.70 28.70
N GLU A 47 32.42 10.66 29.54
CA GLU A 47 32.26 11.66 30.60
C GLU A 47 31.62 11.04 31.84
N GLY A 48 31.74 11.73 32.97
CA GLY A 48 31.17 11.24 34.21
C GLY A 48 29.67 11.43 34.28
N ARG A 49 28.92 10.38 33.92
CA ARG A 49 27.47 10.45 33.94
C ARG A 49 26.94 10.40 35.37
N GLY A 50 26.48 11.54 35.87
CA GLY A 50 25.96 11.60 37.23
C GLY A 50 24.66 10.84 37.38
N SER A 51 23.55 11.57 37.36
CA SER A 51 22.23 10.96 37.50
C SER A 51 21.21 11.66 36.61
N SER A 52 20.11 10.97 36.32
CA SER A 52 19.05 11.52 35.49
C SER A 52 17.70 10.91 35.84
N GLY A 53 16.65 11.38 35.17
CA GLY A 53 15.32 10.87 35.44
C GLY A 53 14.25 11.94 35.29
N SER A 54 13.93 12.29 34.06
CA SER A 54 12.92 13.32 33.79
C SER A 54 12.11 12.97 32.55
N SER A 55 10.91 13.53 32.46
CA SER A 55 10.03 13.27 31.33
C SER A 55 9.90 14.50 30.44
N GLY A 56 9.85 14.29 29.14
CA GLY A 56 9.73 15.39 28.20
C GLY A 56 8.75 15.11 27.08
N SER A 57 7.52 14.77 27.44
CA SER A 57 6.49 14.46 26.45
C SER A 57 6.34 15.60 25.45
N SER A 58 6.08 15.24 24.19
CA SER A 58 5.92 16.23 23.14
C SER A 58 4.90 15.76 22.11
N GLY A 59 4.54 16.66 21.19
CA GLY A 59 3.57 16.32 20.16
C GLY A 59 3.80 17.09 18.88
N SER A 60 3.05 16.73 17.84
CA SER A 60 3.18 17.38 16.54
C SER A 60 1.85 17.39 15.80
N SER A 61 1.49 18.55 15.24
CA SER A 61 0.25 18.69 14.51
C SER A 61 0.32 19.86 13.52
N GLY A 62 0.44 19.53 12.24
CA GLY A 62 0.52 20.57 11.22
C GLY A 62 -0.80 20.76 10.49
N PRO A 63 -0.96 21.93 9.87
CA PRO A 63 -2.18 22.27 9.12
C PRO A 63 -2.31 21.46 7.83
N THR A 64 -2.81 20.24 7.96
CA THR A 64 -2.99 19.36 6.81
C THR A 64 -3.95 19.96 5.81
N PRO A 65 -3.72 19.69 4.51
CA PRO A 65 -4.56 20.20 3.43
C PRO A 65 -5.93 19.54 3.41
N LYS A 66 -6.98 20.36 3.52
CA LYS A 66 -8.34 19.86 3.51
C LYS A 66 -8.61 19.00 2.29
N THR A 67 -9.77 18.33 2.27
CA THR A 67 -10.13 17.47 1.16
C THR A 67 -11.64 17.26 1.10
N GLU A 68 -12.25 17.68 0.00
CA GLU A 68 -13.69 17.53 -0.18
C GLU A 68 -14.01 16.51 -1.26
N LEU A 69 -12.96 15.98 -1.88
CA LEU A 69 -13.13 14.98 -2.94
C LEU A 69 -12.42 13.68 -2.57
N VAL A 70 -12.86 12.58 -3.18
CA VAL A 70 -12.27 11.28 -2.92
C VAL A 70 -12.54 10.30 -4.07
N GLN A 71 -11.60 9.40 -4.31
CA GLN A 71 -11.75 8.42 -5.38
C GLN A 71 -12.27 7.10 -4.83
N LYS A 72 -13.32 6.58 -5.46
CA LYS A 72 -13.92 5.32 -5.04
C LYS A 72 -13.76 4.25 -6.12
N PHE A 73 -13.08 3.17 -5.78
CA PHE A 73 -12.85 2.07 -6.73
C PHE A 73 -13.34 0.75 -6.15
N ARG A 74 -14.29 0.12 -6.84
CA ARG A 74 -14.84 -1.15 -6.39
C ARG A 74 -13.77 -2.25 -6.46
N VAL A 75 -13.76 -3.11 -5.45
CA VAL A 75 -12.81 -4.21 -5.39
C VAL A 75 -13.26 -5.30 -4.42
N GLN A 76 -12.42 -6.30 -4.23
CA GLN A 76 -12.74 -7.40 -3.32
C GLN A 76 -11.63 -7.61 -2.30
N TYR A 77 -12.01 -7.86 -1.05
CA TYR A 77 -11.04 -8.07 0.01
C TYR A 77 -10.86 -9.56 0.31
N LEU A 78 -9.76 -10.12 -0.18
CA LEU A 78 -9.47 -11.54 0.03
C LEU A 78 -9.23 -11.84 1.51
N GLY A 79 -8.63 -10.87 2.21
CA GLY A 79 -8.35 -11.05 3.62
C GLY A 79 -6.98 -10.54 4.01
N MET A 80 -6.70 -10.56 5.32
CA MET A 80 -5.41 -10.09 5.82
C MET A 80 -4.38 -11.22 5.80
N LEU A 81 -3.15 -10.90 5.38
CA LEU A 81 -2.08 -11.89 5.32
C LEU A 81 -0.77 -11.29 5.81
N PRO A 82 -0.27 -11.83 6.94
CA PRO A 82 0.99 -11.37 7.54
C PRO A 82 2.20 -11.74 6.70
N VAL A 83 3.21 -10.88 6.69
CA VAL A 83 4.43 -11.12 5.94
C VAL A 83 5.67 -10.98 6.81
N ASP A 84 6.78 -11.53 6.35
CA ASP A 84 8.03 -11.47 7.10
C ASP A 84 8.84 -10.24 6.70
N ARG A 85 8.69 -9.81 5.45
CA ARG A 85 9.40 -8.65 4.95
C ARG A 85 8.43 -7.52 4.60
N PRO A 86 8.87 -6.27 4.84
CA PRO A 86 8.05 -5.09 4.57
C PRO A 86 7.88 -4.84 3.07
N VAL A 87 8.78 -5.41 2.27
CA VAL A 87 8.73 -5.25 0.82
C VAL A 87 9.13 -6.54 0.12
N GLY A 88 9.15 -6.50 -1.22
CA GLY A 88 9.52 -7.68 -1.98
C GLY A 88 8.35 -8.23 -2.78
N MET A 89 8.62 -8.65 -4.01
CA MET A 89 7.59 -9.21 -4.87
C MET A 89 7.31 -10.67 -4.51
N ASP A 90 8.37 -11.43 -4.27
CA ASP A 90 8.23 -12.83 -3.92
C ASP A 90 7.43 -12.99 -2.63
N THR A 91 7.43 -11.96 -1.80
CA THR A 91 6.72 -11.98 -0.53
C THR A 91 5.27 -11.51 -0.71
N LEU A 92 5.11 -10.41 -1.43
CA LEU A 92 3.78 -9.85 -1.68
C LEU A 92 2.89 -10.86 -2.39
N ASN A 93 3.37 -11.37 -3.53
CA ASN A 93 2.62 -12.35 -4.30
C ASN A 93 2.22 -13.54 -3.44
N SER A 94 3.20 -14.10 -2.73
CA SER A 94 2.95 -15.25 -1.87
C SER A 94 1.63 -15.10 -1.12
N ALA A 95 1.44 -13.95 -0.49
CA ALA A 95 0.22 -13.67 0.25
C ALA A 95 -1.01 -13.89 -0.61
N ILE A 96 -1.09 -13.17 -1.73
CA ILE A 96 -2.22 -13.29 -2.64
C ILE A 96 -2.69 -14.74 -2.74
N GLU A 97 -1.76 -15.64 -3.00
CA GLU A 97 -2.08 -17.06 -3.11
C GLU A 97 -2.65 -17.60 -1.81
N ASN A 98 -1.97 -17.30 -0.71
CA ASN A 98 -2.41 -17.75 0.61
C ASN A 98 -3.91 -17.58 0.78
N LEU A 99 -4.39 -16.36 0.53
CA LEU A 99 -5.81 -16.05 0.66
C LEU A 99 -6.60 -16.65 -0.51
N MET A 100 -6.12 -16.41 -1.72
CA MET A 100 -6.78 -16.93 -2.91
C MET A 100 -7.26 -18.36 -2.69
N THR A 101 -6.43 -19.15 -2.02
CA THR A 101 -6.77 -20.54 -1.73
C THR A 101 -7.68 -20.66 -0.52
N SER A 102 -7.55 -19.71 0.40
CA SER A 102 -8.36 -19.70 1.61
C SER A 102 -9.85 -19.72 1.27
N SER A 103 -10.27 -18.77 0.44
CA SER A 103 -11.67 -18.67 0.04
C SER A 103 -11.79 -18.58 -1.47
N SER A 104 -13.02 -18.46 -1.96
CA SER A 104 -13.28 -18.37 -3.39
C SER A 104 -13.29 -16.92 -3.85
N LYS A 105 -13.06 -16.71 -5.14
CA LYS A 105 -13.04 -15.37 -5.71
C LYS A 105 -14.33 -14.62 -5.38
N GLU A 106 -15.46 -15.27 -5.60
CA GLU A 106 -16.76 -14.67 -5.32
C GLU A 106 -17.01 -14.58 -3.82
N ASP A 107 -16.46 -15.53 -3.08
CA ASP A 107 -16.62 -15.56 -1.63
C ASP A 107 -16.13 -14.26 -1.00
N TRP A 108 -15.19 -13.60 -1.67
CA TRP A 108 -14.65 -12.34 -1.18
C TRP A 108 -15.69 -11.22 -1.25
N PRO A 109 -15.88 -10.52 -0.13
CA PRO A 109 -16.84 -9.42 -0.04
C PRO A 109 -16.40 -8.20 -0.85
N SER A 110 -17.24 -7.78 -1.80
CA SER A 110 -16.94 -6.63 -2.64
C SER A 110 -16.86 -5.35 -1.81
N VAL A 111 -15.66 -4.80 -1.69
CA VAL A 111 -15.46 -3.57 -0.93
C VAL A 111 -15.08 -2.41 -1.84
N ASN A 112 -15.14 -1.20 -1.30
CA ASN A 112 -14.80 0.00 -2.07
C ASN A 112 -13.50 0.62 -1.56
N MET A 113 -12.68 1.10 -2.49
CA MET A 113 -11.42 1.73 -2.14
C MET A 113 -11.56 3.24 -2.06
N ASN A 114 -11.69 3.75 -0.84
CA ASN A 114 -11.84 5.20 -0.63
C ASN A 114 -10.48 5.87 -0.53
N VAL A 115 -10.00 6.42 -1.65
CA VAL A 115 -8.72 7.08 -1.68
C VAL A 115 -8.87 8.59 -1.48
N ALA A 116 -8.54 9.06 -0.28
CA ALA A 116 -8.66 10.48 0.05
C ALA A 116 -7.52 10.92 0.96
N ASP A 117 -7.13 12.18 0.85
CA ASP A 117 -6.05 12.74 1.66
C ASP A 117 -4.91 11.73 1.79
N ALA A 118 -4.48 11.18 0.67
CA ALA A 118 -3.39 10.21 0.65
C ALA A 118 -3.60 9.13 1.71
N THR A 119 -4.85 8.68 1.85
CA THR A 119 -5.19 7.65 2.82
C THR A 119 -6.07 6.58 2.19
N VAL A 120 -5.56 5.35 2.16
CA VAL A 120 -6.30 4.23 1.59
C VAL A 120 -7.24 3.61 2.61
N THR A 121 -8.54 3.77 2.39
CA THR A 121 -9.54 3.22 3.29
C THR A 121 -10.47 2.26 2.57
N VAL A 122 -10.69 1.09 3.17
CA VAL A 122 -11.55 0.08 2.59
C VAL A 122 -12.95 0.14 3.17
N ILE A 123 -13.85 0.86 2.49
CA ILE A 123 -15.22 1.00 2.96
C ILE A 123 -16.12 -0.06 2.33
N SER A 124 -16.95 -0.69 3.17
CA SER A 124 -17.86 -1.72 2.70
C SER A 124 -18.74 -1.22 1.58
N GLU A 125 -19.40 -2.14 0.88
CA GLU A 125 -20.28 -1.78 -0.22
C GLU A 125 -21.54 -1.11 0.28
N LYS A 126 -22.19 -1.72 1.27
CA LYS A 126 -23.41 -1.19 1.84
C LYS A 126 -23.10 -0.13 2.90
N ASN A 127 -22.54 -0.55 4.02
CA ASN A 127 -22.19 0.37 5.10
C ASN A 127 -21.09 1.33 4.66
N GLU A 128 -21.02 2.48 5.33
CA GLU A 128 -20.02 3.49 5.00
C GLU A 128 -19.06 3.69 6.18
N GLU A 129 -19.57 3.53 7.39
CA GLU A 129 -18.76 3.70 8.59
C GLU A 129 -18.12 2.38 9.00
N GLU A 130 -18.12 1.41 8.09
CA GLU A 130 -17.54 0.11 8.36
C GLU A 130 -16.02 0.18 8.38
N VAL A 131 -15.46 1.00 7.49
CA VAL A 131 -14.02 1.17 7.40
C VAL A 131 -13.30 -0.15 7.68
N LEU A 132 -13.72 -1.21 6.99
CA LEU A 132 -13.12 -2.53 7.16
C LEU A 132 -11.62 -2.41 7.42
N VAL A 133 -10.95 -1.60 6.63
CA VAL A 133 -9.51 -1.39 6.76
C VAL A 133 -9.15 0.08 6.64
N GLU A 134 -8.15 0.51 7.42
CA GLU A 134 -7.70 1.89 7.39
C GLU A 134 -6.20 1.99 7.18
N CYS A 135 -5.80 2.22 5.94
CA CYS A 135 -4.38 2.33 5.60
C CYS A 135 -4.05 3.73 5.09
N ARG A 136 -2.89 4.23 5.50
CA ARG A 136 -2.44 5.57 5.09
C ARG A 136 -1.21 5.48 4.20
N VAL A 137 -1.25 6.14 3.05
CA VAL A 137 -0.14 6.13 2.13
C VAL A 137 1.18 6.47 2.83
N ARG A 138 1.09 7.36 3.82
CA ARG A 138 2.26 7.77 4.58
C ARG A 138 2.93 6.57 5.25
N PHE A 139 2.12 5.63 5.72
CA PHE A 139 2.63 4.43 6.37
C PHE A 139 2.89 3.33 5.36
N LEU A 140 2.41 3.54 4.13
CA LEU A 140 2.59 2.55 3.06
C LEU A 140 4.07 2.35 2.75
N SER A 141 4.57 1.15 3.03
CA SER A 141 5.97 0.84 2.78
C SER A 141 6.21 0.57 1.30
N PHE A 142 5.48 -0.41 0.76
CA PHE A 142 5.61 -0.77 -0.65
C PHE A 142 4.30 -1.37 -1.18
N MET A 143 4.05 -1.18 -2.47
CA MET A 143 2.84 -1.70 -3.09
C MET A 143 3.15 -2.28 -4.46
N GLY A 144 2.36 -3.27 -4.88
CA GLY A 144 2.56 -3.89 -6.18
C GLY A 144 1.39 -4.75 -6.60
N VAL A 145 1.58 -5.54 -7.65
CA VAL A 145 0.53 -6.41 -8.15
C VAL A 145 1.03 -7.84 -8.30
N GLY A 146 0.15 -8.80 -8.02
CA GLY A 146 0.51 -10.21 -8.13
C GLY A 146 0.76 -10.63 -9.56
N LYS A 147 0.98 -11.93 -9.76
CA LYS A 147 1.23 -12.47 -11.09
C LYS A 147 0.22 -11.93 -12.10
N ASP A 148 -0.97 -11.60 -11.62
CA ASP A 148 -2.03 -11.07 -12.47
C ASP A 148 -2.38 -9.64 -12.08
N VAL A 149 -2.27 -8.73 -13.03
CA VAL A 149 -2.58 -7.33 -12.79
C VAL A 149 -3.87 -7.18 -12.00
N HIS A 150 -4.86 -7.99 -12.34
CA HIS A 150 -6.15 -7.95 -11.67
C HIS A 150 -5.97 -7.85 -10.15
N THR A 151 -5.01 -8.60 -9.62
CA THR A 151 -4.73 -8.60 -8.19
C THR A 151 -3.85 -7.43 -7.81
N PHE A 152 -4.28 -6.68 -6.80
CA PHE A 152 -3.52 -5.53 -6.33
C PHE A 152 -3.44 -5.51 -4.81
N ALA A 153 -2.23 -5.67 -4.28
CA ALA A 153 -2.02 -5.68 -2.84
C ALA A 153 -0.94 -4.67 -2.44
N PHE A 154 -0.86 -4.38 -1.15
CA PHE A 154 0.12 -3.44 -0.64
C PHE A 154 0.51 -3.77 0.80
N ILE A 155 1.76 -3.48 1.16
CA ILE A 155 2.26 -3.75 2.50
C ILE A 155 2.21 -2.50 3.36
N MET A 156 1.56 -2.61 4.53
CA MET A 156 1.45 -1.49 5.44
C MET A 156 1.89 -1.89 6.85
N ASP A 157 2.07 -0.89 7.72
CA ASP A 157 2.49 -1.15 9.09
C ASP A 157 1.37 -0.84 10.06
N THR A 158 1.25 -1.66 11.10
CA THR A 158 0.21 -1.47 12.12
C THR A 158 0.81 -1.00 13.44
N GLY A 159 1.86 -1.70 13.88
CA GLY A 159 2.50 -1.35 15.14
C GLY A 159 3.57 -2.34 15.55
N ASN A 160 4.56 -1.87 16.28
CA ASN A 160 5.66 -2.72 16.73
C ASN A 160 6.52 -3.16 15.55
N GLN A 161 6.67 -2.29 14.57
CA GLN A 161 7.47 -2.59 13.39
C GLN A 161 6.88 -3.77 12.62
N ARG A 162 5.57 -3.95 12.74
CA ARG A 162 4.89 -5.04 12.05
C ARG A 162 4.41 -4.60 10.67
N PHE A 163 4.28 -5.56 9.76
CA PHE A 163 3.83 -5.27 8.41
C PHE A 163 2.77 -6.27 7.95
N GLU A 164 1.65 -5.75 7.48
CA GLU A 164 0.55 -6.60 7.02
C GLU A 164 0.33 -6.45 5.51
N CYS A 165 -0.15 -7.51 4.88
CA CYS A 165 -0.40 -7.48 3.45
C CYS A 165 -1.90 -7.58 3.15
N HIS A 166 -2.41 -6.61 2.41
CA HIS A 166 -3.82 -6.58 2.06
C HIS A 166 -4.01 -6.65 0.54
N VAL A 167 -4.61 -7.74 0.08
CA VAL A 167 -4.84 -7.93 -1.35
C VAL A 167 -6.21 -7.38 -1.75
N PHE A 168 -6.31 -6.88 -2.98
CA PHE A 168 -7.56 -6.34 -3.49
C PHE A 168 -7.68 -6.55 -4.99
N TRP A 169 -8.78 -7.14 -5.42
CA TRP A 169 -9.02 -7.40 -6.85
C TRP A 169 -9.64 -6.18 -7.52
N CYS A 170 -9.09 -5.81 -8.67
CA CYS A 170 -9.60 -4.66 -9.43
C CYS A 170 -10.34 -5.12 -10.67
N GLU A 171 -11.24 -4.27 -11.16
CA GLU A 171 -12.03 -4.59 -12.35
C GLU A 171 -12.24 -3.34 -13.21
N PRO A 172 -11.89 -3.44 -14.50
CA PRO A 172 -11.33 -4.66 -15.08
C PRO A 172 -9.92 -4.95 -14.57
N ASN A 173 -9.06 -3.95 -14.65
CA ASN A 173 -7.68 -4.08 -14.20
C ASN A 173 -7.37 -3.11 -13.07
N ALA A 174 -6.17 -3.24 -12.48
CA ALA A 174 -5.77 -2.37 -11.39
C ALA A 174 -4.91 -1.21 -11.91
N ALA A 175 -5.23 -0.74 -13.11
CA ALA A 175 -4.49 0.36 -13.72
C ALA A 175 -4.90 1.69 -13.10
N ASN A 176 -6.21 1.95 -13.06
CA ASN A 176 -6.73 3.18 -12.49
C ASN A 176 -6.59 3.19 -10.97
N VAL A 177 -6.84 2.04 -10.35
CA VAL A 177 -6.75 1.91 -8.91
C VAL A 177 -5.30 2.10 -8.44
N SER A 178 -4.42 1.21 -8.89
CA SER A 178 -3.02 1.28 -8.51
C SER A 178 -2.42 2.65 -8.85
N GLU A 179 -2.98 3.30 -9.87
CA GLU A 179 -2.51 4.60 -10.29
C GLU A 179 -2.98 5.69 -9.32
N ALA A 180 -4.28 5.70 -9.03
CA ALA A 180 -4.85 6.67 -8.12
C ALA A 180 -4.06 6.75 -6.82
N VAL A 181 -3.88 5.58 -6.18
CA VAL A 181 -3.14 5.52 -4.93
C VAL A 181 -1.71 6.03 -5.10
N GLN A 182 -1.11 5.72 -6.24
CA GLN A 182 0.25 6.15 -6.53
C GLN A 182 0.35 7.67 -6.54
N ALA A 183 -0.42 8.30 -7.42
CA ALA A 183 -0.42 9.75 -7.54
C ALA A 183 -0.50 10.42 -6.17
N ALA A 184 -1.30 9.83 -5.28
CA ALA A 184 -1.45 10.37 -3.93
C ALA A 184 -0.10 10.58 -3.26
N CYS A 185 0.80 9.63 -3.44
CA CYS A 185 2.14 9.72 -2.85
C CYS A 185 2.71 11.13 -3.02
N GLY A 1 12.54 -19.00 -10.63
CA GLY A 1 11.99 -19.46 -11.89
C GLY A 1 11.03 -18.48 -12.51
N SER A 2 11.55 -17.60 -13.38
CA SER A 2 10.73 -16.60 -14.04
C SER A 2 10.07 -17.16 -15.28
N SER A 3 9.14 -16.40 -15.85
CA SER A 3 8.43 -16.84 -17.04
C SER A 3 8.62 -15.82 -18.18
N GLY A 4 8.14 -16.19 -19.37
CA GLY A 4 8.27 -15.31 -20.51
C GLY A 4 7.27 -15.63 -21.61
N SER A 5 6.25 -14.80 -21.75
CA SER A 5 5.22 -15.01 -22.76
C SER A 5 5.59 -14.31 -24.05
N SER A 6 4.95 -14.72 -25.15
CA SER A 6 5.21 -14.14 -26.46
C SER A 6 3.93 -14.08 -27.29
N GLY A 7 4.01 -13.41 -28.43
CA GLY A 7 2.86 -13.28 -29.30
C GLY A 7 2.87 -11.99 -30.10
N ASP A 8 2.17 -12.00 -31.23
CA ASP A 8 2.10 -10.82 -32.09
C ASP A 8 0.84 -9.99 -31.79
N ALA A 9 1.03 -8.87 -31.10
CA ALA A 9 -0.08 -7.99 -30.74
C ALA A 9 0.43 -6.67 -30.17
N ALA A 10 -0.14 -5.57 -30.65
CA ALA A 10 0.25 -4.25 -30.17
C ALA A 10 -0.07 -4.08 -28.69
N VAL A 11 0.98 -3.88 -27.89
CA VAL A 11 0.82 -3.70 -26.45
C VAL A 11 -0.17 -2.58 -26.14
N THR A 12 -0.92 -2.76 -25.06
CA THR A 12 -1.91 -1.77 -24.66
C THR A 12 -1.29 -0.70 -23.76
N PRO A 13 -1.85 0.52 -23.81
CA PRO A 13 -1.37 1.64 -23.00
C PRO A 13 -1.65 1.45 -21.51
N GLU A 14 -2.41 0.41 -21.18
CA GLU A 14 -2.75 0.12 -19.80
C GLU A 14 -1.80 -0.90 -19.20
N GLU A 15 -1.32 -1.82 -20.04
CA GLU A 15 -0.41 -2.86 -19.59
C GLU A 15 1.00 -2.30 -19.40
N ARG A 16 1.48 -1.57 -20.39
CA ARG A 16 2.82 -0.97 -20.33
C ARG A 16 3.11 -0.45 -18.92
N HIS A 17 2.09 0.11 -18.27
CA HIS A 17 2.24 0.64 -16.92
C HIS A 17 2.15 -0.48 -15.88
N LEU A 18 1.23 -1.41 -16.10
CA LEU A 18 1.05 -2.53 -15.19
C LEU A 18 2.29 -3.40 -15.13
N SER A 19 2.71 -3.90 -16.29
CA SER A 19 3.89 -4.76 -16.37
C SER A 19 5.00 -4.24 -15.48
N LYS A 20 5.20 -2.92 -15.49
CA LYS A 20 6.23 -2.29 -14.68
C LYS A 20 6.07 -2.68 -13.21
N MET A 21 4.87 -2.51 -12.68
CA MET A 21 4.59 -2.85 -11.29
C MET A 21 5.13 -4.22 -10.94
N GLN A 22 5.11 -5.13 -11.91
CA GLN A 22 5.60 -6.49 -11.71
C GLN A 22 7.13 -6.53 -11.78
N GLN A 23 7.71 -5.58 -12.49
CA GLN A 23 9.16 -5.51 -12.64
C GLN A 23 9.82 -5.24 -11.29
N ASN A 24 9.51 -4.07 -10.71
CA ASN A 24 10.09 -3.69 -9.43
C ASN A 24 9.00 -3.32 -8.44
N GLY A 25 7.97 -2.62 -8.93
CA GLY A 25 6.87 -2.21 -8.07
C GLY A 25 6.93 -0.73 -7.73
N TYR A 26 6.02 -0.30 -6.86
CA TYR A 26 5.97 1.10 -6.44
C TYR A 26 6.18 1.23 -4.94
N GLU A 27 7.39 1.64 -4.55
CA GLU A 27 7.73 1.81 -3.15
C GLU A 27 7.36 3.21 -2.66
N ASN A 28 7.42 3.41 -1.35
CA ASN A 28 7.09 4.70 -0.76
C ASN A 28 8.30 5.31 -0.06
N PRO A 29 8.75 6.47 -0.56
CA PRO A 29 9.91 7.17 0.00
C PRO A 29 9.62 7.77 1.37
N THR A 30 8.36 8.16 1.59
CA THR A 30 7.96 8.75 2.86
C THR A 30 8.59 8.02 4.03
N TYR A 31 8.43 6.71 4.06
CA TYR A 31 8.99 5.88 5.14
C TYR A 31 10.52 5.99 5.16
N LYS A 32 11.13 5.79 4.00
CA LYS A 32 12.59 5.87 3.89
C LYS A 32 13.13 7.07 4.66
N PHE A 33 12.57 8.25 4.37
CA PHE A 33 13.00 9.47 5.03
C PHE A 33 13.37 9.21 6.48
N PHE A 34 12.39 8.80 7.28
CA PHE A 34 12.63 8.51 8.69
C PHE A 34 13.76 7.51 8.86
N GLU A 35 13.81 6.51 7.98
CA GLU A 35 14.85 5.50 8.03
C GLU A 35 16.10 5.95 7.29
N GLN A 36 16.58 7.14 7.61
CA GLN A 36 17.77 7.69 6.98
C GLN A 36 19.02 7.31 7.76
N MET A 37 20.14 7.16 7.04
CA MET A 37 21.39 6.80 7.66
C MET A 37 22.29 8.02 7.83
N GLN A 38 22.19 8.96 6.89
CA GLN A 38 22.99 10.18 6.95
C GLN A 38 22.60 11.04 8.15
N ASN A 39 23.54 11.19 9.09
CA ASN A 39 23.29 11.98 10.28
C ASN A 39 24.36 13.05 10.45
N SER A 40 23.93 14.31 10.49
CA SER A 40 24.85 15.43 10.64
C SER A 40 24.24 16.52 11.51
N GLY A 41 25.07 17.45 11.96
CA GLY A 41 24.60 18.54 12.80
C GLY A 41 25.70 19.50 13.18
N PRO A 42 26.21 20.25 12.20
CA PRO A 42 27.28 21.23 12.41
C PRO A 42 26.82 22.43 13.23
N SER A 43 27.56 22.75 14.29
CA SER A 43 27.22 23.87 15.15
C SER A 43 27.32 25.19 14.39
N SER A 44 26.22 25.94 14.38
CA SER A 44 26.18 27.23 13.69
C SER A 44 25.43 28.27 14.52
N GLY A 45 25.41 29.51 14.02
CA GLY A 45 24.72 30.57 14.73
C GLY A 45 25.68 31.52 15.41
N ILE A 46 26.66 32.02 14.66
CA ILE A 46 27.64 32.94 15.21
C ILE A 46 28.07 33.97 14.15
N GLU A 47 28.06 35.24 14.54
CA GLU A 47 28.45 36.32 13.63
C GLU A 47 29.85 36.81 13.96
N GLY A 48 30.73 36.81 12.96
CA GLY A 48 32.10 37.27 13.16
C GLY A 48 32.66 36.82 14.49
N ARG A 49 32.70 37.73 15.45
CA ARG A 49 33.23 37.44 16.77
C ARG A 49 32.51 38.25 17.85
N GLY A 50 32.66 37.84 19.10
CA GLY A 50 32.02 38.54 20.20
C GLY A 50 30.51 38.33 20.22
N SER A 51 29.98 38.05 21.40
CA SER A 51 28.54 37.83 21.55
C SER A 51 28.12 38.01 23.01
N SER A 52 27.12 38.87 23.21
CA SER A 52 26.62 39.14 24.55
C SER A 52 25.40 38.28 24.86
N GLY A 53 24.43 38.30 23.95
CA GLY A 53 23.22 37.51 24.15
C GLY A 53 22.01 38.15 23.51
N SER A 54 21.58 37.61 22.38
CA SER A 54 20.42 38.14 21.68
C SER A 54 19.76 37.07 20.80
N SER A 55 18.56 36.64 21.20
CA SER A 55 17.83 35.63 20.47
C SER A 55 16.49 36.14 19.99
N GLY A 56 15.87 35.43 19.04
CA GLY A 56 14.59 35.84 18.52
C GLY A 56 13.58 34.71 18.50
N SER A 57 12.49 34.87 19.25
CA SER A 57 11.46 33.84 19.32
C SER A 57 10.36 34.11 18.29
N SER A 58 10.77 34.20 17.02
CA SER A 58 9.84 34.44 15.94
C SER A 58 9.28 33.13 15.39
N GLY A 59 7.97 32.96 15.49
CA GLY A 59 7.34 31.74 15.01
C GLY A 59 6.58 31.97 13.71
N SER A 60 6.37 30.90 12.96
CA SER A 60 5.66 30.98 11.69
C SER A 60 4.30 30.27 11.77
N SER A 61 3.43 30.55 10.81
CA SER A 61 2.11 29.95 10.78
C SER A 61 1.56 29.93 9.36
N GLY A 62 0.75 28.92 9.06
CA GLY A 62 0.16 28.78 7.73
C GLY A 62 -1.34 28.90 7.75
N PRO A 63 -1.91 29.45 6.67
CA PRO A 63 -3.35 29.63 6.53
C PRO A 63 -4.09 28.30 6.36
N THR A 64 -5.41 28.38 6.21
CA THR A 64 -6.22 27.18 6.04
C THR A 64 -5.92 26.49 4.72
N PRO A 65 -5.68 25.17 4.78
CA PRO A 65 -5.37 24.36 3.60
C PRO A 65 -6.58 24.19 2.68
N LYS A 66 -6.33 23.71 1.47
CA LYS A 66 -7.40 23.50 0.50
C LYS A 66 -8.00 22.11 0.64
N THR A 67 -9.15 21.89 0.02
CA THR A 67 -9.83 20.60 0.07
C THR A 67 -9.49 19.75 -1.14
N GLU A 68 -9.33 18.45 -0.93
CA GLU A 68 -9.01 17.53 -2.00
C GLU A 68 -10.08 16.46 -2.15
N LEU A 69 -10.68 16.38 -3.34
CA LEU A 69 -11.73 15.40 -3.61
C LEU A 69 -11.29 14.01 -3.15
N VAL A 70 -12.19 13.04 -3.31
CA VAL A 70 -11.90 11.66 -2.93
C VAL A 70 -12.18 10.70 -4.07
N GLN A 71 -11.35 9.66 -4.17
CA GLN A 71 -11.50 8.67 -5.23
C GLN A 71 -12.02 7.34 -4.66
N LYS A 72 -13.14 6.88 -5.19
CA LYS A 72 -13.72 5.61 -4.73
C LYS A 72 -13.71 4.57 -5.84
N PHE A 73 -13.01 3.47 -5.61
CA PHE A 73 -12.93 2.39 -6.60
C PHE A 73 -13.65 1.15 -6.11
N ARG A 74 -14.05 0.30 -7.06
CA ARG A 74 -14.75 -0.93 -6.72
C ARG A 74 -13.81 -2.14 -6.76
N VAL A 75 -13.62 -2.76 -5.60
CA VAL A 75 -12.74 -3.92 -5.51
C VAL A 75 -13.20 -4.87 -4.41
N GLN A 76 -12.66 -6.09 -4.43
CA GLN A 76 -13.01 -7.09 -3.42
C GLN A 76 -11.89 -7.27 -2.42
N TYR A 77 -12.24 -7.74 -1.22
CA TYR A 77 -11.25 -7.95 -0.16
C TYR A 77 -11.01 -9.44 0.04
N LEU A 78 -9.85 -9.91 -0.42
CA LEU A 78 -9.48 -11.32 -0.28
C LEU A 78 -9.27 -11.68 1.17
N GLY A 79 -8.45 -10.89 1.87
CA GLY A 79 -8.19 -11.15 3.27
C GLY A 79 -6.86 -10.57 3.72
N MET A 80 -6.52 -10.78 4.99
CA MET A 80 -5.27 -10.28 5.54
C MET A 80 -4.21 -11.39 5.61
N LEU A 81 -2.97 -11.02 5.32
CA LEU A 81 -1.88 -11.98 5.34
C LEU A 81 -0.58 -11.33 5.82
N PRO A 82 0.00 -11.87 6.90
CA PRO A 82 1.25 -11.36 7.47
C PRO A 82 2.44 -11.60 6.57
N VAL A 83 3.29 -10.59 6.43
CA VAL A 83 4.49 -10.70 5.59
C VAL A 83 5.75 -10.75 6.45
N ASP A 84 6.81 -11.31 5.88
CA ASP A 84 8.08 -11.42 6.59
C ASP A 84 8.98 -10.23 6.29
N ARG A 85 8.77 -9.61 5.14
CA ARG A 85 9.56 -8.45 4.73
C ARG A 85 8.65 -7.25 4.42
N PRO A 86 9.17 -6.04 4.67
CA PRO A 86 8.42 -4.80 4.42
C PRO A 86 8.24 -4.53 2.93
N VAL A 87 9.13 -5.06 2.11
CA VAL A 87 9.06 -4.87 0.67
C VAL A 87 9.43 -6.16 -0.08
N GLY A 88 9.33 -6.12 -1.39
CA GLY A 88 9.66 -7.29 -2.20
C GLY A 88 8.45 -7.89 -2.86
N MET A 89 8.59 -8.25 -4.14
CA MET A 89 7.50 -8.85 -4.90
C MET A 89 7.17 -10.24 -4.37
N ASP A 90 8.16 -11.13 -4.38
CA ASP A 90 7.97 -12.49 -3.90
C ASP A 90 7.14 -12.51 -2.62
N THR A 91 7.40 -11.55 -1.74
CA THR A 91 6.68 -11.46 -0.47
C THR A 91 5.23 -11.05 -0.70
N LEU A 92 5.00 -10.24 -1.72
CA LEU A 92 3.65 -9.78 -2.04
C LEU A 92 2.79 -10.93 -2.56
N ASN A 93 3.25 -11.56 -3.64
CA ASN A 93 2.53 -12.67 -4.23
C ASN A 93 2.24 -13.75 -3.19
N SER A 94 3.26 -14.15 -2.45
CA SER A 94 3.12 -15.17 -1.42
C SER A 94 1.81 -15.00 -0.66
N ALA A 95 1.59 -13.79 -0.14
CA ALA A 95 0.38 -13.49 0.61
C ALA A 95 -0.86 -13.67 -0.26
N ILE A 96 -0.81 -13.11 -1.47
CA ILE A 96 -1.93 -13.21 -2.39
C ILE A 96 -2.35 -14.66 -2.61
N GLU A 97 -1.41 -15.49 -3.05
CA GLU A 97 -1.67 -16.90 -3.29
C GLU A 97 -2.20 -17.57 -2.03
N ASN A 98 -1.73 -17.11 -0.88
CA ASN A 98 -2.13 -17.67 0.40
C ASN A 98 -3.64 -17.52 0.60
N LEU A 99 -4.14 -16.30 0.44
CA LEU A 99 -5.56 -16.03 0.60
C LEU A 99 -6.36 -16.60 -0.57
N MET A 100 -5.79 -16.49 -1.77
CA MET A 100 -6.45 -17.00 -2.97
C MET A 100 -6.99 -18.41 -2.74
N THR A 101 -6.13 -19.28 -2.24
CA THR A 101 -6.51 -20.68 -1.98
C THR A 101 -7.32 -20.78 -0.70
N SER A 102 -7.20 -19.77 0.16
CA SER A 102 -7.93 -19.76 1.42
C SER A 102 -9.43 -19.64 1.19
N SER A 103 -9.83 -18.64 0.42
CA SER A 103 -11.23 -18.41 0.11
C SER A 103 -11.47 -18.34 -1.39
N SER A 104 -12.73 -18.44 -1.80
CA SER A 104 -13.08 -18.38 -3.21
C SER A 104 -13.23 -16.95 -3.69
N LYS A 105 -13.33 -16.78 -5.00
CA LYS A 105 -13.48 -15.46 -5.59
C LYS A 105 -14.78 -14.81 -5.16
N GLU A 106 -15.83 -15.62 -5.02
CA GLU A 106 -17.14 -15.11 -4.60
C GLU A 106 -17.14 -14.76 -3.12
N ASP A 107 -16.44 -15.56 -2.32
CA ASP A 107 -16.36 -15.33 -0.89
C ASP A 107 -15.92 -13.91 -0.59
N TRP A 108 -15.03 -13.37 -1.42
CA TRP A 108 -14.53 -12.02 -1.24
C TRP A 108 -15.68 -11.01 -1.24
N PRO A 109 -15.88 -10.34 -0.10
CA PRO A 109 -16.94 -9.34 0.06
C PRO A 109 -16.67 -8.07 -0.75
N SER A 110 -17.70 -7.59 -1.43
CA SER A 110 -17.57 -6.39 -2.25
C SER A 110 -17.26 -5.17 -1.39
N VAL A 111 -16.12 -4.55 -1.64
CA VAL A 111 -15.69 -3.37 -0.88
C VAL A 111 -15.33 -2.23 -1.82
N ASN A 112 -14.98 -1.08 -1.23
CA ASN A 112 -14.61 0.09 -2.01
C ASN A 112 -13.31 0.71 -1.49
N MET A 113 -12.51 1.25 -2.39
CA MET A 113 -11.24 1.87 -2.02
C MET A 113 -11.40 3.38 -1.88
N ASN A 114 -11.48 3.86 -0.65
CA ASN A 114 -11.63 5.29 -0.39
C ASN A 114 -10.27 5.97 -0.32
N VAL A 115 -9.85 6.57 -1.43
CA VAL A 115 -8.57 7.26 -1.49
C VAL A 115 -8.75 8.78 -1.38
N ALA A 116 -8.50 9.30 -0.18
CA ALA A 116 -8.64 10.74 0.05
C ALA A 116 -7.54 11.25 0.97
N ASP A 117 -7.04 12.44 0.67
CA ASP A 117 -5.98 13.04 1.48
C ASP A 117 -4.86 12.04 1.75
N ALA A 118 -4.44 11.34 0.70
CA ALA A 118 -3.38 10.34 0.82
C ALA A 118 -3.73 9.29 1.87
N THR A 119 -4.99 8.86 1.87
CA THR A 119 -5.44 7.85 2.82
C THR A 119 -6.18 6.73 2.11
N VAL A 120 -5.72 5.50 2.32
CA VAL A 120 -6.33 4.33 1.70
C VAL A 120 -7.23 3.59 2.68
N THR A 121 -8.53 3.89 2.63
CA THR A 121 -9.49 3.26 3.51
C THR A 121 -10.47 2.39 2.74
N VAL A 122 -10.45 1.08 3.01
CA VAL A 122 -11.34 0.14 2.34
C VAL A 122 -12.69 0.07 3.04
N ILE A 123 -13.66 0.83 2.53
CA ILE A 123 -15.00 0.85 3.10
C ILE A 123 -15.88 -0.21 2.44
N SER A 124 -16.69 -0.87 3.26
CA SER A 124 -17.59 -1.92 2.77
C SER A 124 -18.72 -1.31 1.93
N GLU A 125 -19.17 -2.04 0.93
CA GLU A 125 -20.23 -1.58 0.06
C GLU A 125 -21.57 -1.56 0.79
N LYS A 126 -21.79 -2.55 1.65
CA LYS A 126 -23.02 -2.64 2.43
C LYS A 126 -23.07 -1.55 3.50
N ASN A 127 -21.97 -1.41 4.25
CA ASN A 127 -21.90 -0.41 5.31
C ASN A 127 -20.78 0.59 5.02
N GLU A 128 -21.06 1.87 5.28
CA GLU A 128 -20.09 2.92 5.05
C GLU A 128 -19.23 3.15 6.29
N GLU A 129 -19.85 3.06 7.47
CA GLU A 129 -19.14 3.25 8.73
C GLU A 129 -18.47 1.96 9.18
N GLU A 130 -18.28 1.04 8.24
CA GLU A 130 -17.65 -0.24 8.54
C GLU A 130 -16.12 -0.11 8.57
N VAL A 131 -15.60 0.82 7.76
CA VAL A 131 -14.17 1.05 7.70
C VAL A 131 -13.40 -0.25 7.91
N LEU A 132 -13.76 -1.28 7.16
CA LEU A 132 -13.11 -2.58 7.26
C LEU A 132 -11.61 -2.41 7.52
N VAL A 133 -10.96 -1.64 6.67
CA VAL A 133 -9.52 -1.39 6.80
C VAL A 133 -9.20 0.09 6.61
N GLU A 134 -8.39 0.64 7.50
CA GLU A 134 -7.99 2.04 7.42
C GLU A 134 -6.48 2.17 7.27
N CYS A 135 -6.05 2.47 6.04
CA CYS A 135 -4.63 2.63 5.76
C CYS A 135 -4.31 4.06 5.32
N ARG A 136 -3.10 4.51 5.62
CA ARG A 136 -2.68 5.86 5.27
C ARG A 136 -1.35 5.84 4.53
N VAL A 137 -1.37 6.27 3.26
CA VAL A 137 -0.17 6.30 2.44
C VAL A 137 1.05 6.66 3.26
N ARG A 138 0.89 7.64 4.15
CA ARG A 138 1.98 8.09 5.00
C ARG A 138 2.73 6.90 5.61
N PHE A 139 1.96 5.95 6.16
CA PHE A 139 2.55 4.77 6.77
C PHE A 139 2.93 3.74 5.71
N LEU A 140 2.13 3.66 4.65
CA LEU A 140 2.38 2.72 3.56
C LEU A 140 3.88 2.65 3.25
N SER A 141 4.41 1.43 3.19
CA SER A 141 5.81 1.22 2.89
C SER A 141 6.01 0.89 1.42
N PHE A 142 5.34 -0.16 0.95
CA PHE A 142 5.45 -0.58 -0.44
C PHE A 142 4.14 -1.21 -0.92
N MET A 143 3.92 -1.18 -2.23
CA MET A 143 2.71 -1.74 -2.81
C MET A 143 2.97 -2.21 -4.25
N GLY A 144 2.31 -3.29 -4.64
CA GLY A 144 2.48 -3.81 -5.99
C GLY A 144 1.35 -4.75 -6.38
N VAL A 145 1.55 -5.48 -7.48
CA VAL A 145 0.55 -6.41 -7.98
C VAL A 145 1.08 -7.83 -8.01
N GLY A 146 0.17 -8.80 -8.04
CA GLY A 146 0.58 -10.20 -8.07
C GLY A 146 0.75 -10.73 -9.48
N LYS A 147 0.94 -12.03 -9.60
CA LYS A 147 1.12 -12.66 -10.91
C LYS A 147 0.20 -12.03 -11.95
N ASP A 148 -1.06 -11.86 -11.59
CA ASP A 148 -2.04 -11.26 -12.49
C ASP A 148 -2.34 -9.82 -12.09
N VAL A 149 -2.24 -8.90 -13.04
CA VAL A 149 -2.49 -7.50 -12.79
C VAL A 149 -3.79 -7.31 -12.01
N HIS A 150 -4.84 -8.00 -12.44
CA HIS A 150 -6.13 -7.91 -11.78
C HIS A 150 -5.97 -7.82 -10.27
N THR A 151 -5.10 -8.67 -9.72
CA THR A 151 -4.85 -8.69 -8.28
C THR A 151 -3.96 -7.52 -7.86
N PHE A 152 -4.32 -6.86 -6.77
CA PHE A 152 -3.56 -5.73 -6.27
C PHE A 152 -3.47 -5.77 -4.74
N ALA A 153 -2.24 -5.78 -4.23
CA ALA A 153 -2.02 -5.82 -2.79
C ALA A 153 -0.94 -4.82 -2.38
N PHE A 154 -1.01 -4.37 -1.13
CA PHE A 154 -0.04 -3.42 -0.61
C PHE A 154 0.34 -3.74 0.83
N ILE A 155 1.58 -3.43 1.21
CA ILE A 155 2.06 -3.69 2.56
C ILE A 155 2.03 -2.43 3.40
N MET A 156 1.56 -2.55 4.63
CA MET A 156 1.49 -1.42 5.54
C MET A 156 1.89 -1.83 6.97
N ASP A 157 2.39 -0.87 7.74
CA ASP A 157 2.81 -1.14 9.10
C ASP A 157 1.61 -1.23 10.03
N THR A 158 1.59 -2.26 10.88
CA THR A 158 0.50 -2.46 11.81
C THR A 158 1.01 -2.55 13.25
N GLY A 159 2.21 -3.10 13.41
CA GLY A 159 2.80 -3.24 14.73
C GLY A 159 4.19 -2.65 14.82
N ASN A 160 5.05 -3.27 15.62
CA ASN A 160 6.42 -2.79 15.78
C ASN A 160 7.25 -3.10 14.55
N GLN A 161 7.59 -4.38 14.36
CA GLN A 161 8.38 -4.80 13.22
C GLN A 161 7.60 -5.76 12.33
N ARG A 162 6.29 -5.84 12.57
CA ARG A 162 5.42 -6.71 11.79
C ARG A 162 4.49 -5.89 10.90
N PHE A 163 4.16 -6.45 9.73
CA PHE A 163 3.28 -5.77 8.79
C PHE A 163 2.30 -6.76 8.15
N GLU A 164 1.19 -6.23 7.65
CA GLU A 164 0.18 -7.07 7.01
C GLU A 164 0.01 -6.71 5.55
N CYS A 165 -0.36 -7.69 4.73
CA CYS A 165 -0.55 -7.49 3.30
C CYS A 165 -2.02 -7.64 2.92
N HIS A 166 -2.67 -6.52 2.64
CA HIS A 166 -4.08 -6.53 2.27
C HIS A 166 -4.23 -6.62 0.75
N VAL A 167 -4.76 -7.74 0.27
CA VAL A 167 -4.97 -7.94 -1.15
C VAL A 167 -6.35 -7.46 -1.58
N PHE A 168 -6.46 -7.09 -2.85
CA PHE A 168 -7.73 -6.60 -3.40
C PHE A 168 -7.81 -6.87 -4.90
N TRP A 169 -9.00 -7.27 -5.35
CA TRP A 169 -9.21 -7.56 -6.77
C TRP A 169 -9.74 -6.33 -7.50
N CYS A 170 -9.23 -6.11 -8.71
CA CYS A 170 -9.65 -4.96 -9.51
C CYS A 170 -10.23 -5.42 -10.85
N GLU A 171 -11.17 -4.65 -11.38
CA GLU A 171 -11.80 -4.98 -12.66
C GLU A 171 -11.97 -3.73 -13.52
N PRO A 172 -11.57 -3.84 -14.79
CA PRO A 172 -11.02 -5.07 -15.35
C PRO A 172 -9.63 -5.37 -14.80
N ASN A 173 -8.74 -4.38 -14.84
CA ASN A 173 -7.38 -4.54 -14.34
C ASN A 173 -7.06 -3.50 -13.29
N ALA A 174 -5.96 -3.71 -12.56
CA ALA A 174 -5.54 -2.78 -11.51
C ALA A 174 -4.63 -1.70 -12.08
N ALA A 175 -4.96 -1.21 -13.27
CA ALA A 175 -4.18 -0.17 -13.92
C ALA A 175 -4.50 1.20 -13.34
N ASN A 176 -5.79 1.52 -13.25
CA ASN A 176 -6.23 2.80 -12.71
C ASN A 176 -6.07 2.83 -11.20
N VAL A 177 -6.31 1.69 -10.56
CA VAL A 177 -6.20 1.58 -9.11
C VAL A 177 -4.78 1.84 -8.65
N SER A 178 -3.86 1.01 -9.12
CA SER A 178 -2.45 1.14 -8.75
C SER A 178 -1.91 2.51 -9.16
N GLU A 179 -2.61 3.17 -10.08
CA GLU A 179 -2.19 4.48 -10.56
C GLU A 179 -2.69 5.58 -9.62
N ALA A 180 -3.96 5.47 -9.22
CA ALA A 180 -4.56 6.46 -8.33
C ALA A 180 -3.90 6.43 -6.96
N VAL A 181 -3.73 5.23 -6.41
CA VAL A 181 -3.10 5.07 -5.10
C VAL A 181 -1.68 5.61 -5.10
N GLN A 182 -0.90 5.23 -6.10
CA GLN A 182 0.48 5.67 -6.22
C GLN A 182 0.54 7.18 -6.49
N ALA A 183 -0.55 7.72 -7.01
CA ALA A 183 -0.61 9.15 -7.32
C ALA A 183 -0.77 9.99 -6.04
N ALA A 184 -1.11 9.32 -4.95
CA ALA A 184 -1.29 9.99 -3.67
C ALA A 184 0.06 10.23 -3.00
N CYS A 185 0.97 9.28 -3.13
CA CYS A 185 2.30 9.40 -2.53
C CYS A 185 2.87 10.80 -2.75
N GLY A 1 -19.22 -10.66 -20.45
CA GLY A 1 -18.43 -11.13 -19.33
C GLY A 1 -17.31 -10.17 -18.96
N SER A 2 -16.22 -10.71 -18.44
CA SER A 2 -15.08 -9.90 -18.04
C SER A 2 -13.97 -9.96 -19.08
N SER A 3 -13.46 -8.81 -19.48
CA SER A 3 -12.41 -8.72 -20.47
C SER A 3 -11.13 -9.39 -19.97
N GLY A 4 -10.34 -9.94 -20.89
CA GLY A 4 -9.11 -10.60 -20.50
C GLY A 4 -7.88 -9.81 -20.92
N SER A 5 -7.36 -10.10 -22.10
CA SER A 5 -6.17 -9.41 -22.60
C SER A 5 -6.38 -8.96 -24.05
N SER A 6 -5.73 -7.86 -24.41
CA SER A 6 -5.84 -7.32 -25.76
C SER A 6 -4.52 -7.43 -26.52
N GLY A 7 -4.60 -7.88 -27.77
CA GLY A 7 -3.41 -8.03 -28.58
C GLY A 7 -3.39 -7.09 -29.77
N ASP A 8 -3.63 -7.63 -30.95
CA ASP A 8 -3.63 -6.84 -32.17
C ASP A 8 -2.27 -6.22 -32.42
N ALA A 9 -1.21 -6.98 -32.14
CA ALA A 9 0.14 -6.50 -32.33
C ALA A 9 0.32 -5.09 -31.78
N ALA A 10 -0.27 -4.84 -30.61
CA ALA A 10 -0.17 -3.53 -29.97
C ALA A 10 -0.44 -3.63 -28.47
N VAL A 11 0.53 -3.18 -27.68
CA VAL A 11 0.41 -3.22 -26.23
C VAL A 11 -0.51 -2.12 -25.73
N THR A 12 -1.35 -2.46 -24.76
CA THR A 12 -2.30 -1.49 -24.19
C THR A 12 -1.57 -0.49 -23.30
N PRO A 13 -2.13 0.72 -23.20
CA PRO A 13 -1.57 1.79 -22.38
C PRO A 13 -1.69 1.51 -20.89
N GLU A 14 -2.39 0.44 -20.55
CA GLU A 14 -2.58 0.05 -19.15
C GLU A 14 -1.57 -1.01 -18.74
N GLU A 15 -1.16 -1.83 -19.70
CA GLU A 15 -0.20 -2.89 -19.43
C GLU A 15 1.22 -2.32 -19.30
N ARG A 16 1.52 -1.31 -20.09
CA ARG A 16 2.84 -0.68 -20.06
C ARG A 16 3.15 -0.17 -18.65
N HIS A 17 2.16 0.41 -18.00
CA HIS A 17 2.33 0.94 -16.65
C HIS A 17 2.25 -0.17 -15.61
N LEU A 18 1.32 -1.10 -15.82
CA LEU A 18 1.14 -2.23 -14.90
C LEU A 18 2.40 -3.08 -14.83
N SER A 19 2.85 -3.57 -15.98
CA SER A 19 4.05 -4.40 -16.04
C SER A 19 5.10 -3.91 -15.06
N LYS A 20 5.26 -2.59 -14.97
CA LYS A 20 6.24 -1.99 -14.07
C LYS A 20 6.00 -2.47 -12.63
N MET A 21 4.75 -2.43 -12.20
CA MET A 21 4.39 -2.86 -10.85
C MET A 21 4.93 -4.25 -10.55
N GLN A 22 5.19 -5.01 -11.61
CA GLN A 22 5.71 -6.37 -11.47
C GLN A 22 7.24 -6.38 -11.55
N GLN A 23 7.77 -5.57 -12.47
CA GLN A 23 9.21 -5.49 -12.66
C GLN A 23 9.91 -5.18 -11.33
N ASN A 24 9.76 -3.94 -10.86
CA ASN A 24 10.38 -3.53 -9.61
C ASN A 24 9.32 -3.25 -8.55
N GLY A 25 8.28 -2.51 -8.94
CA GLY A 25 7.22 -2.18 -8.02
C GLY A 25 7.16 -0.70 -7.69
N TYR A 26 6.54 -0.36 -6.57
CA TYR A 26 6.41 1.03 -6.15
C TYR A 26 6.64 1.17 -4.65
N GLU A 27 7.81 1.69 -4.29
CA GLU A 27 8.14 1.88 -2.89
C GLU A 27 7.79 3.29 -2.43
N ASN A 28 7.73 3.48 -1.10
CA ASN A 28 7.40 4.78 -0.53
C ASN A 28 8.65 5.65 -0.41
N PRO A 29 8.64 6.80 -1.09
CA PRO A 29 9.76 7.75 -1.06
C PRO A 29 9.91 8.44 0.29
N THR A 30 8.79 8.74 0.92
CA THR A 30 8.79 9.40 2.22
C THR A 30 9.36 8.49 3.30
N TYR A 31 8.78 7.29 3.41
CA TYR A 31 9.22 6.32 4.41
C TYR A 31 10.75 6.24 4.45
N LYS A 32 11.36 6.14 3.27
CA LYS A 32 12.81 6.06 3.17
C LYS A 32 13.48 7.24 3.88
N PHE A 33 13.11 8.45 3.46
CA PHE A 33 13.66 9.65 4.07
C PHE A 33 13.64 9.58 5.59
N PHE A 34 12.47 9.29 6.13
CA PHE A 34 12.31 9.19 7.58
C PHE A 34 13.29 8.19 8.17
N GLU A 35 13.33 6.99 7.59
CA GLU A 35 14.22 5.94 8.05
C GLU A 35 15.62 6.49 8.30
N GLN A 36 16.22 7.05 7.26
CA GLN A 36 17.57 7.61 7.38
C GLN A 36 17.51 9.10 7.66
N MET A 37 17.73 9.48 8.92
CA MET A 37 17.71 10.87 9.33
C MET A 37 19.10 11.36 9.72
N GLN A 38 19.54 12.45 9.11
CA GLN A 38 20.85 13.01 9.39
C GLN A 38 20.93 13.52 10.83
N ASN A 39 21.86 12.97 11.60
CA ASN A 39 22.03 13.37 12.99
C ASN A 39 23.18 14.37 13.13
N SER A 40 22.85 15.65 13.13
CA SER A 40 23.85 16.71 13.25
C SER A 40 24.20 16.95 14.71
N GLY A 41 25.34 16.42 15.14
CA GLY A 41 25.78 16.59 16.51
C GLY A 41 26.52 15.37 17.04
N PRO A 42 27.73 15.14 16.53
CA PRO A 42 28.56 14.01 16.94
C PRO A 42 29.09 14.16 18.36
N SER A 43 29.54 13.05 18.95
CA SER A 43 30.06 13.07 20.31
C SER A 43 31.54 12.65 20.33
N SER A 44 32.36 13.47 20.96
CA SER A 44 33.79 13.20 21.04
C SER A 44 34.04 11.74 21.42
N GLY A 45 33.30 11.25 22.40
CA GLY A 45 33.45 9.87 22.84
C GLY A 45 34.53 9.72 23.89
N ILE A 46 34.14 9.31 25.10
CA ILE A 46 35.08 9.12 26.19
C ILE A 46 34.77 7.85 26.97
N GLU A 47 35.81 7.13 27.35
CA GLU A 47 35.65 5.88 28.09
C GLU A 47 35.45 6.17 29.58
N GLY A 48 35.05 5.14 30.33
CA GLY A 48 34.82 5.31 31.75
C GLY A 48 33.91 4.23 32.32
N ARG A 49 33.80 4.20 33.64
CA ARG A 49 32.96 3.21 34.31
C ARG A 49 31.62 3.81 34.71
N GLY A 50 30.68 3.84 33.76
CA GLY A 50 29.37 4.39 34.03
C GLY A 50 28.49 4.43 32.79
N SER A 51 27.24 4.83 32.97
CA SER A 51 26.30 4.91 31.86
C SER A 51 25.99 6.37 31.51
N SER A 52 25.47 7.11 32.49
CA SER A 52 25.13 8.50 32.28
C SER A 52 24.42 8.70 30.95
N GLY A 53 23.49 7.80 30.64
CA GLY A 53 22.74 7.90 29.39
C GLY A 53 21.28 8.24 29.61
N SER A 54 20.70 8.96 28.65
CA SER A 54 19.31 9.37 28.75
C SER A 54 18.70 9.54 27.36
N SER A 55 17.37 9.63 27.30
CA SER A 55 16.67 9.80 26.04
C SER A 55 15.43 10.68 26.22
N GLY A 56 14.75 10.95 25.11
CA GLY A 56 13.54 11.78 25.17
C GLY A 56 12.82 11.83 23.85
N SER A 57 11.60 12.38 23.85
CA SER A 57 10.80 12.48 22.65
C SER A 57 11.09 13.78 21.91
N SER A 58 10.55 13.90 20.70
CA SER A 58 10.75 15.09 19.89
C SER A 58 9.42 15.79 19.60
N GLY A 59 8.55 15.83 20.61
CA GLY A 59 7.26 16.47 20.46
C GLY A 59 6.52 15.98 19.22
N SER A 60 5.37 16.57 18.95
CA SER A 60 4.56 16.18 17.80
C SER A 60 4.00 17.42 17.09
N SER A 61 3.52 17.22 15.86
CA SER A 61 2.97 18.31 15.07
C SER A 61 1.90 17.80 14.12
N GLY A 62 1.18 18.73 13.50
CA GLY A 62 0.13 18.36 12.55
C GLY A 62 0.12 19.24 11.33
N PRO A 63 -0.16 18.63 10.17
CA PRO A 63 -0.22 19.35 8.89
C PRO A 63 -1.42 20.28 8.80
N THR A 64 -1.47 21.08 7.74
CA THR A 64 -2.56 22.02 7.54
C THR A 64 -3.67 21.41 6.69
N PRO A 65 -4.92 21.78 6.98
CA PRO A 65 -6.09 21.27 6.26
C PRO A 65 -6.17 21.82 4.84
N LYS A 66 -6.43 20.93 3.88
CA LYS A 66 -6.52 21.32 2.48
C LYS A 66 -7.47 20.39 1.72
N THR A 67 -8.42 20.98 1.01
CA THR A 67 -9.40 20.21 0.24
C THR A 67 -8.69 19.20 -0.66
N GLU A 68 -9.31 18.05 -0.85
CA GLU A 68 -8.74 17.00 -1.70
C GLU A 68 -9.83 16.05 -2.20
N LEU A 69 -9.82 15.79 -3.51
CA LEU A 69 -10.81 14.91 -4.12
C LEU A 69 -10.63 13.48 -3.63
N VAL A 70 -11.73 12.73 -3.63
CA VAL A 70 -11.70 11.34 -3.19
C VAL A 70 -12.12 10.40 -4.31
N GLN A 71 -11.32 9.36 -4.54
CA GLN A 71 -11.62 8.39 -5.58
C GLN A 71 -12.13 7.07 -4.98
N LYS A 72 -13.32 6.67 -5.38
CA LYS A 72 -13.92 5.45 -4.89
C LYS A 72 -13.88 4.35 -5.95
N PHE A 73 -13.07 3.33 -5.71
CA PHE A 73 -12.93 2.22 -6.65
C PHE A 73 -13.64 0.98 -6.12
N ARG A 74 -14.05 0.10 -7.04
CA ARG A 74 -14.75 -1.13 -6.67
C ARG A 74 -13.80 -2.32 -6.71
N VAL A 75 -13.63 -2.97 -5.56
CA VAL A 75 -12.75 -4.13 -5.47
C VAL A 75 -13.24 -5.11 -4.40
N GLN A 76 -12.54 -6.23 -4.27
CA GLN A 76 -12.91 -7.25 -3.29
C GLN A 76 -11.81 -7.41 -2.24
N TYR A 77 -12.20 -7.86 -1.06
CA TYR A 77 -11.26 -8.06 0.03
C TYR A 77 -11.00 -9.54 0.28
N LEU A 78 -9.88 -10.04 -0.24
CA LEU A 78 -9.52 -11.45 -0.09
C LEU A 78 -9.30 -11.79 1.38
N GLY A 79 -8.59 -10.92 2.08
CA GLY A 79 -8.32 -11.15 3.50
C GLY A 79 -6.98 -10.60 3.93
N MET A 80 -6.73 -10.62 5.24
CA MET A 80 -5.47 -10.11 5.78
C MET A 80 -4.43 -11.22 5.84
N LEU A 81 -3.32 -11.02 5.13
CA LEU A 81 -2.25 -12.00 5.10
C LEU A 81 -0.93 -11.38 5.52
N PRO A 82 -0.35 -11.89 6.62
CA PRO A 82 0.92 -11.39 7.16
C PRO A 82 2.10 -11.74 6.27
N VAL A 83 3.19 -10.99 6.40
CA VAL A 83 4.39 -11.22 5.61
C VAL A 83 5.64 -11.23 6.48
N ASP A 84 6.74 -11.71 5.93
CA ASP A 84 8.00 -11.78 6.65
C ASP A 84 8.81 -10.50 6.46
N ARG A 85 8.68 -9.91 5.27
CA ARG A 85 9.41 -8.68 4.96
C ARG A 85 8.44 -7.56 4.58
N PRO A 86 8.83 -6.32 4.88
CA PRO A 86 8.02 -5.13 4.58
C PRO A 86 7.93 -4.86 3.08
N VAL A 87 8.91 -5.35 2.33
CA VAL A 87 8.94 -5.16 0.89
C VAL A 87 9.33 -6.44 0.17
N GLY A 88 9.15 -6.45 -1.15
CA GLY A 88 9.49 -7.63 -1.93
C GLY A 88 8.32 -8.15 -2.75
N MET A 89 8.55 -8.39 -4.03
CA MET A 89 7.50 -8.89 -4.91
C MET A 89 7.06 -10.29 -4.51
N ASP A 90 8.01 -11.22 -4.51
CA ASP A 90 7.74 -12.61 -4.14
C ASP A 90 6.93 -12.67 -2.84
N THR A 91 7.38 -11.91 -1.83
CA THR A 91 6.71 -11.88 -0.54
C THR A 91 5.28 -11.36 -0.67
N LEU A 92 5.12 -10.32 -1.49
CA LEU A 92 3.80 -9.73 -1.70
C LEU A 92 2.87 -10.70 -2.40
N ASN A 93 3.38 -11.38 -3.42
CA ASN A 93 2.59 -12.34 -4.18
C ASN A 93 2.18 -13.51 -3.29
N SER A 94 3.15 -14.14 -2.65
CA SER A 94 2.89 -15.27 -1.77
C SER A 94 1.56 -15.09 -1.03
N ALA A 95 1.37 -13.91 -0.45
CA ALA A 95 0.15 -13.61 0.28
C ALA A 95 -1.08 -13.82 -0.60
N ILE A 96 -1.07 -13.25 -1.80
CA ILE A 96 -2.18 -13.38 -2.72
C ILE A 96 -2.63 -14.84 -2.84
N GLU A 97 -1.70 -15.73 -3.16
CA GLU A 97 -2.01 -17.15 -3.30
C GLU A 97 -2.54 -17.71 -1.98
N ASN A 98 -1.98 -17.25 -0.88
CA ASN A 98 -2.39 -17.71 0.45
C ASN A 98 -3.89 -17.49 0.65
N LEU A 99 -4.33 -16.25 0.47
CA LEU A 99 -5.74 -15.90 0.63
C LEU A 99 -6.58 -16.49 -0.50
N MET A 100 -6.03 -16.48 -1.71
CA MET A 100 -6.73 -17.02 -2.87
C MET A 100 -7.20 -18.45 -2.60
N THR A 101 -6.30 -19.27 -2.09
CA THR A 101 -6.64 -20.66 -1.80
C THR A 101 -7.44 -20.77 -0.51
N SER A 102 -7.00 -20.07 0.53
CA SER A 102 -7.68 -20.09 1.82
C SER A 102 -9.18 -19.91 1.65
N SER A 103 -9.57 -18.92 0.83
CA SER A 103 -10.97 -18.65 0.58
C SER A 103 -11.29 -18.75 -0.91
N SER A 104 -12.54 -18.44 -1.26
CA SER A 104 -12.96 -18.51 -2.65
C SER A 104 -13.14 -17.10 -3.23
N LYS A 105 -13.09 -17.01 -4.55
CA LYS A 105 -13.24 -15.73 -5.24
C LYS A 105 -14.58 -15.08 -4.89
N GLU A 106 -15.51 -15.89 -4.39
CA GLU A 106 -16.83 -15.38 -4.02
C GLU A 106 -16.86 -14.94 -2.56
N ASP A 107 -16.16 -15.68 -1.71
CA ASP A 107 -16.09 -15.36 -0.29
C ASP A 107 -15.69 -13.90 -0.08
N TRP A 108 -14.84 -13.40 -0.96
CA TRP A 108 -14.37 -12.02 -0.87
C TRP A 108 -15.53 -11.04 -1.01
N PRO A 109 -15.81 -10.30 0.07
CA PRO A 109 -16.89 -9.32 0.10
C PRO A 109 -16.60 -8.10 -0.78
N SER A 110 -17.63 -7.58 -1.43
CA SER A 110 -17.48 -6.42 -2.30
C SER A 110 -17.22 -5.16 -1.49
N VAL A 111 -15.97 -4.68 -1.55
CA VAL A 111 -15.58 -3.48 -0.82
C VAL A 111 -15.23 -2.34 -1.77
N ASN A 112 -14.91 -1.18 -1.21
CA ASN A 112 -14.54 -0.02 -2.02
C ASN A 112 -13.27 0.62 -1.49
N MET A 113 -12.43 1.09 -2.40
CA MET A 113 -11.16 1.74 -2.02
C MET A 113 -11.34 3.25 -1.94
N ASN A 114 -11.42 3.77 -0.72
CA ASN A 114 -11.58 5.20 -0.50
C ASN A 114 -10.23 5.90 -0.40
N VAL A 115 -9.78 6.46 -1.51
CA VAL A 115 -8.49 7.16 -1.55
C VAL A 115 -8.70 8.67 -1.49
N ALA A 116 -8.38 9.26 -0.34
CA ALA A 116 -8.52 10.69 -0.15
C ALA A 116 -7.44 11.23 0.79
N ASP A 117 -6.77 12.29 0.37
CA ASP A 117 -5.71 12.90 1.19
C ASP A 117 -4.62 11.89 1.49
N ALA A 118 -4.22 11.13 0.48
CA ALA A 118 -3.17 10.12 0.64
C ALA A 118 -3.53 9.13 1.74
N THR A 119 -4.79 8.72 1.77
CA THR A 119 -5.27 7.77 2.77
C THR A 119 -6.04 6.63 2.13
N VAL A 120 -5.52 5.42 2.26
CA VAL A 120 -6.18 4.24 1.69
C VAL A 120 -7.13 3.59 2.69
N THR A 121 -8.41 3.94 2.58
CA THR A 121 -9.42 3.39 3.48
C THR A 121 -10.43 2.54 2.71
N VAL A 122 -10.46 1.24 3.03
CA VAL A 122 -11.38 0.33 2.38
C VAL A 122 -12.77 0.38 3.02
N ILE A 123 -13.70 1.02 2.34
CA ILE A 123 -15.07 1.14 2.85
C ILE A 123 -15.98 0.10 2.22
N SER A 124 -16.88 -0.46 3.03
CA SER A 124 -17.81 -1.47 2.55
C SER A 124 -18.78 -0.88 1.53
N GLU A 125 -19.29 -1.74 0.65
CA GLU A 125 -20.22 -1.30 -0.38
C GLU A 125 -21.60 -0.99 0.22
N LYS A 126 -22.08 -1.90 1.06
CA LYS A 126 -23.37 -1.73 1.71
C LYS A 126 -23.29 -0.71 2.85
N ASN A 127 -22.24 -0.82 3.66
CA ASN A 127 -22.04 0.09 4.78
C ASN A 127 -20.93 1.09 4.48
N GLU A 128 -21.17 2.36 4.81
CA GLU A 128 -20.19 3.41 4.57
C GLU A 128 -19.33 3.63 5.80
N GLU A 129 -19.93 3.44 6.98
CA GLU A 129 -19.22 3.63 8.24
C GLU A 129 -18.65 2.30 8.75
N GLU A 130 -18.14 1.50 7.82
CA GLU A 130 -17.56 0.20 8.17
C GLU A 130 -16.03 0.28 8.21
N VAL A 131 -15.47 1.14 7.37
CA VAL A 131 -14.02 1.31 7.30
C VAL A 131 -13.30 -0.01 7.61
N LEU A 132 -13.73 -1.07 6.94
CA LEU A 132 -13.13 -2.39 7.13
C LEU A 132 -11.63 -2.27 7.38
N VAL A 133 -10.95 -1.49 6.54
CA VAL A 133 -9.52 -1.28 6.66
C VAL A 133 -9.15 0.20 6.57
N GLU A 134 -8.26 0.63 7.44
CA GLU A 134 -7.83 2.03 7.45
C GLU A 134 -6.31 2.13 7.33
N CYS A 135 -5.85 2.46 6.12
CA CYS A 135 -4.42 2.59 5.87
C CYS A 135 -4.09 3.96 5.28
N ARG A 136 -2.92 4.50 5.64
CA ARG A 136 -2.50 5.80 5.15
C ARG A 136 -1.21 5.69 4.34
N VAL A 137 -1.26 6.14 3.09
CA VAL A 137 -0.09 6.10 2.23
C VAL A 137 1.19 6.39 2.99
N ARG A 138 1.11 7.38 3.89
CA ARG A 138 2.26 7.77 4.69
C ARG A 138 2.96 6.54 5.28
N PHE A 139 2.16 5.63 5.84
CA PHE A 139 2.70 4.41 6.44
C PHE A 139 3.05 3.39 5.37
N LEU A 140 2.23 3.33 4.33
CA LEU A 140 2.45 2.38 3.23
C LEU A 140 3.94 2.21 2.95
N SER A 141 4.47 1.05 3.29
CA SER A 141 5.89 0.75 3.08
C SER A 141 6.16 0.44 1.61
N PHE A 142 5.48 -0.58 1.10
CA PHE A 142 5.65 -1.00 -0.29
C PHE A 142 4.35 -1.57 -0.85
N MET A 143 4.08 -1.29 -2.12
CA MET A 143 2.88 -1.78 -2.78
C MET A 143 3.18 -2.24 -4.20
N GLY A 144 2.43 -3.24 -4.67
CA GLY A 144 2.64 -3.76 -6.01
C GLY A 144 1.49 -4.62 -6.48
N VAL A 145 1.76 -5.50 -7.43
CA VAL A 145 0.74 -6.39 -7.96
C VAL A 145 1.23 -7.84 -8.00
N GLY A 146 0.29 -8.78 -8.11
CA GLY A 146 0.65 -10.18 -8.16
C GLY A 146 0.86 -10.68 -9.57
N LYS A 147 1.00 -11.99 -9.72
CA LYS A 147 1.20 -12.60 -11.03
C LYS A 147 0.23 -12.03 -12.05
N ASP A 148 -1.01 -11.82 -11.63
CA ASP A 148 -2.03 -11.26 -12.51
C ASP A 148 -2.38 -9.84 -12.12
N VAL A 149 -2.09 -8.89 -13.00
CA VAL A 149 -2.36 -7.48 -12.75
C VAL A 149 -3.68 -7.32 -12.00
N HIS A 150 -4.66 -8.12 -12.36
CA HIS A 150 -5.98 -8.06 -11.72
C HIS A 150 -5.84 -7.97 -10.21
N THR A 151 -5.00 -8.82 -9.64
CA THR A 151 -4.77 -8.84 -8.19
C THR A 151 -3.86 -7.70 -7.78
N PHE A 152 -4.35 -6.84 -6.89
CA PHE A 152 -3.57 -5.71 -6.40
C PHE A 152 -3.47 -5.73 -4.88
N ALA A 153 -2.23 -5.87 -4.38
CA ALA A 153 -2.00 -5.91 -2.94
C ALA A 153 -1.00 -4.83 -2.53
N PHE A 154 -0.85 -4.65 -1.21
CA PHE A 154 0.08 -3.65 -0.68
C PHE A 154 0.40 -3.93 0.78
N ILE A 155 1.66 -3.73 1.15
CA ILE A 155 2.10 -3.96 2.52
C ILE A 155 2.07 -2.67 3.33
N MET A 156 1.46 -2.74 4.50
CA MET A 156 1.37 -1.58 5.39
C MET A 156 1.93 -1.88 6.77
N ASP A 157 2.12 -0.86 7.57
CA ASP A 157 2.65 -1.01 8.92
C ASP A 157 1.66 -0.51 9.96
N THR A 158 1.32 -1.38 10.92
CA THR A 158 0.38 -1.02 11.97
C THR A 158 1.11 -0.60 13.24
N GLY A 159 2.30 -1.16 13.44
CA GLY A 159 3.07 -0.82 14.63
C GLY A 159 3.86 -2.00 15.15
N ASN A 160 4.86 -1.71 15.98
CA ASN A 160 5.70 -2.76 16.56
C ASN A 160 6.55 -3.43 15.48
N GLN A 161 7.02 -2.64 14.53
CA GLN A 161 7.85 -3.15 13.44
C GLN A 161 7.14 -4.30 12.72
N ARG A 162 5.83 -4.22 12.64
CA ARG A 162 5.03 -5.25 11.98
C ARG A 162 4.54 -4.76 10.62
N PHE A 163 4.43 -5.69 9.67
CA PHE A 163 3.96 -5.36 8.32
C PHE A 163 2.92 -6.35 7.85
N GLU A 164 1.75 -5.86 7.46
CA GLU A 164 0.67 -6.70 6.98
C GLU A 164 0.44 -6.49 5.49
N CYS A 165 -0.05 -7.53 4.82
CA CYS A 165 -0.33 -7.46 3.39
C CYS A 165 -1.82 -7.59 3.10
N HIS A 166 -2.36 -6.62 2.37
CA HIS A 166 -3.77 -6.62 2.03
C HIS A 166 -3.98 -6.79 0.53
N VAL A 167 -4.65 -7.87 0.15
CA VAL A 167 -4.91 -8.15 -1.27
C VAL A 167 -6.27 -7.61 -1.68
N PHE A 168 -6.34 -7.06 -2.88
CA PHE A 168 -7.59 -6.51 -3.40
C PHE A 168 -7.73 -6.80 -4.89
N TRP A 169 -8.87 -7.36 -5.28
CA TRP A 169 -9.13 -7.69 -6.68
C TRP A 169 -9.62 -6.46 -7.44
N CYS A 170 -9.12 -6.30 -8.66
CA CYS A 170 -9.50 -5.17 -9.50
C CYS A 170 -10.05 -5.64 -10.84
N GLU A 171 -10.97 -4.87 -11.41
CA GLU A 171 -11.56 -5.22 -12.69
C GLU A 171 -11.83 -3.97 -13.53
N PRO A 172 -11.47 -4.03 -14.82
CA PRO A 172 -10.86 -5.22 -15.41
C PRO A 172 -9.45 -5.47 -14.91
N ASN A 173 -8.63 -4.41 -14.92
CA ASN A 173 -7.25 -4.52 -14.46
C ASN A 173 -7.01 -3.60 -13.27
N ALA A 174 -5.84 -3.74 -12.65
CA ALA A 174 -5.47 -2.92 -11.49
C ALA A 174 -4.76 -1.65 -11.94
N ALA A 175 -5.10 -1.17 -13.12
CA ALA A 175 -4.49 0.05 -13.66
C ALA A 175 -5.12 1.29 -13.05
N ASN A 176 -6.42 1.46 -13.26
CA ASN A 176 -7.15 2.61 -12.73
C ASN A 176 -6.98 2.70 -11.21
N VAL A 177 -6.65 1.57 -10.59
CA VAL A 177 -6.47 1.53 -9.15
C VAL A 177 -5.02 1.79 -8.77
N SER A 178 -4.09 1.08 -9.41
CA SER A 178 -2.67 1.25 -9.13
C SER A 178 -2.23 2.69 -9.37
N GLU A 179 -2.80 3.31 -10.40
CA GLU A 179 -2.47 4.69 -10.73
C GLU A 179 -3.07 5.66 -9.71
N ALA A 180 -4.31 5.36 -9.30
CA ALA A 180 -5.00 6.21 -8.32
C ALA A 180 -4.16 6.39 -7.05
N VAL A 181 -3.70 5.27 -6.50
CA VAL A 181 -2.89 5.30 -5.29
C VAL A 181 -1.56 5.99 -5.54
N GLN A 182 -1.00 5.77 -6.72
CA GLN A 182 0.28 6.37 -7.09
C GLN A 182 0.25 7.88 -6.88
N ALA A 183 -0.79 8.52 -7.40
CA ALA A 183 -0.93 9.97 -7.28
C ALA A 183 -0.71 10.42 -5.82
N ALA A 184 -1.35 9.71 -4.90
CA ALA A 184 -1.24 10.03 -3.48
C ALA A 184 0.23 10.01 -3.03
N CYS A 185 0.95 8.99 -3.47
CA CYS A 185 2.36 8.84 -3.11
C CYS A 185 3.17 10.05 -3.57
N GLY A 1 -10.28 -17.69 -12.10
CA GLY A 1 -9.66 -16.54 -12.73
C GLY A 1 -8.57 -16.92 -13.71
N SER A 2 -8.83 -16.70 -15.00
CA SER A 2 -7.87 -17.04 -16.04
C SER A 2 -7.02 -15.82 -16.42
N SER A 3 -6.01 -16.04 -17.25
CA SER A 3 -5.13 -14.97 -17.68
C SER A 3 -5.09 -14.88 -19.21
N GLY A 4 -5.47 -15.97 -19.86
CA GLY A 4 -5.47 -15.99 -21.32
C GLY A 4 -4.14 -15.58 -21.90
N SER A 5 -3.31 -16.56 -22.24
CA SER A 5 -1.99 -16.29 -22.80
C SER A 5 -1.75 -17.16 -24.04
N SER A 6 -2.76 -17.24 -24.91
CA SER A 6 -2.66 -18.03 -26.13
C SER A 6 -2.37 -17.15 -27.33
N GLY A 7 -1.44 -16.21 -27.17
CA GLY A 7 -1.09 -15.31 -28.25
C GLY A 7 -1.27 -13.85 -27.88
N ASP A 8 -0.22 -13.06 -28.04
CA ASP A 8 -0.27 -11.64 -27.72
C ASP A 8 0.21 -10.80 -28.89
N ALA A 9 -0.73 -10.26 -29.66
CA ALA A 9 -0.40 -9.43 -30.82
C ALA A 9 0.22 -8.12 -30.38
N ALA A 10 -0.52 -7.35 -29.58
CA ALA A 10 -0.04 -6.07 -29.09
C ALA A 10 -0.39 -5.87 -27.62
N VAL A 11 0.36 -5.00 -26.96
CA VAL A 11 0.13 -4.72 -25.54
C VAL A 11 -0.63 -3.41 -25.35
N THR A 12 -1.53 -3.39 -24.38
CA THR A 12 -2.32 -2.20 -24.09
C THR A 12 -1.48 -1.13 -23.41
N PRO A 13 -1.85 0.15 -23.62
CA PRO A 13 -1.15 1.28 -23.03
C PRO A 13 -1.34 1.37 -21.51
N GLU A 14 -2.28 0.58 -21.00
CA GLU A 14 -2.56 0.57 -19.57
C GLU A 14 -1.80 -0.55 -18.87
N GLU A 15 -1.68 -1.69 -19.54
CA GLU A 15 -0.96 -2.83 -18.99
C GLU A 15 0.52 -2.51 -18.80
N ARG A 16 1.13 -1.98 -19.85
CA ARG A 16 2.55 -1.62 -19.80
C ARG A 16 2.94 -1.08 -18.43
N HIS A 17 2.23 -0.04 -17.99
CA HIS A 17 2.50 0.58 -16.69
C HIS A 17 2.47 -0.47 -15.59
N LEU A 18 1.57 -1.44 -15.71
CA LEU A 18 1.45 -2.50 -14.71
C LEU A 18 2.62 -3.47 -14.80
N SER A 19 2.89 -3.94 -16.02
CA SER A 19 3.98 -4.88 -16.24
C SER A 19 5.14 -4.60 -15.29
N LYS A 20 5.56 -3.33 -15.23
CA LYS A 20 6.66 -2.93 -14.36
C LYS A 20 6.38 -3.29 -12.91
N MET A 21 5.18 -2.93 -12.44
CA MET A 21 4.78 -3.22 -11.07
C MET A 21 5.10 -4.66 -10.70
N GLN A 22 4.88 -5.57 -11.65
CA GLN A 22 5.15 -6.99 -11.42
C GLN A 22 6.64 -7.25 -11.34
N GLN A 23 7.41 -6.56 -12.17
CA GLN A 23 8.86 -6.72 -12.19
C GLN A 23 9.46 -6.40 -10.82
N ASN A 24 9.44 -5.13 -10.46
CA ASN A 24 9.99 -4.69 -9.18
C ASN A 24 8.87 -4.21 -8.25
N GLY A 25 7.98 -3.37 -8.77
CA GLY A 25 6.88 -2.85 -7.98
C GLY A 25 6.97 -1.36 -7.78
N TYR A 26 6.42 -0.88 -6.66
CA TYR A 26 6.42 0.55 -6.36
C TYR A 26 6.73 0.79 -4.89
N GLU A 27 7.83 1.49 -4.62
CA GLU A 27 8.24 1.78 -3.26
C GLU A 27 7.79 3.17 -2.84
N ASN A 28 7.17 3.27 -1.68
CA ASN A 28 6.69 4.55 -1.17
C ASN A 28 7.84 5.40 -0.65
N PRO A 29 8.09 6.53 -1.32
CA PRO A 29 9.16 7.46 -0.94
C PRO A 29 8.88 8.18 0.37
N THR A 30 7.60 8.49 0.59
CA THR A 30 7.18 9.19 1.81
C THR A 30 7.65 8.44 3.05
N TYR A 31 7.38 7.14 3.10
CA TYR A 31 7.77 6.31 4.24
C TYR A 31 9.18 6.68 4.71
N LYS A 32 10.13 6.67 3.78
CA LYS A 32 11.51 7.00 4.10
C LYS A 32 11.72 8.51 4.11
N PHE A 33 11.10 9.18 5.08
CA PHE A 33 11.22 10.62 5.20
C PHE A 33 11.49 11.03 6.65
N PHE A 34 10.48 10.87 7.51
CA PHE A 34 10.62 11.21 8.91
C PHE A 34 11.53 10.23 9.62
N GLU A 35 11.37 8.95 9.31
CA GLU A 35 12.19 7.90 9.93
C GLU A 35 13.62 8.38 10.14
N GLN A 36 14.12 9.17 9.19
CA GLN A 36 15.48 9.68 9.28
C GLN A 36 15.63 10.62 10.48
N MET A 37 16.42 10.20 11.45
CA MET A 37 16.65 11.00 12.66
C MET A 37 18.10 10.89 13.11
N GLN A 38 18.69 12.02 13.47
CA GLN A 38 20.08 12.04 13.94
C GLN A 38 20.18 12.67 15.32
N ASN A 39 20.06 11.85 16.35
CA ASN A 39 20.14 12.33 17.73
C ASN A 39 20.80 11.28 18.63
N SER A 40 21.31 11.73 19.77
CA SER A 40 21.97 10.85 20.72
C SER A 40 20.96 10.21 21.67
N GLY A 41 19.83 9.79 21.10
CA GLY A 41 18.79 9.16 21.92
C GLY A 41 19.09 7.70 22.21
N PRO A 42 18.92 6.85 21.19
CA PRO A 42 19.16 5.40 21.33
C PRO A 42 20.65 5.08 21.49
N SER A 43 20.97 4.24 22.46
CA SER A 43 22.35 3.85 22.71
C SER A 43 22.42 2.54 23.50
N SER A 44 23.30 1.64 23.06
CA SER A 44 23.45 0.35 23.73
C SER A 44 24.11 0.52 25.09
N GLY A 45 24.10 -0.55 25.88
CA GLY A 45 24.69 -0.50 27.21
C GLY A 45 26.13 -0.03 27.18
N ILE A 46 26.71 0.13 28.36
CA ILE A 46 28.10 0.58 28.47
C ILE A 46 28.81 -0.08 29.65
N GLU A 47 30.05 0.31 29.87
CA GLU A 47 30.84 -0.25 30.97
C GLU A 47 30.17 0.04 32.31
N GLY A 48 30.37 -0.86 33.27
CA GLY A 48 29.79 -0.68 34.59
C GLY A 48 30.19 0.63 35.23
N ARG A 49 31.38 1.12 34.90
CA ARG A 49 31.88 2.38 35.45
C ARG A 49 31.07 3.55 34.91
N GLY A 50 30.26 4.16 35.78
CA GLY A 50 29.46 5.29 35.37
C GLY A 50 28.31 4.89 34.45
N SER A 51 27.09 4.97 34.97
CA SER A 51 25.91 4.61 34.19
C SER A 51 24.72 5.49 34.55
N SER A 52 23.68 5.44 33.74
CA SER A 52 22.49 6.24 33.97
C SER A 52 21.38 5.88 32.98
N GLY A 53 20.18 6.38 33.22
CA GLY A 53 19.06 6.11 32.35
C GLY A 53 17.98 7.17 32.42
N SER A 54 17.24 7.33 31.33
CA SER A 54 16.17 8.32 31.29
C SER A 54 15.21 8.04 30.14
N SER A 55 14.13 8.80 30.06
CA SER A 55 13.14 8.63 29.01
C SER A 55 12.71 9.98 28.43
N GLY A 56 12.01 9.93 27.30
CA GLY A 56 11.56 11.16 26.67
C GLY A 56 10.39 10.92 25.73
N SER A 57 9.62 11.97 25.47
CA SER A 57 8.46 11.88 24.59
C SER A 57 7.87 13.26 24.30
N SER A 58 7.75 13.58 23.02
CA SER A 58 7.21 14.87 22.61
C SER A 58 6.33 14.72 21.36
N GLY A 59 5.36 15.62 21.23
CA GLY A 59 4.47 15.57 20.08
C GLY A 59 4.34 16.92 19.39
N SER A 60 4.10 16.88 18.08
CA SER A 60 3.96 18.11 17.31
C SER A 60 3.47 17.81 15.90
N SER A 61 2.26 18.26 15.58
CA SER A 61 1.68 18.03 14.27
C SER A 61 1.62 19.32 13.46
N GLY A 62 1.38 19.20 12.16
CA GLY A 62 1.31 20.37 11.30
C GLY A 62 -0.05 20.54 10.66
N PRO A 63 -0.35 21.76 10.20
CA PRO A 63 -1.63 22.07 9.56
C PRO A 63 -1.76 21.43 8.18
N THR A 64 -2.94 20.88 7.90
CA THR A 64 -3.19 20.23 6.62
C THR A 64 -4.29 20.94 5.85
N PRO A 65 -4.23 20.87 4.51
CA PRO A 65 -5.23 21.49 3.63
C PRO A 65 -6.58 20.81 3.71
N LYS A 66 -7.64 21.62 3.71
CA LYS A 66 -9.01 21.09 3.78
C LYS A 66 -9.47 20.61 2.41
N THR A 67 -9.10 19.40 2.04
CA THR A 67 -9.48 18.83 0.76
C THR A 67 -10.66 17.87 0.91
N GLU A 68 -11.61 17.97 -0.02
CA GLU A 68 -12.79 17.10 0.02
C GLU A 68 -12.80 16.16 -1.18
N LEU A 69 -11.62 15.93 -1.76
CA LEU A 69 -11.50 15.03 -2.91
C LEU A 69 -11.35 13.59 -2.46
N VAL A 70 -11.97 12.67 -3.20
CA VAL A 70 -11.91 11.25 -2.88
C VAL A 70 -12.33 10.40 -4.07
N GLN A 71 -11.61 9.31 -4.29
CA GLN A 71 -11.91 8.41 -5.41
C GLN A 71 -12.34 7.04 -4.89
N LYS A 72 -13.55 6.61 -5.26
CA LYS A 72 -14.07 5.32 -4.83
C LYS A 72 -13.97 4.31 -5.97
N PHE A 73 -13.19 3.25 -5.75
CA PHE A 73 -13.02 2.20 -6.74
C PHE A 73 -13.67 0.90 -6.29
N ARG A 74 -14.19 0.14 -7.24
CA ARG A 74 -14.85 -1.13 -6.94
C ARG A 74 -13.83 -2.27 -6.93
N VAL A 75 -13.68 -2.90 -5.77
CA VAL A 75 -12.75 -4.01 -5.61
C VAL A 75 -13.21 -4.97 -4.53
N GLN A 76 -12.49 -6.09 -4.39
CA GLN A 76 -12.83 -7.09 -3.39
C GLN A 76 -11.76 -7.14 -2.30
N TYR A 77 -12.11 -7.75 -1.17
CA TYR A 77 -11.18 -7.87 -0.05
C TYR A 77 -11.00 -9.33 0.36
N LEU A 78 -9.87 -9.91 -0.03
CA LEU A 78 -9.58 -11.30 0.29
C LEU A 78 -9.37 -11.48 1.80
N GLY A 79 -8.52 -10.64 2.37
CA GLY A 79 -8.24 -10.72 3.79
C GLY A 79 -6.86 -10.24 4.15
N MET A 80 -6.56 -10.22 5.45
CA MET A 80 -5.24 -9.78 5.92
C MET A 80 -4.23 -10.91 5.86
N LEU A 81 -3.10 -10.66 5.19
CA LEU A 81 -2.05 -11.66 5.06
C LEU A 81 -0.69 -11.07 5.39
N PRO A 82 -0.09 -11.54 6.49
CA PRO A 82 1.22 -11.07 6.94
C PRO A 82 2.34 -11.53 6.02
N VAL A 83 3.35 -10.68 5.86
CA VAL A 83 4.49 -11.00 5.01
C VAL A 83 5.77 -11.10 5.82
N ASP A 84 6.79 -11.72 5.23
CA ASP A 84 8.08 -11.88 5.90
C ASP A 84 8.91 -10.61 5.80
N ARG A 85 8.85 -9.94 4.65
CA ARG A 85 9.59 -8.72 4.43
C ARG A 85 8.65 -7.55 4.11
N PRO A 86 9.06 -6.34 4.48
CA PRO A 86 8.28 -5.12 4.24
C PRO A 86 8.20 -4.76 2.77
N VAL A 87 9.22 -5.16 2.01
CA VAL A 87 9.27 -4.87 0.58
C VAL A 87 9.59 -6.13 -0.22
N GLY A 88 9.49 -6.02 -1.54
CA GLY A 88 9.77 -7.16 -2.40
C GLY A 88 8.52 -7.71 -3.05
N MET A 89 8.65 -8.13 -4.31
CA MET A 89 7.52 -8.68 -5.05
C MET A 89 7.22 -10.11 -4.61
N ASP A 90 8.19 -10.99 -4.78
CA ASP A 90 8.04 -12.39 -4.40
C ASP A 90 7.25 -12.51 -3.10
N THR A 91 7.61 -11.71 -2.11
CA THR A 91 6.94 -11.73 -0.81
C THR A 91 5.50 -11.24 -0.94
N LEU A 92 5.30 -10.16 -1.67
CA LEU A 92 3.97 -9.59 -1.86
C LEU A 92 3.07 -10.57 -2.60
N ASN A 93 3.50 -11.01 -3.78
CA ASN A 93 2.73 -11.95 -4.58
C ASN A 93 2.38 -13.19 -3.76
N SER A 94 3.36 -13.71 -3.03
CA SER A 94 3.15 -14.90 -2.20
C SER A 94 1.87 -14.78 -1.38
N ALA A 95 1.71 -13.64 -0.71
CA ALA A 95 0.53 -13.39 0.11
C ALA A 95 -0.74 -13.60 -0.69
N ILE A 96 -0.81 -12.99 -1.87
CA ILE A 96 -1.98 -13.12 -2.73
C ILE A 96 -2.46 -14.57 -2.80
N GLU A 97 -1.55 -15.47 -3.14
CA GLU A 97 -1.88 -16.89 -3.24
C GLU A 97 -2.37 -17.42 -1.89
N ASN A 98 -1.64 -17.11 -0.83
CA ASN A 98 -2.01 -17.56 0.51
C ASN A 98 -3.50 -17.38 0.76
N LEU A 99 -4.02 -16.22 0.35
CA LEU A 99 -5.44 -15.92 0.53
C LEU A 99 -6.28 -16.56 -0.58
N MET A 100 -5.85 -16.35 -1.82
CA MET A 100 -6.56 -16.91 -2.97
C MET A 100 -6.97 -18.35 -2.72
N THR A 101 -6.07 -19.12 -2.11
CA THR A 101 -6.34 -20.51 -1.80
C THR A 101 -7.19 -20.65 -0.54
N SER A 102 -7.05 -19.69 0.37
CA SER A 102 -7.79 -19.71 1.62
C SER A 102 -9.28 -19.47 1.37
N SER A 103 -9.59 -18.43 0.61
CA SER A 103 -10.98 -18.09 0.29
C SER A 103 -11.22 -18.14 -1.22
N SER A 104 -12.49 -18.15 -1.60
CA SER A 104 -12.86 -18.20 -3.01
C SER A 104 -13.00 -16.80 -3.59
N LYS A 105 -12.97 -16.71 -4.92
CA LYS A 105 -13.10 -15.43 -5.61
C LYS A 105 -14.38 -14.72 -5.20
N GLU A 106 -15.44 -15.49 -5.00
CA GLU A 106 -16.74 -14.93 -4.62
C GLU A 106 -16.74 -14.56 -3.13
N ASP A 107 -16.23 -15.46 -2.31
CA ASP A 107 -16.18 -15.25 -0.87
C ASP A 107 -15.79 -13.80 -0.56
N TRP A 108 -14.82 -13.29 -1.31
CA TRP A 108 -14.35 -11.92 -1.11
C TRP A 108 -15.50 -10.93 -1.21
N PRO A 109 -15.80 -10.26 -0.08
CA PRO A 109 -16.88 -9.26 -0.02
C PRO A 109 -16.57 -8.00 -0.80
N SER A 110 -17.36 -7.75 -1.84
CA SER A 110 -17.16 -6.57 -2.68
C SER A 110 -16.98 -5.31 -1.82
N VAL A 111 -15.76 -4.78 -1.81
CA VAL A 111 -15.46 -3.58 -1.04
C VAL A 111 -15.16 -2.40 -1.94
N ASN A 112 -15.06 -1.22 -1.36
CA ASN A 112 -14.76 -0.01 -2.11
C ASN A 112 -13.50 0.68 -1.59
N MET A 113 -12.61 1.05 -2.51
CA MET A 113 -11.37 1.71 -2.14
C MET A 113 -11.58 3.21 -2.01
N ASN A 114 -11.61 3.69 -0.76
CA ASN A 114 -11.81 5.11 -0.50
C ASN A 114 -10.47 5.82 -0.34
N VAL A 115 -10.00 6.45 -1.41
CA VAL A 115 -8.73 7.17 -1.39
C VAL A 115 -8.95 8.67 -1.27
N ALA A 116 -8.39 9.26 -0.22
CA ALA A 116 -8.53 10.69 0.02
C ALA A 116 -7.41 11.21 0.93
N ASP A 117 -6.96 12.42 0.67
CA ASP A 117 -5.90 13.03 1.47
C ASP A 117 -4.79 12.02 1.75
N ALA A 118 -4.41 11.27 0.73
CA ALA A 118 -3.36 10.27 0.87
C ALA A 118 -3.71 9.24 1.95
N THR A 119 -4.97 8.84 1.97
CA THR A 119 -5.45 7.87 2.95
C THR A 119 -6.28 6.78 2.29
N VAL A 120 -5.76 5.56 2.30
CA VAL A 120 -6.46 4.42 1.71
C VAL A 120 -7.39 3.75 2.71
N THR A 121 -8.68 3.96 2.56
CA THR A 121 -9.66 3.37 3.45
C THR A 121 -10.64 2.48 2.70
N VAL A 122 -10.70 1.21 3.07
CA VAL A 122 -11.58 0.25 2.43
C VAL A 122 -12.98 0.31 3.04
N ILE A 123 -13.89 0.99 2.35
CA ILE A 123 -15.27 1.13 2.81
C ILE A 123 -16.17 0.13 2.12
N SER A 124 -17.06 -0.50 2.89
CA SER A 124 -17.99 -1.48 2.36
C SER A 124 -18.74 -0.92 1.16
N GLU A 125 -19.19 -1.82 0.28
CA GLU A 125 -19.92 -1.41 -0.92
C GLU A 125 -21.08 -0.49 -0.56
N LYS A 126 -21.87 -0.89 0.44
CA LYS A 126 -23.01 -0.10 0.88
C LYS A 126 -22.68 0.67 2.15
N ASN A 127 -22.49 -0.05 3.24
CA ASN A 127 -22.17 0.56 4.52
C ASN A 127 -21.02 1.55 4.38
N GLU A 128 -21.28 2.82 4.67
CA GLU A 128 -20.27 3.85 4.57
C GLU A 128 -19.47 3.96 5.88
N GLU A 129 -20.13 3.70 6.99
CA GLU A 129 -19.50 3.77 8.30
C GLU A 129 -18.98 2.40 8.72
N GLU A 130 -18.39 1.67 7.77
CA GLU A 130 -17.86 0.34 8.06
C GLU A 130 -16.34 0.38 8.15
N VAL A 131 -15.73 1.31 7.42
CA VAL A 131 -14.28 1.44 7.42
C VAL A 131 -13.60 0.11 7.70
N LEU A 132 -14.05 -0.93 7.02
CA LEU A 132 -13.48 -2.27 7.19
C LEU A 132 -11.99 -2.19 7.48
N VAL A 133 -11.28 -1.40 6.68
CA VAL A 133 -9.84 -1.24 6.85
C VAL A 133 -9.43 0.21 6.68
N GLU A 134 -8.58 0.70 7.59
CA GLU A 134 -8.10 2.07 7.53
C GLU A 134 -6.59 2.12 7.36
N CYS A 135 -6.14 2.49 6.16
CA CYS A 135 -4.72 2.58 5.88
C CYS A 135 -4.33 3.99 5.43
N ARG A 136 -3.15 4.43 5.82
CA ARG A 136 -2.67 5.76 5.45
C ARG A 136 -1.36 5.67 4.69
N VAL A 137 -1.35 6.21 3.47
CA VAL A 137 -0.16 6.19 2.63
C VAL A 137 1.10 6.36 3.46
N ARG A 138 1.12 7.39 4.31
CA ARG A 138 2.27 7.66 5.15
C ARG A 138 2.79 6.38 5.81
N PHE A 139 1.86 5.57 6.33
CA PHE A 139 2.22 4.32 6.98
C PHE A 139 2.68 3.28 5.95
N LEU A 140 2.02 3.27 4.79
CA LEU A 140 2.36 2.34 3.74
C LEU A 140 3.87 2.31 3.50
N SER A 141 4.42 1.11 3.36
CA SER A 141 5.86 0.95 3.14
C SER A 141 6.13 0.55 1.70
N PHE A 142 5.36 -0.41 1.19
CA PHE A 142 5.52 -0.88 -0.18
C PHE A 142 4.23 -1.49 -0.70
N MET A 143 4.11 -1.59 -2.02
CA MET A 143 2.92 -2.15 -2.65
C MET A 143 3.21 -2.58 -4.08
N GLY A 144 2.48 -3.59 -4.55
CA GLY A 144 2.68 -4.08 -5.90
C GLY A 144 1.52 -4.93 -6.39
N VAL A 145 1.68 -5.55 -7.56
CA VAL A 145 0.64 -6.38 -8.14
C VAL A 145 1.09 -7.83 -8.23
N GLY A 146 0.13 -8.75 -8.19
CA GLY A 146 0.45 -10.17 -8.28
C GLY A 146 0.73 -10.61 -9.69
N LYS A 147 0.94 -11.91 -9.87
CA LYS A 147 1.22 -12.47 -11.19
C LYS A 147 0.24 -11.93 -12.23
N ASP A 148 -0.96 -11.57 -11.76
CA ASP A 148 -1.99 -11.03 -12.65
C ASP A 148 -2.40 -9.63 -12.22
N VAL A 149 -2.21 -8.67 -13.11
CA VAL A 149 -2.57 -7.28 -12.84
C VAL A 149 -3.86 -7.19 -12.03
N HIS A 150 -4.83 -8.02 -12.41
CA HIS A 150 -6.12 -8.05 -11.72
C HIS A 150 -5.93 -7.97 -10.21
N THR A 151 -5.02 -8.79 -9.69
CA THR A 151 -4.73 -8.81 -8.26
C THR A 151 -3.83 -7.66 -7.85
N PHE A 152 -4.28 -6.89 -6.87
CA PHE A 152 -3.50 -5.74 -6.38
C PHE A 152 -3.38 -5.78 -4.86
N ALA A 153 -2.17 -5.99 -4.38
CA ALA A 153 -1.92 -6.04 -2.94
C ALA A 153 -0.93 -4.95 -2.52
N PHE A 154 -0.97 -4.60 -1.24
CA PHE A 154 -0.08 -3.57 -0.71
C PHE A 154 0.31 -3.88 0.73
N ILE A 155 1.54 -3.56 1.08
CA ILE A 155 2.05 -3.80 2.43
C ILE A 155 1.95 -2.56 3.30
N MET A 156 1.43 -2.72 4.51
CA MET A 156 1.28 -1.60 5.44
C MET A 156 1.72 -2.00 6.85
N ASP A 157 1.89 -1.01 7.71
CA ASP A 157 2.29 -1.25 9.08
C ASP A 157 1.13 -1.01 10.05
N THR A 158 0.86 -1.99 10.90
CA THR A 158 -0.23 -1.88 11.87
C THR A 158 0.32 -1.60 13.27
N GLY A 159 1.59 -1.92 13.48
CA GLY A 159 2.21 -1.69 14.78
C GLY A 159 3.12 -2.83 15.20
N ASN A 160 3.94 -2.59 16.21
CA ASN A 160 4.87 -3.60 16.70
C ASN A 160 5.85 -4.02 15.60
N GLN A 161 6.20 -3.07 14.74
CA GLN A 161 7.12 -3.33 13.64
C GLN A 161 6.63 -4.49 12.78
N ARG A 162 5.31 -4.62 12.67
CA ARG A 162 4.71 -5.69 11.88
C ARG A 162 4.31 -5.17 10.50
N PHE A 163 4.41 -6.04 9.50
CA PHE A 163 4.06 -5.67 8.13
C PHE A 163 3.04 -6.65 7.55
N GLU A 164 1.84 -6.14 7.25
CA GLU A 164 0.79 -6.97 6.69
C GLU A 164 0.54 -6.61 5.22
N CYS A 165 -0.02 -7.57 4.48
CA CYS A 165 -0.30 -7.36 3.07
C CYS A 165 -1.78 -7.59 2.77
N HIS A 166 -2.46 -6.54 2.32
CA HIS A 166 -3.89 -6.63 2.00
C HIS A 166 -4.10 -6.77 0.50
N VAL A 167 -4.74 -7.86 0.10
CA VAL A 167 -5.01 -8.11 -1.31
C VAL A 167 -6.38 -7.58 -1.71
N PHE A 168 -6.49 -7.15 -2.97
CA PHE A 168 -7.74 -6.60 -3.49
C PHE A 168 -7.87 -6.87 -4.98
N TRP A 169 -9.04 -7.32 -5.40
CA TRP A 169 -9.30 -7.60 -6.80
C TRP A 169 -9.84 -6.37 -7.53
N CYS A 170 -9.17 -5.99 -8.60
CA CYS A 170 -9.58 -4.81 -9.38
C CYS A 170 -10.14 -5.23 -10.72
N GLU A 171 -11.00 -4.38 -11.30
CA GLU A 171 -11.62 -4.68 -12.59
C GLU A 171 -11.86 -3.39 -13.36
N PRO A 172 -11.56 -3.41 -14.68
CA PRO A 172 -11.01 -4.59 -15.33
C PRO A 172 -9.58 -4.90 -14.88
N ASN A 173 -8.74 -3.87 -14.88
CA ASN A 173 -7.35 -4.03 -14.47
C ASN A 173 -7.00 -3.06 -13.35
N ALA A 174 -5.96 -3.40 -12.59
CA ALA A 174 -5.52 -2.56 -11.48
C ALA A 174 -4.66 -1.40 -11.98
N ALA A 175 -5.08 -0.78 -13.09
CA ALA A 175 -4.36 0.34 -13.67
C ALA A 175 -4.78 1.65 -13.03
N ASN A 176 -6.09 1.93 -13.07
CA ASN A 176 -6.62 3.17 -12.50
C ASN A 176 -6.42 3.19 -10.99
N VAL A 177 -6.60 2.04 -10.34
CA VAL A 177 -6.44 1.93 -8.90
C VAL A 177 -4.99 2.12 -8.49
N SER A 178 -4.10 1.36 -9.11
CA SER A 178 -2.67 1.44 -8.81
C SER A 178 -2.14 2.85 -9.10
N GLU A 179 -2.72 3.49 -10.11
CA GLU A 179 -2.29 4.83 -10.50
C GLU A 179 -2.82 5.86 -9.50
N ALA A 180 -4.11 5.79 -9.20
CA ALA A 180 -4.73 6.72 -8.26
C ALA A 180 -4.04 6.68 -6.91
N VAL A 181 -3.98 5.50 -6.30
CA VAL A 181 -3.34 5.34 -5.01
C VAL A 181 -1.91 5.83 -5.04
N GLN A 182 -1.21 5.57 -6.13
CA GLN A 182 0.18 6.00 -6.28
C GLN A 182 0.30 7.51 -6.12
N ALA A 183 -0.42 8.25 -6.96
CA ALA A 183 -0.40 9.71 -6.91
C ALA A 183 -0.35 10.21 -5.47
N ALA A 184 -1.24 9.68 -4.64
CA ALA A 184 -1.30 10.07 -3.24
C ALA A 184 0.10 10.16 -2.62
N CYS A 185 0.94 9.19 -2.95
CA CYS A 185 2.31 9.16 -2.43
C CYS A 185 2.99 10.51 -2.64
N GLY A 1 -6.35 -20.17 -9.69
CA GLY A 1 -5.50 -19.48 -10.63
C GLY A 1 -5.60 -20.06 -12.03
N SER A 2 -5.85 -19.19 -13.01
CA SER A 2 -5.97 -19.62 -14.39
C SER A 2 -5.04 -18.80 -15.30
N SER A 3 -4.31 -19.50 -16.17
CA SER A 3 -3.39 -18.84 -17.09
C SER A 3 -4.15 -18.08 -18.17
N GLY A 4 -3.51 -17.05 -18.72
CA GLY A 4 -4.13 -16.26 -19.76
C GLY A 4 -3.30 -16.18 -21.02
N SER A 5 -3.90 -15.70 -22.10
CA SER A 5 -3.20 -15.60 -23.38
C SER A 5 -2.88 -14.14 -23.70
N SER A 6 -1.60 -13.85 -23.93
CA SER A 6 -1.16 -12.49 -24.23
C SER A 6 -0.27 -12.48 -25.47
N GLY A 7 -0.35 -11.40 -26.24
CA GLY A 7 0.45 -11.29 -27.44
C GLY A 7 -0.22 -10.47 -28.53
N ASP A 8 -0.30 -9.17 -28.33
CA ASP A 8 -0.93 -8.28 -29.29
C ASP A 8 0.12 -7.54 -30.11
N ALA A 9 -0.31 -6.94 -31.22
CA ALA A 9 0.58 -6.19 -32.09
C ALA A 9 1.04 -4.89 -31.44
N ALA A 10 0.08 -4.16 -30.87
CA ALA A 10 0.38 -2.90 -30.21
C ALA A 10 0.11 -2.97 -28.71
N VAL A 11 1.09 -2.58 -27.91
CA VAL A 11 0.95 -2.62 -26.46
C VAL A 11 0.25 -1.36 -25.95
N THR A 12 -0.60 -1.53 -24.95
CA THR A 12 -1.33 -0.42 -24.37
C THR A 12 -0.48 0.34 -23.37
N PRO A 13 -0.74 1.65 -23.23
CA PRO A 13 0.00 2.52 -22.32
C PRO A 13 -0.33 2.22 -20.85
N GLU A 14 -1.38 1.45 -20.63
CA GLU A 14 -1.80 1.08 -19.29
C GLU A 14 -1.10 -0.20 -18.83
N GLU A 15 -1.05 -1.19 -19.72
CA GLU A 15 -0.41 -2.46 -19.41
C GLU A 15 1.04 -2.25 -18.99
N ARG A 16 1.79 -1.55 -19.82
CA ARG A 16 3.20 -1.28 -19.54
C ARG A 16 3.39 -0.87 -18.08
N HIS A 17 2.81 0.26 -17.69
CA HIS A 17 2.92 0.74 -16.33
C HIS A 17 2.82 -0.40 -15.32
N LEU A 18 1.87 -1.31 -15.57
CA LEU A 18 1.68 -2.45 -14.68
C LEU A 18 2.84 -3.44 -14.80
N SER A 19 3.13 -3.86 -16.02
CA SER A 19 4.22 -4.81 -16.28
C SER A 19 5.40 -4.51 -15.36
N LYS A 20 5.77 -3.24 -15.26
CA LYS A 20 6.89 -2.83 -14.42
C LYS A 20 6.63 -3.18 -12.96
N MET A 21 5.42 -2.91 -12.49
CA MET A 21 5.05 -3.20 -11.11
C MET A 21 5.27 -4.67 -10.79
N GLN A 22 5.02 -5.53 -11.76
CA GLN A 22 5.19 -6.97 -11.59
C GLN A 22 6.65 -7.31 -11.27
N GLN A 23 7.56 -6.77 -12.07
CA GLN A 23 8.99 -7.01 -11.87
C GLN A 23 9.35 -6.93 -10.40
N ASN A 24 9.33 -5.71 -9.85
CA ASN A 24 9.66 -5.50 -8.45
C ASN A 24 8.58 -4.69 -7.75
N GLY A 25 7.95 -3.78 -8.50
CA GLY A 25 6.89 -2.96 -7.93
C GLY A 25 7.27 -1.50 -7.89
N TYR A 26 6.54 -0.72 -7.09
CA TYR A 26 6.81 0.71 -6.97
C TYR A 26 6.91 1.12 -5.50
N GLU A 27 8.14 1.16 -5.00
CA GLU A 27 8.38 1.53 -3.61
C GLU A 27 7.73 2.88 -3.28
N ASN A 28 7.38 3.07 -2.02
CA ASN A 28 6.75 4.31 -1.57
C ASN A 28 7.78 5.24 -0.94
N PRO A 29 8.07 6.36 -1.61
CA PRO A 29 9.03 7.35 -1.12
C PRO A 29 8.51 8.11 0.10
N THR A 30 7.26 8.55 0.03
CA THR A 30 6.64 9.28 1.12
C THR A 30 7.11 8.75 2.47
N TYR A 31 7.13 7.43 2.61
CA TYR A 31 7.56 6.80 3.84
C TYR A 31 9.06 7.01 4.09
N LYS A 32 9.86 6.65 3.10
CA LYS A 32 11.31 6.80 3.21
C LYS A 32 11.73 8.24 2.87
N PHE A 33 11.02 9.20 3.45
CA PHE A 33 11.31 10.61 3.20
C PHE A 33 12.09 11.21 4.38
N PHE A 34 11.59 10.97 5.59
CA PHE A 34 12.24 11.48 6.79
C PHE A 34 13.25 10.48 7.34
N GLU A 35 14.03 9.89 6.45
CA GLU A 35 15.04 8.91 6.84
C GLU A 35 16.36 9.59 7.15
N GLN A 36 16.29 10.71 7.87
CA GLN A 36 17.49 11.46 8.24
C GLN A 36 18.23 10.77 9.38
N MET A 37 19.20 9.95 9.03
CA MET A 37 19.99 9.22 10.03
C MET A 37 20.34 10.14 11.20
N GLN A 38 19.60 9.99 12.29
CA GLN A 38 19.83 10.80 13.49
C GLN A 38 20.94 10.20 14.34
N ASN A 39 22.16 10.65 14.11
CA ASN A 39 23.31 10.16 14.86
C ASN A 39 23.19 10.50 16.34
N SER A 40 22.76 9.52 17.13
CA SER A 40 22.60 9.71 18.57
C SER A 40 23.95 9.75 19.28
N GLY A 41 24.55 10.93 19.31
CA GLY A 41 25.83 11.09 19.95
C GLY A 41 25.75 10.97 21.46
N PRO A 42 26.92 10.92 22.12
CA PRO A 42 26.99 10.80 23.58
C PRO A 42 26.54 12.07 24.29
N SER A 43 25.81 11.91 25.38
CA SER A 43 25.32 13.05 26.15
C SER A 43 25.90 13.04 27.56
N SER A 44 25.59 14.08 28.32
CA SER A 44 26.08 14.21 29.69
C SER A 44 24.94 14.05 30.69
N GLY A 45 25.21 13.32 31.77
CA GLY A 45 24.20 13.10 32.79
C GLY A 45 24.77 13.15 34.19
N ILE A 46 25.40 14.25 34.54
CA ILE A 46 26.00 14.42 35.86
C ILE A 46 25.28 15.50 36.66
N GLU A 47 24.69 15.10 37.79
CA GLU A 47 23.98 16.04 38.64
C GLU A 47 24.69 16.23 39.97
N GLY A 48 24.65 17.46 40.49
CA GLY A 48 25.31 17.74 41.76
C GLY A 48 24.43 17.44 42.95
N ARG A 49 23.25 18.05 42.98
CA ARG A 49 22.32 17.83 44.08
C ARG A 49 20.90 18.27 43.69
N GLY A 50 19.91 17.83 44.45
CA GLY A 50 18.54 18.19 44.16
C GLY A 50 17.98 17.45 42.95
N SER A 51 17.54 18.22 41.95
CA SER A 51 16.98 17.64 40.74
C SER A 51 15.83 16.70 41.07
N SER A 52 14.97 17.13 41.99
CA SER A 52 13.82 16.33 42.41
C SER A 52 12.57 16.77 41.66
N GLY A 53 12.28 16.11 40.55
CA GLY A 53 11.10 16.45 39.77
C GLY A 53 10.96 15.59 38.53
N SER A 54 9.76 15.57 37.96
CA SER A 54 9.49 14.77 36.77
C SER A 54 8.83 15.62 35.69
N SER A 55 8.66 15.03 34.51
CA SER A 55 8.05 15.72 33.38
C SER A 55 7.46 14.74 32.39
N GLY A 56 6.78 15.27 31.37
CA GLY A 56 6.17 14.42 30.36
C GLY A 56 5.57 15.21 29.22
N SER A 57 5.15 14.50 28.17
CA SER A 57 4.56 15.15 27.01
C SER A 57 3.06 14.87 26.92
N SER A 58 2.33 15.74 26.25
CA SER A 58 0.89 15.58 26.10
C SER A 58 0.52 15.38 24.63
N GLY A 59 1.29 14.57 23.94
CA GLY A 59 1.03 14.29 22.53
C GLY A 59 1.12 15.55 21.68
N SER A 60 0.71 15.44 20.42
CA SER A 60 0.75 16.57 19.50
C SER A 60 -0.27 16.39 18.37
N SER A 61 -0.93 17.49 18.02
CA SER A 61 -1.94 17.46 16.96
C SER A 61 -1.56 18.40 15.82
N GLY A 62 -2.11 18.16 14.64
CA GLY A 62 -1.82 19.00 13.49
C GLY A 62 -3.07 19.33 12.70
N PRO A 63 -3.11 20.55 12.14
CA PRO A 63 -4.25 21.02 11.35
C PRO A 63 -4.35 20.30 10.01
N THR A 64 -5.10 19.20 9.98
CA THR A 64 -5.27 18.43 8.76
C THR A 64 -5.92 19.26 7.67
N PRO A 65 -5.51 19.03 6.42
CA PRO A 65 -6.04 19.75 5.26
C PRO A 65 -7.48 19.37 4.94
N LYS A 66 -8.29 20.36 4.63
CA LYS A 66 -9.71 20.13 4.31
C LYS A 66 -9.85 19.54 2.90
N THR A 67 -10.80 18.62 2.75
CA THR A 67 -11.04 17.99 1.46
C THR A 67 -12.53 17.80 1.21
N GLU A 68 -12.95 18.01 -0.03
CA GLU A 68 -14.36 17.87 -0.40
C GLU A 68 -14.53 16.83 -1.50
N LEU A 69 -13.40 16.32 -2.02
CA LEU A 69 -13.43 15.33 -3.09
C LEU A 69 -12.78 14.03 -2.62
N VAL A 70 -13.19 12.91 -3.23
CA VAL A 70 -12.65 11.61 -2.88
C VAL A 70 -12.89 10.60 -4.01
N GLN A 71 -11.89 9.76 -4.25
CA GLN A 71 -11.99 8.75 -5.30
C GLN A 71 -12.40 7.40 -4.73
N LYS A 72 -13.56 6.91 -5.16
CA LYS A 72 -14.07 5.63 -4.68
C LYS A 72 -14.00 4.58 -5.79
N PHE A 73 -13.23 3.52 -5.54
CA PHE A 73 -13.08 2.45 -6.52
C PHE A 73 -13.75 1.17 -6.02
N ARG A 74 -14.21 0.35 -6.96
CA ARG A 74 -14.87 -0.91 -6.61
C ARG A 74 -13.89 -2.08 -6.68
N VAL A 75 -13.77 -2.81 -5.57
CA VAL A 75 -12.86 -3.95 -5.51
C VAL A 75 -13.35 -4.98 -4.49
N GLN A 76 -12.60 -6.07 -4.35
CA GLN A 76 -12.96 -7.12 -3.41
C GLN A 76 -11.87 -7.30 -2.35
N TYR A 77 -12.26 -7.83 -1.19
CA TYR A 77 -11.32 -8.04 -0.10
C TYR A 77 -11.04 -9.53 0.09
N LEU A 78 -9.82 -9.95 -0.21
CA LEU A 78 -9.43 -11.34 -0.08
C LEU A 78 -9.23 -11.70 1.39
N GLY A 79 -8.29 -11.02 2.04
CA GLY A 79 -8.02 -11.28 3.44
C GLY A 79 -6.75 -10.60 3.92
N MET A 80 -6.46 -10.73 5.21
CA MET A 80 -5.28 -10.11 5.79
C MET A 80 -4.15 -11.13 5.92
N LEU A 81 -3.17 -11.03 5.02
CA LEU A 81 -2.03 -11.95 5.02
C LEU A 81 -0.74 -11.22 5.36
N PRO A 82 -0.14 -11.56 6.51
CA PRO A 82 1.10 -10.95 6.98
C PRO A 82 2.30 -11.35 6.12
N VAL A 83 3.22 -10.40 5.92
CA VAL A 83 4.42 -10.66 5.12
C VAL A 83 5.66 -10.75 6.00
N ASP A 84 6.79 -11.07 5.39
CA ASP A 84 8.04 -11.18 6.11
C ASP A 84 8.91 -9.94 5.89
N ARG A 85 8.75 -9.31 4.73
CA ARG A 85 9.52 -8.12 4.39
C ARG A 85 8.59 -6.95 4.06
N PRO A 86 9.06 -5.73 4.34
CA PRO A 86 8.30 -4.51 4.07
C PRO A 86 8.15 -4.22 2.58
N VAL A 87 9.08 -4.74 1.79
CA VAL A 87 9.06 -4.55 0.34
C VAL A 87 9.41 -5.84 -0.39
N GLY A 88 9.23 -5.83 -1.71
CA GLY A 88 9.54 -7.01 -2.51
C GLY A 88 8.29 -7.68 -3.04
N MET A 89 8.38 -8.21 -4.26
CA MET A 89 7.25 -8.88 -4.88
C MET A 89 7.11 -10.31 -4.36
N ASP A 90 8.17 -11.10 -4.51
CA ASP A 90 8.16 -12.48 -4.05
C ASP A 90 7.43 -12.61 -2.72
N THR A 91 7.58 -11.60 -1.87
CA THR A 91 6.95 -11.60 -0.56
C THR A 91 5.48 -11.19 -0.66
N LEU A 92 5.23 -10.08 -1.36
CA LEU A 92 3.88 -9.57 -1.54
C LEU A 92 2.99 -10.62 -2.21
N ASN A 93 3.42 -11.11 -3.36
CA ASN A 93 2.66 -12.13 -4.09
C ASN A 93 2.26 -13.28 -3.18
N SER A 94 3.25 -13.84 -2.49
CA SER A 94 3.00 -14.96 -1.57
C SER A 94 1.65 -14.80 -0.86
N ALA A 95 1.40 -13.59 -0.36
CA ALA A 95 0.16 -13.29 0.33
C ALA A 95 -1.05 -13.53 -0.57
N ILE A 96 -1.03 -12.90 -1.75
CA ILE A 96 -2.12 -13.04 -2.70
C ILE A 96 -2.55 -14.50 -2.84
N GLU A 97 -1.60 -15.35 -3.23
CA GLU A 97 -1.88 -16.77 -3.40
C GLU A 97 -2.47 -17.37 -2.12
N ASN A 98 -1.86 -17.06 -0.99
CA ASN A 98 -2.33 -17.56 0.30
C ASN A 98 -3.84 -17.44 0.42
N LEU A 99 -4.33 -16.20 0.48
CA LEU A 99 -5.76 -15.96 0.60
C LEU A 99 -6.51 -16.54 -0.59
N MET A 100 -5.93 -16.39 -1.78
CA MET A 100 -6.54 -16.90 -3.00
C MET A 100 -6.96 -18.36 -2.83
N THR A 101 -6.11 -19.14 -2.17
CA THR A 101 -6.39 -20.55 -1.94
C THR A 101 -7.20 -20.75 -0.66
N SER A 102 -7.22 -19.73 0.19
CA SER A 102 -7.96 -19.79 1.45
C SER A 102 -9.45 -19.62 1.21
N SER A 103 -9.80 -18.64 0.37
CA SER A 103 -11.20 -18.37 0.05
C SER A 103 -11.43 -18.40 -1.46
N SER A 104 -12.65 -18.08 -1.87
CA SER A 104 -13.01 -18.08 -3.28
C SER A 104 -13.21 -16.65 -3.79
N LYS A 105 -13.24 -16.48 -5.10
CA LYS A 105 -13.43 -15.17 -5.71
C LYS A 105 -14.73 -14.53 -5.23
N GLU A 106 -15.79 -15.33 -5.19
CA GLU A 106 -17.09 -14.83 -4.75
C GLU A 106 -17.10 -14.57 -3.25
N ASP A 107 -16.46 -15.46 -2.49
CA ASP A 107 -16.39 -15.33 -1.05
C ASP A 107 -15.97 -13.92 -0.65
N TRP A 108 -15.06 -13.33 -1.41
CA TRP A 108 -14.58 -11.98 -1.14
C TRP A 108 -15.74 -10.98 -1.18
N PRO A 109 -15.95 -10.30 -0.04
CA PRO A 109 -17.02 -9.30 0.08
C PRO A 109 -16.74 -8.05 -0.74
N SER A 110 -17.76 -7.57 -1.45
CA SER A 110 -17.61 -6.38 -2.29
C SER A 110 -17.32 -5.15 -1.42
N VAL A 111 -16.16 -4.55 -1.64
CA VAL A 111 -15.75 -3.36 -0.89
C VAL A 111 -15.37 -2.22 -1.82
N ASN A 112 -15.11 -1.05 -1.24
CA ASN A 112 -14.74 0.12 -2.03
C ASN A 112 -13.47 0.77 -1.46
N MET A 113 -12.57 1.17 -2.35
CA MET A 113 -11.33 1.81 -1.94
C MET A 113 -11.50 3.31 -1.81
N ASN A 114 -11.65 3.78 -0.57
CA ASN A 114 -11.83 5.20 -0.31
C ASN A 114 -10.49 5.93 -0.28
N VAL A 115 -10.12 6.51 -1.41
CA VAL A 115 -8.85 7.24 -1.52
C VAL A 115 -9.07 8.75 -1.35
N ALA A 116 -8.79 9.25 -0.16
CA ALA A 116 -8.95 10.68 0.12
C ALA A 116 -7.86 11.16 1.08
N ASP A 117 -7.16 12.21 0.66
CA ASP A 117 -6.09 12.78 1.49
C ASP A 117 -4.98 11.75 1.73
N ALA A 118 -4.52 11.12 0.66
CA ALA A 118 -3.46 10.13 0.76
C ALA A 118 -3.79 9.08 1.81
N THR A 119 -5.06 8.71 1.91
CA THR A 119 -5.50 7.73 2.88
C THR A 119 -6.31 6.61 2.21
N VAL A 120 -5.77 5.40 2.23
CA VAL A 120 -6.44 4.26 1.63
C VAL A 120 -7.28 3.51 2.65
N THR A 121 -8.59 3.72 2.60
CA THR A 121 -9.51 3.06 3.52
C THR A 121 -10.49 2.16 2.78
N VAL A 122 -10.55 0.89 3.18
CA VAL A 122 -11.45 -0.06 2.56
C VAL A 122 -12.82 -0.05 3.22
N ILE A 123 -13.76 0.67 2.61
CA ILE A 123 -15.12 0.76 3.15
C ILE A 123 -16.03 -0.27 2.50
N SER A 124 -16.78 -0.99 3.34
CA SER A 124 -17.70 -2.02 2.85
C SER A 124 -18.75 -1.41 1.91
N GLU A 125 -18.97 -2.07 0.78
CA GLU A 125 -19.94 -1.59 -0.20
C GLU A 125 -21.30 -1.35 0.45
N LYS A 126 -21.73 -2.31 1.26
CA LYS A 126 -23.02 -2.22 1.95
C LYS A 126 -22.98 -1.13 3.03
N ASN A 127 -22.25 -1.40 4.10
CA ASN A 127 -22.12 -0.45 5.19
C ASN A 127 -20.99 0.55 4.93
N GLU A 128 -21.25 1.83 5.21
CA GLU A 128 -20.26 2.87 5.00
C GLU A 128 -19.43 3.09 6.26
N GLU A 129 -20.04 2.82 7.42
CA GLU A 129 -19.35 2.99 8.69
C GLU A 129 -18.74 1.67 9.17
N GLU A 130 -18.16 0.93 8.23
CA GLU A 130 -17.54 -0.35 8.55
C GLU A 130 -16.02 -0.24 8.55
N VAL A 131 -15.50 0.66 7.71
CA VAL A 131 -14.06 0.86 7.62
C VAL A 131 -13.30 -0.44 7.88
N LEU A 132 -13.73 -1.51 7.23
CA LEU A 132 -13.09 -2.81 7.37
C LEU A 132 -11.59 -2.66 7.62
N VAL A 133 -10.95 -1.81 6.82
CA VAL A 133 -9.53 -1.57 6.94
C VAL A 133 -9.20 -0.09 6.72
N GLU A 134 -8.35 0.46 7.57
CA GLU A 134 -7.95 1.86 7.47
C GLU A 134 -6.45 1.98 7.26
N CYS A 135 -6.05 2.21 6.01
CA CYS A 135 -4.64 2.35 5.67
C CYS A 135 -4.33 3.75 5.17
N ARG A 136 -3.12 4.23 5.45
CA ARG A 136 -2.71 5.56 5.03
C ARG A 136 -1.44 5.49 4.20
N VAL A 137 -1.46 6.11 3.01
CA VAL A 137 -0.31 6.12 2.12
C VAL A 137 0.97 6.41 2.89
N ARG A 138 0.96 7.47 3.68
CA ARG A 138 2.12 7.85 4.47
C ARG A 138 2.74 6.63 5.15
N PHE A 139 1.90 5.78 5.70
CA PHE A 139 2.36 4.56 6.38
C PHE A 139 2.76 3.50 5.37
N LEU A 140 2.24 3.61 4.15
CA LEU A 140 2.53 2.64 3.09
C LEU A 140 4.05 2.54 2.87
N SER A 141 4.56 1.31 2.93
CA SER A 141 5.98 1.07 2.74
C SER A 141 6.27 0.59 1.32
N PHE A 142 5.37 -0.23 0.79
CA PHE A 142 5.51 -0.75 -0.56
C PHE A 142 4.19 -1.29 -1.09
N MET A 143 4.07 -1.34 -2.42
CA MET A 143 2.85 -1.83 -3.04
C MET A 143 3.13 -2.35 -4.45
N GLY A 144 2.38 -3.37 -4.86
CA GLY A 144 2.57 -3.95 -6.18
C GLY A 144 1.41 -4.83 -6.60
N VAL A 145 1.57 -5.52 -7.72
CA VAL A 145 0.53 -6.41 -8.24
C VAL A 145 1.03 -7.85 -8.30
N GLY A 146 0.08 -8.79 -8.36
CA GLY A 146 0.44 -10.19 -8.42
C GLY A 146 0.53 -10.70 -9.85
N LYS A 147 0.73 -12.00 -10.00
CA LYS A 147 0.84 -12.61 -11.33
C LYS A 147 -0.11 -11.93 -12.32
N ASP A 148 -1.35 -11.72 -11.89
CA ASP A 148 -2.34 -11.08 -12.73
C ASP A 148 -2.60 -9.65 -12.28
N VAL A 149 -2.49 -8.70 -13.20
CA VAL A 149 -2.71 -7.29 -12.91
C VAL A 149 -4.06 -7.07 -12.22
N HIS A 150 -4.95 -8.04 -12.39
CA HIS A 150 -6.28 -7.96 -11.79
C HIS A 150 -6.18 -7.84 -10.27
N THR A 151 -5.21 -8.53 -9.68
CA THR A 151 -5.01 -8.50 -8.24
C THR A 151 -4.03 -7.40 -7.84
N PHE A 152 -4.43 -6.59 -6.88
CA PHE A 152 -3.58 -5.49 -6.40
C PHE A 152 -3.46 -5.52 -4.88
N ALA A 153 -2.25 -5.79 -4.40
CA ALA A 153 -2.00 -5.85 -2.96
C ALA A 153 -0.96 -4.81 -2.54
N PHE A 154 -1.12 -4.26 -1.34
CA PHE A 154 -0.19 -3.26 -0.83
C PHE A 154 0.23 -3.60 0.60
N ILE A 155 1.51 -3.41 0.90
CA ILE A 155 2.05 -3.68 2.22
C ILE A 155 2.09 -2.41 3.07
N MET A 156 1.40 -2.44 4.20
CA MET A 156 1.37 -1.30 5.10
C MET A 156 1.99 -1.65 6.44
N ASP A 157 2.44 -0.63 7.17
CA ASP A 157 3.07 -0.83 8.47
C ASP A 157 2.11 -0.41 9.59
N THR A 158 1.66 -1.38 10.38
CA THR A 158 0.74 -1.12 11.48
C THR A 158 1.49 -0.54 12.68
N GLY A 159 2.48 -1.28 13.17
CA GLY A 159 3.25 -0.83 14.31
C GLY A 159 4.17 -1.90 14.87
N ASN A 160 5.17 -1.50 15.62
CA ASN A 160 6.12 -2.44 16.21
C ASN A 160 6.89 -3.17 15.12
N GLN A 161 7.25 -2.46 14.06
CA GLN A 161 8.00 -3.05 12.96
C GLN A 161 7.20 -4.18 12.31
N ARG A 162 5.88 -4.03 12.29
CA ARG A 162 5.00 -5.04 11.70
C ARG A 162 4.73 -4.73 10.23
N PHE A 163 4.44 -5.77 9.45
CA PHE A 163 4.17 -5.62 8.03
C PHE A 163 2.93 -6.40 7.63
N GLU A 164 1.91 -5.70 7.15
CA GLU A 164 0.67 -6.34 6.74
C GLU A 164 0.43 -6.13 5.24
N CYS A 165 -0.12 -7.15 4.58
CA CYS A 165 -0.40 -7.09 3.17
C CYS A 165 -1.87 -7.34 2.88
N HIS A 166 -2.56 -6.34 2.36
CA HIS A 166 -3.98 -6.45 2.04
C HIS A 166 -4.20 -6.56 0.53
N VAL A 167 -4.69 -7.71 0.10
CA VAL A 167 -4.95 -7.94 -1.32
C VAL A 167 -6.34 -7.47 -1.72
N PHE A 168 -6.49 -7.08 -2.97
CA PHE A 168 -7.77 -6.60 -3.48
C PHE A 168 -7.90 -6.83 -4.99
N TRP A 169 -9.03 -7.37 -5.41
CA TRP A 169 -9.27 -7.64 -6.83
C TRP A 169 -9.81 -6.40 -7.53
N CYS A 170 -9.38 -6.20 -8.77
CA CYS A 170 -9.82 -5.06 -9.56
C CYS A 170 -10.37 -5.50 -10.91
N GLU A 171 -11.27 -4.70 -11.48
CA GLU A 171 -11.87 -5.02 -12.76
C GLU A 171 -12.02 -3.77 -13.62
N PRO A 172 -11.58 -3.86 -14.89
CA PRO A 172 -11.00 -5.09 -15.43
C PRO A 172 -9.64 -5.40 -14.84
N ASN A 173 -8.76 -4.40 -14.81
CA ASN A 173 -7.42 -4.56 -14.27
C ASN A 173 -7.15 -3.53 -13.17
N ALA A 174 -6.07 -3.75 -12.42
CA ALA A 174 -5.69 -2.84 -11.35
C ALA A 174 -4.76 -1.75 -11.86
N ALA A 175 -5.10 -1.16 -13.00
CA ALA A 175 -4.30 -0.11 -13.60
C ALA A 175 -4.70 1.26 -13.05
N ASN A 176 -6.00 1.54 -13.04
CA ASN A 176 -6.50 2.81 -12.54
C ASN A 176 -6.35 2.90 -11.02
N VAL A 177 -6.57 1.78 -10.34
CA VAL A 177 -6.44 1.74 -8.89
C VAL A 177 -4.99 1.97 -8.46
N SER A 178 -4.08 1.16 -8.98
CA SER A 178 -2.67 1.29 -8.63
C SER A 178 -2.15 2.67 -8.99
N GLU A 179 -2.78 3.31 -9.98
CA GLU A 179 -2.39 4.64 -10.41
C GLU A 179 -2.88 5.70 -9.43
N ALA A 180 -4.14 5.59 -9.03
CA ALA A 180 -4.73 6.54 -8.11
C ALA A 180 -3.99 6.54 -6.78
N VAL A 181 -3.86 5.37 -6.16
CA VAL A 181 -3.17 5.24 -4.89
C VAL A 181 -1.72 5.69 -5.01
N GLN A 182 -1.17 5.61 -6.21
CA GLN A 182 0.21 6.01 -6.46
C GLN A 182 0.34 7.53 -6.47
N ALA A 183 -0.60 8.20 -7.12
CA ALA A 183 -0.58 9.65 -7.21
C ALA A 183 -0.57 10.28 -5.82
N ALA A 184 -1.40 9.75 -4.93
CA ALA A 184 -1.49 10.25 -3.56
C ALA A 184 -0.11 10.33 -2.92
N CYS A 185 0.73 9.33 -3.19
CA CYS A 185 2.08 9.29 -2.63
C CYS A 185 2.77 10.64 -2.79
N GLY A 1 -4.03 -16.30 -25.58
CA GLY A 1 -3.09 -16.83 -26.55
C GLY A 1 -3.67 -16.86 -27.95
N SER A 2 -2.92 -16.30 -28.91
CA SER A 2 -3.37 -16.27 -30.30
C SER A 2 -2.23 -16.58 -31.24
N SER A 3 -2.34 -17.70 -31.94
CA SER A 3 -1.30 -18.12 -32.89
C SER A 3 -1.74 -17.85 -34.32
N GLY A 4 -0.77 -17.85 -35.23
CA GLY A 4 -1.06 -17.60 -36.63
C GLY A 4 -0.24 -16.46 -37.21
N SER A 5 -0.91 -15.41 -37.67
CA SER A 5 -0.23 -14.26 -38.25
C SER A 5 -0.24 -13.07 -37.29
N SER A 6 0.93 -12.67 -36.84
CA SER A 6 1.06 -11.55 -35.92
C SER A 6 2.02 -10.49 -36.46
N GLY A 7 1.68 -9.94 -37.62
CA GLY A 7 2.51 -8.93 -38.24
C GLY A 7 2.95 -7.87 -37.25
N ASP A 8 2.03 -6.98 -36.89
CA ASP A 8 2.33 -5.90 -35.95
C ASP A 8 1.44 -5.99 -34.72
N ALA A 9 2.04 -5.86 -33.54
CA ALA A 9 1.31 -5.94 -32.29
C ALA A 9 1.78 -4.87 -31.31
N ALA A 10 0.90 -3.92 -31.00
CA ALA A 10 1.22 -2.84 -30.07
C ALA A 10 0.54 -3.05 -28.72
N VAL A 11 1.27 -2.75 -27.64
CA VAL A 11 0.72 -2.91 -26.30
C VAL A 11 0.02 -1.63 -25.84
N THR A 12 -1.03 -1.80 -25.04
CA THR A 12 -1.80 -0.66 -24.53
C THR A 12 -0.99 0.12 -23.50
N PRO A 13 -1.28 1.43 -23.40
CA PRO A 13 -0.60 2.32 -22.46
C PRO A 13 -0.96 2.02 -21.01
N GLU A 14 -2.01 1.22 -20.83
CA GLU A 14 -2.45 0.85 -19.48
C GLU A 14 -1.80 -0.44 -19.02
N GLU A 15 -1.55 -1.34 -19.97
CA GLU A 15 -0.93 -2.62 -19.66
C GLU A 15 0.55 -2.44 -19.30
N ARG A 16 1.32 -1.93 -20.27
CA ARG A 16 2.74 -1.71 -20.06
C ARG A 16 3.01 -1.07 -18.71
N HIS A 17 2.13 -0.14 -18.32
CA HIS A 17 2.27 0.56 -17.04
C HIS A 17 2.19 -0.42 -15.88
N LEU A 18 1.35 -1.44 -16.03
CA LEU A 18 1.18 -2.45 -14.99
C LEU A 18 2.35 -3.44 -15.00
N SER A 19 2.84 -3.77 -16.18
CA SER A 19 3.95 -4.71 -16.32
C SER A 19 5.10 -4.32 -15.41
N LYS A 20 5.42 -3.03 -15.37
CA LYS A 20 6.50 -2.52 -14.53
C LYS A 20 6.19 -2.74 -13.06
N MET A 21 4.95 -2.45 -12.66
CA MET A 21 4.54 -2.63 -11.28
C MET A 21 4.89 -4.02 -10.77
N GLN A 22 5.14 -4.94 -11.70
CA GLN A 22 5.50 -6.31 -11.34
C GLN A 22 7.01 -6.46 -11.19
N GLN A 23 7.75 -5.82 -12.09
CA GLN A 23 9.21 -5.88 -12.07
C GLN A 23 9.73 -5.70 -10.64
N ASN A 24 9.63 -4.46 -10.14
CA ASN A 24 10.10 -4.16 -8.80
C ASN A 24 8.94 -3.70 -7.91
N GLY A 25 8.02 -2.95 -8.50
CA GLY A 25 6.87 -2.45 -7.75
C GLY A 25 6.98 -0.97 -7.45
N TYR A 26 6.15 -0.49 -6.53
CA TYR A 26 6.15 0.92 -6.15
C TYR A 26 6.49 1.08 -4.68
N GLU A 27 7.72 1.50 -4.40
CA GLU A 27 8.17 1.71 -3.03
C GLU A 27 7.82 3.10 -2.54
N ASN A 28 7.73 3.27 -1.23
CA ASN A 28 7.40 4.56 -0.64
C ASN A 28 8.66 5.27 -0.16
N PRO A 29 8.95 6.43 -0.77
CA PRO A 29 10.12 7.23 -0.42
C PRO A 29 9.99 7.89 0.95
N THR A 30 8.76 8.22 1.32
CA THR A 30 8.50 8.85 2.61
C THR A 30 8.62 7.85 3.76
N TYR A 31 8.90 6.60 3.41
CA TYR A 31 9.05 5.54 4.40
C TYR A 31 10.52 5.25 4.67
N LYS A 32 11.37 5.61 3.72
CA LYS A 32 12.81 5.38 3.86
C LYS A 32 13.51 6.63 4.40
N PHE A 33 12.96 7.80 4.08
CA PHE A 33 13.52 9.06 4.54
C PHE A 33 13.81 9.02 6.03
N PHE A 34 12.74 9.02 6.83
CA PHE A 34 12.88 8.99 8.29
C PHE A 34 14.04 8.08 8.70
N GLU A 35 14.17 6.96 8.01
CA GLU A 35 15.23 6.00 8.31
C GLU A 35 16.47 6.28 7.47
N GLN A 36 17.01 7.49 7.60
CA GLN A 36 18.20 7.88 6.86
C GLN A 36 19.40 7.02 7.24
N MET A 37 20.19 6.65 6.25
CA MET A 37 21.37 5.83 6.48
C MET A 37 22.59 6.42 5.78
N GLN A 38 23.76 6.24 6.39
CA GLN A 38 25.00 6.77 5.82
C GLN A 38 26.21 6.19 6.55
N ASN A 39 27.30 6.00 5.82
CA ASN A 39 28.52 5.46 6.39
C ASN A 39 29.68 6.44 6.26
N SER A 40 30.37 6.68 7.37
CA SER A 40 31.49 7.62 7.38
C SER A 40 32.68 7.02 8.12
N GLY A 41 33.89 7.41 7.69
CA GLY A 41 35.09 6.90 8.33
C GLY A 41 34.97 6.83 9.83
N PRO A 42 35.59 5.82 10.44
CA PRO A 42 35.57 5.62 11.89
C PRO A 42 36.39 6.68 12.63
N SER A 43 36.03 6.92 13.89
CA SER A 43 36.74 7.90 14.70
C SER A 43 37.19 9.08 13.85
N SER A 44 36.26 9.67 13.11
CA SER A 44 36.56 10.81 12.25
C SER A 44 37.40 11.84 12.99
N GLY A 45 38.66 11.99 12.60
CA GLY A 45 39.54 12.94 13.24
C GLY A 45 40.15 12.41 14.52
N ILE A 46 40.03 13.17 15.60
CA ILE A 46 40.58 12.77 16.88
C ILE A 46 39.52 12.81 17.98
N GLU A 47 38.24 12.79 17.56
CA GLU A 47 37.14 12.83 18.50
C GLU A 47 37.05 11.53 19.29
N GLY A 48 37.27 11.62 20.59
CA GLY A 48 37.23 10.44 21.44
C GLY A 48 35.81 9.90 21.58
N ARG A 49 35.64 8.98 22.52
CA ARG A 49 34.32 8.37 22.76
C ARG A 49 33.28 9.44 23.02
N GLY A 50 32.32 9.56 22.12
CA GLY A 50 31.26 10.55 22.27
C GLY A 50 29.96 10.12 21.64
N SER A 51 28.90 10.07 22.44
CA SER A 51 27.59 9.65 21.95
C SER A 51 26.66 10.86 21.80
N SER A 52 25.77 10.80 20.82
CA SER A 52 24.83 11.88 20.56
C SER A 52 23.47 11.33 20.13
N GLY A 53 22.40 11.92 20.67
CA GLY A 53 21.06 11.47 20.33
C GLY A 53 20.00 12.23 21.09
N SER A 54 19.00 12.74 20.38
CA SER A 54 17.91 13.49 21.00
C SER A 54 16.72 13.60 20.06
N SER A 55 15.55 13.86 20.62
CA SER A 55 14.33 13.98 19.83
C SER A 55 13.60 15.28 20.18
N GLY A 56 12.63 15.64 19.34
CA GLY A 56 11.87 16.85 19.57
C GLY A 56 11.15 17.34 18.33
N SER A 57 9.92 17.81 18.51
CA SER A 57 9.12 18.30 17.38
C SER A 57 7.83 18.94 17.87
N SER A 58 7.47 20.07 17.27
CA SER A 58 6.26 20.78 17.65
C SER A 58 5.53 21.30 16.41
N GLY A 59 4.20 21.24 16.45
CA GLY A 59 3.40 21.70 15.32
C GLY A 59 2.12 20.93 15.17
N SER A 60 1.01 21.55 15.54
CA SER A 60 -0.30 20.90 15.45
C SER A 60 -0.78 20.87 14.00
N SER A 61 -0.17 20.01 13.20
CA SER A 61 -0.53 19.88 11.80
C SER A 61 -1.27 18.56 11.55
N GLY A 62 -1.78 18.40 10.33
CA GLY A 62 -2.51 17.19 9.98
C GLY A 62 -3.19 17.29 8.63
N PRO A 63 -3.96 16.25 8.27
CA PRO A 63 -4.68 16.20 7.00
C PRO A 63 -5.83 17.20 6.95
N THR A 64 -6.03 17.80 5.78
CA THR A 64 -7.10 18.78 5.60
C THR A 64 -8.46 18.17 5.89
N PRO A 65 -9.18 18.76 6.86
CA PRO A 65 -10.51 18.28 7.25
C PRO A 65 -11.57 18.55 6.18
N LYS A 66 -12.71 17.90 6.32
CA LYS A 66 -13.80 18.06 5.36
C LYS A 66 -13.28 18.02 3.93
N THR A 67 -12.52 16.99 3.61
CA THR A 67 -11.95 16.84 2.28
C THR A 67 -13.02 17.04 1.20
N GLU A 68 -12.70 17.87 0.21
CA GLU A 68 -13.64 18.14 -0.88
C GLU A 68 -13.37 17.23 -2.07
N LEU A 69 -12.40 16.34 -1.91
CA LEU A 69 -12.05 15.40 -2.98
C LEU A 69 -11.81 14.01 -2.40
N VAL A 70 -12.14 12.99 -3.20
CA VAL A 70 -11.97 11.61 -2.78
C VAL A 70 -12.29 10.64 -3.91
N GLN A 71 -11.44 9.63 -4.08
CA GLN A 71 -11.63 8.63 -5.13
C GLN A 71 -12.18 7.33 -4.55
N LYS A 72 -13.29 6.87 -5.12
CA LYS A 72 -13.92 5.64 -4.67
C LYS A 72 -14.00 4.62 -5.79
N PHE A 73 -13.22 3.54 -5.67
CA PHE A 73 -13.21 2.49 -6.68
C PHE A 73 -13.85 1.21 -6.16
N ARG A 74 -14.31 0.37 -7.07
CA ARG A 74 -14.95 -0.88 -6.70
C ARG A 74 -13.96 -2.04 -6.78
N VAL A 75 -13.87 -2.81 -5.70
CA VAL A 75 -12.97 -3.96 -5.66
C VAL A 75 -13.43 -4.99 -4.64
N GLN A 76 -12.64 -6.04 -4.45
CA GLN A 76 -12.97 -7.10 -3.51
C GLN A 76 -11.88 -7.25 -2.45
N TYR A 77 -12.24 -7.86 -1.33
CA TYR A 77 -11.29 -8.07 -0.24
C TYR A 77 -11.02 -9.55 -0.02
N LEU A 78 -9.83 -10.00 -0.39
CA LEU A 78 -9.45 -11.40 -0.24
C LEU A 78 -9.18 -11.74 1.22
N GLY A 79 -8.48 -10.84 1.91
CA GLY A 79 -8.17 -11.06 3.31
C GLY A 79 -6.87 -10.41 3.73
N MET A 80 -6.46 -10.63 4.98
CA MET A 80 -5.22 -10.05 5.50
C MET A 80 -4.16 -11.13 5.69
N LEU A 81 -3.10 -11.05 4.90
CA LEU A 81 -2.01 -12.02 4.98
C LEU A 81 -0.79 -11.41 5.68
N PRO A 82 -0.41 -11.97 6.83
CA PRO A 82 0.73 -11.50 7.60
C PRO A 82 2.06 -11.80 6.92
N VAL A 83 2.92 -10.80 6.81
CA VAL A 83 4.21 -10.96 6.19
C VAL A 83 5.34 -10.56 7.13
N ASP A 84 6.56 -11.01 6.82
CA ASP A 84 7.72 -10.69 7.65
C ASP A 84 8.54 -9.58 7.02
N ARG A 85 8.41 -9.42 5.71
CA ARG A 85 9.15 -8.39 4.98
C ARG A 85 8.24 -7.23 4.61
N PRO A 86 8.69 -6.00 4.93
CA PRO A 86 7.93 -4.78 4.64
C PRO A 86 7.86 -4.48 3.15
N VAL A 87 8.73 -5.12 2.38
CA VAL A 87 8.77 -4.93 0.93
C VAL A 87 9.15 -6.21 0.21
N GLY A 88 9.29 -6.12 -1.11
CA GLY A 88 9.67 -7.28 -1.89
C GLY A 88 8.52 -7.80 -2.73
N MET A 89 8.83 -8.28 -3.93
CA MET A 89 7.82 -8.82 -4.83
C MET A 89 7.54 -10.28 -4.54
N ASP A 90 8.37 -10.87 -3.69
CA ASP A 90 8.22 -12.29 -3.33
C ASP A 90 7.30 -12.43 -2.12
N THR A 91 7.50 -11.60 -1.11
CA THR A 91 6.69 -11.63 0.09
C THR A 91 5.27 -11.16 -0.19
N LEU A 92 5.13 -10.25 -1.15
CA LEU A 92 3.83 -9.71 -1.51
C LEU A 92 3.06 -10.69 -2.39
N ASN A 93 3.73 -11.23 -3.40
CA ASN A 93 3.11 -12.18 -4.31
C ASN A 93 2.76 -13.48 -3.58
N SER A 94 3.55 -13.80 -2.56
CA SER A 94 3.33 -15.03 -1.79
C SER A 94 2.02 -14.94 -1.01
N ALA A 95 1.68 -13.73 -0.57
CA ALA A 95 0.46 -13.51 0.19
C ALA A 95 -0.78 -13.72 -0.68
N ILE A 96 -0.79 -13.05 -1.83
CA ILE A 96 -1.92 -13.15 -2.76
C ILE A 96 -2.38 -14.60 -2.90
N GLU A 97 -1.53 -15.44 -3.46
CA GLU A 97 -1.85 -16.85 -3.64
C GLU A 97 -2.25 -17.49 -2.32
N ASN A 98 -1.60 -17.07 -1.24
CA ASN A 98 -1.90 -17.61 0.08
C ASN A 98 -3.38 -17.45 0.42
N LEU A 99 -3.92 -16.27 0.18
CA LEU A 99 -5.33 -15.99 0.45
C LEU A 99 -6.21 -16.55 -0.66
N MET A 100 -5.73 -16.45 -1.90
CA MET A 100 -6.48 -16.95 -3.04
C MET A 100 -7.02 -18.36 -2.78
N THR A 101 -6.23 -19.16 -2.07
CA THR A 101 -6.62 -20.53 -1.76
C THR A 101 -7.44 -20.58 -0.48
N SER A 102 -7.33 -19.53 0.34
CA SER A 102 -8.06 -19.45 1.60
C SER A 102 -9.55 -19.21 1.35
N SER A 103 -9.84 -18.31 0.42
CA SER A 103 -11.23 -17.98 0.09
C SER A 103 -11.43 -17.93 -1.42
N SER A 104 -12.67 -18.14 -1.86
CA SER A 104 -12.99 -18.13 -3.27
C SER A 104 -13.30 -16.71 -3.75
N LYS A 105 -13.29 -16.52 -5.06
CA LYS A 105 -13.57 -15.22 -5.65
C LYS A 105 -14.91 -14.68 -5.16
N GLU A 106 -15.86 -15.57 -4.93
CA GLU A 106 -17.18 -15.19 -4.47
C GLU A 106 -17.16 -14.84 -2.99
N ASP A 107 -16.37 -15.59 -2.22
CA ASP A 107 -16.25 -15.36 -0.78
C ASP A 107 -15.79 -13.93 -0.50
N TRP A 108 -14.91 -13.42 -1.35
CA TRP A 108 -14.39 -12.06 -1.18
C TRP A 108 -15.52 -11.03 -1.28
N PRO A 109 -15.79 -10.35 -0.16
CA PRO A 109 -16.84 -9.33 -0.10
C PRO A 109 -16.48 -8.08 -0.90
N SER A 110 -17.39 -7.67 -1.78
CA SER A 110 -17.17 -6.49 -2.61
C SER A 110 -17.01 -5.24 -1.74
N VAL A 111 -15.79 -4.70 -1.71
CA VAL A 111 -15.51 -3.51 -0.91
C VAL A 111 -15.17 -2.33 -1.82
N ASN A 112 -15.06 -1.15 -1.21
CA ASN A 112 -14.75 0.07 -1.97
C ASN A 112 -13.47 0.71 -1.44
N MET A 113 -12.60 1.12 -2.36
CA MET A 113 -11.35 1.76 -1.99
C MET A 113 -11.51 3.28 -1.87
N ASN A 114 -11.55 3.78 -0.64
CA ASN A 114 -11.71 5.21 -0.41
C ASN A 114 -10.35 5.90 -0.33
N VAL A 115 -9.92 6.49 -1.44
CA VAL A 115 -8.64 7.18 -1.50
C VAL A 115 -8.84 8.69 -1.41
N ALA A 116 -8.51 9.26 -0.24
CA ALA A 116 -8.64 10.69 -0.02
C ALA A 116 -7.55 11.21 0.90
N ASP A 117 -7.07 12.41 0.62
CA ASP A 117 -6.02 13.02 1.42
C ASP A 117 -4.86 12.05 1.65
N ALA A 118 -4.53 11.29 0.61
CA ALA A 118 -3.45 10.32 0.69
C ALA A 118 -3.71 9.29 1.77
N THR A 119 -4.94 8.78 1.82
CA THR A 119 -5.33 7.78 2.81
C THR A 119 -6.15 6.68 2.18
N VAL A 120 -5.61 5.46 2.20
CA VAL A 120 -6.30 4.30 1.63
C VAL A 120 -7.22 3.65 2.67
N THR A 121 -8.50 3.97 2.61
CA THR A 121 -9.47 3.41 3.54
C THR A 121 -10.52 2.58 2.81
N VAL A 122 -10.52 1.27 3.06
CA VAL A 122 -11.47 0.37 2.42
C VAL A 122 -12.81 0.39 3.15
N ILE A 123 -13.80 1.04 2.55
CA ILE A 123 -15.13 1.13 3.14
C ILE A 123 -16.04 0.03 2.60
N SER A 124 -16.89 -0.49 3.48
CA SER A 124 -17.82 -1.55 3.09
C SER A 124 -18.96 -0.99 2.23
N GLU A 125 -19.39 -1.78 1.25
CA GLU A 125 -20.47 -1.37 0.37
C GLU A 125 -21.76 -1.14 1.14
N LYS A 126 -22.20 -2.17 1.85
CA LYS A 126 -23.42 -2.08 2.64
C LYS A 126 -23.40 -0.85 3.55
N ASN A 127 -22.55 -0.88 4.57
CA ASN A 127 -22.44 0.23 5.50
C ASN A 127 -21.23 1.10 5.17
N GLU A 128 -21.35 2.39 5.45
CA GLU A 128 -20.26 3.32 5.18
C GLU A 128 -19.40 3.55 6.42
N GLU A 129 -19.94 3.15 7.58
CA GLU A 129 -19.23 3.31 8.83
C GLU A 129 -18.65 1.98 9.30
N GLU A 130 -18.09 1.22 8.37
CA GLU A 130 -17.50 -0.08 8.69
C GLU A 130 -15.97 -0.02 8.61
N VAL A 131 -15.46 0.82 7.73
CA VAL A 131 -14.02 0.98 7.56
C VAL A 131 -13.31 -0.37 7.69
N LEU A 132 -13.81 -1.36 6.96
CA LEU A 132 -13.22 -2.70 6.99
C LEU A 132 -11.70 -2.62 7.16
N VAL A 133 -11.08 -1.66 6.48
CA VAL A 133 -9.63 -1.48 6.55
C VAL A 133 -9.26 0.00 6.44
N GLU A 134 -8.44 0.46 7.37
CA GLU A 134 -8.00 1.85 7.38
C GLU A 134 -6.48 1.95 7.25
N CYS A 135 -6.02 2.28 6.06
CA CYS A 135 -4.58 2.41 5.81
C CYS A 135 -4.24 3.80 5.29
N ARG A 136 -3.05 4.29 5.63
CA ARG A 136 -2.60 5.60 5.21
C ARG A 136 -1.35 5.50 4.34
N VAL A 137 -1.34 6.22 3.23
CA VAL A 137 -0.19 6.20 2.33
C VAL A 137 1.10 6.55 3.06
N ARG A 138 0.99 7.44 4.04
CA ARG A 138 2.15 7.86 4.82
C ARG A 138 2.78 6.66 5.53
N PHE A 139 1.94 5.73 5.98
CA PHE A 139 2.41 4.54 6.67
C PHE A 139 2.75 3.43 5.68
N LEU A 140 2.16 3.49 4.49
CA LEU A 140 2.39 2.50 3.46
C LEU A 140 3.88 2.38 3.16
N SER A 141 4.37 1.14 3.13
CA SER A 141 5.78 0.88 2.85
C SER A 141 6.00 0.55 1.39
N PHE A 142 5.51 -0.61 0.96
CA PHE A 142 5.66 -1.04 -0.43
C PHE A 142 4.36 -1.67 -0.93
N MET A 143 4.10 -1.50 -2.23
CA MET A 143 2.90 -2.05 -2.84
C MET A 143 3.16 -2.43 -4.30
N GLY A 144 2.32 -3.32 -4.83
CA GLY A 144 2.48 -3.75 -6.20
C GLY A 144 1.34 -4.64 -6.67
N VAL A 145 1.51 -5.27 -7.82
CA VAL A 145 0.48 -6.14 -8.38
C VAL A 145 1.00 -7.58 -8.48
N GLY A 146 0.08 -8.53 -8.41
CA GLY A 146 0.45 -9.93 -8.49
C GLY A 146 0.60 -10.41 -9.94
N LYS A 147 0.74 -11.71 -10.12
CA LYS A 147 0.90 -12.29 -11.44
C LYS A 147 -0.09 -11.67 -12.42
N ASP A 148 -1.31 -11.43 -11.95
CA ASP A 148 -2.36 -10.84 -12.78
C ASP A 148 -2.61 -9.39 -12.40
N VAL A 149 -2.55 -8.51 -13.39
CA VAL A 149 -2.77 -7.08 -13.15
C VAL A 149 -4.07 -6.84 -12.40
N HIS A 150 -4.95 -7.85 -12.41
CA HIS A 150 -6.23 -7.74 -11.73
C HIS A 150 -6.04 -7.74 -10.21
N THR A 151 -5.02 -8.44 -9.76
CA THR A 151 -4.73 -8.53 -8.32
C THR A 151 -3.85 -7.36 -7.88
N PHE A 152 -4.33 -6.62 -6.89
CA PHE A 152 -3.57 -5.48 -6.36
C PHE A 152 -3.45 -5.57 -4.84
N ALA A 153 -2.20 -5.63 -4.37
CA ALA A 153 -1.94 -5.72 -2.94
C ALA A 153 -0.97 -4.63 -2.49
N PHE A 154 -0.90 -4.41 -1.18
CA PHE A 154 -0.02 -3.39 -0.62
C PHE A 154 0.29 -3.67 0.84
N ILE A 155 1.54 -3.45 1.24
CA ILE A 155 1.95 -3.68 2.62
C ILE A 155 1.89 -2.39 3.43
N MET A 156 1.43 -2.51 4.68
CA MET A 156 1.33 -1.35 5.56
C MET A 156 1.90 -1.67 6.95
N ASP A 157 2.11 -0.62 7.74
CA ASP A 157 2.66 -0.79 9.08
C ASP A 157 1.62 -0.45 10.13
N THR A 158 1.23 -1.43 10.94
CA THR A 158 0.24 -1.22 11.99
C THR A 158 0.90 -0.82 13.29
N GLY A 159 1.88 -1.61 13.73
CA GLY A 159 2.58 -1.31 14.97
C GLY A 159 3.49 -2.43 15.41
N ASN A 160 4.34 -2.15 16.40
CA ASN A 160 5.27 -3.16 16.91
C ASN A 160 6.22 -3.62 15.80
N GLN A 161 6.43 -2.77 14.81
CA GLN A 161 7.32 -3.09 13.70
C GLN A 161 6.77 -4.26 12.88
N ARG A 162 5.44 -4.30 12.76
CA ARG A 162 4.77 -5.36 12.00
C ARG A 162 4.38 -4.86 10.61
N PHE A 163 4.15 -5.80 9.70
CA PHE A 163 3.76 -5.46 8.34
C PHE A 163 2.67 -6.39 7.83
N GLU A 164 1.53 -5.81 7.44
CA GLU A 164 0.41 -6.59 6.93
C GLU A 164 0.26 -6.42 5.43
N CYS A 165 -0.09 -7.51 4.74
CA CYS A 165 -0.28 -7.48 3.29
C CYS A 165 -1.75 -7.64 2.94
N HIS A 166 -2.36 -6.54 2.47
CA HIS A 166 -3.76 -6.56 2.09
C HIS A 166 -3.91 -6.69 0.58
N VAL A 167 -4.75 -7.62 0.15
CA VAL A 167 -4.99 -7.85 -1.27
C VAL A 167 -6.37 -7.37 -1.69
N PHE A 168 -6.51 -7.02 -2.97
CA PHE A 168 -7.78 -6.54 -3.50
C PHE A 168 -7.89 -6.83 -5.00
N TRP A 169 -9.07 -7.24 -5.42
CA TRP A 169 -9.32 -7.56 -6.82
C TRP A 169 -9.93 -6.36 -7.55
N CYS A 170 -9.31 -5.96 -8.65
CA CYS A 170 -9.80 -4.83 -9.43
C CYS A 170 -10.26 -5.28 -10.81
N GLU A 171 -11.27 -4.60 -11.34
CA GLU A 171 -11.81 -4.94 -12.66
C GLU A 171 -12.14 -3.68 -13.45
N PRO A 172 -11.85 -3.71 -14.75
CA PRO A 172 -11.25 -4.89 -15.41
C PRO A 172 -9.81 -5.10 -14.99
N ASN A 173 -9.03 -4.03 -14.98
CA ASN A 173 -7.62 -4.10 -14.60
C ASN A 173 -7.34 -3.21 -13.39
N ALA A 174 -6.29 -3.55 -12.64
CA ALA A 174 -5.91 -2.77 -11.47
C ALA A 174 -5.06 -1.57 -11.85
N ALA A 175 -5.37 -0.98 -12.99
CA ALA A 175 -4.64 0.18 -13.48
C ALA A 175 -5.14 1.46 -12.82
N ASN A 176 -6.41 1.77 -13.05
CA ASN A 176 -7.02 2.98 -12.48
C ASN A 176 -6.87 2.98 -10.96
N VAL A 177 -6.66 1.81 -10.38
CA VAL A 177 -6.50 1.69 -8.94
C VAL A 177 -5.03 1.78 -8.53
N SER A 178 -4.19 1.00 -9.20
CA SER A 178 -2.76 0.99 -8.91
C SER A 178 -2.12 2.33 -9.30
N GLU A 179 -2.76 3.03 -10.21
CA GLU A 179 -2.25 4.33 -10.66
C GLU A 179 -2.67 5.44 -9.71
N ALA A 180 -3.91 5.38 -9.24
CA ALA A 180 -4.44 6.38 -8.32
C ALA A 180 -3.76 6.27 -6.95
N VAL A 181 -3.66 5.03 -6.45
CA VAL A 181 -3.05 4.78 -5.15
C VAL A 181 -1.59 5.24 -5.14
N GLN A 182 -0.87 4.92 -6.21
CA GLN A 182 0.54 5.29 -6.32
C GLN A 182 0.69 6.79 -6.61
N ALA A 183 -0.42 7.42 -7.00
CA ALA A 183 -0.42 8.85 -7.30
C ALA A 183 -0.46 9.67 -6.03
N ALA A 184 -1.06 9.13 -4.98
CA ALA A 184 -1.17 9.82 -3.71
C ALA A 184 0.18 9.91 -3.02
N CYS A 185 0.97 8.84 -3.12
CA CYS A 185 2.29 8.78 -2.50
C CYS A 185 3.07 10.06 -2.80
N GLY A 1 10.25 -20.76 -13.17
CA GLY A 1 9.06 -21.15 -12.43
C GLY A 1 7.84 -21.28 -13.31
N SER A 2 6.82 -20.46 -13.05
CA SER A 2 5.59 -20.49 -13.83
C SER A 2 5.68 -19.54 -15.03
N SER A 3 5.37 -20.06 -16.21
CA SER A 3 5.42 -19.26 -17.44
C SER A 3 4.01 -18.98 -17.95
N GLY A 4 3.50 -17.79 -17.64
CA GLY A 4 2.17 -17.42 -18.09
C GLY A 4 2.17 -16.14 -18.90
N SER A 5 2.01 -16.27 -20.21
CA SER A 5 2.00 -15.12 -21.10
C SER A 5 0.73 -15.11 -21.96
N SER A 6 0.52 -14.02 -22.68
CA SER A 6 -0.65 -13.88 -23.54
C SER A 6 -0.36 -14.41 -24.94
N GLY A 7 -1.39 -14.46 -25.77
CA GLY A 7 -1.22 -14.95 -27.14
C GLY A 7 -1.54 -13.89 -28.17
N ASP A 8 -0.65 -12.91 -28.31
CA ASP A 8 -0.84 -11.84 -29.28
C ASP A 8 0.44 -11.02 -29.44
N ALA A 9 0.45 -10.15 -30.44
CA ALA A 9 1.62 -9.31 -30.70
C ALA A 9 1.28 -7.84 -30.49
N ALA A 10 0.14 -7.58 -29.86
CA ALA A 10 -0.30 -6.22 -29.60
C ALA A 10 -0.67 -6.04 -28.13
N VAL A 11 0.03 -5.12 -27.45
CA VAL A 11 -0.23 -4.86 -26.04
C VAL A 11 -1.04 -3.58 -25.86
N THR A 12 -1.71 -3.46 -24.72
CA THR A 12 -2.52 -2.28 -24.43
C THR A 12 -1.68 -1.19 -23.77
N PRO A 13 -2.10 0.07 -23.96
CA PRO A 13 -1.41 1.22 -23.39
C PRO A 13 -1.56 1.30 -21.87
N GLU A 14 -2.44 0.47 -21.32
CA GLU A 14 -2.68 0.44 -19.89
C GLU A 14 -1.73 -0.53 -19.20
N GLU A 15 -1.81 -1.80 -19.59
CA GLU A 15 -0.95 -2.83 -19.01
C GLU A 15 0.50 -2.36 -18.93
N ARG A 16 0.97 -1.73 -20.01
CA ARG A 16 2.33 -1.23 -20.07
C ARG A 16 2.76 -0.67 -18.72
N HIS A 17 1.92 0.18 -18.14
CA HIS A 17 2.22 0.79 -16.85
C HIS A 17 2.22 -0.26 -15.74
N LEU A 18 1.32 -1.24 -15.86
CA LEU A 18 1.22 -2.30 -14.87
C LEU A 18 2.45 -3.20 -14.90
N SER A 19 3.01 -3.38 -16.10
CA SER A 19 4.19 -4.22 -16.26
C SER A 19 5.28 -3.84 -15.27
N LYS A 20 5.72 -2.58 -15.33
CA LYS A 20 6.75 -2.09 -14.43
C LYS A 20 6.44 -2.45 -12.99
N MET A 21 5.16 -2.52 -12.66
CA MET A 21 4.73 -2.86 -11.31
C MET A 21 4.89 -4.35 -11.05
N GLN A 22 4.69 -5.16 -12.10
CA GLN A 22 4.82 -6.61 -11.97
C GLN A 22 6.27 -7.01 -11.70
N GLN A 23 7.20 -6.32 -12.34
CA GLN A 23 8.62 -6.61 -12.17
C GLN A 23 8.99 -6.59 -10.69
N ASN A 24 9.09 -5.39 -10.12
CA ASN A 24 9.44 -5.25 -8.72
C ASN A 24 8.35 -4.49 -7.96
N GLY A 25 7.63 -3.63 -8.67
CA GLY A 25 6.57 -2.86 -8.06
C GLY A 25 6.91 -1.39 -7.93
N TYR A 26 6.48 -0.76 -6.84
CA TYR A 26 6.76 0.65 -6.61
C TYR A 26 6.85 0.95 -5.12
N GLU A 27 8.08 1.20 -4.65
CA GLU A 27 8.31 1.49 -3.24
C GLU A 27 7.64 2.81 -2.86
N ASN A 28 7.37 2.96 -1.56
CA ASN A 28 6.73 4.18 -1.06
C ASN A 28 7.78 5.15 -0.51
N PRO A 29 8.01 6.25 -1.26
CA PRO A 29 8.98 7.28 -0.88
C PRO A 29 8.52 8.08 0.33
N THR A 30 7.28 8.56 0.28
CA THR A 30 6.71 9.34 1.37
C THR A 30 7.20 8.84 2.73
N TYR A 31 7.47 7.54 2.80
CA TYR A 31 7.95 6.93 4.04
C TYR A 31 9.45 7.13 4.21
N LYS A 32 10.22 6.65 3.24
CA LYS A 32 11.67 6.78 3.28
C LYS A 32 12.08 8.22 3.55
N PHE A 33 11.50 9.14 2.79
CA PHE A 33 11.81 10.57 2.96
C PHE A 33 11.75 10.97 4.43
N PHE A 34 10.73 10.48 5.13
CA PHE A 34 10.56 10.78 6.55
C PHE A 34 11.69 10.19 7.38
N GLU A 35 11.95 8.90 7.17
CA GLU A 35 13.01 8.21 7.91
C GLU A 35 14.29 9.04 7.91
N GLN A 36 14.77 9.37 6.72
CA GLN A 36 16.00 10.15 6.58
C GLN A 36 15.69 11.65 6.53
N MET A 37 16.23 12.39 7.49
CA MET A 37 16.01 13.83 7.56
C MET A 37 17.29 14.59 7.21
N GLN A 38 17.65 14.58 5.93
CA GLN A 38 18.85 15.27 5.48
C GLN A 38 18.80 16.75 5.85
N ASN A 39 19.87 17.23 6.47
CA ASN A 39 19.95 18.62 6.88
C ASN A 39 20.21 19.53 5.68
N SER A 40 19.23 20.37 5.36
CA SER A 40 19.36 21.29 4.24
C SER A 40 19.73 22.70 4.71
N GLY A 41 20.87 23.19 4.23
CA GLY A 41 21.33 24.51 4.62
C GLY A 41 22.40 24.47 5.67
N PRO A 42 23.60 24.00 5.30
CA PRO A 42 24.74 23.89 6.21
C PRO A 42 25.29 25.26 6.61
N SER A 43 24.64 26.32 6.13
CA SER A 43 25.07 27.68 6.44
C SER A 43 25.37 27.83 7.93
N SER A 44 26.59 28.27 8.23
CA SER A 44 27.02 28.46 9.62
C SER A 44 27.93 29.67 9.74
N GLY A 45 27.64 30.53 10.71
CA GLY A 45 28.45 31.71 10.92
C GLY A 45 27.88 32.62 12.00
N ILE A 46 28.27 32.38 13.23
CA ILE A 46 27.80 33.19 14.35
C ILE A 46 28.89 33.36 15.41
N GLU A 47 28.96 34.55 16.00
CA GLU A 47 29.94 34.84 17.03
C GLU A 47 29.33 35.64 18.18
N GLY A 48 29.87 35.45 19.37
CA GLY A 48 29.35 36.16 20.53
C GLY A 48 28.27 35.39 21.25
N ARG A 49 27.72 35.99 22.31
CA ARG A 49 26.67 35.35 23.09
C ARG A 49 25.49 36.29 23.30
N GLY A 50 24.32 35.90 22.80
CA GLY A 50 23.13 36.73 22.94
C GLY A 50 22.49 37.02 21.60
N SER A 51 21.60 36.14 21.16
CA SER A 51 20.91 36.33 19.89
C SER A 51 19.50 35.73 19.95
N SER A 52 18.62 36.23 19.09
CA SER A 52 17.25 35.74 19.04
C SER A 52 16.62 36.03 17.68
N GLY A 53 16.24 34.97 16.98
CA GLY A 53 15.64 35.12 15.67
C GLY A 53 14.24 35.70 15.75
N SER A 54 13.83 36.42 14.70
CA SER A 54 12.51 37.02 14.66
C SER A 54 11.74 36.58 13.41
N SER A 55 10.62 35.92 13.62
CA SER A 55 9.80 35.44 12.52
C SER A 55 8.33 35.35 12.93
N GLY A 56 7.53 36.28 12.41
CA GLY A 56 6.11 36.29 12.73
C GLY A 56 5.34 35.19 12.01
N SER A 57 4.15 34.89 12.52
CA SER A 57 3.31 33.85 11.92
C SER A 57 2.30 34.46 10.95
N SER A 58 2.35 33.99 9.70
CA SER A 58 1.45 34.49 8.67
C SER A 58 1.29 33.47 7.54
N GLY A 59 0.06 33.02 7.32
CA GLY A 59 -0.20 32.05 6.27
C GLY A 59 -0.57 30.69 6.83
N SER A 60 0.44 29.94 7.28
CA SER A 60 0.21 28.62 7.84
C SER A 60 -0.82 27.85 7.02
N SER A 61 -0.73 27.97 5.70
CA SER A 61 -1.66 27.29 4.80
C SER A 61 -1.09 25.95 4.34
N GLY A 62 -1.94 24.93 4.34
CA GLY A 62 -1.51 23.61 3.92
C GLY A 62 -2.68 22.70 3.57
N PRO A 63 -2.46 21.38 3.68
CA PRO A 63 -3.48 20.38 3.37
C PRO A 63 -4.61 20.39 4.40
N THR A 64 -5.85 20.49 3.92
CA THR A 64 -7.01 20.51 4.79
C THR A 64 -7.67 19.13 4.85
N PRO A 65 -8.20 18.77 6.03
CA PRO A 65 -8.87 17.49 6.23
C PRO A 65 -10.20 17.40 5.51
N LYS A 66 -10.91 16.29 5.71
CA LYS A 66 -12.21 16.09 5.08
C LYS A 66 -12.23 16.70 3.68
N THR A 67 -11.11 16.60 2.97
CA THR A 67 -11.01 17.15 1.62
C THR A 67 -12.31 16.99 0.86
N GLU A 68 -12.68 18.02 0.11
CA GLU A 68 -13.93 17.99 -0.68
C GLU A 68 -13.77 17.08 -1.89
N LEU A 69 -12.61 16.44 -2.00
CA LEU A 69 -12.34 15.55 -3.12
C LEU A 69 -11.95 14.16 -2.62
N VAL A 70 -12.31 13.13 -3.39
CA VAL A 70 -11.99 11.75 -3.03
C VAL A 70 -12.32 10.80 -4.17
N GLN A 71 -11.52 9.75 -4.29
CA GLN A 71 -11.73 8.75 -5.34
C GLN A 71 -12.22 7.44 -4.76
N LYS A 72 -13.28 6.89 -5.35
CA LYS A 72 -13.85 5.63 -4.89
C LYS A 72 -13.77 4.56 -5.98
N PHE A 73 -12.97 3.54 -5.74
CA PHE A 73 -12.79 2.45 -6.70
C PHE A 73 -13.49 1.18 -6.21
N ARG A 74 -13.88 0.33 -7.15
CA ARG A 74 -14.55 -0.93 -6.82
C ARG A 74 -13.57 -2.09 -6.82
N VAL A 75 -13.54 -2.85 -5.73
CA VAL A 75 -12.65 -3.98 -5.61
C VAL A 75 -13.13 -4.95 -4.52
N GLN A 76 -12.54 -6.14 -4.48
CA GLN A 76 -12.90 -7.15 -3.50
C GLN A 76 -11.81 -7.29 -2.44
N TYR A 77 -12.18 -7.87 -1.29
CA TYR A 77 -11.24 -8.06 -0.20
C TYR A 77 -10.97 -9.55 0.04
N LEU A 78 -9.76 -9.99 -0.31
CA LEU A 78 -9.39 -11.39 -0.12
C LEU A 78 -9.24 -11.73 1.36
N GLY A 79 -8.31 -11.06 2.03
CA GLY A 79 -8.10 -11.30 3.44
C GLY A 79 -6.84 -10.61 3.96
N MET A 80 -6.60 -10.74 5.27
CA MET A 80 -5.43 -10.13 5.88
C MET A 80 -4.30 -11.14 6.02
N LEU A 81 -3.31 -11.05 5.13
CA LEU A 81 -2.17 -11.95 5.15
C LEU A 81 -0.89 -11.21 5.57
N PRO A 82 -0.36 -11.59 6.74
CA PRO A 82 0.87 -10.97 7.28
C PRO A 82 2.11 -11.36 6.48
N VAL A 83 3.07 -10.46 6.43
CA VAL A 83 4.31 -10.70 5.70
C VAL A 83 5.53 -10.59 6.61
N ASP A 84 6.68 -11.01 6.12
CA ASP A 84 7.91 -10.95 6.89
C ASP A 84 8.77 -9.77 6.45
N ARG A 85 8.59 -9.34 5.21
CA ARG A 85 9.35 -8.22 4.67
C ARG A 85 8.43 -7.06 4.30
N PRO A 86 8.89 -5.82 4.56
CA PRO A 86 8.13 -4.61 4.27
C PRO A 86 8.00 -4.36 2.77
N VAL A 87 8.95 -4.88 2.00
CA VAL A 87 8.94 -4.71 0.56
C VAL A 87 9.32 -6.01 -0.16
N GLY A 88 9.25 -5.99 -1.48
CA GLY A 88 9.58 -7.17 -2.26
C GLY A 88 8.37 -7.76 -2.95
N MET A 89 8.61 -8.44 -4.07
CA MET A 89 7.54 -9.07 -4.83
C MET A 89 7.34 -10.52 -4.42
N ASP A 90 8.44 -11.19 -4.09
CA ASP A 90 8.40 -12.58 -3.67
C ASP A 90 7.55 -12.76 -2.43
N THR A 91 7.50 -11.72 -1.60
CA THR A 91 6.72 -11.75 -0.37
C THR A 91 5.26 -11.36 -0.62
N LEU A 92 5.08 -10.28 -1.37
CA LEU A 92 3.73 -9.80 -1.69
C LEU A 92 2.96 -10.84 -2.48
N ASN A 93 3.61 -11.40 -3.50
CA ASN A 93 2.99 -12.41 -4.34
C ASN A 93 2.60 -13.64 -3.52
N SER A 94 3.40 -13.94 -2.50
CA SER A 94 3.14 -15.09 -1.65
C SER A 94 1.85 -14.91 -0.86
N ALA A 95 1.63 -13.69 -0.37
CA ALA A 95 0.44 -13.38 0.40
C ALA A 95 -0.82 -13.54 -0.45
N ILE A 96 -0.71 -13.20 -1.73
CA ILE A 96 -1.83 -13.31 -2.65
C ILE A 96 -2.35 -14.75 -2.73
N GLU A 97 -1.47 -15.66 -3.14
CA GLU A 97 -1.83 -17.06 -3.26
C GLU A 97 -2.36 -17.61 -1.93
N ASN A 98 -1.71 -17.21 -0.83
CA ASN A 98 -2.11 -17.65 0.49
C ASN A 98 -3.60 -17.45 0.71
N LEU A 99 -4.09 -16.26 0.36
CA LEU A 99 -5.50 -15.93 0.51
C LEU A 99 -6.33 -16.54 -0.61
N MET A 100 -5.86 -16.36 -1.85
CA MET A 100 -6.55 -16.89 -3.02
C MET A 100 -7.09 -18.29 -2.74
N THR A 101 -6.28 -19.11 -2.07
CA THR A 101 -6.68 -20.47 -1.74
C THR A 101 -7.50 -20.51 -0.45
N SER A 102 -7.27 -19.54 0.43
CA SER A 102 -7.98 -19.47 1.69
C SER A 102 -9.49 -19.37 1.46
N SER A 103 -9.88 -18.48 0.56
CA SER A 103 -11.30 -18.28 0.25
C SER A 103 -11.52 -18.24 -1.26
N SER A 104 -12.76 -18.47 -1.68
CA SER A 104 -13.12 -18.47 -3.08
C SER A 104 -13.23 -17.04 -3.62
N LYS A 105 -13.11 -16.90 -4.94
CA LYS A 105 -13.20 -15.59 -5.58
C LYS A 105 -14.48 -14.86 -5.16
N GLU A 106 -15.54 -15.63 -4.94
CA GLU A 106 -16.82 -15.05 -4.53
C GLU A 106 -16.80 -14.68 -3.04
N ASP A 107 -16.24 -15.56 -2.23
CA ASP A 107 -16.15 -15.33 -0.79
C ASP A 107 -15.72 -13.90 -0.50
N TRP A 108 -14.86 -13.36 -1.37
CA TRP A 108 -14.36 -12.00 -1.19
C TRP A 108 -15.50 -11.00 -1.24
N PRO A 109 -15.77 -10.35 -0.10
CA PRO A 109 -16.83 -9.34 0.02
C PRO A 109 -16.51 -8.07 -0.75
N SER A 110 -17.37 -7.71 -1.70
CA SER A 110 -17.18 -6.52 -2.51
C SER A 110 -16.99 -5.29 -1.62
N VAL A 111 -15.84 -4.65 -1.75
CA VAL A 111 -15.53 -3.46 -0.96
C VAL A 111 -15.27 -2.26 -1.86
N ASN A 112 -14.88 -1.14 -1.24
CA ASN A 112 -14.59 0.08 -1.99
C ASN A 112 -13.32 0.74 -1.48
N MET A 113 -12.48 1.20 -2.40
CA MET A 113 -11.23 1.85 -2.05
C MET A 113 -11.41 3.36 -1.95
N ASN A 114 -11.56 3.86 -0.73
CA ASN A 114 -11.74 5.29 -0.51
C ASN A 114 -10.40 6.00 -0.40
N VAL A 115 -9.94 6.58 -1.51
CA VAL A 115 -8.67 7.30 -1.54
C VAL A 115 -8.88 8.80 -1.36
N ALA A 116 -8.65 9.28 -0.15
CA ALA A 116 -8.81 10.70 0.16
C ALA A 116 -7.71 11.19 1.09
N ASP A 117 -7.13 12.34 0.75
CA ASP A 117 -6.06 12.91 1.56
C ASP A 117 -4.95 11.90 1.80
N ALA A 118 -4.54 11.21 0.74
CA ALA A 118 -3.49 10.20 0.83
C ALA A 118 -3.80 9.18 1.90
N THR A 119 -5.05 8.73 1.94
CA THR A 119 -5.47 7.73 2.93
C THR A 119 -6.26 6.61 2.28
N VAL A 120 -5.70 5.40 2.31
CA VAL A 120 -6.35 4.24 1.73
C VAL A 120 -7.25 3.54 2.73
N THR A 121 -8.56 3.70 2.57
CA THR A 121 -9.53 3.08 3.47
C THR A 121 -10.48 2.17 2.71
N VAL A 122 -10.56 0.91 3.16
CA VAL A 122 -11.44 -0.06 2.52
C VAL A 122 -12.84 -0.01 3.12
N ILE A 123 -13.77 0.61 2.40
CA ILE A 123 -15.14 0.73 2.86
C ILE A 123 -16.03 -0.35 2.24
N SER A 124 -16.87 -0.96 3.06
CA SER A 124 -17.76 -2.02 2.59
C SER A 124 -18.81 -1.46 1.64
N GLU A 125 -19.21 -2.27 0.67
CA GLU A 125 -20.21 -1.86 -0.32
C GLU A 125 -21.58 -1.71 0.34
N LYS A 126 -21.92 -2.66 1.19
CA LYS A 126 -23.21 -2.63 1.89
C LYS A 126 -23.26 -1.49 2.90
N ASN A 127 -22.28 -1.45 3.78
CA ASN A 127 -22.20 -0.40 4.81
C ASN A 127 -21.11 0.61 4.48
N GLU A 128 -21.42 1.89 4.67
CA GLU A 128 -20.46 2.95 4.39
C GLU A 128 -19.65 3.28 5.64
N GLU A 129 -20.20 2.97 6.80
CA GLU A 129 -19.52 3.24 8.07
C GLU A 129 -18.93 1.96 8.65
N GLU A 130 -18.36 1.12 7.79
CA GLU A 130 -17.76 -0.13 8.22
C GLU A 130 -16.25 -0.01 8.34
N VAL A 131 -15.67 0.81 7.46
CA VAL A 131 -14.22 1.02 7.47
C VAL A 131 -13.48 -0.28 7.76
N LEU A 132 -13.87 -1.34 7.07
CA LEU A 132 -13.24 -2.64 7.25
C LEU A 132 -11.75 -2.49 7.55
N VAL A 133 -11.06 -1.73 6.70
CA VAL A 133 -9.63 -1.50 6.87
C VAL A 133 -9.28 -0.03 6.70
N GLU A 134 -8.39 0.47 7.56
CA GLU A 134 -7.98 1.87 7.49
C GLU A 134 -6.46 1.98 7.37
N CYS A 135 -5.99 2.28 6.17
CA CYS A 135 -4.56 2.40 5.91
C CYS A 135 -4.21 3.82 5.46
N ARG A 136 -3.00 4.26 5.76
CA ARG A 136 -2.54 5.59 5.38
C ARG A 136 -1.27 5.52 4.56
N VAL A 137 -1.28 6.16 3.39
CA VAL A 137 -0.13 6.17 2.50
C VAL A 137 1.17 6.40 3.29
N ARG A 138 1.11 7.30 4.26
CA ARG A 138 2.27 7.62 5.08
C ARG A 138 2.85 6.35 5.71
N PHE A 139 1.98 5.46 6.17
CA PHE A 139 2.40 4.22 6.78
C PHE A 139 2.77 3.19 5.72
N LEU A 140 2.32 3.41 4.49
CA LEU A 140 2.60 2.50 3.38
C LEU A 140 4.10 2.43 3.12
N SER A 141 4.64 1.21 3.15
CA SER A 141 6.06 1.00 2.92
C SER A 141 6.32 0.60 1.46
N PHE A 142 5.52 -0.33 0.96
CA PHE A 142 5.66 -0.80 -0.41
C PHE A 142 4.35 -1.42 -0.91
N MET A 143 4.20 -1.48 -2.23
CA MET A 143 3.00 -2.06 -2.83
C MET A 143 3.27 -2.53 -4.25
N GLY A 144 2.45 -3.45 -4.74
CA GLY A 144 2.62 -3.97 -6.08
C GLY A 144 1.52 -4.91 -6.48
N VAL A 145 1.62 -5.48 -7.69
CA VAL A 145 0.61 -6.40 -8.19
C VAL A 145 1.15 -7.82 -8.23
N GLY A 146 0.25 -8.79 -8.39
CA GLY A 146 0.66 -10.19 -8.45
C GLY A 146 0.66 -10.74 -9.86
N LYS A 147 0.67 -12.06 -9.98
CA LYS A 147 0.67 -12.71 -11.28
C LYS A 147 -0.20 -11.95 -12.27
N ASP A 148 -1.48 -11.81 -11.94
CA ASP A 148 -2.42 -11.09 -12.80
C ASP A 148 -2.62 -9.67 -12.32
N VAL A 149 -2.35 -8.70 -13.21
CA VAL A 149 -2.51 -7.29 -12.87
C VAL A 149 -3.80 -7.05 -12.11
N HIS A 150 -4.81 -7.87 -12.39
CA HIS A 150 -6.11 -7.75 -11.73
C HIS A 150 -5.94 -7.67 -10.21
N THR A 151 -5.05 -8.50 -9.68
CA THR A 151 -4.80 -8.53 -8.24
C THR A 151 -3.94 -7.34 -7.81
N PHE A 152 -4.36 -6.67 -6.74
CA PHE A 152 -3.63 -5.51 -6.22
C PHE A 152 -3.46 -5.61 -4.71
N ALA A 153 -2.21 -5.77 -4.27
CA ALA A 153 -1.92 -5.87 -2.85
C ALA A 153 -0.92 -4.80 -2.42
N PHE A 154 -1.05 -4.34 -1.18
CA PHE A 154 -0.15 -3.31 -0.64
C PHE A 154 0.30 -3.67 0.77
N ILE A 155 1.53 -3.30 1.10
CA ILE A 155 2.08 -3.59 2.42
C ILE A 155 2.06 -2.34 3.30
N MET A 156 1.26 -2.39 4.36
CA MET A 156 1.15 -1.26 5.29
C MET A 156 1.78 -1.59 6.63
N ASP A 157 2.00 -0.57 7.45
CA ASP A 157 2.59 -0.76 8.78
C ASP A 157 1.62 -0.38 9.88
N THR A 158 1.57 -1.19 10.93
CA THR A 158 0.67 -0.93 12.05
C THR A 158 1.44 -0.43 13.27
N GLY A 159 2.49 -1.15 13.63
CA GLY A 159 3.30 -0.76 14.77
C GLY A 159 4.24 -1.86 15.23
N ASN A 160 5.32 -1.48 15.91
CA ASN A 160 6.30 -2.45 16.39
C ASN A 160 6.93 -3.19 15.23
N GLN A 161 7.24 -2.47 14.15
CA GLN A 161 7.86 -3.08 12.98
C GLN A 161 6.94 -4.14 12.38
N ARG A 162 5.64 -3.90 12.44
CA ARG A 162 4.67 -4.84 11.90
C ARG A 162 4.34 -4.50 10.44
N PHE A 163 4.15 -5.54 9.64
CA PHE A 163 3.85 -5.36 8.23
C PHE A 163 2.62 -6.19 7.82
N GLU A 164 1.59 -5.52 7.31
CA GLU A 164 0.37 -6.19 6.90
C GLU A 164 0.15 -6.04 5.40
N CYS A 165 -0.35 -7.10 4.77
CA CYS A 165 -0.61 -7.09 3.34
C CYS A 165 -2.08 -7.39 3.05
N HIS A 166 -2.73 -6.47 2.33
CA HIS A 166 -4.14 -6.64 1.99
C HIS A 166 -4.31 -6.76 0.48
N VAL A 167 -4.76 -7.93 0.03
CA VAL A 167 -4.96 -8.19 -1.39
C VAL A 167 -6.39 -7.81 -1.81
N PHE A 168 -6.50 -7.18 -2.97
CA PHE A 168 -7.81 -6.78 -3.49
C PHE A 168 -7.91 -7.04 -4.99
N TRP A 169 -9.10 -7.41 -5.44
CA TRP A 169 -9.32 -7.69 -6.85
C TRP A 169 -9.89 -6.46 -7.57
N CYS A 170 -9.33 -6.16 -8.73
CA CYS A 170 -9.79 -5.01 -9.51
C CYS A 170 -10.37 -5.46 -10.85
N GLU A 171 -11.12 -4.57 -11.49
CA GLU A 171 -11.74 -4.87 -12.77
C GLU A 171 -11.96 -3.61 -13.59
N PRO A 172 -11.59 -3.66 -14.88
CA PRO A 172 -11.00 -4.86 -15.49
C PRO A 172 -9.59 -5.14 -14.97
N ASN A 173 -8.76 -4.11 -14.94
CA ASN A 173 -7.39 -4.25 -14.47
C ASN A 173 -7.12 -3.32 -13.29
N ALA A 174 -5.97 -3.50 -12.65
CA ALA A 174 -5.60 -2.67 -11.50
C ALA A 174 -4.74 -1.49 -11.94
N ALA A 175 -4.96 -1.04 -13.17
CA ALA A 175 -4.20 0.08 -13.70
C ALA A 175 -4.77 1.42 -13.21
N ASN A 176 -6.09 1.49 -13.10
CA ASN A 176 -6.76 2.70 -12.65
C ASN A 176 -6.63 2.84 -11.14
N VAL A 177 -6.37 1.73 -10.46
CA VAL A 177 -6.22 1.74 -9.01
C VAL A 177 -4.77 1.97 -8.60
N SER A 178 -3.86 1.34 -9.31
CA SER A 178 -2.44 1.48 -9.03
C SER A 178 -1.96 2.91 -9.30
N GLU A 179 -2.61 3.57 -10.26
CA GLU A 179 -2.25 4.93 -10.62
C GLU A 179 -2.91 5.93 -9.66
N ALA A 180 -4.09 5.58 -9.17
CA ALA A 180 -4.83 6.44 -8.26
C ALA A 180 -4.20 6.42 -6.87
N VAL A 181 -3.67 5.27 -6.48
CA VAL A 181 -3.04 5.10 -5.17
C VAL A 181 -1.62 5.64 -5.17
N GLN A 182 -0.93 5.48 -6.30
CA GLN A 182 0.44 5.93 -6.45
C GLN A 182 0.51 7.46 -6.39
N ALA A 183 -0.49 8.11 -6.98
CA ALA A 183 -0.55 9.57 -7.01
C ALA A 183 -0.45 10.14 -5.60
N ALA A 184 -1.28 9.64 -4.70
CA ALA A 184 -1.29 10.10 -3.31
C ALA A 184 0.13 10.19 -2.75
N CYS A 185 0.91 9.13 -2.96
CA CYS A 185 2.28 9.08 -2.47
C CYS A 185 3.00 10.40 -2.75
#